data_1RML
#
_entry.id   1RML
#
_cell.length_a   1.000
_cell.length_b   1.000
_cell.length_c   1.000
_cell.angle_alpha   90.00
_cell.angle_beta   90.00
_cell.angle_gamma   90.00
#
_symmetry.space_group_name_H-M   'P 1'
#
loop_
_entity.id
_entity.type
_entity.pdbx_description
1 polymer 'ACIDIC FIBROBLAST GROWTH FACTOR'
2 non-polymer 'NAPHTHALENE TRISULFONATE'
#
_entity_poly.entity_id   1
_entity_poly.type   'polypeptide(L)'
_entity_poly.pdbx_seq_one_letter_code
;MAEGEITTFTALTEKFNLPPGNYKKPKLLYCSNGGHFLRILPDGTVDGTRDRSDQHIQLQLSAESVGEVYIKSTETGQYL
AMDTDGLLYGSQTPNEECLFLERLEENHYNTYISKKHAEKNWFVGLKKNGSCKRGPRTHYGQKAILFLPLPVSSD
;
_entity_poly.pdbx_strand_id   A
#
# COMPACT_ATOMS: atom_id res chain seq x y z
N LYS A 25 -4.97 0.27 -17.76
CA LYS A 25 -4.82 -0.33 -16.44
C LYS A 25 -3.95 -1.58 -16.56
N PRO A 26 -2.67 -1.36 -16.95
CA PRO A 26 -1.73 -2.46 -17.09
C PRO A 26 -1.25 -2.96 -15.74
N LYS A 27 -1.77 -2.32 -14.69
CA LYS A 27 -1.41 -2.70 -13.33
C LYS A 27 -2.29 -1.92 -12.35
N LEU A 28 -2.73 -2.63 -11.32
CA LEU A 28 -3.58 -2.02 -10.31
C LEU A 28 -3.69 -2.97 -9.12
N LEU A 29 -3.87 -2.38 -7.94
CA LEU A 29 -3.99 -3.15 -6.72
C LEU A 29 -5.44 -3.07 -6.22
N TYR A 30 -5.81 -4.05 -5.42
CA TYR A 30 -7.15 -4.10 -4.87
C TYR A 30 -7.14 -4.66 -3.43
N CYS A 31 -8.03 -4.12 -2.62
CA CYS A 31 -8.13 -4.54 -1.23
C CYS A 31 -9.19 -5.64 -1.15
N SER A 32 -8.92 -6.60 -0.26
CA SER A 32 -9.84 -7.71 -0.07
C SER A 32 -11.23 -7.20 0.26
N ASN A 33 -11.51 -7.11 1.55
CA ASN A 33 -12.80 -6.63 2.01
C ASN A 33 -12.98 -5.18 1.59
N GLY A 34 -12.01 -4.36 1.98
CA GLY A 34 -12.05 -2.94 1.65
C GLY A 34 -12.69 -2.71 0.27
N GLY A 35 -12.34 -3.59 -0.65
CA GLY A 35 -12.87 -3.50 -2.00
C GLY A 35 -12.44 -2.19 -2.67
N HIS A 36 -11.49 -1.51 -2.02
CA HIS A 36 -10.99 -0.25 -2.54
C HIS A 36 -9.76 -0.51 -3.41
N PHE A 37 -9.29 0.55 -4.05
CA PHE A 37 -8.13 0.46 -4.91
C PHE A 37 -7.14 1.59 -4.62
N LEU A 38 -6.12 1.26 -3.84
CA LEU A 38 -5.10 2.23 -3.48
C LEU A 38 -4.82 3.13 -4.69
N ARG A 39 -4.44 4.37 -4.38
CA ARG A 39 -4.13 5.34 -5.42
C ARG A 39 -3.03 6.28 -4.97
N ILE A 40 -2.19 6.66 -5.92
CA ILE A 40 -1.08 7.55 -5.63
C ILE A 40 -1.25 8.84 -6.43
N LEU A 41 -1.42 9.93 -5.71
CA LEU A 41 -1.59 11.23 -6.34
C LEU A 41 -0.21 11.86 -6.60
N PRO A 42 -0.11 12.55 -7.76
CA PRO A 42 1.14 13.20 -8.13
C PRO A 42 1.36 14.47 -7.33
N ASP A 43 0.49 14.66 -6.33
CA ASP A 43 0.58 15.83 -5.48
C ASP A 43 1.40 15.50 -4.23
N GLY A 44 1.37 14.22 -3.87
CA GLY A 44 2.10 13.75 -2.70
C GLY A 44 1.15 13.23 -1.64
N THR A 45 -0.02 12.81 -2.08
CA THR A 45 -1.03 12.29 -1.16
C THR A 45 -1.48 10.89 -1.61
N VAL A 46 -1.77 10.06 -0.62
CA VAL A 46 -2.22 8.70 -0.90
C VAL A 46 -3.64 8.51 -0.35
N ASP A 47 -4.23 7.39 -0.72
CA ASP A 47 -5.58 7.08 -0.27
C ASP A 47 -6.08 5.83 -1.00
N GLY A 48 -7.36 5.54 -0.83
CA GLY A 48 -7.97 4.38 -1.46
C GLY A 48 -9.33 4.74 -2.05
N THR A 49 -9.61 4.14 -3.20
CA THR A 49 -10.87 4.39 -3.87
C THR A 49 -11.68 3.09 -3.98
N ARG A 50 -12.91 3.15 -3.47
CA ARG A 50 -13.79 2.01 -3.49
C ARG A 50 -13.71 1.31 -4.85
N ASP A 51 -13.37 2.08 -5.86
CA ASP A 51 -13.25 1.55 -7.21
C ASP A 51 -12.26 2.39 -8.00
N ARG A 52 -11.19 1.73 -8.43
CA ARG A 52 -10.14 2.40 -9.19
C ARG A 52 -10.77 3.35 -10.22
N SER A 53 -10.43 4.62 -10.09
CA SER A 53 -10.94 5.63 -11.00
C SER A 53 -10.38 7.01 -10.62
N ASP A 54 -9.09 7.17 -10.86
CA ASP A 54 -8.42 8.43 -10.55
C ASP A 54 -7.38 8.72 -11.62
N GLN A 55 -6.66 9.81 -11.42
CA GLN A 55 -5.63 10.22 -12.35
C GLN A 55 -4.64 9.07 -12.60
N HIS A 56 -4.24 8.44 -11.50
CA HIS A 56 -3.31 7.33 -11.57
C HIS A 56 -3.23 6.64 -10.21
N ILE A 57 -3.89 5.49 -10.14
CA ILE A 57 -3.91 4.71 -8.90
C ILE A 57 -3.02 3.48 -9.07
N GLN A 58 -2.17 3.53 -10.09
CA GLN A 58 -1.26 2.43 -10.36
C GLN A 58 -0.46 2.08 -9.11
N LEU A 59 -0.07 0.82 -9.04
CA LEU A 59 0.71 0.35 -7.90
C LEU A 59 1.77 -0.64 -8.39
N GLN A 60 2.66 -1.00 -7.48
CA GLN A 60 3.73 -1.93 -7.80
C GLN A 60 4.57 -2.22 -6.57
N LEU A 61 5.00 -3.47 -6.46
CA LEU A 61 5.82 -3.89 -5.33
C LEU A 61 7.24 -4.17 -5.81
N SER A 62 8.16 -4.17 -4.87
CA SER A 62 9.56 -4.42 -5.18
C SER A 62 10.22 -5.20 -4.04
N ALA A 63 9.62 -6.33 -3.71
CA ALA A 63 10.14 -7.18 -2.64
C ALA A 63 11.67 -7.23 -2.74
N GLU A 64 12.30 -7.01 -1.60
CA GLU A 64 13.76 -7.04 -1.54
C GLU A 64 14.23 -8.05 -0.50
N SER A 65 13.26 -8.68 0.15
CA SER A 65 13.56 -9.67 1.17
C SER A 65 12.35 -9.88 2.08
N VAL A 66 12.08 -11.14 2.38
CA VAL A 66 10.96 -11.47 3.24
C VAL A 66 10.93 -10.51 4.43
N GLY A 67 9.71 -10.13 4.80
CA GLY A 67 9.53 -9.22 5.92
C GLY A 67 10.07 -7.82 5.59
N GLU A 68 10.37 -7.64 4.31
CA GLU A 68 10.89 -6.36 3.85
C GLU A 68 10.77 -6.26 2.32
N VAL A 69 9.75 -5.53 1.90
CA VAL A 69 9.52 -5.35 0.47
C VAL A 69 9.32 -3.86 0.17
N TYR A 70 9.36 -3.53 -1.11
CA TYR A 70 9.19 -2.16 -1.54
C TYR A 70 7.91 -1.99 -2.37
N ILE A 71 7.52 -0.74 -2.55
CA ILE A 71 6.32 -0.45 -3.33
C ILE A 71 6.51 0.90 -4.03
N LYS A 72 6.28 0.88 -5.34
CA LYS A 72 6.41 2.09 -6.14
C LYS A 72 5.21 2.21 -7.08
N SER A 73 4.42 3.25 -6.84
CA SER A 73 3.24 3.48 -7.66
C SER A 73 3.66 3.85 -9.07
N THR A 74 4.15 2.85 -9.79
CA THR A 74 4.58 3.05 -11.16
C THR A 74 3.64 4.02 -11.89
N GLU A 75 4.16 5.20 -12.17
CA GLU A 75 3.38 6.22 -12.85
C GLU A 75 4.10 7.57 -12.79
N THR A 76 4.26 8.07 -11.57
CA THR A 76 4.93 9.34 -11.37
C THR A 76 6.25 9.13 -10.63
N GLY A 77 6.33 8.03 -9.90
CA GLY A 77 7.52 7.70 -9.15
C GLY A 77 7.31 7.95 -7.65
N GLN A 78 6.19 7.46 -7.15
CA GLN A 78 5.86 7.61 -5.74
C GLN A 78 5.96 6.27 -5.02
N TYR A 79 6.91 6.21 -4.10
CA TYR A 79 7.11 4.99 -3.33
C TYR A 79 6.19 4.95 -2.11
N LEU A 80 5.33 3.93 -2.10
CA LEU A 80 4.39 3.76 -1.00
C LEU A 80 5.16 3.60 0.31
N ALA A 81 5.11 4.65 1.11
CA ALA A 81 5.81 4.64 2.39
C ALA A 81 4.83 5.10 3.49
N MET A 82 5.33 5.07 4.72
CA MET A 82 4.53 5.47 5.85
C MET A 82 5.36 6.30 6.85
N ASP A 83 5.09 7.60 6.85
CA ASP A 83 5.80 8.49 7.74
C ASP A 83 5.46 8.16 9.19
N THR A 84 6.25 8.72 10.09
CA THR A 84 6.03 8.48 11.51
C THR A 84 4.58 8.76 11.89
N ASP A 85 3.91 9.53 11.04
CA ASP A 85 2.52 9.87 11.27
C ASP A 85 1.65 8.64 11.05
N GLY A 86 2.26 7.61 10.47
CA GLY A 86 1.56 6.38 10.19
C GLY A 86 0.58 6.55 9.03
N LEU A 87 0.83 7.57 8.23
CA LEU A 87 -0.02 7.86 7.09
C LEU A 87 0.74 7.57 5.80
N LEU A 88 0.16 6.69 5.00
CA LEU A 88 0.78 6.32 3.73
C LEU A 88 1.23 7.58 2.99
N TYR A 89 2.50 7.59 2.62
CA TYR A 89 3.06 8.73 1.91
C TYR A 89 4.16 8.28 0.95
N GLY A 90 4.57 9.21 0.10
CA GLY A 90 5.61 8.93 -0.88
C GLY A 90 6.99 9.27 -0.31
N SER A 91 7.98 8.53 -0.79
CA SER A 91 9.35 8.74 -0.34
C SER A 91 10.32 8.49 -1.50
N GLN A 92 10.96 9.57 -1.93
CA GLN A 92 11.91 9.48 -3.03
C GLN A 92 13.20 8.80 -2.57
N THR A 93 13.23 8.49 -1.27
CA THR A 93 14.38 7.82 -0.69
C THR A 93 14.02 6.42 -0.20
N PRO A 94 14.34 5.41 -1.04
CA PRO A 94 14.05 4.03 -0.70
C PRO A 94 15.02 3.51 0.37
N ASN A 95 14.51 3.47 1.59
CA ASN A 95 15.33 2.99 2.71
C ASN A 95 14.40 2.50 3.83
N GLU A 96 14.92 2.57 5.05
CA GLU A 96 14.15 2.14 6.20
C GLU A 96 12.96 3.07 6.43
N GLU A 97 12.00 2.98 5.51
CA GLU A 97 10.80 3.80 5.59
C GLU A 97 9.86 3.49 4.43
N CYS A 98 10.44 3.45 3.24
CA CYS A 98 9.66 3.16 2.04
C CYS A 98 9.30 1.67 2.05
N LEU A 99 10.21 0.88 2.60
CA LEU A 99 10.01 -0.56 2.67
C LEU A 99 8.65 -0.84 3.32
N PHE A 100 8.26 -2.11 3.27
CA PHE A 100 6.99 -2.51 3.85
C PHE A 100 7.05 -3.97 4.33
N LEU A 101 7.28 -4.11 5.63
CA LEU A 101 7.37 -5.44 6.23
C LEU A 101 6.28 -6.32 5.65
N GLU A 102 6.68 -7.17 4.72
CA GLU A 102 5.75 -8.08 4.07
C GLU A 102 6.07 -9.53 4.46
N ARG A 103 5.01 -10.31 4.62
CA ARG A 103 5.15 -11.71 5.00
C ARG A 103 4.10 -12.56 4.27
N LEU A 104 3.01 -12.81 4.97
CA LEU A 104 1.93 -13.62 4.42
C LEU A 104 0.77 -13.65 5.40
N GLU A 105 -0.37 -13.14 4.95
CA GLU A 105 -1.56 -13.11 5.78
C GLU A 105 -2.46 -14.30 5.46
N GLU A 106 -2.65 -14.53 4.16
CA GLU A 106 -3.49 -15.63 3.71
C GLU A 106 -2.67 -16.58 2.83
N ASN A 107 -2.91 -16.47 1.52
CA ASN A 107 -2.21 -17.31 0.58
C ASN A 107 -2.42 -16.75 -0.84
N HIS A 108 -2.23 -15.45 -0.96
CA HIS A 108 -2.41 -14.78 -2.24
C HIS A 108 -1.94 -13.33 -2.14
N TYR A 109 -2.66 -12.58 -1.31
CA TYR A 109 -2.33 -11.17 -1.12
C TYR A 109 -0.91 -11.01 -0.56
N ASN A 110 -0.69 -9.88 0.09
CA ASN A 110 0.62 -9.60 0.67
C ASN A 110 0.47 -8.46 1.69
N THR A 111 -0.04 -8.82 2.86
CA THR A 111 -0.22 -7.85 3.92
C THR A 111 1.13 -7.38 4.45
N TYR A 112 1.45 -6.12 4.16
CA TYR A 112 2.70 -5.54 4.60
C TYR A 112 2.56 -4.95 6.01
N ILE A 113 3.58 -4.20 6.40
CA ILE A 113 3.59 -3.58 7.72
C ILE A 113 4.58 -2.42 7.72
N SER A 114 4.05 -1.23 7.89
CA SER A 114 4.88 -0.03 7.91
C SER A 114 6.19 -0.31 8.65
N LYS A 115 7.20 -0.65 7.86
CA LYS A 115 8.51 -0.95 8.42
C LYS A 115 9.02 0.27 9.20
N LYS A 116 8.38 1.40 8.93
CA LYS A 116 8.76 2.64 9.59
C LYS A 116 8.19 2.66 11.01
N HIS A 117 7.18 1.83 11.22
CA HIS A 117 6.54 1.73 12.52
C HIS A 117 5.92 0.35 12.69
N ALA A 118 6.76 -0.66 12.53
CA ALA A 118 6.31 -2.04 12.66
C ALA A 118 6.06 -2.35 14.14
N GLU A 119 6.68 -1.55 14.99
CA GLU A 119 6.54 -1.73 16.42
C GLU A 119 5.09 -1.50 16.84
N LYS A 120 4.35 -0.86 15.96
CA LYS A 120 2.94 -0.58 16.23
C LYS A 120 2.07 -1.42 15.30
N ASN A 121 2.74 -2.21 14.47
CA ASN A 121 2.04 -3.06 13.52
C ASN A 121 1.07 -2.21 12.69
N TRP A 122 1.60 -1.14 12.14
CA TRP A 122 0.80 -0.24 11.32
C TRP A 122 0.78 -0.79 9.89
N PHE A 123 -0.09 -1.77 9.68
CA PHE A 123 -0.21 -2.38 8.37
C PHE A 123 -0.52 -1.34 7.30
N VAL A 124 -0.65 -1.81 6.07
CA VAL A 124 -0.94 -0.92 4.95
C VAL A 124 -2.33 -1.25 4.40
N GLY A 125 -3.30 -0.48 4.85
CA GLY A 125 -4.67 -0.68 4.41
C GLY A 125 -5.43 0.65 4.38
N LEU A 126 -6.71 0.56 4.06
CA LEU A 126 -7.56 1.73 3.99
C LEU A 126 -8.95 1.39 4.52
N LYS A 127 -9.41 2.19 5.48
CA LYS A 127 -10.71 1.97 6.07
C LYS A 127 -11.68 1.50 4.98
N LYS A 128 -12.36 0.39 5.28
CA LYS A 128 -13.32 -0.17 4.35
C LYS A 128 -14.52 0.78 4.22
N ASN A 129 -14.22 1.99 3.79
CA ASN A 129 -15.26 3.00 3.62
C ASN A 129 -14.86 3.97 2.50
N GLY A 130 -13.60 4.36 2.53
CA GLY A 130 -13.07 5.28 1.53
C GLY A 130 -12.23 6.38 2.17
N SER A 131 -11.13 5.96 2.77
CA SER A 131 -10.23 6.90 3.42
C SER A 131 -9.19 6.14 4.24
N CYS A 132 -7.94 6.26 3.83
CA CYS A 132 -6.84 5.60 4.50
C CYS A 132 -6.83 6.06 5.96
N LYS A 133 -5.86 5.55 6.70
CA LYS A 133 -5.72 5.91 8.11
C LYS A 133 -4.45 6.74 8.30
N ARG A 134 -4.07 6.91 9.55
CA ARG A 134 -2.88 7.66 9.88
C ARG A 134 -2.54 7.51 11.36
N GLY A 135 -1.44 6.81 11.61
CA GLY A 135 -0.99 6.57 12.97
C GLY A 135 -1.51 5.24 13.50
N PRO A 136 -1.86 5.23 14.82
CA PRO A 136 -2.37 4.03 15.45
C PRO A 136 -3.82 3.77 15.03
N ARG A 137 -3.96 2.96 13.99
CA ARG A 137 -5.28 2.61 13.50
C ARG A 137 -5.17 1.89 12.15
N THR A 138 -4.18 1.01 12.07
CA THR A 138 -3.96 0.24 10.85
C THR A 138 -3.38 -1.13 11.18
N HIS A 139 -4.15 -1.88 11.96
CA HIS A 139 -3.73 -3.21 12.37
C HIS A 139 -4.76 -4.24 11.89
N TYR A 140 -4.26 -5.28 11.25
CA TYR A 140 -5.12 -6.33 10.73
C TYR A 140 -6.09 -6.82 11.81
N GLY A 141 -6.89 -7.82 11.45
CA GLY A 141 -7.85 -8.39 12.37
C GLY A 141 -9.07 -8.94 11.63
N GLN A 142 -9.22 -8.48 10.39
CA GLN A 142 -10.33 -8.92 9.56
C GLN A 142 -9.84 -9.28 8.16
N LYS A 143 -9.84 -8.28 7.29
CA LYS A 143 -9.40 -8.49 5.92
C LYS A 143 -9.48 -7.15 5.16
N ALA A 144 -8.74 -6.18 5.66
CA ALA A 144 -8.71 -4.87 5.04
C ALA A 144 -7.29 -4.53 4.61
N ILE A 145 -6.43 -5.54 4.67
CA ILE A 145 -5.04 -5.37 4.29
C ILE A 145 -4.70 -6.34 3.16
N LEU A 146 -5.45 -7.43 3.11
CA LEU A 146 -5.24 -8.45 2.08
C LEU A 146 -5.27 -7.78 0.71
N PHE A 147 -4.09 -7.38 0.25
CA PHE A 147 -3.97 -6.73 -1.04
C PHE A 147 -3.75 -7.77 -2.15
N LEU A 148 -4.69 -7.77 -3.10
CA LEU A 148 -4.62 -8.70 -4.21
C LEU A 148 -4.11 -7.96 -5.45
N PRO A 149 -2.83 -8.25 -5.82
CA PRO A 149 -2.23 -7.62 -6.98
C PRO A 149 -2.77 -8.22 -8.28
N LEU A 150 -3.11 -7.34 -9.21
CA LEU A 150 -3.64 -7.76 -10.49
C LEU A 150 -2.93 -7.00 -11.61
N PRO A 151 -1.60 -7.24 -11.72
CA PRO A 151 -0.81 -6.57 -12.74
C PRO A 151 -1.06 -7.19 -14.12
N VAL A 152 -0.63 -6.46 -15.14
CA VAL A 152 -0.81 -6.92 -16.50
C VAL A 152 -0.05 -5.99 -17.45
N SER A 153 1.24 -5.86 -17.20
CA SER A 153 2.09 -5.01 -18.02
C SER A 153 2.00 -5.43 -19.49
N SER A 154 1.01 -4.88 -20.17
CA SER A 154 0.81 -5.19 -21.57
C SER A 154 0.35 -3.93 -22.33
N ASP A 155 1.30 -3.07 -22.60
CA ASP A 155 1.02 -1.83 -23.31
C ASP A 155 2.31 -1.31 -23.95
N LYS A 25 -3.16 0.76 -17.66
CA LYS A 25 -3.28 0.09 -16.38
C LYS A 25 -2.38 -1.15 -16.39
N PRO A 26 -1.06 -0.89 -16.19
CA PRO A 26 -0.08 -1.98 -16.16
C PRO A 26 -0.15 -2.76 -14.86
N LYS A 27 -0.41 -2.02 -13.78
CA LYS A 27 -0.52 -2.64 -12.47
C LYS A 27 -1.56 -1.88 -11.64
N LEU A 28 -2.24 -2.63 -10.77
CA LEU A 28 -3.26 -2.04 -9.92
C LEU A 28 -3.56 -3.00 -8.76
N LEU A 29 -3.53 -2.45 -7.56
CA LEU A 29 -3.79 -3.25 -6.37
C LEU A 29 -5.30 -3.23 -6.09
N TYR A 30 -5.72 -4.19 -5.28
CA TYR A 30 -7.13 -4.31 -4.92
C TYR A 30 -7.29 -4.98 -3.56
N CYS A 31 -8.08 -4.34 -2.70
CA CYS A 31 -8.33 -4.87 -1.37
C CYS A 31 -9.29 -6.06 -1.50
N SER A 32 -9.16 -6.98 -0.55
CA SER A 32 -10.01 -8.16 -0.54
C SER A 32 -11.48 -7.75 -0.41
N ASN A 33 -11.93 -7.66 0.83
CA ASN A 33 -13.31 -7.29 1.09
C ASN A 33 -13.55 -5.85 0.61
N GLY A 34 -12.92 -4.92 1.31
CA GLY A 34 -13.05 -3.51 0.96
C GLY A 34 -13.14 -3.32 -0.55
N GLY A 35 -12.44 -4.20 -1.27
CA GLY A 35 -12.43 -4.13 -2.72
C GLY A 35 -11.97 -2.77 -3.21
N HIS A 36 -11.36 -2.02 -2.31
CA HIS A 36 -10.86 -0.70 -2.63
C HIS A 36 -9.65 -0.81 -3.56
N PHE A 37 -9.20 0.34 -4.03
CA PHE A 37 -8.06 0.38 -4.93
C PHE A 37 -7.11 1.53 -4.57
N LEU A 38 -6.02 1.18 -3.92
CA LEU A 38 -5.04 2.17 -3.51
C LEU A 38 -4.90 3.22 -4.61
N ARG A 39 -4.66 4.45 -4.17
CA ARG A 39 -4.50 5.56 -5.11
C ARG A 39 -3.44 6.53 -4.60
N ILE A 40 -2.45 6.76 -5.44
CA ILE A 40 -1.36 7.67 -5.10
C ILE A 40 -1.46 8.93 -5.96
N LEU A 41 -1.07 10.05 -5.37
CA LEU A 41 -1.11 11.32 -6.08
C LEU A 41 0.31 11.84 -6.27
N PRO A 42 0.58 12.38 -7.49
CA PRO A 42 1.89 12.90 -7.82
C PRO A 42 2.12 14.26 -7.13
N ASP A 43 1.18 14.61 -6.27
CA ASP A 43 1.27 15.87 -5.55
C ASP A 43 1.94 15.63 -4.19
N GLY A 44 1.54 14.55 -3.55
CA GLY A 44 2.10 14.21 -2.26
C GLY A 44 1.00 13.74 -1.30
N THR A 45 0.17 12.82 -1.78
CA THR A 45 -0.92 12.29 -0.98
C THR A 45 -1.23 10.85 -1.39
N VAL A 46 -1.97 10.17 -0.52
CA VAL A 46 -2.33 8.79 -0.78
C VAL A 46 -3.69 8.50 -0.14
N ASP A 47 -4.34 7.47 -0.64
CA ASP A 47 -5.65 7.08 -0.14
C ASP A 47 -6.11 5.80 -0.83
N GLY A 48 -7.40 5.57 -0.79
CA GLY A 48 -7.98 4.38 -1.42
C GLY A 48 -9.36 4.69 -2.00
N THR A 49 -9.66 4.01 -3.10
CA THR A 49 -10.94 4.20 -3.76
C THR A 49 -11.65 2.86 -3.94
N ARG A 50 -12.90 2.83 -3.52
CA ARG A 50 -13.70 1.61 -3.64
C ARG A 50 -13.53 0.98 -5.02
N ASP A 51 -13.57 1.84 -6.03
CA ASP A 51 -13.41 1.40 -7.40
C ASP A 51 -12.44 2.32 -8.13
N ARG A 52 -11.25 1.80 -8.39
CA ARG A 52 -10.23 2.56 -9.08
C ARG A 52 -10.86 3.48 -10.12
N SER A 53 -10.58 4.78 -9.97
CA SER A 53 -11.11 5.77 -10.87
C SER A 53 -10.63 7.16 -10.47
N ASP A 54 -9.33 7.38 -10.66
CA ASP A 54 -8.74 8.66 -10.31
C ASP A 54 -7.70 9.04 -11.38
N GLN A 55 -7.03 10.15 -11.14
CA GLN A 55 -6.01 10.63 -12.06
C GLN A 55 -4.96 9.55 -12.31
N HIS A 56 -4.53 8.93 -11.22
CA HIS A 56 -3.52 7.88 -11.30
C HIS A 56 -3.46 7.13 -9.97
N ILE A 57 -4.07 5.96 -9.95
CA ILE A 57 -4.09 5.13 -8.76
C ILE A 57 -3.15 3.94 -8.94
N GLN A 58 -2.44 3.96 -10.06
CA GLN A 58 -1.50 2.89 -10.37
C GLN A 58 -0.60 2.60 -9.17
N LEU A 59 -0.20 1.34 -9.06
CA LEU A 59 0.66 0.92 -7.97
C LEU A 59 1.62 -0.16 -8.47
N GLN A 60 2.50 -0.58 -7.57
CA GLN A 60 3.48 -1.60 -7.90
C GLN A 60 4.29 -1.98 -6.67
N LEU A 61 4.79 -3.21 -6.68
CA LEU A 61 5.58 -3.71 -5.57
C LEU A 61 6.98 -4.09 -6.07
N SER A 62 7.92 -4.13 -5.14
CA SER A 62 9.29 -4.48 -5.47
C SER A 62 9.92 -5.26 -4.32
N ALA A 63 9.21 -6.29 -3.88
CA ALA A 63 9.68 -7.12 -2.79
C ALA A 63 11.19 -7.32 -2.93
N GLU A 64 11.90 -7.01 -1.86
CA GLU A 64 13.35 -7.15 -1.85
C GLU A 64 13.78 -8.20 -0.83
N SER A 65 12.78 -8.74 -0.13
CA SER A 65 13.04 -9.76 0.87
C SER A 65 11.80 -9.96 1.74
N VAL A 66 11.90 -10.92 2.65
CA VAL A 66 10.81 -11.21 3.56
C VAL A 66 10.71 -10.11 4.61
N GLY A 67 9.49 -9.93 5.11
CA GLY A 67 9.25 -8.92 6.13
C GLY A 67 9.83 -7.56 5.71
N GLU A 68 9.99 -7.40 4.40
CA GLU A 68 10.53 -6.17 3.86
C GLU A 68 10.43 -6.16 2.33
N VAL A 69 9.54 -5.31 1.85
CA VAL A 69 9.32 -5.20 0.41
C VAL A 69 9.21 -3.72 0.03
N TYR A 70 9.25 -3.47 -1.27
CA TYR A 70 9.18 -2.12 -1.78
C TYR A 70 7.86 -1.89 -2.52
N ILE A 71 7.60 -0.63 -2.84
CA ILE A 71 6.38 -0.26 -3.55
C ILE A 71 6.60 1.05 -4.30
N LYS A 72 6.29 1.02 -5.58
CA LYS A 72 6.45 2.20 -6.42
C LYS A 72 5.20 2.37 -7.29
N SER A 73 4.62 3.57 -7.20
CA SER A 73 3.43 3.88 -7.97
C SER A 73 3.78 3.99 -9.46
N THR A 74 3.68 2.87 -10.14
CA THR A 74 3.98 2.83 -11.56
C THR A 74 3.24 3.95 -12.30
N GLU A 75 3.92 5.09 -12.41
CA GLU A 75 3.34 6.24 -13.07
C GLU A 75 4.39 7.33 -13.26
N THR A 76 4.77 7.94 -12.13
CA THR A 76 5.76 9.00 -12.16
C THR A 76 7.01 8.57 -11.39
N GLY A 77 6.79 7.93 -10.26
CA GLY A 77 7.89 7.45 -9.44
C GLY A 77 7.64 7.75 -7.96
N GLN A 78 6.45 7.38 -7.51
CA GLN A 78 6.08 7.60 -6.13
C GLN A 78 6.11 6.29 -5.35
N TYR A 79 7.01 6.23 -4.38
CA TYR A 79 7.16 5.05 -3.56
C TYR A 79 6.20 5.08 -2.36
N LEU A 80 5.46 4.00 -2.22
CA LEU A 80 4.50 3.90 -1.13
C LEU A 80 5.26 3.76 0.19
N ALA A 81 5.19 4.81 1.00
CA ALA A 81 5.86 4.81 2.29
C ALA A 81 4.87 5.26 3.37
N MET A 82 5.32 5.15 4.61
CA MET A 82 4.49 5.55 5.74
C MET A 82 5.29 6.36 6.75
N ASP A 83 4.85 7.58 6.97
CA ASP A 83 5.52 8.47 7.91
C ASP A 83 5.16 8.06 9.33
N THR A 84 5.67 8.82 10.29
CA THR A 84 5.41 8.55 11.69
C THR A 84 3.91 8.65 11.99
N ASP A 85 3.19 9.20 11.03
CA ASP A 85 1.75 9.36 11.18
C ASP A 85 1.04 8.13 10.64
N GLY A 86 1.84 7.20 10.12
CA GLY A 86 1.31 5.97 9.57
C GLY A 86 0.42 6.26 8.36
N LEU A 87 0.52 7.48 7.86
CA LEU A 87 -0.27 7.89 6.71
C LEU A 87 0.53 7.66 5.43
N LEU A 88 0.11 6.64 4.68
CA LEU A 88 0.78 6.31 3.44
C LEU A 88 1.17 7.60 2.71
N TYR A 89 2.45 7.67 2.35
CA TYR A 89 2.96 8.83 1.65
C TYR A 89 4.12 8.45 0.73
N GLY A 90 4.47 9.38 -0.16
CA GLY A 90 5.55 9.15 -1.10
C GLY A 90 6.90 9.40 -0.45
N SER A 91 7.92 8.72 -0.98
CA SER A 91 9.26 8.85 -0.46
C SER A 91 10.28 8.60 -1.57
N GLN A 92 11.00 9.66 -1.93
CA GLN A 92 12.01 9.57 -2.98
C GLN A 92 13.28 8.91 -2.43
N THR A 93 13.20 8.50 -1.17
CA THR A 93 14.33 7.86 -0.52
C THR A 93 13.99 6.42 -0.15
N PRO A 94 14.39 5.48 -1.06
CA PRO A 94 14.14 4.07 -0.86
C PRO A 94 15.07 3.49 0.22
N ASN A 95 14.53 3.34 1.41
CA ASN A 95 15.30 2.80 2.52
C ASN A 95 14.35 2.37 3.64
N GLU A 96 14.85 2.44 4.86
CA GLU A 96 14.06 2.06 6.02
C GLU A 96 12.92 3.06 6.24
N GLU A 97 12.08 3.18 5.22
CA GLU A 97 10.95 4.08 5.30
C GLU A 97 9.97 3.81 4.16
N CYS A 98 10.53 3.56 2.99
CA CYS A 98 9.73 3.28 1.81
C CYS A 98 9.37 1.79 1.82
N LEU A 99 10.16 1.03 2.56
CA LEU A 99 9.94 -0.40 2.66
C LEU A 99 8.58 -0.66 3.33
N PHE A 100 8.14 -1.91 3.24
CA PHE A 100 6.87 -2.30 3.84
C PHE A 100 6.92 -3.74 4.34
N LEU A 101 7.16 -3.87 5.64
CA LEU A 101 7.24 -5.18 6.26
C LEU A 101 6.13 -6.07 5.71
N GLU A 102 6.51 -6.94 4.80
CA GLU A 102 5.56 -7.85 4.18
C GLU A 102 5.85 -9.30 4.61
N ARG A 103 4.78 -10.05 4.79
CA ARG A 103 4.91 -11.44 5.20
C ARG A 103 3.88 -12.30 4.47
N LEU A 104 2.78 -12.57 5.16
CA LEU A 104 1.71 -13.38 4.59
C LEU A 104 0.56 -13.48 5.60
N GLU A 105 -0.60 -13.03 5.16
CA GLU A 105 -1.79 -13.06 6.00
C GLU A 105 -2.62 -14.30 5.68
N GLU A 106 -3.09 -14.36 4.45
CA GLU A 106 -3.91 -15.47 4.00
C GLU A 106 -3.08 -16.44 3.15
N ASN A 107 -3.38 -16.44 1.86
CA ASN A 107 -2.68 -17.30 0.92
C ASN A 107 -2.89 -16.79 -0.50
N HIS A 108 -2.76 -15.48 -0.65
CA HIS A 108 -2.93 -14.86 -1.95
C HIS A 108 -2.42 -13.41 -1.91
N TYR A 109 -3.03 -12.63 -1.03
CA TYR A 109 -2.65 -11.23 -0.87
C TYR A 109 -1.23 -11.12 -0.30
N ASN A 110 -0.98 -10.01 0.36
CA ASN A 110 0.31 -9.75 0.96
C ASN A 110 0.24 -8.51 1.86
N THR A 111 -0.16 -8.76 3.10
CA THR A 111 -0.28 -7.67 4.07
C THR A 111 1.11 -7.17 4.47
N TYR A 112 1.29 -5.87 4.30
CA TYR A 112 2.56 -5.24 4.64
C TYR A 112 2.49 -4.55 6.00
N ILE A 113 3.55 -3.84 6.33
CA ILE A 113 3.61 -3.13 7.59
C ILE A 113 4.66 -2.02 7.50
N SER A 114 4.28 -0.85 7.99
CA SER A 114 5.18 0.29 7.97
C SER A 114 6.56 -0.11 8.49
N LYS A 115 7.45 -0.39 7.54
CA LYS A 115 8.80 -0.80 7.89
C LYS A 115 9.51 0.36 8.62
N LYS A 116 8.93 1.55 8.47
CA LYS A 116 9.49 2.73 9.10
C LYS A 116 9.21 2.68 10.60
N HIS A 117 8.24 1.84 10.97
CA HIS A 117 7.87 1.69 12.36
C HIS A 117 6.88 0.55 12.51
N ALA A 118 7.37 -0.66 12.25
CA ALA A 118 6.54 -1.85 12.34
C ALA A 118 6.32 -2.20 13.82
N GLU A 119 7.13 -1.57 14.67
CA GLU A 119 7.03 -1.80 16.10
C GLU A 119 5.64 -1.45 16.60
N LYS A 120 4.90 -0.73 15.76
CA LYS A 120 3.55 -0.33 16.11
C LYS A 120 2.55 -1.18 15.32
N ASN A 121 3.09 -2.09 14.53
CA ASN A 121 2.27 -2.97 13.73
C ASN A 121 1.40 -2.12 12.78
N TRP A 122 2.01 -1.09 12.23
CA TRP A 122 1.32 -0.21 11.31
C TRP A 122 1.19 -0.91 9.97
N PHE A 123 -0.02 -1.39 9.70
CA PHE A 123 -0.28 -2.09 8.45
C PHE A 123 -0.65 -1.11 7.34
N VAL A 124 -0.81 -1.65 6.14
CA VAL A 124 -1.16 -0.84 4.99
C VAL A 124 -2.57 -1.19 4.53
N GLY A 125 -3.53 -0.92 5.42
CA GLY A 125 -4.92 -1.21 5.11
C GLY A 125 -5.75 0.08 5.09
N LEU A 126 -6.56 0.22 4.05
CA LEU A 126 -7.41 1.38 3.89
C LEU A 126 -8.83 1.05 4.38
N LYS A 127 -9.28 1.83 5.36
CA LYS A 127 -10.61 1.62 5.90
C LYS A 127 -11.56 1.19 4.79
N LYS A 128 -12.31 0.14 5.08
CA LYS A 128 -13.26 -0.39 4.11
C LYS A 128 -14.41 0.60 3.94
N ASN A 129 -14.06 1.82 3.54
CA ASN A 129 -15.04 2.86 3.34
C ASN A 129 -14.58 3.79 2.22
N GLY A 130 -13.30 4.16 2.29
CA GLY A 130 -12.72 5.04 1.30
C GLY A 130 -11.84 6.11 1.95
N SER A 131 -10.74 5.66 2.53
CA SER A 131 -9.82 6.56 3.19
C SER A 131 -8.70 5.76 3.87
N CYS A 132 -7.48 6.22 3.65
CA CYS A 132 -6.32 5.56 4.23
C CYS A 132 -6.53 5.46 5.74
N LYS A 133 -5.65 4.72 6.39
CA LYS A 133 -5.73 4.53 7.83
C LYS A 133 -4.65 5.37 8.51
N ARG A 134 -4.77 5.48 9.82
CA ARG A 134 -3.83 6.26 10.60
C ARG A 134 -2.90 5.32 11.38
N GLY A 135 -1.64 5.73 11.46
CA GLY A 135 -0.65 4.94 12.17
C GLY A 135 -1.26 4.28 13.42
N PRO A 136 -1.84 5.15 14.30
CA PRO A 136 -2.45 4.67 15.52
C PRO A 136 -3.81 4.01 15.22
N ARG A 137 -3.79 3.11 14.25
CA ARG A 137 -5.01 2.41 13.88
C ARG A 137 -4.78 1.64 12.56
N THR A 138 -3.59 1.07 12.46
CA THR A 138 -3.25 0.31 11.26
C THR A 138 -2.83 -1.12 11.64
N HIS A 139 -3.80 -1.86 12.16
CA HIS A 139 -3.55 -3.24 12.56
C HIS A 139 -4.67 -4.14 12.03
N TYR A 140 -4.25 -5.28 11.49
CA TYR A 140 -5.20 -6.23 10.94
C TYR A 140 -6.22 -6.66 11.99
N GLY A 141 -7.12 -7.54 11.57
CA GLY A 141 -8.15 -8.03 12.48
C GLY A 141 -9.33 -8.60 11.68
N GLN A 142 -9.47 -8.13 10.46
CA GLN A 142 -10.55 -8.58 9.59
C GLN A 142 -9.99 -9.00 8.23
N LYS A 143 -9.84 -8.02 7.36
CA LYS A 143 -9.32 -8.27 6.02
C LYS A 143 -9.28 -6.96 5.24
N ALA A 144 -8.93 -5.90 5.95
CA ALA A 144 -8.83 -4.59 5.34
C ALA A 144 -7.39 -4.33 4.90
N ILE A 145 -6.61 -5.40 4.88
CA ILE A 145 -5.21 -5.30 4.49
C ILE A 145 -4.93 -6.30 3.36
N LEU A 146 -5.75 -7.34 3.32
CA LEU A 146 -5.61 -8.37 2.30
C LEU A 146 -5.59 -7.71 0.92
N PHE A 147 -4.39 -7.39 0.47
CA PHE A 147 -4.22 -6.77 -0.83
C PHE A 147 -3.99 -7.81 -1.92
N LEU A 148 -4.89 -7.81 -2.90
CA LEU A 148 -4.80 -8.75 -4.00
C LEU A 148 -4.23 -8.03 -5.23
N PRO A 149 -2.94 -8.38 -5.55
CA PRO A 149 -2.27 -7.79 -6.68
C PRO A 149 -2.79 -8.36 -8.00
N LEU A 150 -3.23 -7.47 -8.87
CA LEU A 150 -3.76 -7.89 -10.16
C LEU A 150 -3.10 -7.06 -11.27
N PRO A 151 -1.77 -7.30 -11.46
CA PRO A 151 -1.02 -6.58 -12.48
C PRO A 151 -1.35 -7.10 -13.87
N VAL A 152 -0.96 -6.32 -14.87
CA VAL A 152 -1.21 -6.68 -16.25
C VAL A 152 -0.36 -5.80 -17.16
N SER A 153 0.93 -5.77 -16.87
CA SER A 153 1.86 -4.97 -17.65
C SER A 153 1.88 -5.46 -19.10
N SER A 154 0.89 -4.99 -19.86
CA SER A 154 0.78 -5.36 -21.26
C SER A 154 0.64 -4.12 -22.13
N ASP A 155 1.62 -3.24 -22.02
CA ASP A 155 1.62 -2.01 -22.79
C ASP A 155 3.06 -1.55 -23.02
N LYS A 25 3.44 -1.16 -18.19
CA LYS A 25 3.35 -1.92 -16.96
C LYS A 25 2.08 -1.52 -16.21
N PRO A 26 0.92 -1.90 -16.80
CA PRO A 26 -0.36 -1.60 -16.20
C PRO A 26 -0.65 -2.50 -15.00
N LYS A 27 -1.16 -1.90 -13.94
CA LYS A 27 -1.48 -2.64 -12.73
C LYS A 27 -2.19 -1.71 -11.74
N LEU A 28 -3.11 -2.29 -10.99
CA LEU A 28 -3.86 -1.53 -10.00
C LEU A 28 -4.21 -2.44 -8.82
N LEU A 29 -3.59 -2.15 -7.69
CA LEU A 29 -3.83 -2.93 -6.48
C LEU A 29 -5.33 -2.98 -6.20
N TYR A 30 -5.72 -3.99 -5.45
CA TYR A 30 -7.12 -4.17 -5.10
C TYR A 30 -7.27 -4.77 -3.70
N CYS A 31 -8.13 -4.15 -2.91
CA CYS A 31 -8.37 -4.60 -1.55
C CYS A 31 -9.15 -5.92 -1.62
N SER A 32 -8.63 -6.91 -0.92
CA SER A 32 -9.26 -8.22 -0.89
C SER A 32 -10.77 -8.07 -0.70
N ASN A 33 -11.18 -8.20 0.56
CA ASN A 33 -12.60 -8.07 0.89
C ASN A 33 -12.96 -6.60 1.02
N GLY A 34 -11.93 -5.77 1.14
CA GLY A 34 -12.12 -4.34 1.28
C GLY A 34 -12.81 -3.76 0.03
N GLY A 35 -12.40 -4.27 -1.12
CA GLY A 35 -12.97 -3.82 -2.38
C GLY A 35 -12.43 -2.44 -2.76
N HIS A 36 -11.61 -1.89 -1.88
CA HIS A 36 -11.02 -0.59 -2.11
C HIS A 36 -9.83 -0.72 -3.07
N PHE A 37 -9.38 0.42 -3.57
CA PHE A 37 -8.25 0.44 -4.49
C PHE A 37 -7.28 1.57 -4.14
N LEU A 38 -6.18 1.18 -3.52
CA LEU A 38 -5.17 2.15 -3.13
C LEU A 38 -4.91 3.12 -4.29
N ARG A 39 -4.31 4.24 -3.96
CA ARG A 39 -4.00 5.25 -4.96
C ARG A 39 -2.76 6.04 -4.55
N ILE A 40 -2.30 6.88 -5.47
CA ILE A 40 -1.13 7.69 -5.22
C ILE A 40 -1.24 9.00 -6.02
N LEU A 41 -1.39 10.09 -5.29
CA LEU A 41 -1.50 11.40 -5.91
C LEU A 41 -0.12 12.00 -6.11
N PRO A 42 0.06 12.67 -7.28
CA PRO A 42 1.35 13.28 -7.60
C PRO A 42 1.55 14.57 -6.80
N ASP A 43 0.66 14.78 -5.84
CA ASP A 43 0.72 15.97 -5.00
C ASP A 43 1.48 15.62 -3.73
N GLY A 44 1.36 14.37 -3.31
CA GLY A 44 2.02 13.90 -2.10
C GLY A 44 1.01 13.42 -1.07
N THR A 45 -0.11 12.92 -1.56
CA THR A 45 -1.16 12.43 -0.70
C THR A 45 -1.59 11.02 -1.12
N VAL A 46 -1.94 10.21 -0.12
CA VAL A 46 -2.37 8.85 -0.38
C VAL A 46 -3.78 8.65 0.17
N ASP A 47 -4.36 7.50 -0.15
CA ASP A 47 -5.70 7.19 0.31
C ASP A 47 -6.18 5.90 -0.37
N GLY A 48 -7.46 5.62 -0.21
CA GLY A 48 -8.04 4.42 -0.80
C GLY A 48 -9.41 4.74 -1.43
N THR A 49 -9.63 4.16 -2.60
CA THR A 49 -10.88 4.37 -3.31
C THR A 49 -11.71 3.08 -3.32
N ARG A 50 -12.95 3.20 -2.86
CA ARG A 50 -13.84 2.06 -2.82
C ARG A 50 -13.91 1.39 -4.19
N ASP A 51 -14.07 2.21 -5.21
CA ASP A 51 -14.15 1.71 -6.57
C ASP A 51 -13.14 2.47 -7.45
N ARG A 52 -12.02 1.81 -7.69
CA ARG A 52 -10.97 2.40 -8.51
C ARG A 52 -11.58 3.33 -9.57
N SER A 53 -11.21 4.59 -9.49
CA SER A 53 -11.72 5.59 -10.42
C SER A 53 -11.14 6.96 -10.08
N ASP A 54 -9.84 7.10 -10.32
CA ASP A 54 -9.16 8.35 -10.04
C ASP A 54 -8.16 8.64 -11.16
N GLN A 55 -7.38 9.69 -10.96
CA GLN A 55 -6.38 10.08 -11.94
C GLN A 55 -5.41 8.93 -12.19
N HIS A 56 -5.00 8.30 -11.10
CA HIS A 56 -4.07 7.18 -11.19
C HIS A 56 -3.97 6.48 -9.82
N ILE A 57 -4.61 5.32 -9.74
CA ILE A 57 -4.61 4.56 -8.51
C ILE A 57 -3.78 3.29 -8.70
N GLN A 58 -2.96 3.32 -9.74
CA GLN A 58 -2.10 2.18 -10.05
C GLN A 58 -0.95 2.10 -9.05
N LEU A 59 -0.70 0.90 -8.57
CA LEU A 59 0.37 0.67 -7.61
C LEU A 59 1.27 -0.45 -8.12
N GLN A 60 2.26 -0.78 -7.31
CA GLN A 60 3.20 -1.84 -7.66
C GLN A 60 4.12 -2.14 -6.48
N LEU A 61 4.57 -3.38 -6.41
CA LEU A 61 5.46 -3.81 -5.34
C LEU A 61 6.85 -4.07 -5.93
N SER A 62 7.83 -4.13 -5.03
CA SER A 62 9.21 -4.37 -5.44
C SER A 62 9.92 -5.21 -4.39
N ALA A 63 9.33 -6.35 -4.07
CA ALA A 63 9.90 -7.25 -3.08
C ALA A 63 11.43 -7.27 -3.25
N GLU A 64 12.11 -7.01 -2.14
CA GLU A 64 13.57 -7.00 -2.14
C GLU A 64 14.11 -8.06 -1.18
N SER A 65 13.18 -8.75 -0.53
CA SER A 65 13.55 -9.79 0.41
C SER A 65 12.40 -10.06 1.37
N VAL A 66 12.14 -11.34 1.60
CA VAL A 66 11.07 -11.74 2.50
C VAL A 66 11.10 -10.86 3.75
N GLY A 67 9.92 -10.42 4.15
CA GLY A 67 9.79 -9.57 5.32
C GLY A 67 10.19 -8.13 4.99
N GLU A 68 10.63 -7.93 3.77
CA GLU A 68 11.05 -6.61 3.31
C GLU A 68 10.79 -6.45 1.83
N VAL A 69 9.73 -5.71 1.51
CA VAL A 69 9.37 -5.48 0.11
C VAL A 69 9.20 -3.97 -0.12
N TYR A 70 9.20 -3.59 -1.38
CA TYR A 70 9.05 -2.20 -1.75
C TYR A 70 7.76 -1.98 -2.55
N ILE A 71 7.43 -0.70 -2.74
CA ILE A 71 6.24 -0.35 -3.48
C ILE A 71 6.50 0.94 -4.26
N LYS A 72 6.21 0.90 -5.56
CA LYS A 72 6.41 2.05 -6.41
C LYS A 72 5.21 2.18 -7.36
N SER A 73 4.40 3.20 -7.10
CA SER A 73 3.23 3.44 -7.91
C SER A 73 3.65 3.84 -9.33
N THR A 74 3.80 2.81 -10.16
CA THR A 74 4.20 3.03 -11.54
C THR A 74 3.18 3.90 -12.27
N GLU A 75 3.51 5.18 -12.38
CA GLU A 75 2.63 6.13 -13.04
C GLU A 75 3.29 7.51 -13.10
N THR A 76 3.74 7.97 -11.95
CA THR A 76 4.38 9.27 -11.86
C THR A 76 5.78 9.13 -11.28
N GLY A 77 5.92 8.16 -10.39
CA GLY A 77 7.21 7.91 -9.75
C GLY A 77 7.15 8.19 -8.25
N GLN A 78 6.09 7.69 -7.63
CA GLN A 78 5.89 7.89 -6.20
C GLN A 78 5.90 6.54 -5.47
N TYR A 79 6.82 6.43 -4.52
CA TYR A 79 6.95 5.20 -3.75
C TYR A 79 5.96 5.19 -2.58
N LEU A 80 5.59 3.99 -2.19
CA LEU A 80 4.65 3.82 -1.09
C LEU A 80 5.43 3.64 0.23
N ALA A 81 5.09 4.46 1.20
CA ALA A 81 5.73 4.40 2.50
C ALA A 81 4.73 4.78 3.59
N MET A 82 5.27 5.03 4.77
CA MET A 82 4.44 5.41 5.90
C MET A 82 5.21 6.28 6.89
N ASP A 83 5.07 7.58 6.72
CA ASP A 83 5.75 8.52 7.59
C ASP A 83 5.55 8.11 9.04
N THR A 84 6.27 8.79 9.93
CA THR A 84 6.19 8.50 11.35
C THR A 84 4.85 8.96 11.91
N ASP A 85 4.13 9.72 11.09
CA ASP A 85 2.83 10.24 11.50
C ASP A 85 1.79 9.12 11.37
N GLY A 86 2.23 8.00 10.82
CA GLY A 86 1.34 6.86 10.63
C GLY A 86 0.41 7.09 9.44
N LEU A 87 0.81 8.00 8.57
CA LEU A 87 0.02 8.33 7.39
C LEU A 87 0.77 7.87 6.15
N LEU A 88 0.12 7.00 5.37
CA LEU A 88 0.71 6.49 4.15
C LEU A 88 1.23 7.66 3.32
N TYR A 89 2.51 7.56 2.97
CA TYR A 89 3.14 8.59 2.17
C TYR A 89 4.27 8.02 1.31
N GLY A 90 4.71 8.82 0.35
CA GLY A 90 5.78 8.39 -0.55
C GLY A 90 6.97 9.33 -0.46
N SER A 91 8.15 8.76 -0.64
CA SER A 91 9.38 9.53 -0.57
C SER A 91 10.30 9.16 -1.74
N GLN A 92 11.07 10.14 -2.19
CA GLN A 92 11.99 9.92 -3.29
C GLN A 92 13.22 9.16 -2.80
N THR A 93 13.22 8.84 -1.52
CA THR A 93 14.33 8.12 -0.92
C THR A 93 13.86 6.76 -0.39
N PRO A 94 13.90 5.74 -1.28
CA PRO A 94 13.49 4.40 -0.92
C PRO A 94 14.53 3.71 -0.03
N ASN A 95 14.21 3.61 1.24
CA ASN A 95 15.11 2.98 2.20
C ASN A 95 14.29 2.40 3.35
N GLU A 96 14.93 2.34 4.51
CA GLU A 96 14.28 1.81 5.70
C GLU A 96 13.11 2.70 6.11
N GLU A 97 12.07 2.68 5.28
CA GLU A 97 10.89 3.48 5.54
C GLU A 97 9.84 3.26 4.44
N CYS A 98 10.35 3.19 3.21
CA CYS A 98 9.47 2.99 2.07
C CYS A 98 9.12 1.50 1.98
N LEU A 99 10.07 0.67 2.39
CA LEU A 99 9.88 -0.76 2.37
C LEU A 99 8.58 -1.11 3.11
N PHE A 100 8.24 -2.39 3.08
CA PHE A 100 7.03 -2.87 3.74
C PHE A 100 7.18 -4.33 4.14
N LEU A 101 7.01 -4.56 5.44
CA LEU A 101 7.11 -5.91 5.97
C LEU A 101 5.99 -6.77 5.40
N GLU A 102 6.35 -7.57 4.40
CA GLU A 102 5.39 -8.44 3.76
C GLU A 102 5.16 -9.71 4.60
N ARG A 103 3.89 -10.05 4.76
CA ARG A 103 3.53 -11.22 5.55
C ARG A 103 2.31 -11.91 4.93
N LEU A 104 2.55 -12.59 3.82
CA LEU A 104 1.48 -13.29 3.13
C LEU A 104 0.40 -13.69 4.14
N GLU A 105 -0.60 -12.83 4.26
CA GLU A 105 -1.69 -13.08 5.19
C GLU A 105 -2.36 -14.41 4.87
N GLU A 106 -2.56 -14.65 3.58
CA GLU A 106 -3.19 -15.87 3.13
C GLU A 106 -2.36 -16.51 2.02
N ASN A 107 -2.85 -16.39 0.80
CA ASN A 107 -2.17 -16.96 -0.35
C ASN A 107 -2.23 -15.96 -1.52
N HIS A 108 -2.09 -14.68 -1.16
CA HIS A 108 -2.12 -13.63 -2.16
C HIS A 108 -1.93 -12.27 -1.48
N TYR A 109 -2.94 -11.90 -0.69
CA TYR A 109 -2.90 -10.63 0.02
C TYR A 109 -1.62 -10.51 0.84
N ASN A 110 -0.68 -9.73 0.31
CA ASN A 110 0.59 -9.52 0.98
C ASN A 110 0.43 -8.42 2.03
N THR A 111 -0.37 -8.73 3.04
CA THR A 111 -0.63 -7.78 4.11
C THR A 111 0.70 -7.20 4.62
N TYR A 112 1.03 -6.02 4.12
CA TYR A 112 2.25 -5.36 4.52
C TYR A 112 2.07 -4.62 5.85
N ILE A 113 3.11 -3.89 6.23
CA ILE A 113 3.07 -3.13 7.47
C ILE A 113 4.25 -2.15 7.49
N SER A 114 3.90 -0.88 7.71
CA SER A 114 4.91 0.16 7.76
C SER A 114 6.18 -0.36 8.39
N LYS A 115 7.12 -0.74 7.53
CA LYS A 115 8.41 -1.26 8.00
C LYS A 115 9.06 -0.24 8.93
N LYS A 116 8.60 0.99 8.82
CA LYS A 116 9.13 2.07 9.64
C LYS A 116 8.32 2.18 10.93
N HIS A 117 7.31 1.32 11.03
CA HIS A 117 6.46 1.30 12.21
C HIS A 117 5.86 -0.09 12.38
N ALA A 118 6.68 -1.09 12.11
CA ALA A 118 6.25 -2.48 12.24
C ALA A 118 6.08 -2.82 13.72
N GLU A 119 6.67 -1.98 14.56
CA GLU A 119 6.59 -2.19 16.00
C GLU A 119 5.22 -1.77 16.53
N LYS A 120 4.59 -0.86 15.79
CA LYS A 120 3.27 -0.37 16.17
C LYS A 120 2.21 -1.09 15.34
N ASN A 121 2.68 -1.94 14.43
CA ASN A 121 1.79 -2.69 13.57
C ASN A 121 1.06 -1.72 12.63
N TRP A 122 1.69 -0.58 12.39
CA TRP A 122 1.13 0.43 11.52
C TRP A 122 1.00 -0.17 10.12
N PHE A 123 -0.07 -0.91 9.93
CA PHE A 123 -0.32 -1.55 8.63
C PHE A 123 -0.45 -0.50 7.53
N VAL A 124 -0.85 -0.98 6.36
CA VAL A 124 -1.02 -0.10 5.21
C VAL A 124 -2.41 -0.32 4.61
N GLY A 125 -3.30 -0.88 5.42
CA GLY A 125 -4.65 -1.14 4.99
C GLY A 125 -5.55 0.08 5.20
N LEU A 126 -5.99 0.65 4.09
CA LEU A 126 -6.84 1.83 4.14
C LEU A 126 -8.20 1.43 4.73
N LYS A 127 -8.55 2.09 5.83
CA LYS A 127 -9.81 1.82 6.49
C LYS A 127 -10.78 1.16 5.50
N LYS A 128 -11.12 -0.08 5.78
CA LYS A 128 -12.03 -0.82 4.92
C LYS A 128 -13.40 -0.14 4.92
N ASN A 129 -13.40 1.11 4.45
CA ASN A 129 -14.62 1.89 4.39
C ASN A 129 -14.53 2.89 3.24
N GLY A 130 -13.35 3.49 3.12
CA GLY A 130 -13.12 4.46 2.06
C GLY A 130 -12.54 5.75 2.63
N SER A 131 -11.29 5.65 3.08
CA SER A 131 -10.61 6.80 3.66
C SER A 131 -9.30 6.35 4.32
N CYS A 132 -8.25 7.11 4.07
CA CYS A 132 -6.95 6.81 4.64
C CYS A 132 -7.11 6.66 6.16
N LYS A 133 -6.18 5.94 6.75
CA LYS A 133 -6.20 5.72 8.19
C LYS A 133 -4.87 6.14 8.79
N ARG A 134 -4.89 6.40 10.09
CA ARG A 134 -3.69 6.81 10.80
C ARG A 134 -2.98 5.60 11.39
N GLY A 135 -1.68 5.74 11.58
CA GLY A 135 -0.87 4.67 12.13
C GLY A 135 -1.57 4.03 13.34
N PRO A 136 -2.01 4.90 14.28
CA PRO A 136 -2.70 4.43 15.47
C PRO A 136 -4.13 4.01 15.16
N ARG A 137 -4.25 3.07 14.22
CA ARG A 137 -5.55 2.57 13.82
C ARG A 137 -5.41 1.68 12.59
N THR A 138 -4.36 0.88 12.58
CA THR A 138 -4.11 -0.02 11.47
C THR A 138 -3.59 -1.37 11.99
N HIS A 139 -4.49 -2.35 11.95
CA HIS A 139 -4.14 -3.69 12.41
C HIS A 139 -4.88 -4.73 11.56
N TYR A 140 -4.69 -5.99 11.93
CA TYR A 140 -5.33 -7.08 11.21
C TYR A 140 -6.84 -6.90 11.16
N GLY A 141 -7.54 -8.00 10.94
CA GLY A 141 -8.99 -7.97 10.88
C GLY A 141 -9.48 -6.77 10.08
N GLN A 142 -8.60 -6.25 9.24
CA GLN A 142 -8.94 -5.10 8.42
C GLN A 142 -8.61 -5.39 6.96
N LYS A 143 -9.55 -6.06 6.29
CA LYS A 143 -9.39 -6.40 4.89
C LYS A 143 -8.64 -5.28 4.18
N ALA A 144 -8.74 -4.09 4.76
CA ALA A 144 -8.08 -2.93 4.18
C ALA A 144 -6.60 -3.25 3.94
N ILE A 145 -6.02 -3.96 4.89
CA ILE A 145 -4.62 -4.36 4.79
C ILE A 145 -4.46 -5.37 3.65
N LEU A 146 -5.49 -6.19 3.48
CA LEU A 146 -5.48 -7.20 2.45
C LEU A 146 -5.48 -6.52 1.07
N PHE A 147 -4.36 -6.68 0.38
CA PHE A 147 -4.21 -6.09 -0.93
C PHE A 147 -3.83 -7.14 -1.98
N LEU A 148 -4.63 -7.19 -3.04
CA LEU A 148 -4.39 -8.16 -4.10
C LEU A 148 -4.09 -7.40 -5.40
N PRO A 149 -2.78 -7.42 -5.77
CA PRO A 149 -2.35 -6.74 -6.99
C PRO A 149 -2.75 -7.54 -8.23
N LEU A 150 -3.23 -6.81 -9.23
CA LEU A 150 -3.65 -7.44 -10.47
C LEU A 150 -2.88 -6.82 -11.63
N PRO A 151 -1.61 -7.29 -11.80
CA PRO A 151 -0.76 -6.78 -12.87
C PRO A 151 -1.18 -7.36 -14.22
N VAL A 152 -0.44 -6.98 -15.25
CA VAL A 152 -0.72 -7.45 -16.59
C VAL A 152 0.33 -6.91 -17.55
N SER A 153 1.56 -6.86 -17.07
CA SER A 153 2.67 -6.37 -17.86
C SER A 153 2.84 -7.23 -19.12
N SER A 154 2.06 -6.90 -20.13
CA SER A 154 2.11 -7.64 -21.39
C SER A 154 1.70 -6.73 -22.55
N ASP A 155 2.67 -5.93 -23.00
CA ASP A 155 2.42 -5.01 -24.10
C ASP A 155 3.71 -4.30 -24.46
N LYS A 25 -0.80 1.70 -18.76
CA LYS A 25 -0.16 1.05 -17.64
C LYS A 25 -1.20 0.25 -16.86
N PRO A 26 -1.48 -0.99 -17.36
CA PRO A 26 -2.45 -1.86 -16.71
C PRO A 26 -1.88 -2.46 -15.44
N LYS A 27 -2.23 -1.86 -14.32
CA LYS A 27 -1.76 -2.34 -13.03
C LYS A 27 -2.44 -1.55 -11.91
N LEU A 28 -2.94 -2.28 -10.92
CA LEU A 28 -3.61 -1.66 -9.80
C LEU A 28 -3.79 -2.69 -8.68
N LEU A 29 -3.94 -2.19 -7.47
CA LEU A 29 -4.12 -3.05 -6.32
C LEU A 29 -5.60 -3.08 -5.93
N TYR A 30 -6.00 -4.19 -5.34
CA TYR A 30 -7.38 -4.37 -4.92
C TYR A 30 -7.45 -4.91 -3.49
N CYS A 31 -8.22 -4.21 -2.66
CA CYS A 31 -8.38 -4.60 -1.28
C CYS A 31 -9.49 -5.65 -1.21
N SER A 32 -9.34 -6.55 -0.24
CA SER A 32 -10.32 -7.62 -0.06
C SER A 32 -11.73 -7.05 -0.13
N ASN A 33 -12.28 -6.72 1.04
CA ASN A 33 -13.61 -6.17 1.12
C ASN A 33 -13.59 -4.71 0.65
N GLY A 34 -14.77 -4.20 0.36
CA GLY A 34 -14.90 -2.83 -0.08
C GLY A 34 -14.61 -2.71 -1.58
N GLY A 35 -13.50 -3.31 -1.99
CA GLY A 35 -13.09 -3.28 -3.38
C GLY A 35 -12.29 -2.02 -3.70
N HIS A 36 -11.82 -1.37 -2.64
CA HIS A 36 -11.04 -0.15 -2.79
C HIS A 36 -9.75 -0.47 -3.53
N PHE A 37 -9.41 0.41 -4.47
CA PHE A 37 -8.20 0.24 -5.25
C PHE A 37 -7.15 1.30 -4.87
N LEU A 38 -6.24 0.88 -4.02
CA LEU A 38 -5.17 1.76 -3.57
C LEU A 38 -4.72 2.66 -4.73
N ARG A 39 -4.61 3.94 -4.45
CA ARG A 39 -4.20 4.90 -5.46
C ARG A 39 -3.09 5.80 -4.91
N ILE A 40 -2.49 6.56 -5.81
CA ILE A 40 -1.42 7.47 -5.44
C ILE A 40 -1.56 8.78 -6.22
N LEU A 41 -1.79 9.85 -5.47
CA LEU A 41 -1.96 11.16 -6.08
C LEU A 41 -0.58 11.80 -6.29
N PRO A 42 -0.44 12.50 -7.44
CA PRO A 42 0.81 13.16 -7.78
C PRO A 42 1.01 14.41 -6.94
N ASP A 43 0.16 14.56 -5.94
CA ASP A 43 0.23 15.72 -5.06
C ASP A 43 1.06 15.37 -3.83
N GLY A 44 1.03 14.09 -3.49
CA GLY A 44 1.78 13.62 -2.33
C GLY A 44 0.84 12.99 -1.30
N THR A 45 -0.36 12.66 -1.75
CA THR A 45 -1.36 12.07 -0.87
C THR A 45 -1.80 10.71 -1.42
N VAL A 46 -1.73 9.72 -0.55
CA VAL A 46 -2.13 8.37 -0.93
C VAL A 46 -3.47 8.03 -0.28
N ASP A 47 -4.07 6.94 -0.76
CA ASP A 47 -5.34 6.50 -0.23
C ASP A 47 -5.91 5.40 -1.13
N GLY A 48 -7.14 5.02 -0.84
CA GLY A 48 -7.80 3.98 -1.61
C GLY A 48 -9.17 4.44 -2.11
N THR A 49 -9.59 3.89 -3.23
CA THR A 49 -10.86 4.24 -3.83
C THR A 49 -11.69 2.98 -4.07
N ARG A 50 -12.89 2.97 -3.48
CA ARG A 50 -13.79 1.85 -3.63
C ARG A 50 -13.67 1.27 -5.04
N ASP A 51 -13.44 2.15 -6.00
CA ASP A 51 -13.32 1.74 -7.38
C ASP A 51 -12.42 2.74 -8.12
N ARG A 52 -11.29 2.23 -8.59
CA ARG A 52 -10.34 3.05 -9.31
C ARG A 52 -11.05 4.25 -9.95
N SER A 53 -11.03 5.35 -9.23
CA SER A 53 -11.67 6.57 -9.71
C SER A 53 -10.67 7.73 -9.70
N ASP A 54 -9.45 7.42 -10.10
CA ASP A 54 -8.39 8.42 -10.15
C ASP A 54 -7.49 8.15 -11.35
N GLN A 55 -7.02 9.23 -11.96
CA GLN A 55 -6.16 9.12 -13.12
C GLN A 55 -4.85 8.42 -12.75
N HIS A 56 -4.67 8.23 -11.45
CA HIS A 56 -3.47 7.56 -10.95
C HIS A 56 -3.83 6.70 -9.74
N ILE A 57 -4.11 5.44 -10.02
CA ILE A 57 -4.48 4.51 -8.96
C ILE A 57 -3.63 3.24 -9.10
N GLN A 58 -2.68 3.29 -10.03
CA GLN A 58 -1.80 2.16 -10.27
C GLN A 58 -0.76 2.06 -9.16
N LEU A 59 -0.27 0.84 -8.96
CA LEU A 59 0.73 0.59 -7.93
C LEU A 59 1.69 -0.50 -8.42
N GLN A 60 2.75 -0.70 -7.65
CA GLN A 60 3.74 -1.69 -7.99
C GLN A 60 4.64 -1.99 -6.78
N LEU A 61 4.92 -3.27 -6.59
CA LEU A 61 5.75 -3.70 -5.48
C LEU A 61 7.17 -3.98 -5.99
N SER A 62 8.11 -3.99 -5.06
CA SER A 62 9.50 -4.24 -5.40
C SER A 62 10.19 -4.98 -4.25
N ALA A 63 9.56 -6.06 -3.82
CA ALA A 63 10.09 -6.87 -2.74
C ALA A 63 11.62 -6.96 -2.88
N GLU A 64 12.31 -6.57 -1.81
CA GLU A 64 13.75 -6.60 -1.81
C GLU A 64 14.26 -7.62 -0.79
N SER A 65 13.31 -8.23 -0.10
CA SER A 65 13.66 -9.23 0.91
C SER A 65 12.39 -9.66 1.65
N VAL A 66 12.58 -10.60 2.57
CA VAL A 66 11.47 -11.10 3.37
C VAL A 66 11.17 -10.13 4.51
N GLY A 67 9.91 -10.11 4.91
CA GLY A 67 9.49 -9.23 5.99
C GLY A 67 9.79 -7.77 5.65
N GLU A 68 9.95 -7.50 4.37
CA GLU A 68 10.26 -6.15 3.91
C GLU A 68 10.26 -6.10 2.38
N VAL A 69 9.40 -5.26 1.84
CA VAL A 69 9.30 -5.11 0.39
C VAL A 69 9.12 -3.63 0.06
N TYR A 70 9.31 -3.32 -1.21
CA TYR A 70 9.16 -1.95 -1.68
C TYR A 70 7.84 -1.76 -2.42
N ILE A 71 7.59 -0.52 -2.82
CA ILE A 71 6.37 -0.20 -3.53
C ILE A 71 6.57 1.10 -4.32
N LYS A 72 6.27 1.02 -5.61
CA LYS A 72 6.41 2.17 -6.48
C LYS A 72 5.18 2.28 -7.38
N SER A 73 4.56 3.45 -7.34
CA SER A 73 3.37 3.70 -8.15
C SER A 73 3.78 4.03 -9.59
N THR A 74 4.23 3.01 -10.29
CA THR A 74 4.66 3.18 -11.67
C THR A 74 3.75 4.18 -12.39
N GLU A 75 4.20 5.42 -12.41
CA GLU A 75 3.43 6.48 -13.06
C GLU A 75 4.07 7.84 -12.79
N THR A 76 4.32 8.11 -11.52
CA THR A 76 4.92 9.36 -11.12
C THR A 76 6.44 9.18 -10.91
N GLY A 77 6.83 9.28 -9.65
CA GLY A 77 8.24 9.13 -9.30
C GLY A 77 8.43 9.08 -7.78
N GLN A 78 7.76 8.11 -7.16
CA GLN A 78 7.84 7.96 -5.72
C GLN A 78 7.43 6.54 -5.32
N TYR A 79 7.94 6.10 -4.19
CA TYR A 79 7.63 4.78 -3.67
C TYR A 79 6.81 4.85 -2.39
N LEU A 80 5.77 4.03 -2.33
CA LEU A 80 4.91 4.00 -1.17
C LEU A 80 5.76 3.94 0.11
N ALA A 81 5.26 4.58 1.14
CA ALA A 81 5.96 4.62 2.42
C ALA A 81 5.02 5.10 3.52
N MET A 82 5.52 5.10 4.73
CA MET A 82 4.73 5.52 5.88
C MET A 82 5.59 6.32 6.87
N ASP A 83 5.25 7.60 6.99
CA ASP A 83 5.97 8.48 7.89
C ASP A 83 5.62 8.12 9.34
N THR A 84 6.24 8.84 10.26
CA THR A 84 6.00 8.61 11.67
C THR A 84 4.53 8.87 12.01
N ASP A 85 3.84 9.49 11.07
CA ASP A 85 2.43 9.81 11.25
C ASP A 85 1.59 8.61 10.78
N GLY A 86 2.27 7.50 10.56
CA GLY A 86 1.60 6.30 10.10
C GLY A 86 0.65 6.60 8.94
N LEU A 87 0.97 7.66 8.22
CA LEU A 87 0.16 8.08 7.08
C LEU A 87 0.90 7.74 5.78
N LEU A 88 0.36 6.76 5.07
CA LEU A 88 0.96 6.34 3.81
C LEU A 88 1.43 7.57 3.04
N TYR A 89 2.63 7.44 2.48
CA TYR A 89 3.21 8.53 1.71
C TYR A 89 4.35 8.03 0.84
N GLY A 90 4.49 8.67 -0.32
CA GLY A 90 5.54 8.29 -1.26
C GLY A 90 6.89 8.90 -0.84
N SER A 91 7.94 8.11 -1.04
CA SER A 91 9.28 8.54 -0.70
C SER A 91 10.24 8.23 -1.83
N GLN A 92 10.90 9.27 -2.32
CA GLN A 92 11.85 9.11 -3.41
C GLN A 92 13.16 8.49 -2.89
N THR A 93 13.16 8.23 -1.59
CA THR A 93 14.34 7.64 -0.95
C THR A 93 14.01 6.25 -0.42
N PRO A 94 14.33 5.23 -1.26
CA PRO A 94 14.08 3.85 -0.89
C PRO A 94 15.10 3.36 0.14
N ASN A 95 14.64 3.26 1.38
CA ASN A 95 15.51 2.81 2.46
C ASN A 95 14.64 2.33 3.63
N GLU A 96 15.23 2.42 4.82
CA GLU A 96 14.52 2.01 6.02
C GLU A 96 13.34 2.95 6.30
N GLU A 97 12.36 2.87 5.42
CA GLU A 97 11.17 3.71 5.56
C GLU A 97 10.14 3.34 4.49
N CYS A 98 10.56 3.45 3.24
CA CYS A 98 9.70 3.13 2.12
C CYS A 98 9.37 1.64 2.17
N LEU A 99 10.28 0.89 2.76
CA LEU A 99 10.11 -0.55 2.89
C LEU A 99 8.73 -0.84 3.50
N PHE A 100 8.31 -2.09 3.35
CA PHE A 100 7.03 -2.51 3.88
C PHE A 100 7.09 -3.95 4.41
N LEU A 101 7.12 -4.07 5.73
CA LEU A 101 7.17 -5.37 6.35
C LEU A 101 6.04 -6.24 5.82
N GLU A 102 6.39 -7.06 4.84
CA GLU A 102 5.40 -7.94 4.23
C GLU A 102 5.37 -9.28 4.97
N ARG A 103 4.30 -10.02 4.74
CA ARG A 103 4.13 -11.32 5.38
C ARG A 103 2.81 -11.95 4.95
N LEU A 104 2.89 -12.78 3.92
CA LEU A 104 1.71 -13.46 3.40
C LEU A 104 0.73 -13.71 4.55
N GLU A 105 -0.24 -12.82 4.67
CA GLU A 105 -1.24 -12.93 5.72
C GLU A 105 -2.06 -14.21 5.52
N GLU A 106 -2.69 -14.30 4.36
CA GLU A 106 -3.51 -15.45 4.03
C GLU A 106 -2.74 -16.40 3.11
N ASN A 107 -3.24 -16.53 1.89
CA ASN A 107 -2.62 -17.39 0.90
C ASN A 107 -2.68 -16.73 -0.47
N HIS A 108 -2.39 -15.44 -0.48
CA HIS A 108 -2.41 -14.67 -1.72
C HIS A 108 -1.91 -13.25 -1.45
N TYR A 109 -2.73 -12.50 -0.73
CA TYR A 109 -2.39 -11.12 -0.41
C TYR A 109 -0.96 -11.02 0.11
N ASN A 110 -0.54 -9.80 0.38
CA ASN A 110 0.80 -9.55 0.88
C ASN A 110 0.76 -8.40 1.89
N THR A 111 0.01 -8.61 2.95
CA THR A 111 -0.13 -7.60 3.99
C THR A 111 1.25 -7.08 4.41
N TYR A 112 1.37 -5.76 4.41
CA TYR A 112 2.63 -5.13 4.78
C TYR A 112 2.48 -4.38 6.11
N ILE A 113 3.59 -3.77 6.54
CA ILE A 113 3.60 -3.03 7.78
C ILE A 113 4.72 -1.98 7.72
N SER A 114 4.37 -0.77 8.18
CA SER A 114 5.32 0.33 8.18
C SER A 114 6.68 -0.16 8.69
N LYS A 115 7.57 -0.42 7.74
CA LYS A 115 8.90 -0.89 8.09
C LYS A 115 9.67 0.25 8.78
N LYS A 116 9.08 1.42 8.75
CA LYS A 116 9.69 2.59 9.37
C LYS A 116 9.38 2.60 10.87
N HIS A 117 8.41 1.77 11.23
CA HIS A 117 8.00 1.68 12.62
C HIS A 117 6.97 0.56 12.78
N ALA A 118 7.41 -0.66 12.48
CA ALA A 118 6.55 -1.82 12.58
C ALA A 118 6.32 -2.15 14.06
N GLU A 119 7.01 -1.41 14.91
CA GLU A 119 6.90 -1.61 16.34
C GLU A 119 5.48 -1.31 16.81
N LYS A 120 4.71 -0.73 15.91
CA LYS A 120 3.33 -0.38 16.22
C LYS A 120 2.39 -1.20 15.33
N ASN A 121 2.98 -2.10 14.57
CA ASN A 121 2.22 -2.96 13.68
C ASN A 121 1.39 -2.08 12.73
N TRP A 122 2.00 -0.99 12.29
CA TRP A 122 1.34 -0.07 11.40
C TRP A 122 1.22 -0.74 10.03
N PHE A 123 0.09 -1.40 9.82
CA PHE A 123 -0.15 -2.09 8.57
C PHE A 123 -0.51 -1.10 7.46
N VAL A 124 -0.71 -1.65 6.27
CA VAL A 124 -1.04 -0.83 5.12
C VAL A 124 -2.43 -1.24 4.59
N GLY A 125 -3.43 -0.52 5.03
CA GLY A 125 -4.80 -0.80 4.61
C GLY A 125 -5.62 0.49 4.49
N LEU A 126 -6.84 0.34 4.00
CA LEU A 126 -7.72 1.48 3.83
C LEU A 126 -9.12 1.11 4.35
N LYS A 127 -9.56 1.83 5.36
CA LYS A 127 -10.86 1.59 5.95
C LYS A 127 -11.83 1.15 4.86
N LYS A 128 -12.50 0.04 5.12
CA LYS A 128 -13.46 -0.50 4.17
C LYS A 128 -14.65 0.46 4.05
N ASN A 129 -14.34 1.67 3.65
CA ASN A 129 -15.37 2.69 3.48
C ASN A 129 -14.95 3.65 2.37
N GLY A 130 -13.69 4.06 2.41
CA GLY A 130 -13.16 4.97 1.42
C GLY A 130 -12.24 6.01 2.06
N SER A 131 -11.13 5.52 2.58
CA SER A 131 -10.17 6.40 3.23
C SER A 131 -9.11 5.58 3.96
N CYS A 132 -7.86 5.89 3.68
CA CYS A 132 -6.75 5.18 4.29
C CYS A 132 -6.95 5.22 5.81
N LYS A 133 -5.97 4.66 6.52
CA LYS A 133 -6.03 4.62 7.97
C LYS A 133 -4.85 5.42 8.53
N ARG A 134 -4.86 5.57 9.85
CA ARG A 134 -3.81 6.31 10.54
C ARG A 134 -2.93 5.35 11.34
N GLY A 135 -1.68 5.75 11.52
CA GLY A 135 -0.73 4.95 12.26
C GLY A 135 -1.41 4.26 13.45
N PRO A 136 -2.02 5.09 14.33
CA PRO A 136 -2.71 4.57 15.50
C PRO A 136 -4.05 3.95 15.12
N ARG A 137 -3.99 3.06 14.15
CA ARG A 137 -5.19 2.39 13.68
C ARG A 137 -4.90 1.61 12.38
N THR A 138 -3.72 1.01 12.35
CA THR A 138 -3.31 0.23 11.19
C THR A 138 -2.87 -1.17 11.62
N HIS A 139 -3.83 -1.91 12.15
CA HIS A 139 -3.57 -3.28 12.59
C HIS A 139 -4.66 -4.21 12.06
N TYR A 140 -4.21 -5.31 11.49
CA TYR A 140 -5.14 -6.29 10.94
C TYR A 140 -6.10 -6.79 12.01
N GLY A 141 -6.91 -7.77 11.62
CA GLY A 141 -7.88 -8.35 12.54
C GLY A 141 -9.07 -8.95 11.77
N GLN A 142 -9.29 -8.41 10.58
CA GLN A 142 -10.39 -8.89 9.75
C GLN A 142 -9.86 -9.27 8.37
N LYS A 143 -9.71 -8.25 7.53
CA LYS A 143 -9.22 -8.47 6.17
C LYS A 143 -9.31 -7.15 5.40
N ALA A 144 -8.98 -6.07 6.07
CA ALA A 144 -9.02 -4.76 5.45
C ALA A 144 -7.62 -4.39 4.93
N ILE A 145 -6.72 -5.35 5.04
CA ILE A 145 -5.36 -5.15 4.59
C ILE A 145 -5.05 -6.12 3.44
N LEU A 146 -5.80 -7.21 3.42
CA LEU A 146 -5.62 -8.23 2.40
C LEU A 146 -5.62 -7.55 1.02
N PHE A 147 -4.42 -7.21 0.57
CA PHE A 147 -4.27 -6.57 -0.72
C PHE A 147 -4.04 -7.59 -1.84
N LEU A 148 -4.96 -7.60 -2.79
CA LEU A 148 -4.87 -8.53 -3.90
C LEU A 148 -4.44 -7.76 -5.16
N PRO A 149 -3.18 -8.01 -5.59
CA PRO A 149 -2.65 -7.36 -6.77
C PRO A 149 -3.23 -7.97 -8.05
N LEU A 150 -3.54 -7.09 -8.99
CA LEU A 150 -4.11 -7.53 -10.27
C LEU A 150 -3.38 -6.83 -11.41
N PRO A 151 -2.05 -7.11 -11.52
CA PRO A 151 -1.24 -6.52 -12.56
C PRO A 151 -1.52 -7.17 -13.91
N VAL A 152 -1.02 -6.52 -14.96
CA VAL A 152 -1.22 -7.03 -16.31
C VAL A 152 -0.34 -6.22 -17.27
N SER A 153 0.88 -5.96 -16.83
CA SER A 153 1.83 -5.21 -17.65
C SER A 153 2.12 -5.97 -18.94
N SER A 154 1.23 -5.78 -19.91
CA SER A 154 1.38 -6.44 -21.20
C SER A 154 1.28 -5.41 -22.33
N ASP A 155 2.18 -4.43 -22.27
CA ASP A 155 2.21 -3.38 -23.27
C ASP A 155 3.64 -2.83 -23.39
N LYS A 25 2.65 -0.12 -17.43
CA LYS A 25 2.57 -0.91 -16.21
C LYS A 25 1.25 -0.61 -15.49
N PRO A 26 0.14 -0.99 -16.17
CA PRO A 26 -1.19 -0.77 -15.62
C PRO A 26 -1.49 -1.76 -14.49
N LYS A 27 -1.21 -1.32 -13.28
CA LYS A 27 -1.44 -2.16 -12.10
C LYS A 27 -2.71 -1.69 -11.39
N LEU A 28 -3.42 -2.65 -10.83
CA LEU A 28 -4.65 -2.36 -10.11
C LEU A 28 -4.72 -3.21 -8.84
N LEU A 29 -4.52 -2.54 -7.72
CA LEU A 29 -4.55 -3.21 -6.43
C LEU A 29 -5.99 -3.23 -5.90
N TYR A 30 -6.43 -4.42 -5.52
CA TYR A 30 -7.78 -4.58 -5.00
C TYR A 30 -7.75 -5.17 -3.59
N CYS A 31 -8.48 -4.52 -2.70
CA CYS A 31 -8.56 -4.96 -1.32
C CYS A 31 -9.47 -6.19 -1.25
N SER A 32 -9.01 -7.18 -0.51
CA SER A 32 -9.77 -8.41 -0.35
C SER A 32 -11.27 -8.10 -0.28
N ASN A 33 -11.73 -7.83 0.92
CA ASN A 33 -13.14 -7.51 1.14
C ASN A 33 -13.36 -6.02 0.89
N GLY A 34 -12.57 -5.21 1.58
CA GLY A 34 -12.67 -3.77 1.46
C GLY A 34 -13.01 -3.37 0.00
N GLY A 35 -12.40 -4.08 -0.92
CA GLY A 35 -12.62 -3.82 -2.34
C GLY A 35 -12.01 -2.48 -2.74
N HIS A 36 -11.31 -1.87 -1.80
CA HIS A 36 -10.67 -0.58 -2.05
C HIS A 36 -9.42 -0.80 -2.91
N PHE A 37 -9.09 0.24 -3.67
CA PHE A 37 -7.93 0.19 -4.53
C PHE A 37 -6.91 1.25 -4.15
N LEU A 38 -5.83 0.81 -3.51
CA LEU A 38 -4.79 1.71 -3.09
C LEU A 38 -4.52 2.73 -4.20
N ARG A 39 -4.17 3.94 -3.78
CA ARG A 39 -3.88 5.01 -4.73
C ARG A 39 -2.69 5.82 -4.25
N ILE A 40 -2.38 6.87 -5.01
CA ILE A 40 -1.27 7.74 -4.68
C ILE A 40 -1.37 9.02 -5.51
N LEU A 41 -1.08 10.14 -4.85
CA LEU A 41 -1.13 11.43 -5.50
C LEU A 41 0.29 11.95 -5.70
N PRO A 42 0.50 12.60 -6.89
CA PRO A 42 1.81 13.15 -7.21
C PRO A 42 2.08 14.43 -6.43
N ASP A 43 1.15 14.74 -5.53
CA ASP A 43 1.27 15.94 -4.70
C ASP A 43 2.05 15.59 -3.43
N GLY A 44 1.63 14.51 -2.79
CA GLY A 44 2.27 14.06 -1.57
C GLY A 44 1.23 13.55 -0.57
N THR A 45 0.30 12.74 -1.08
CA THR A 45 -0.74 12.18 -0.25
C THR A 45 -1.09 10.77 -0.71
N VAL A 46 -1.86 10.08 0.12
CA VAL A 46 -2.27 8.72 -0.20
C VAL A 46 -3.67 8.47 0.38
N ASP A 47 -4.29 7.40 -0.11
CA ASP A 47 -5.62 7.03 0.35
C ASP A 47 -6.04 5.71 -0.30
N GLY A 48 -7.33 5.47 -0.28
CA GLY A 48 -7.88 4.26 -0.86
C GLY A 48 -9.11 4.56 -1.72
N THR A 49 -9.10 4.00 -2.93
CA THR A 49 -10.20 4.20 -3.85
C THR A 49 -11.25 3.10 -3.69
N ARG A 50 -12.49 3.49 -3.86
CA ARG A 50 -13.60 2.55 -3.74
C ARG A 50 -13.89 1.91 -5.09
N ASP A 51 -13.43 2.56 -6.14
CA ASP A 51 -13.64 2.06 -7.49
C ASP A 51 -12.49 2.51 -8.39
N ARG A 52 -11.47 1.65 -8.46
CA ARG A 52 -10.30 1.94 -9.28
C ARG A 52 -10.70 2.80 -10.48
N SER A 53 -10.56 4.11 -10.30
CA SER A 53 -10.88 5.05 -11.36
C SER A 53 -10.65 6.48 -10.89
N ASP A 54 -9.39 6.79 -10.64
CA ASP A 54 -9.02 8.12 -10.19
C ASP A 54 -7.82 8.62 -10.99
N GLN A 55 -7.33 9.79 -10.61
CA GLN A 55 -6.19 10.39 -11.29
C GLN A 55 -5.16 9.32 -11.63
N HIS A 56 -4.83 8.52 -10.62
CA HIS A 56 -3.86 7.46 -10.81
C HIS A 56 -3.73 6.66 -9.50
N ILE A 57 -4.38 5.50 -9.50
CA ILE A 57 -4.35 4.64 -8.33
C ILE A 57 -3.39 3.48 -8.58
N GLN A 58 -2.72 3.55 -9.73
CA GLN A 58 -1.77 2.52 -10.11
C GLN A 58 -0.75 2.31 -8.99
N LEU A 59 -0.06 1.18 -9.06
CA LEU A 59 0.95 0.85 -8.07
C LEU A 59 1.95 -0.15 -8.67
N GLN A 60 2.97 -0.46 -7.88
CA GLN A 60 3.99 -1.39 -8.33
C GLN A 60 4.93 -1.73 -7.16
N LEU A 61 4.99 -3.02 -6.85
CA LEU A 61 5.83 -3.49 -5.76
C LEU A 61 7.23 -3.77 -6.31
N SER A 62 8.19 -3.85 -5.39
CA SER A 62 9.57 -4.11 -5.76
C SER A 62 10.26 -4.91 -4.67
N ALA A 63 9.69 -6.07 -4.38
CA ALA A 63 10.24 -6.94 -3.35
C ALA A 63 11.77 -6.92 -3.44
N GLU A 64 12.39 -6.60 -2.31
CA GLU A 64 13.83 -6.54 -2.24
C GLU A 64 14.36 -7.54 -1.20
N SER A 65 13.44 -8.29 -0.62
CA SER A 65 13.79 -9.28 0.38
C SER A 65 12.56 -9.68 1.18
N VAL A 66 12.31 -10.98 1.21
CA VAL A 66 11.16 -11.52 1.93
C VAL A 66 11.03 -10.78 3.26
N GLY A 67 9.78 -10.51 3.63
CA GLY A 67 9.50 -9.82 4.88
C GLY A 67 9.77 -8.32 4.75
N GLU A 68 10.09 -7.91 3.52
CA GLU A 68 10.37 -6.52 3.25
C GLU A 68 10.43 -6.27 1.74
N VAL A 69 9.40 -5.64 1.23
CA VAL A 69 9.32 -5.34 -0.20
C VAL A 69 9.17 -3.83 -0.38
N TYR A 70 9.29 -3.41 -1.64
CA TYR A 70 9.17 -2.00 -1.97
C TYR A 70 7.93 -1.74 -2.83
N ILE A 71 7.62 -0.47 -2.99
CA ILE A 71 6.47 -0.07 -3.79
C ILE A 71 6.78 1.26 -4.49
N LYS A 72 6.60 1.24 -5.80
CA LYS A 72 6.85 2.43 -6.61
C LYS A 72 5.68 2.65 -7.55
N SER A 73 4.81 3.59 -7.18
CA SER A 73 3.65 3.90 -7.99
C SER A 73 4.08 4.29 -9.40
N THR A 74 4.26 3.27 -10.23
CA THR A 74 4.67 3.51 -11.61
C THR A 74 3.67 4.41 -12.33
N GLU A 75 4.09 5.64 -12.56
CA GLU A 75 3.25 6.62 -13.23
C GLU A 75 3.85 8.02 -13.12
N THR A 76 4.37 8.31 -11.93
CA THR A 76 4.98 9.61 -11.68
C THR A 76 6.10 9.48 -10.65
N GLY A 77 6.94 8.48 -10.86
CA GLY A 77 8.07 8.24 -9.96
C GLY A 77 7.67 8.54 -8.51
N GLN A 78 6.90 7.61 -7.94
CA GLN A 78 6.45 7.77 -6.57
C GLN A 78 6.63 6.45 -5.81
N TYR A 79 7.18 6.57 -4.60
CA TYR A 79 7.41 5.41 -3.77
C TYR A 79 6.46 5.40 -2.56
N LEU A 80 5.63 4.36 -2.51
CA LEU A 80 4.68 4.22 -1.43
C LEU A 80 5.43 3.95 -0.12
N ALA A 81 5.10 4.76 0.88
CA ALA A 81 5.74 4.62 2.18
C ALA A 81 4.76 5.07 3.27
N MET A 82 5.25 5.05 4.50
CA MET A 82 4.43 5.45 5.64
C MET A 82 5.23 6.32 6.61
N ASP A 83 4.75 7.54 6.80
CA ASP A 83 5.42 8.47 7.69
C ASP A 83 5.09 8.10 9.14
N THR A 84 5.72 8.82 10.07
CA THR A 84 5.49 8.58 11.47
C THR A 84 4.04 8.88 11.85
N ASP A 85 3.34 9.53 10.92
CA ASP A 85 1.95 9.88 11.14
C ASP A 85 1.08 8.65 10.88
N GLY A 86 1.73 7.58 10.46
CA GLY A 86 1.02 6.33 10.17
C GLY A 86 0.16 6.47 8.92
N LEU A 87 0.31 7.61 8.26
CA LEU A 87 -0.44 7.88 7.04
C LEU A 87 0.46 7.67 5.83
N LEU A 88 0.16 6.63 5.08
CA LEU A 88 0.94 6.31 3.89
C LEU A 88 1.30 7.60 3.16
N TYR A 89 2.55 7.66 2.70
CA TYR A 89 3.03 8.82 1.99
C TYR A 89 4.14 8.44 1.01
N GLY A 90 4.60 9.44 0.26
CA GLY A 90 5.64 9.23 -0.72
C GLY A 90 7.02 9.49 -0.11
N SER A 91 8.01 8.77 -0.61
CA SER A 91 9.37 8.92 -0.13
C SER A 91 10.36 8.82 -1.31
N GLN A 92 10.99 9.96 -1.59
CA GLN A 92 11.95 10.02 -2.67
C GLN A 92 13.21 9.24 -2.32
N THR A 93 13.24 8.76 -1.08
CA THR A 93 14.38 7.99 -0.60
C THR A 93 13.96 6.55 -0.28
N PRO A 94 14.23 5.64 -1.25
CA PRO A 94 13.88 4.24 -1.09
C PRO A 94 14.84 3.56 -0.11
N ASN A 95 14.36 3.35 1.10
CA ASN A 95 15.17 2.70 2.13
C ASN A 95 14.25 2.20 3.24
N GLU A 96 14.79 2.21 4.45
CA GLU A 96 14.03 1.76 5.61
C GLU A 96 12.88 2.72 5.90
N GLU A 97 11.97 2.80 4.95
CA GLU A 97 10.81 3.68 5.09
C GLU A 97 9.81 3.42 3.97
N CYS A 98 10.33 3.29 2.76
CA CYS A 98 9.49 3.04 1.60
C CYS A 98 9.12 1.55 1.59
N LEU A 99 10.07 0.74 2.03
CA LEU A 99 9.87 -0.70 2.06
C LEU A 99 8.52 -1.00 2.74
N PHE A 100 8.16 -2.27 2.73
CA PHE A 100 6.90 -2.70 3.34
C PHE A 100 6.99 -4.15 3.78
N LEU A 101 7.11 -4.34 5.08
CA LEU A 101 7.20 -5.67 5.64
C LEU A 101 6.03 -6.53 5.11
N GLU A 102 6.33 -7.30 4.09
CA GLU A 102 5.33 -8.16 3.49
C GLU A 102 5.29 -9.51 4.19
N ARG A 103 4.09 -10.06 4.30
CA ARG A 103 3.91 -11.34 4.95
C ARG A 103 2.52 -11.92 4.63
N LEU A 104 2.45 -12.61 3.51
CA LEU A 104 1.20 -13.21 3.07
C LEU A 104 0.34 -13.52 4.30
N GLU A 105 -0.58 -12.60 4.60
CA GLU A 105 -1.46 -12.77 5.74
C GLU A 105 -2.26 -14.06 5.60
N GLU A 106 -2.89 -14.21 4.44
CA GLU A 106 -3.68 -15.40 4.17
C GLU A 106 -2.91 -16.39 3.30
N ASN A 107 -3.28 -16.44 2.04
CA ASN A 107 -2.64 -17.33 1.09
C ASN A 107 -2.69 -16.72 -0.31
N HIS A 108 -2.61 -15.39 -0.34
CA HIS A 108 -2.66 -14.67 -1.61
C HIS A 108 -2.26 -13.21 -1.38
N TYR A 109 -3.08 -12.52 -0.59
CA TYR A 109 -2.82 -11.13 -0.29
C TYR A 109 -1.47 -10.96 0.41
N ASN A 110 -0.97 -9.73 0.35
CA ASN A 110 0.31 -9.42 0.97
C ASN A 110 0.15 -8.21 1.89
N THR A 111 -0.29 -8.48 3.11
CA THR A 111 -0.49 -7.43 4.09
C THR A 111 0.85 -6.86 4.55
N TYR A 112 1.17 -5.68 4.05
CA TYR A 112 2.41 -5.02 4.40
C TYR A 112 2.27 -4.23 5.70
N ILE A 113 3.37 -3.63 6.11
CA ILE A 113 3.39 -2.85 7.34
C ILE A 113 4.46 -1.76 7.24
N SER A 114 4.20 -0.64 7.88
CA SER A 114 5.12 0.47 7.87
C SER A 114 6.49 0.02 8.40
N LYS A 115 7.29 -0.52 7.50
CA LYS A 115 8.62 -0.99 7.87
C LYS A 115 9.37 0.11 8.61
N LYS A 116 8.95 1.35 8.35
CA LYS A 116 9.57 2.49 8.98
C LYS A 116 9.33 2.43 10.49
N HIS A 117 8.12 2.00 10.85
CA HIS A 117 7.75 1.89 12.24
C HIS A 117 6.68 0.80 12.41
N ALA A 118 7.08 -0.42 12.13
CA ALA A 118 6.17 -1.55 12.23
C ALA A 118 5.95 -1.87 13.71
N GLU A 119 6.67 -1.16 14.56
CA GLU A 119 6.55 -1.36 15.99
C GLU A 119 5.12 -1.10 16.46
N LYS A 120 4.34 -0.47 15.58
CA LYS A 120 2.97 -0.15 15.88
C LYS A 120 2.04 -0.98 14.98
N ASN A 121 2.67 -1.85 14.19
CA ASN A 121 1.92 -2.70 13.29
C ASN A 121 1.18 -1.83 12.28
N TRP A 122 1.66 -0.61 12.13
CA TRP A 122 1.05 0.33 11.21
C TRP A 122 0.99 -0.32 9.83
N PHE A 123 -0.13 -0.98 9.57
CA PHE A 123 -0.31 -1.65 8.30
C PHE A 123 -0.52 -0.65 7.16
N VAL A 124 -0.85 -1.18 5.99
CA VAL A 124 -1.07 -0.34 4.83
C VAL A 124 -2.50 -0.54 4.33
N GLY A 125 -3.37 -0.92 5.25
CA GLY A 125 -4.77 -1.15 4.93
C GLY A 125 -5.45 0.16 4.52
N LEU A 126 -6.77 0.16 4.62
CA LEU A 126 -7.55 1.34 4.27
C LEU A 126 -9.00 1.15 4.73
N LYS A 127 -9.36 1.90 5.75
CA LYS A 127 -10.71 1.82 6.29
C LYS A 127 -11.68 1.41 5.19
N LYS A 128 -12.46 0.38 5.48
CA LYS A 128 -13.43 -0.12 4.51
C LYS A 128 -14.49 0.94 4.28
N ASN A 129 -14.05 2.10 3.79
CA ASN A 129 -14.95 3.19 3.52
C ASN A 129 -14.42 4.00 2.33
N GLY A 130 -13.12 4.23 2.34
CA GLY A 130 -12.48 4.99 1.28
C GLY A 130 -11.52 6.04 1.84
N SER A 131 -10.42 5.56 2.39
CA SER A 131 -9.43 6.44 2.97
C SER A 131 -8.38 5.63 3.74
N CYS A 132 -7.14 6.09 3.66
CA CYS A 132 -6.05 5.41 4.33
C CYS A 132 -6.39 5.32 5.83
N LYS A 133 -5.59 4.55 6.54
CA LYS A 133 -5.80 4.38 7.97
C LYS A 133 -4.76 5.20 8.74
N ARG A 134 -5.13 5.58 9.95
CA ARG A 134 -4.25 6.36 10.79
C ARG A 134 -3.33 5.45 11.61
N GLY A 135 -2.12 5.92 11.83
CA GLY A 135 -1.15 5.15 12.60
C GLY A 135 -1.83 4.39 13.73
N PRO A 136 -2.44 5.17 14.67
CA PRO A 136 -3.13 4.57 15.80
C PRO A 136 -4.47 3.95 15.38
N ARG A 137 -4.40 3.12 14.35
CA ARG A 137 -5.59 2.47 13.84
C ARG A 137 -5.28 1.76 12.52
N THR A 138 -4.11 1.16 12.46
CA THR A 138 -3.69 0.46 11.26
C THR A 138 -3.26 -0.98 11.60
N HIS A 139 -4.15 -1.66 12.31
CA HIS A 139 -3.89 -3.04 12.71
C HIS A 139 -4.97 -3.95 12.12
N TYR A 140 -4.52 -5.07 11.58
CA TYR A 140 -5.43 -6.04 10.99
C TYR A 140 -6.46 -6.52 12.03
N GLY A 141 -7.17 -7.57 11.66
CA GLY A 141 -8.18 -8.14 12.53
C GLY A 141 -9.36 -8.67 11.72
N GLN A 142 -9.42 -8.27 10.47
CA GLN A 142 -10.48 -8.70 9.58
C GLN A 142 -9.92 -9.13 8.22
N LYS A 143 -9.81 -8.16 7.33
CA LYS A 143 -9.29 -8.42 6.00
C LYS A 143 -9.34 -7.14 5.17
N ALA A 144 -9.02 -6.04 5.83
CA ALA A 144 -9.03 -4.74 5.17
C ALA A 144 -7.61 -4.38 4.75
N ILE A 145 -6.71 -5.35 4.92
CA ILE A 145 -5.32 -5.16 4.56
C ILE A 145 -4.93 -6.15 3.46
N LEU A 146 -5.68 -7.24 3.41
CA LEU A 146 -5.43 -8.28 2.43
C LEU A 146 -5.55 -7.68 1.03
N PHE A 147 -4.41 -7.25 0.50
CA PHE A 147 -4.36 -6.65 -0.82
C PHE A 147 -4.13 -7.73 -1.90
N LEU A 148 -5.03 -7.76 -2.86
CA LEU A 148 -4.93 -8.72 -3.95
C LEU A 148 -4.46 -8.00 -5.22
N PRO A 149 -3.16 -8.22 -5.55
CA PRO A 149 -2.58 -7.61 -6.73
C PRO A 149 -3.06 -8.30 -8.01
N LEU A 150 -3.68 -7.53 -8.87
CA LEU A 150 -4.19 -8.05 -10.14
C LEU A 150 -3.80 -7.10 -11.27
N PRO A 151 -2.47 -7.05 -11.54
CA PRO A 151 -1.95 -6.19 -12.59
C PRO A 151 -2.24 -6.79 -13.97
N VAL A 152 -1.82 -6.06 -14.99
CA VAL A 152 -2.02 -6.51 -16.36
C VAL A 152 -0.91 -5.94 -17.24
N SER A 153 0.31 -6.10 -16.78
CA SER A 153 1.46 -5.59 -17.52
C SER A 153 1.79 -6.55 -18.68
N SER A 154 1.07 -6.37 -19.77
CA SER A 154 1.27 -7.18 -20.96
C SER A 154 1.95 -6.38 -22.05
N ASP A 155 3.26 -6.20 -21.89
CA ASP A 155 4.04 -5.44 -22.86
C ASP A 155 5.48 -5.94 -22.84
N LYS A 25 -2.20 2.09 -17.58
CA LYS A 25 -2.91 1.48 -16.47
C LYS A 25 -2.89 -0.04 -16.64
N PRO A 26 -1.66 -0.61 -16.58
CA PRO A 26 -1.49 -2.05 -16.72
C PRO A 26 -1.93 -2.78 -15.46
N LYS A 27 -1.17 -2.56 -14.39
CA LYS A 27 -1.47 -3.19 -13.12
C LYS A 27 -2.27 -2.21 -12.25
N LEU A 28 -3.12 -2.78 -11.41
CA LEU A 28 -3.96 -1.98 -10.53
C LEU A 28 -4.25 -2.78 -9.25
N LEU A 29 -3.53 -2.43 -8.20
CA LEU A 29 -3.70 -3.10 -6.92
C LEU A 29 -5.17 -3.02 -6.50
N TYR A 30 -5.50 -3.77 -5.46
CA TYR A 30 -6.86 -3.80 -4.95
C TYR A 30 -6.94 -4.59 -3.65
N CYS A 31 -7.87 -4.17 -2.81
CA CYS A 31 -8.06 -4.84 -1.52
C CYS A 31 -8.73 -6.19 -1.78
N SER A 32 -8.60 -7.07 -0.79
CA SER A 32 -9.18 -8.40 -0.89
C SER A 32 -10.71 -8.31 -0.79
N ASN A 33 -11.19 -8.53 0.43
CA ASN A 33 -12.62 -8.48 0.68
C ASN A 33 -13.20 -7.20 0.08
N GLY A 34 -13.63 -7.31 -1.17
CA GLY A 34 -14.20 -6.17 -1.87
C GLY A 34 -13.81 -4.85 -1.19
N GLY A 35 -12.53 -4.75 -0.86
CA GLY A 35 -12.02 -3.55 -0.21
C GLY A 35 -11.84 -2.42 -1.22
N HIS A 36 -10.91 -1.53 -0.90
CA HIS A 36 -10.63 -0.39 -1.76
C HIS A 36 -9.40 -0.69 -2.62
N PHE A 37 -9.07 0.27 -3.48
CA PHE A 37 -7.92 0.12 -4.35
C PHE A 37 -6.89 1.22 -4.09
N LEU A 38 -5.87 0.86 -3.32
CA LEU A 38 -4.82 1.81 -2.99
C LEU A 38 -4.59 2.74 -4.18
N ARG A 39 -4.32 4.01 -3.86
CA ARG A 39 -4.08 5.00 -4.87
C ARG A 39 -2.98 5.96 -4.43
N ILE A 40 -2.23 6.45 -5.41
CA ILE A 40 -1.13 7.37 -5.13
C ILE A 40 -1.31 8.63 -5.98
N LEU A 41 -1.52 9.75 -5.30
CA LEU A 41 -1.71 11.02 -5.99
C LEU A 41 -0.34 11.66 -6.25
N PRO A 42 -0.22 12.29 -7.44
CA PRO A 42 1.03 12.94 -7.83
C PRO A 42 1.21 14.25 -7.06
N ASP A 43 0.34 14.46 -6.08
CA ASP A 43 0.39 15.67 -5.28
C ASP A 43 1.23 15.40 -4.03
N GLY A 44 1.23 14.14 -3.61
CA GLY A 44 1.98 13.74 -2.43
C GLY A 44 1.05 13.18 -1.35
N THR A 45 -0.17 12.87 -1.78
CA THR A 45 -1.16 12.32 -0.86
C THR A 45 -1.62 10.94 -1.34
N VAL A 46 -1.65 10.01 -0.40
CA VAL A 46 -2.06 8.66 -0.71
C VAL A 46 -3.41 8.37 -0.04
N ASP A 47 -4.03 7.28 -0.45
CA ASP A 47 -5.32 6.89 0.10
C ASP A 47 -5.83 5.66 -0.65
N GLY A 48 -7.08 5.30 -0.35
CA GLY A 48 -7.70 4.15 -0.98
C GLY A 48 -9.11 4.48 -1.45
N THR A 49 -9.45 3.96 -2.62
CA THR A 49 -10.77 4.19 -3.20
C THR A 49 -11.55 2.88 -3.29
N ARG A 50 -12.75 2.90 -2.72
CA ARG A 50 -13.60 1.73 -2.74
C ARG A 50 -13.49 1.01 -4.08
N ASP A 51 -13.41 1.81 -5.14
CA ASP A 51 -13.31 1.26 -6.49
C ASP A 51 -12.39 2.15 -7.32
N ARG A 52 -11.31 1.55 -7.80
CA ARG A 52 -10.36 2.28 -8.61
C ARG A 52 -11.08 3.30 -9.49
N SER A 53 -10.71 4.57 -9.28
CA SER A 53 -11.31 5.65 -10.04
C SER A 53 -10.72 6.99 -9.59
N ASP A 54 -9.46 7.19 -9.93
CA ASP A 54 -8.77 8.42 -9.58
C ASP A 54 -7.80 8.80 -10.70
N GLN A 55 -7.05 9.86 -10.46
CA GLN A 55 -6.08 10.34 -11.42
C GLN A 55 -5.09 9.23 -11.78
N HIS A 56 -4.74 8.45 -10.76
CA HIS A 56 -3.80 7.35 -10.96
C HIS A 56 -3.59 6.62 -9.63
N ILE A 57 -4.13 5.42 -9.55
CA ILE A 57 -4.01 4.61 -8.36
C ILE A 57 -2.99 3.50 -8.60
N GLN A 58 -2.18 3.68 -9.64
CA GLN A 58 -1.16 2.71 -9.98
C GLN A 58 -0.40 2.27 -8.73
N LEU A 59 0.01 1.01 -8.74
CA LEU A 59 0.76 0.46 -7.62
C LEU A 59 1.67 -0.66 -8.12
N GLN A 60 2.59 -1.06 -7.25
CA GLN A 60 3.53 -2.12 -7.59
C GLN A 60 4.47 -2.38 -6.42
N LEU A 61 4.81 -3.66 -6.24
CA LEU A 61 5.70 -4.05 -5.17
C LEU A 61 7.11 -4.27 -5.73
N SER A 62 8.08 -4.26 -4.84
CA SER A 62 9.46 -4.46 -5.24
C SER A 62 10.22 -5.22 -4.14
N ALA A 63 9.65 -6.35 -3.75
CA ALA A 63 10.26 -7.18 -2.72
C ALA A 63 11.78 -7.19 -2.91
N GLU A 64 12.47 -6.84 -1.84
CA GLU A 64 13.93 -6.80 -1.87
C GLU A 64 14.51 -7.80 -0.86
N SER A 65 13.60 -8.47 -0.16
CA SER A 65 14.01 -9.44 0.84
C SER A 65 12.87 -9.70 1.81
N VAL A 66 12.56 -10.97 2.00
CA VAL A 66 11.50 -11.37 2.91
C VAL A 66 11.54 -10.49 4.16
N GLY A 67 10.36 -10.08 4.61
CA GLY A 67 10.25 -9.24 5.78
C GLY A 67 10.53 -7.78 5.44
N GLU A 68 10.96 -7.56 4.20
CA GLU A 68 11.27 -6.22 3.74
C GLU A 68 11.08 -6.13 2.22
N VAL A 69 9.98 -5.51 1.82
CA VAL A 69 9.67 -5.36 0.41
C VAL A 69 9.42 -3.87 0.11
N TYR A 70 9.49 -3.54 -1.17
CA TYR A 70 9.28 -2.17 -1.60
C TYR A 70 7.97 -2.04 -2.39
N ILE A 71 7.57 -0.80 -2.60
CA ILE A 71 6.34 -0.51 -3.31
C ILE A 71 6.52 0.75 -4.15
N LYS A 72 6.20 0.64 -5.43
CA LYS A 72 6.32 1.77 -6.33
C LYS A 72 5.06 1.85 -7.21
N SER A 73 4.55 3.08 -7.32
CA SER A 73 3.35 3.31 -8.12
C SER A 73 3.74 3.56 -9.58
N THR A 74 4.18 2.50 -10.23
CA THR A 74 4.57 2.59 -11.63
C THR A 74 3.61 3.49 -12.41
N GLU A 75 4.00 4.75 -12.52
CA GLU A 75 3.18 5.73 -13.23
C GLU A 75 3.82 7.12 -13.14
N THR A 76 4.20 7.49 -11.93
CA THR A 76 4.83 8.78 -11.71
C THR A 76 5.93 8.67 -10.65
N GLY A 77 6.75 7.64 -10.81
CA GLY A 77 7.84 7.40 -9.90
C GLY A 77 7.44 7.75 -8.46
N GLN A 78 6.32 7.16 -8.03
CA GLN A 78 5.82 7.41 -6.70
C GLN A 78 5.94 6.13 -5.85
N TYR A 79 6.76 6.23 -4.81
CA TYR A 79 6.99 5.10 -3.92
C TYR A 79 6.08 5.20 -2.69
N LEU A 80 5.67 4.04 -2.20
CA LEU A 80 4.82 3.98 -1.03
C LEU A 80 5.68 3.93 0.23
N ALA A 81 5.19 4.57 1.27
CA ALA A 81 5.90 4.60 2.55
C ALA A 81 4.97 5.12 3.64
N MET A 82 5.47 5.07 4.87
CA MET A 82 4.69 5.54 6.01
C MET A 82 5.58 6.28 7.00
N ASP A 83 5.27 7.56 7.19
CA ASP A 83 6.03 8.38 8.11
C ASP A 83 5.61 8.05 9.55
N THR A 84 6.36 8.61 10.49
CA THR A 84 6.09 8.38 11.90
C THR A 84 4.65 8.78 12.23
N ASP A 85 4.06 9.55 11.34
CA ASP A 85 2.69 10.01 11.52
C ASP A 85 1.72 8.94 11.02
N GLY A 86 2.29 7.78 10.70
CA GLY A 86 1.49 6.67 10.21
C GLY A 86 0.62 7.09 9.03
N LEU A 87 1.02 8.20 8.42
CA LEU A 87 0.28 8.73 7.27
C LEU A 87 0.99 8.29 5.98
N LEU A 88 0.38 7.31 5.32
CA LEU A 88 0.94 6.79 4.08
C LEU A 88 1.50 7.95 3.26
N TYR A 89 2.70 7.75 2.74
CA TYR A 89 3.36 8.76 1.94
C TYR A 89 4.49 8.16 1.12
N GLY A 90 4.94 8.92 0.14
CA GLY A 90 6.02 8.48 -0.73
C GLY A 90 7.23 9.42 -0.64
N SER A 91 8.36 8.94 -1.13
CA SER A 91 9.58 9.72 -1.10
C SER A 91 10.55 9.21 -2.17
N GLN A 92 11.43 10.10 -2.60
CA GLN A 92 12.42 9.75 -3.62
C GLN A 92 13.58 8.97 -2.98
N THR A 93 13.43 8.70 -1.70
CA THR A 93 14.45 7.96 -0.97
C THR A 93 13.90 6.62 -0.48
N PRO A 94 14.04 5.58 -1.34
CA PRO A 94 13.55 4.26 -1.00
C PRO A 94 14.47 3.59 0.03
N ASN A 95 13.96 3.47 1.24
CA ASN A 95 14.73 2.85 2.32
C ASN A 95 13.76 2.11 3.25
N GLU A 96 14.31 1.63 4.36
CA GLU A 96 13.52 0.91 5.34
C GLU A 96 12.13 1.53 5.47
N GLU A 97 12.08 2.84 5.27
CA GLU A 97 10.83 3.57 5.35
C GLU A 97 9.92 3.19 4.19
N CYS A 98 10.40 3.47 2.99
CA CYS A 98 9.64 3.16 1.79
C CYS A 98 9.30 1.66 1.79
N LEU A 99 10.20 0.90 2.40
CA LEU A 99 10.01 -0.54 2.48
C LEU A 99 8.68 -0.84 3.17
N PHE A 100 8.32 -2.12 3.16
CA PHE A 100 7.08 -2.55 3.77
C PHE A 100 7.18 -3.99 4.27
N LEU A 101 7.13 -4.13 5.59
CA LEU A 101 7.22 -5.45 6.20
C LEU A 101 6.14 -6.36 5.60
N GLU A 102 6.57 -7.19 4.67
CA GLU A 102 5.65 -8.12 4.01
C GLU A 102 5.07 -9.09 5.04
N ARG A 103 4.02 -9.78 4.61
CA ARG A 103 3.35 -10.74 5.47
C ARG A 103 2.17 -11.39 4.74
N LEU A 104 2.47 -12.51 4.09
CA LEU A 104 1.45 -13.23 3.34
C LEU A 104 0.33 -13.67 4.30
N GLU A 105 -0.59 -12.75 4.54
CA GLU A 105 -1.70 -13.02 5.44
C GLU A 105 -2.21 -14.45 5.23
N GLU A 106 -2.40 -14.79 3.96
CA GLU A 106 -2.89 -16.11 3.61
C GLU A 106 -2.01 -16.72 2.52
N ASN A 107 -2.50 -16.65 1.30
CA ASN A 107 -1.77 -17.20 0.16
C ASN A 107 -1.98 -16.28 -1.06
N HIS A 108 -1.98 -14.99 -0.79
CA HIS A 108 -2.18 -14.01 -1.85
C HIS A 108 -2.03 -12.59 -1.27
N TYR A 109 -2.96 -12.25 -0.39
CA TYR A 109 -2.96 -10.94 0.23
C TYR A 109 -1.66 -10.72 1.01
N ASN A 110 -0.90 -9.73 0.56
CA ASN A 110 0.36 -9.40 1.20
C ASN A 110 0.15 -8.24 2.18
N THR A 111 -0.42 -8.57 3.33
CA THR A 111 -0.68 -7.57 4.35
C THR A 111 0.63 -7.03 4.92
N TYR A 112 1.05 -5.91 4.38
CA TYR A 112 2.28 -5.28 4.82
C TYR A 112 2.07 -4.51 6.13
N ILE A 113 3.14 -3.87 6.59
CA ILE A 113 3.09 -3.11 7.81
C ILE A 113 4.26 -2.13 7.86
N SER A 114 3.95 -0.88 8.18
CA SER A 114 4.96 0.15 8.25
C SER A 114 6.25 -0.42 8.84
N LYS A 115 7.22 -0.62 7.96
CA LYS A 115 8.51 -1.15 8.38
C LYS A 115 9.25 -0.12 9.21
N LYS A 116 8.90 1.14 8.98
CA LYS A 116 9.53 2.24 9.70
C LYS A 116 9.04 2.25 11.14
N HIS A 117 8.04 1.42 11.40
CA HIS A 117 7.47 1.32 12.73
C HIS A 117 6.34 0.28 12.73
N ALA A 118 6.73 -0.97 12.53
CA ALA A 118 5.76 -2.06 12.50
C ALA A 118 5.37 -2.41 13.94
N GLU A 119 6.19 -1.95 14.88
CA GLU A 119 5.94 -2.22 16.29
C GLU A 119 4.56 -1.67 16.69
N LYS A 120 4.03 -0.80 15.84
CA LYS A 120 2.73 -0.21 16.09
C LYS A 120 1.67 -0.94 15.26
N ASN A 121 2.14 -1.87 14.46
CA ASN A 121 1.24 -2.64 13.60
C ASN A 121 0.57 -1.70 12.59
N TRP A 122 1.32 -0.69 12.20
CA TRP A 122 0.81 0.28 11.24
C TRP A 122 0.73 -0.40 9.87
N PHE A 123 -0.42 -1.03 9.62
CA PHE A 123 -0.63 -1.72 8.36
C PHE A 123 -0.75 -0.72 7.21
N VAL A 124 -0.97 -1.27 6.02
CA VAL A 124 -1.11 -0.45 4.83
C VAL A 124 -2.52 -0.62 4.25
N GLY A 125 -3.38 -1.21 5.06
CA GLY A 125 -4.75 -1.44 4.64
C GLY A 125 -5.65 -0.25 5.02
N LEU A 126 -5.98 0.53 3.99
CA LEU A 126 -6.82 1.70 4.20
C LEU A 126 -8.16 1.26 4.77
N LYS A 127 -8.44 1.73 5.97
CA LYS A 127 -9.69 1.39 6.64
C LYS A 127 -10.75 1.04 5.60
N LYS A 128 -11.33 -0.14 5.76
CA LYS A 128 -12.35 -0.60 4.84
C LYS A 128 -13.60 0.28 4.98
N ASN A 129 -13.40 1.57 4.74
CA ASN A 129 -14.50 2.52 4.84
C ASN A 129 -14.47 3.45 3.63
N GLY A 130 -13.27 3.94 3.33
CA GLY A 130 -13.10 4.84 2.20
C GLY A 130 -12.34 6.10 2.63
N SER A 131 -11.14 5.89 3.14
CA SER A 131 -10.31 7.00 3.59
C SER A 131 -9.12 6.46 4.39
N CYS A 132 -7.93 6.87 3.95
CA CYS A 132 -6.71 6.44 4.61
C CYS A 132 -6.92 6.55 6.12
N LYS A 133 -6.04 5.88 6.85
CA LYS A 133 -6.12 5.89 8.30
C LYS A 133 -4.72 6.13 8.88
N ARG A 134 -4.69 6.91 9.96
CA ARG A 134 -3.43 7.23 10.61
C ARG A 134 -2.81 5.96 11.21
N GLY A 135 -1.52 6.06 11.49
CA GLY A 135 -0.80 4.94 12.06
C GLY A 135 -1.66 4.17 13.07
N PRO A 136 -2.11 4.92 14.12
CA PRO A 136 -2.95 4.33 15.15
C PRO A 136 -4.38 4.12 14.64
N ARG A 137 -4.49 3.40 13.53
CA ARG A 137 -5.77 3.12 12.94
C ARG A 137 -5.62 2.14 11.77
N THR A 138 -4.66 1.25 11.92
CA THR A 138 -4.40 0.24 10.89
C THR A 138 -3.96 -1.07 11.53
N HIS A 139 -4.91 -2.00 11.58
CA HIS A 139 -4.64 -3.31 12.16
C HIS A 139 -5.51 -4.36 11.48
N TYR A 140 -5.27 -5.62 11.84
CA TYR A 140 -6.02 -6.72 11.27
C TYR A 140 -7.53 -6.49 11.41
N GLY A 141 -8.28 -7.55 11.16
CA GLY A 141 -9.73 -7.47 11.26
C GLY A 141 -10.31 -6.73 10.06
N GLN A 142 -9.43 -6.08 9.31
CA GLN A 142 -9.84 -5.34 8.13
C GLN A 142 -9.17 -5.90 6.87
N LYS A 143 -10.00 -6.24 5.91
CA LYS A 143 -9.49 -6.80 4.66
C LYS A 143 -8.79 -5.69 3.87
N ALA A 144 -8.75 -4.51 4.47
CA ALA A 144 -8.11 -3.37 3.84
C ALA A 144 -6.61 -3.66 3.66
N ILE A 145 -6.06 -4.39 4.63
CA ILE A 145 -4.65 -4.73 4.59
C ILE A 145 -4.41 -5.74 3.46
N LEU A 146 -5.42 -6.59 3.25
CA LEU A 146 -5.32 -7.60 2.20
C LEU A 146 -5.34 -6.92 0.83
N PHE A 147 -4.23 -7.05 0.13
CA PHE A 147 -4.10 -6.45 -1.19
C PHE A 147 -3.84 -7.53 -2.25
N LEU A 148 -4.67 -7.51 -3.28
CA LEU A 148 -4.54 -8.47 -4.36
C LEU A 148 -4.18 -7.74 -5.65
N PRO A 149 -2.86 -7.74 -5.98
CA PRO A 149 -2.39 -7.08 -7.19
C PRO A 149 -2.74 -7.88 -8.44
N LEU A 150 -3.18 -7.18 -9.46
CA LEU A 150 -3.55 -7.81 -10.71
C LEU A 150 -2.78 -7.16 -11.86
N PRO A 151 -1.52 -7.60 -12.05
CA PRO A 151 -0.68 -7.06 -13.10
C PRO A 151 -1.10 -7.60 -14.47
N VAL A 152 -0.49 -7.05 -15.50
CA VAL A 152 -0.79 -7.46 -16.86
C VAL A 152 0.18 -6.79 -17.84
N SER A 153 1.41 -6.62 -17.36
CA SER A 153 2.44 -5.99 -18.17
C SER A 153 2.32 -6.45 -19.62
N SER A 154 1.67 -5.61 -20.42
CA SER A 154 1.48 -5.90 -21.83
C SER A 154 0.85 -4.71 -22.54
N ASP A 155 1.64 -3.64 -22.65
CA ASP A 155 1.17 -2.43 -23.31
C ASP A 155 2.38 -1.57 -23.68
N LYS A 25 4.28 -1.12 -17.61
CA LYS A 25 4.00 -2.11 -16.58
C LYS A 25 2.95 -1.58 -15.61
N PRO A 26 1.73 -1.36 -16.16
CA PRO A 26 0.62 -0.85 -15.37
C PRO A 26 0.05 -1.94 -14.46
N LYS A 27 -0.32 -1.52 -13.25
CA LYS A 27 -0.87 -2.45 -12.28
C LYS A 27 -1.85 -1.70 -11.37
N LEU A 28 -2.95 -2.37 -11.07
CA LEU A 28 -3.96 -1.78 -10.22
C LEU A 28 -4.24 -2.71 -9.03
N LEU A 29 -3.71 -2.32 -7.88
CA LEU A 29 -3.89 -3.11 -6.68
C LEU A 29 -5.31 -2.92 -6.15
N TYR A 30 -5.61 -3.63 -5.08
CA TYR A 30 -6.93 -3.56 -4.47
C TYR A 30 -6.97 -4.30 -3.14
N CYS A 31 -7.92 -3.91 -2.30
CA CYS A 31 -8.06 -4.53 -0.99
C CYS A 31 -8.81 -5.85 -1.17
N SER A 32 -8.20 -6.92 -0.64
CA SER A 32 -8.80 -8.23 -0.74
C SER A 32 -10.32 -8.13 -0.79
N ASN A 33 -10.93 -8.29 0.38
CA ASN A 33 -12.38 -8.21 0.47
C ASN A 33 -12.86 -6.91 -0.17
N GLY A 34 -14.16 -6.68 -0.06
CA GLY A 34 -14.76 -5.49 -0.62
C GLY A 34 -14.18 -4.23 0.01
N GLY A 35 -12.85 -4.16 0.01
CA GLY A 35 -12.17 -3.01 0.59
C GLY A 35 -12.09 -1.86 -0.42
N HIS A 36 -10.94 -1.21 -0.43
CA HIS A 36 -10.71 -0.10 -1.33
C HIS A 36 -9.52 -0.39 -2.24
N PHE A 37 -9.23 0.56 -3.12
CA PHE A 37 -8.12 0.40 -4.05
C PHE A 37 -7.12 1.55 -3.91
N LEU A 38 -6.01 1.23 -3.27
CA LEU A 38 -4.96 2.23 -3.04
C LEU A 38 -4.84 3.11 -4.29
N ARG A 39 -4.50 4.37 -4.04
CA ARG A 39 -4.34 5.32 -5.13
C ARG A 39 -3.20 6.30 -4.82
N ILE A 40 -2.32 6.45 -5.80
CA ILE A 40 -1.18 7.34 -5.66
C ILE A 40 -1.40 8.59 -6.50
N LEU A 41 -1.61 9.71 -5.82
CA LEU A 41 -1.84 10.96 -6.50
C LEU A 41 -0.50 11.63 -6.79
N PRO A 42 -0.42 12.28 -7.99
CA PRO A 42 0.79 12.96 -8.39
C PRO A 42 0.97 14.27 -7.62
N ASP A 43 0.11 14.47 -6.65
CA ASP A 43 0.16 15.67 -5.83
C ASP A 43 1.01 15.42 -4.59
N GLY A 44 1.00 14.16 -4.16
CA GLY A 44 1.78 13.77 -2.99
C GLY A 44 0.85 13.31 -1.86
N THR A 45 -0.34 12.88 -2.24
CA THR A 45 -1.32 12.42 -1.27
C THR A 45 -1.75 10.99 -1.59
N VAL A 46 -1.84 10.19 -0.54
CA VAL A 46 -2.25 8.79 -0.69
C VAL A 46 -3.61 8.58 -0.05
N ASP A 47 -4.19 7.44 -0.34
CA ASP A 47 -5.50 7.10 0.21
C ASP A 47 -6.02 5.83 -0.47
N GLY A 48 -7.28 5.52 -0.18
CA GLY A 48 -7.90 4.34 -0.75
C GLY A 48 -9.34 4.63 -1.19
N THR A 49 -9.69 4.08 -2.35
CA THR A 49 -11.03 4.28 -2.89
C THR A 49 -11.82 2.97 -2.85
N ARG A 50 -12.98 3.03 -2.21
CA ARG A 50 -13.83 1.86 -2.10
C ARG A 50 -13.76 1.02 -3.39
N ASP A 51 -14.03 1.68 -4.50
CA ASP A 51 -13.99 1.01 -5.79
C ASP A 51 -13.22 1.88 -6.78
N ARG A 52 -12.01 1.44 -7.10
CA ARG A 52 -11.17 2.15 -8.04
C ARG A 52 -12.02 3.01 -8.97
N SER A 53 -11.62 4.27 -9.09
CA SER A 53 -12.33 5.20 -9.94
C SER A 53 -11.65 6.58 -9.90
N ASP A 54 -10.34 6.56 -10.07
CA ASP A 54 -9.56 7.78 -10.06
C ASP A 54 -8.82 7.93 -11.39
N GLN A 55 -7.96 8.94 -11.44
CA GLN A 55 -7.19 9.20 -12.64
C GLN A 55 -6.03 8.22 -12.75
N HIS A 56 -5.55 7.78 -11.60
CA HIS A 56 -4.45 6.84 -11.55
C HIS A 56 -4.27 6.32 -10.11
N ILE A 57 -4.73 5.10 -9.90
CA ILE A 57 -4.64 4.48 -8.59
C ILE A 57 -3.72 3.26 -8.68
N GLN A 58 -3.19 3.04 -9.87
CA GLN A 58 -2.29 1.92 -10.10
C GLN A 58 -1.19 1.90 -9.04
N LEU A 59 -0.64 0.71 -8.81
CA LEU A 59 0.41 0.55 -7.83
C LEU A 59 1.39 -0.52 -8.32
N GLN A 60 2.40 -0.77 -7.50
CA GLN A 60 3.41 -1.76 -7.84
C GLN A 60 4.30 -2.04 -6.63
N LEU A 61 4.67 -3.31 -6.50
CA LEU A 61 5.51 -3.73 -5.39
C LEU A 61 6.91 -4.09 -5.92
N SER A 62 7.88 -4.10 -5.01
CA SER A 62 9.24 -4.42 -5.38
C SER A 62 9.90 -5.22 -4.25
N ALA A 63 9.23 -6.30 -3.87
CA ALA A 63 9.73 -7.16 -2.82
C ALA A 63 11.26 -7.32 -2.98
N GLU A 64 11.96 -7.06 -1.89
CA GLU A 64 13.41 -7.16 -1.90
C GLU A 64 13.87 -8.21 -0.87
N SER A 65 12.90 -8.78 -0.19
CA SER A 65 13.18 -9.79 0.81
C SER A 65 12.01 -9.92 1.79
N VAL A 66 11.55 -11.15 1.94
CA VAL A 66 10.43 -11.42 2.83
C VAL A 66 10.56 -10.55 4.08
N GLY A 67 9.41 -10.12 4.58
CA GLY A 67 9.38 -9.28 5.76
C GLY A 67 9.84 -7.85 5.45
N GLU A 68 10.05 -7.61 4.17
CA GLU A 68 10.50 -6.30 3.71
C GLU A 68 10.41 -6.20 2.18
N VAL A 69 9.42 -5.47 1.72
CA VAL A 69 9.21 -5.29 0.29
C VAL A 69 9.10 -3.80 -0.02
N TYR A 70 9.19 -3.49 -1.31
CA TYR A 70 9.10 -2.11 -1.75
C TYR A 70 7.82 -1.88 -2.56
N ILE A 71 7.52 -0.61 -2.79
CA ILE A 71 6.35 -0.24 -3.55
C ILE A 71 6.63 1.03 -4.34
N LYS A 72 6.29 0.99 -5.62
CA LYS A 72 6.51 2.12 -6.50
C LYS A 72 5.35 2.23 -7.49
N SER A 73 4.35 3.02 -7.12
CA SER A 73 3.19 3.21 -7.96
C SER A 73 3.61 3.81 -9.31
N THR A 74 4.05 2.93 -10.19
CA THR A 74 4.49 3.35 -11.51
C THR A 74 3.44 4.26 -12.15
N GLU A 75 3.77 5.54 -12.19
CA GLU A 75 2.86 6.53 -12.77
C GLU A 75 3.38 7.94 -12.51
N THR A 76 4.03 8.11 -11.37
CA THR A 76 4.57 9.39 -10.99
C THR A 76 5.78 9.22 -10.06
N GLY A 77 6.55 8.19 -10.36
CA GLY A 77 7.73 7.89 -9.55
C GLY A 77 7.47 8.17 -8.07
N GLN A 78 6.52 7.45 -7.53
CA GLN A 78 6.17 7.60 -6.12
C GLN A 78 6.33 6.28 -5.38
N TYR A 79 7.13 6.33 -4.33
CA TYR A 79 7.37 5.14 -3.52
C TYR A 79 6.51 5.14 -2.25
N LEU A 80 5.72 4.08 -2.12
CA LEU A 80 4.84 3.95 -0.97
C LEU A 80 5.69 3.87 0.30
N ALA A 81 5.26 4.62 1.31
CA ALA A 81 5.97 4.64 2.58
C ALA A 81 4.98 4.99 3.70
N MET A 82 5.51 5.02 4.91
CA MET A 82 4.69 5.35 6.07
C MET A 82 5.50 6.12 7.11
N ASP A 83 5.12 7.37 7.31
CA ASP A 83 5.80 8.22 8.28
C ASP A 83 5.45 7.76 9.69
N THR A 84 6.08 8.41 10.66
CA THR A 84 5.84 8.07 12.06
C THR A 84 4.34 8.15 12.37
N ASP A 85 3.63 8.86 11.52
CA ASP A 85 2.20 9.03 11.70
C ASP A 85 1.47 7.91 10.96
N GLY A 86 2.24 6.89 10.57
CA GLY A 86 1.68 5.76 9.85
C GLY A 86 0.74 6.22 8.73
N LEU A 87 0.97 7.45 8.28
CA LEU A 87 0.17 8.02 7.21
C LEU A 87 0.84 7.76 5.87
N LEU A 88 0.25 6.83 5.12
CA LEU A 88 0.79 6.47 3.81
C LEU A 88 1.28 7.73 3.11
N TYR A 89 2.57 7.75 2.83
CA TYR A 89 3.18 8.89 2.15
C TYR A 89 4.22 8.42 1.13
N GLY A 90 4.62 9.36 0.28
CA GLY A 90 5.60 9.07 -0.75
C GLY A 90 6.92 9.79 -0.47
N SER A 91 8.00 9.22 -0.99
CA SER A 91 9.32 9.80 -0.81
C SER A 91 10.27 9.31 -1.90
N GLN A 92 11.15 10.21 -2.33
CA GLN A 92 12.11 9.87 -3.37
C GLN A 92 13.30 9.11 -2.76
N THR A 93 13.18 8.81 -1.47
CA THR A 93 14.24 8.10 -0.77
C THR A 93 13.72 6.74 -0.29
N PRO A 94 13.93 5.71 -1.16
CA PRO A 94 13.50 4.36 -0.83
C PRO A 94 14.43 3.73 0.21
N ASN A 95 13.94 3.68 1.43
CA ASN A 95 14.71 3.10 2.52
C ASN A 95 13.78 2.31 3.45
N GLU A 96 14.34 1.83 4.54
CA GLU A 96 13.57 1.07 5.51
C GLU A 96 12.16 1.66 5.65
N GLU A 97 12.08 2.96 5.45
CA GLU A 97 10.80 3.65 5.55
C GLU A 97 9.90 3.27 4.37
N CYS A 98 10.44 3.47 3.17
CA CYS A 98 9.71 3.15 1.95
C CYS A 98 9.28 1.69 2.01
N LEU A 99 10.23 0.85 2.40
CA LEU A 99 9.98 -0.58 2.49
C LEU A 99 8.65 -0.80 3.22
N PHE A 100 8.20 -2.05 3.19
CA PHE A 100 6.95 -2.40 3.85
C PHE A 100 7.00 -3.85 4.35
N LEU A 101 7.23 -4.00 5.64
CA LEU A 101 7.29 -5.32 6.25
C LEU A 101 6.15 -6.17 5.71
N GLU A 102 6.48 -6.96 4.70
CA GLU A 102 5.49 -7.84 4.09
C GLU A 102 5.82 -9.30 4.41
N ARG A 103 4.76 -10.10 4.49
CA ARG A 103 4.92 -11.52 4.78
C ARG A 103 3.94 -12.34 3.95
N LEU A 104 2.77 -12.58 4.53
CA LEU A 104 1.73 -13.34 3.86
C LEU A 104 0.51 -13.48 4.78
N GLU A 105 -0.63 -13.05 4.26
CA GLU A 105 -1.86 -13.11 5.01
C GLU A 105 -2.72 -14.29 4.53
N GLU A 106 -2.85 -14.38 3.22
CA GLU A 106 -3.64 -15.45 2.62
C GLU A 106 -2.84 -16.14 1.51
N ASN A 107 -3.54 -16.44 0.43
CA ASN A 107 -2.91 -17.10 -0.70
C ASN A 107 -3.08 -16.23 -1.95
N HIS A 108 -2.71 -14.97 -1.79
CA HIS A 108 -2.81 -14.02 -2.90
C HIS A 108 -2.33 -12.64 -2.43
N TYR A 109 -2.87 -12.22 -1.31
CA TYR A 109 -2.51 -10.92 -0.75
C TYR A 109 -1.14 -10.98 -0.08
N ASN A 110 -0.53 -9.82 0.07
CA ASN A 110 0.77 -9.72 0.68
C ASN A 110 0.77 -8.57 1.69
N THR A 111 -0.13 -8.67 2.66
CA THR A 111 -0.24 -7.64 3.68
C THR A 111 1.14 -7.12 4.07
N TYR A 112 1.16 -5.86 4.49
CA TYR A 112 2.41 -5.24 4.90
C TYR A 112 2.23 -4.46 6.21
N ILE A 113 3.34 -3.91 6.68
CA ILE A 113 3.32 -3.15 7.92
C ILE A 113 4.50 -2.18 7.93
N SER A 114 4.19 -0.90 8.13
CA SER A 114 5.22 0.12 8.17
C SER A 114 6.48 -0.43 8.83
N LYS A 115 7.49 -0.66 8.01
CA LYS A 115 8.75 -1.18 8.49
C LYS A 115 9.44 -0.11 9.35
N LYS A 116 9.09 1.14 9.07
CA LYS A 116 9.67 2.26 9.80
C LYS A 116 9.16 2.24 11.24
N HIS A 117 8.18 1.37 11.47
CA HIS A 117 7.59 1.24 12.80
C HIS A 117 6.52 0.14 12.78
N ALA A 118 6.99 -1.09 12.62
CA ALA A 118 6.08 -2.22 12.58
C ALA A 118 5.78 -2.68 14.01
N GLU A 119 6.26 -1.88 14.96
CA GLU A 119 6.05 -2.18 16.36
C GLU A 119 4.60 -1.91 16.75
N LYS A 120 3.92 -1.16 15.90
CA LYS A 120 2.53 -0.81 16.13
C LYS A 120 1.64 -1.64 15.20
N ASN A 121 2.29 -2.42 14.35
CA ASN A 121 1.58 -3.26 13.40
C ASN A 121 0.89 -2.38 12.36
N TRP A 122 1.38 -1.16 12.25
CA TRP A 122 0.83 -0.21 11.30
C TRP A 122 0.83 -0.86 9.92
N PHE A 123 -0.32 -1.42 9.56
CA PHE A 123 -0.46 -2.08 8.27
C PHE A 123 -0.65 -1.06 7.15
N VAL A 124 -0.70 -1.56 5.93
CA VAL A 124 -0.88 -0.72 4.77
C VAL A 124 -2.30 -0.89 4.22
N GLY A 125 -3.19 -1.28 5.12
CA GLY A 125 -4.58 -1.49 4.75
C GLY A 125 -5.45 -0.29 5.16
N LEU A 126 -5.78 0.52 4.17
CA LEU A 126 -6.60 1.70 4.41
C LEU A 126 -7.94 1.27 5.00
N LYS A 127 -8.16 1.66 6.25
CA LYS A 127 -9.39 1.32 6.94
C LYS A 127 -10.49 1.08 5.90
N LYS A 128 -10.99 -0.14 5.89
CA LYS A 128 -12.04 -0.52 4.97
C LYS A 128 -13.29 0.32 5.24
N ASN A 129 -13.13 1.62 5.06
CA ASN A 129 -14.23 2.55 5.29
C ASN A 129 -14.31 3.54 4.14
N GLY A 130 -13.15 4.05 3.75
CA GLY A 130 -13.07 5.00 2.66
C GLY A 130 -12.42 6.31 3.11
N SER A 131 -11.15 6.20 3.47
CA SER A 131 -10.39 7.35 3.93
C SER A 131 -9.06 6.91 4.53
N CYS A 132 -7.99 7.48 3.99
CA CYS A 132 -6.65 7.15 4.46
C CYS A 132 -6.63 7.26 5.98
N LYS A 133 -5.85 6.39 6.60
CA LYS A 133 -5.74 6.39 8.04
C LYS A 133 -4.27 6.58 8.44
N ARG A 134 -4.05 6.80 9.73
CA ARG A 134 -2.72 7.01 10.24
C ARG A 134 -2.25 5.76 11.00
N GLY A 135 -1.04 5.86 11.53
CA GLY A 135 -0.47 4.75 12.28
C GLY A 135 -1.49 4.15 13.26
N PRO A 136 -1.92 5.00 14.23
CA PRO A 136 -2.89 4.57 15.22
C PRO A 136 -4.29 4.50 14.61
N ARG A 137 -4.40 3.75 13.53
CA ARG A 137 -5.67 3.60 12.85
C ARG A 137 -5.51 2.70 11.61
N THR A 138 -4.65 1.70 11.76
CA THR A 138 -4.40 0.78 10.66
C THR A 138 -3.81 -0.53 11.21
N HIS A 139 -4.68 -1.53 11.31
CA HIS A 139 -4.27 -2.83 11.81
C HIS A 139 -5.08 -3.93 11.12
N TYR A 140 -4.92 -5.14 11.62
CA TYR A 140 -5.63 -6.28 11.06
C TYR A 140 -7.14 -6.06 11.10
N GLY A 141 -7.87 -7.17 11.11
CA GLY A 141 -9.32 -7.11 11.14
C GLY A 141 -9.87 -6.25 10.00
N GLN A 142 -8.98 -5.93 9.07
CA GLN A 142 -9.36 -5.12 7.93
C GLN A 142 -8.68 -5.65 6.66
N LYS A 143 -9.48 -6.27 5.80
CA LYS A 143 -8.97 -6.82 4.56
C LYS A 143 -8.17 -5.74 3.83
N ALA A 144 -8.35 -4.50 4.27
CA ALA A 144 -7.64 -3.38 3.66
C ALA A 144 -6.15 -3.72 3.57
N ILE A 145 -5.66 -4.41 4.59
CA ILE A 145 -4.26 -4.79 4.62
C ILE A 145 -3.98 -5.78 3.50
N LEU A 146 -4.96 -6.64 3.25
CA LEU A 146 -4.83 -7.65 2.21
C LEU A 146 -4.99 -6.98 0.84
N PHE A 147 -3.89 -6.94 0.10
CA PHE A 147 -3.89 -6.33 -1.22
C PHE A 147 -3.73 -7.40 -2.31
N LEU A 148 -4.69 -7.41 -3.23
CA LEU A 148 -4.66 -8.36 -4.33
C LEU A 148 -4.36 -7.63 -5.63
N PRO A 149 -3.07 -7.72 -6.06
CA PRO A 149 -2.66 -7.07 -7.29
C PRO A 149 -3.15 -7.83 -8.51
N LEU A 150 -3.64 -7.07 -9.49
CA LEU A 150 -4.16 -7.66 -10.71
C LEU A 150 -3.54 -6.95 -11.91
N PRO A 151 -2.21 -7.17 -12.09
CA PRO A 151 -1.49 -6.55 -13.20
C PRO A 151 -1.81 -7.25 -14.52
N VAL A 152 -1.31 -6.66 -15.60
CA VAL A 152 -1.54 -7.21 -16.92
C VAL A 152 -0.47 -6.70 -17.88
N SER A 153 0.69 -6.38 -17.31
CA SER A 153 1.80 -5.87 -18.09
C SER A 153 1.99 -6.74 -19.35
N SER A 154 1.68 -6.14 -20.49
CA SER A 154 1.81 -6.84 -21.76
C SER A 154 2.03 -5.84 -22.88
N ASP A 155 3.18 -5.19 -22.83
CA ASP A 155 3.52 -4.19 -23.85
C ASP A 155 5.03 -4.28 -24.15
N LYS A 25 -2.54 1.36 -18.78
CA LYS A 25 -1.66 0.86 -17.74
C LYS A 25 -2.28 -0.41 -17.13
N PRO A 26 -1.91 -1.57 -17.73
CA PRO A 26 -2.42 -2.84 -17.25
C PRO A 26 -1.74 -3.26 -15.94
N LYS A 27 -2.26 -2.72 -14.85
CA LYS A 27 -1.72 -3.02 -13.54
C LYS A 27 -2.38 -2.11 -12.50
N LEU A 28 -2.91 -2.75 -11.47
CA LEU A 28 -3.57 -2.01 -10.40
C LEU A 28 -3.72 -2.92 -9.18
N LEU A 29 -3.75 -2.29 -8.01
CA LEU A 29 -3.90 -3.04 -6.76
C LEU A 29 -5.35 -2.96 -6.30
N TYR A 30 -5.79 -4.04 -5.66
CA TYR A 30 -7.15 -4.10 -5.16
C TYR A 30 -7.18 -4.67 -3.74
N CYS A 31 -8.13 -4.20 -2.96
CA CYS A 31 -8.28 -4.65 -1.59
C CYS A 31 -9.24 -5.85 -1.59
N SER A 32 -9.03 -6.72 -0.61
CA SER A 32 -9.86 -7.90 -0.47
C SER A 32 -11.31 -7.51 -0.15
N ASN A 33 -11.63 -7.55 1.13
CA ASN A 33 -12.96 -7.20 1.57
C ASN A 33 -13.22 -5.72 1.29
N GLY A 34 -12.30 -4.89 1.77
CA GLY A 34 -12.41 -3.46 1.57
C GLY A 34 -13.02 -3.13 0.21
N GLY A 35 -12.61 -3.91 -0.79
CA GLY A 35 -13.09 -3.72 -2.14
C GLY A 35 -12.60 -2.39 -2.72
N HIS A 36 -11.72 -1.74 -1.97
CA HIS A 36 -11.16 -0.47 -2.39
C HIS A 36 -9.91 -0.71 -3.24
N PHE A 37 -9.50 0.33 -3.95
CA PHE A 37 -8.33 0.24 -4.80
C PHE A 37 -7.33 1.35 -4.46
N LEU A 38 -6.30 0.98 -3.73
CA LEU A 38 -5.27 1.93 -3.33
C LEU A 38 -5.02 2.91 -4.49
N ARG A 39 -4.56 4.09 -4.11
CA ARG A 39 -4.27 5.12 -5.10
C ARG A 39 -3.18 6.07 -4.59
N ILE A 40 -2.38 6.55 -5.52
CA ILE A 40 -1.30 7.47 -5.17
C ILE A 40 -1.47 8.77 -5.96
N LEU A 41 -1.62 9.85 -5.22
CA LEU A 41 -1.79 11.16 -5.83
C LEU A 41 -0.41 11.78 -6.09
N PRO A 42 -0.31 12.47 -7.25
CA PRO A 42 0.95 13.11 -7.63
C PRO A 42 1.18 14.39 -6.81
N ASP A 43 0.32 14.58 -5.83
CA ASP A 43 0.42 15.75 -4.97
C ASP A 43 1.30 15.41 -3.76
N GLY A 44 1.28 14.14 -3.39
CA GLY A 44 2.07 13.68 -2.26
C GLY A 44 1.17 13.09 -1.16
N THR A 45 -0.07 12.83 -1.53
CA THR A 45 -1.03 12.27 -0.60
C THR A 45 -1.45 10.86 -1.04
N VAL A 46 -2.04 10.14 -0.11
CA VAL A 46 -2.48 8.78 -0.39
C VAL A 46 -3.92 8.62 0.09
N ASP A 47 -4.54 7.54 -0.38
CA ASP A 47 -5.92 7.26 -0.01
C ASP A 47 -6.40 6.01 -0.76
N GLY A 48 -7.63 5.64 -0.49
CA GLY A 48 -8.22 4.46 -1.12
C GLY A 48 -9.54 4.81 -1.80
N THR A 49 -9.90 3.99 -2.79
CA THR A 49 -11.14 4.20 -3.51
C THR A 49 -11.93 2.90 -3.61
N ARG A 50 -13.16 2.95 -3.15
CA ARG A 50 -14.03 1.78 -3.19
C ARG A 50 -13.96 1.11 -4.56
N ASP A 51 -13.61 1.91 -5.55
CA ASP A 51 -13.50 1.41 -6.92
C ASP A 51 -12.48 2.25 -7.68
N ARG A 52 -11.52 1.56 -8.28
CA ARG A 52 -10.49 2.23 -9.05
C ARG A 52 -11.11 3.25 -10.00
N SER A 53 -10.69 4.50 -9.85
CA SER A 53 -11.19 5.57 -10.69
C SER A 53 -10.54 6.90 -10.29
N ASP A 54 -9.26 7.01 -10.60
CA ASP A 54 -8.51 8.20 -10.28
C ASP A 54 -7.40 8.39 -11.31
N GLN A 55 -6.79 9.57 -11.28
CA GLN A 55 -5.71 9.89 -12.20
C GLN A 55 -4.79 8.68 -12.38
N HIS A 56 -4.33 8.15 -11.25
CA HIS A 56 -3.45 7.00 -11.28
C HIS A 56 -3.49 6.29 -9.91
N ILE A 57 -4.26 5.23 -9.86
CA ILE A 57 -4.40 4.46 -8.63
C ILE A 57 -3.58 3.17 -8.74
N GLN A 58 -2.55 3.24 -9.57
CA GLN A 58 -1.69 2.09 -9.78
C GLN A 58 -0.60 2.03 -8.70
N LEU A 59 -0.43 0.86 -8.13
CA LEU A 59 0.56 0.67 -7.08
C LEU A 59 1.30 -0.66 -7.33
N GLN A 60 2.59 -0.55 -7.57
CA GLN A 60 3.41 -1.72 -7.83
C GLN A 60 4.27 -2.02 -6.61
N LEU A 61 4.76 -3.26 -6.56
CA LEU A 61 5.60 -3.69 -5.45
C LEU A 61 7.02 -3.93 -5.96
N SER A 62 7.96 -3.87 -5.02
CA SER A 62 9.36 -4.07 -5.36
C SER A 62 10.06 -4.87 -4.25
N ALA A 63 9.46 -5.99 -3.89
CA ALA A 63 10.01 -6.83 -2.85
C ALA A 63 11.52 -6.88 -2.99
N GLU A 64 12.20 -6.50 -1.92
CA GLU A 64 13.66 -6.50 -1.91
C GLU A 64 14.18 -7.53 -0.91
N SER A 65 13.25 -8.20 -0.26
CA SER A 65 13.60 -9.21 0.72
C SER A 65 12.36 -9.66 1.49
N VAL A 66 12.57 -10.61 2.39
CA VAL A 66 11.47 -11.14 3.19
C VAL A 66 11.21 -10.20 4.37
N GLY A 67 9.97 -10.18 4.81
CA GLY A 67 9.58 -9.32 5.92
C GLY A 67 9.87 -7.86 5.63
N GLU A 68 9.99 -7.56 4.34
CA GLU A 68 10.27 -6.20 3.90
C GLU A 68 10.27 -6.12 2.38
N VAL A 69 9.41 -5.26 1.86
CA VAL A 69 9.31 -5.08 0.42
C VAL A 69 9.12 -3.59 0.11
N TYR A 70 9.15 -3.29 -1.18
CA TYR A 70 8.99 -1.91 -1.62
C TYR A 70 7.73 -1.75 -2.49
N ILE A 71 7.34 -0.50 -2.69
CA ILE A 71 6.16 -0.21 -3.49
C ILE A 71 6.41 1.08 -4.29
N LYS A 72 6.15 0.98 -5.58
CA LYS A 72 6.34 2.13 -6.47
C LYS A 72 5.16 2.21 -7.45
N SER A 73 4.39 3.28 -7.30
CA SER A 73 3.24 3.49 -8.16
C SER A 73 3.71 3.72 -9.60
N THR A 74 3.83 2.63 -10.34
CA THR A 74 4.26 2.71 -11.72
C THR A 74 3.41 3.73 -12.49
N GLU A 75 3.88 4.96 -12.48
CA GLU A 75 3.18 6.04 -13.16
C GLU A 75 3.81 7.38 -12.82
N THR A 76 3.78 7.70 -11.54
CA THR A 76 4.34 8.96 -11.07
C THR A 76 5.86 8.85 -10.95
N GLY A 77 6.34 9.01 -9.72
CA GLY A 77 7.77 8.94 -9.46
C GLY A 77 8.05 8.92 -7.96
N GLN A 78 7.47 7.93 -7.29
CA GLN A 78 7.65 7.80 -5.85
C GLN A 78 7.32 6.36 -5.42
N TYR A 79 7.61 6.09 -4.15
CA TYR A 79 7.36 4.77 -3.60
C TYR A 79 6.54 4.87 -2.31
N LEU A 80 5.68 3.88 -2.11
CA LEU A 80 4.84 3.85 -0.92
C LEU A 80 5.73 3.94 0.32
N ALA A 81 5.18 4.58 1.35
CA ALA A 81 5.91 4.75 2.59
C ALA A 81 4.93 5.13 3.70
N MET A 82 5.40 5.02 4.93
CA MET A 82 4.58 5.36 6.09
C MET A 82 5.41 6.09 7.15
N ASP A 83 5.32 7.41 7.11
CA ASP A 83 6.05 8.23 8.06
C ASP A 83 5.78 7.73 9.47
N THR A 84 6.48 8.33 10.43
CA THR A 84 6.32 7.96 11.82
C THR A 84 4.90 8.26 12.30
N ASP A 85 4.18 9.00 11.47
CA ASP A 85 2.82 9.37 11.80
C ASP A 85 1.87 8.25 11.39
N GLY A 86 2.45 7.25 10.72
CA GLY A 86 1.68 6.10 10.28
C GLY A 86 0.70 6.50 9.16
N LEU A 87 1.02 7.62 8.51
CA LEU A 87 0.19 8.11 7.43
C LEU A 87 0.82 7.74 6.09
N LEU A 88 0.21 6.76 5.44
CA LEU A 88 0.70 6.29 4.15
C LEU A 88 1.11 7.49 3.30
N TYR A 89 2.35 7.47 2.86
CA TYR A 89 2.89 8.56 2.04
C TYR A 89 3.96 8.04 1.08
N GLY A 90 4.18 8.80 0.02
CA GLY A 90 5.18 8.44 -0.97
C GLY A 90 6.54 9.06 -0.63
N SER A 91 7.59 8.32 -0.97
CA SER A 91 8.94 8.78 -0.71
C SER A 91 9.87 8.31 -1.82
N GLN A 92 10.58 9.27 -2.39
CA GLN A 92 11.51 8.98 -3.47
C GLN A 92 12.82 8.42 -2.91
N THR A 93 12.83 8.24 -1.59
CA THR A 93 14.01 7.71 -0.92
C THR A 93 13.72 6.33 -0.33
N PRO A 94 14.06 5.28 -1.12
CA PRO A 94 13.83 3.91 -0.69
C PRO A 94 14.86 3.50 0.37
N ASN A 95 14.41 3.47 1.62
CA ASN A 95 15.27 3.09 2.72
C ASN A 95 14.42 2.54 3.86
N GLU A 96 14.98 2.62 5.06
CA GLU A 96 14.29 2.13 6.25
C GLU A 96 13.07 3.01 6.54
N GLU A 97 12.10 2.96 5.63
CA GLU A 97 10.89 3.73 5.79
C GLU A 97 9.91 3.41 4.66
N CYS A 98 10.41 3.50 3.43
CA CYS A 98 9.60 3.22 2.26
C CYS A 98 9.25 1.73 2.26
N LEU A 99 10.23 0.93 2.64
CA LEU A 99 10.04 -0.51 2.69
C LEU A 99 8.72 -0.83 3.40
N PHE A 100 8.36 -2.10 3.37
CA PHE A 100 7.13 -2.55 4.00
C PHE A 100 7.24 -4.01 4.45
N LEU A 101 7.12 -4.20 5.75
CA LEU A 101 7.21 -5.54 6.32
C LEU A 101 6.08 -6.40 5.76
N GLU A 102 6.44 -7.23 4.79
CA GLU A 102 5.48 -8.11 4.16
C GLU A 102 5.79 -9.57 4.50
N ARG A 103 4.73 -10.37 4.52
CA ARG A 103 4.87 -11.78 4.84
C ARG A 103 3.84 -12.61 4.07
N LEU A 104 2.69 -12.78 4.70
CA LEU A 104 1.61 -13.55 4.10
C LEU A 104 0.43 -13.61 5.07
N GLU A 105 -0.71 -13.10 4.61
CA GLU A 105 -1.90 -13.09 5.42
C GLU A 105 -2.80 -14.28 5.05
N GLU A 106 -2.90 -14.52 3.75
CA GLU A 106 -3.71 -15.61 3.26
C GLU A 106 -2.91 -16.48 2.28
N ASN A 107 -3.22 -16.29 1.00
CA ASN A 107 -2.53 -17.04 -0.04
C ASN A 107 -2.67 -16.29 -1.38
N HIS A 108 -2.34 -15.01 -1.33
CA HIS A 108 -2.42 -14.17 -2.52
C HIS A 108 -1.98 -12.75 -2.17
N TYR A 109 -2.74 -12.13 -1.28
CA TYR A 109 -2.44 -10.77 -0.86
C TYR A 109 -1.00 -10.66 -0.37
N ASN A 110 -0.72 -9.52 0.27
CA ASN A 110 0.62 -9.28 0.80
C ASN A 110 0.54 -8.23 1.90
N THR A 111 -0.31 -8.50 2.88
CA THR A 111 -0.49 -7.58 3.99
C THR A 111 0.87 -7.13 4.54
N TYR A 112 1.26 -5.94 4.12
CA TYR A 112 2.53 -5.38 4.56
C TYR A 112 2.41 -4.76 5.95
N ILE A 113 3.48 -4.10 6.37
CA ILE A 113 3.51 -3.47 7.68
C ILE A 113 4.60 -2.39 7.69
N SER A 114 4.15 -1.15 7.83
CA SER A 114 5.06 -0.03 7.86
C SER A 114 6.37 -0.43 8.55
N LYS A 115 7.35 -0.76 7.74
CA LYS A 115 8.65 -1.16 8.26
C LYS A 115 9.19 -0.06 9.17
N LYS A 116 8.61 1.12 9.03
CA LYS A 116 9.03 2.26 9.84
C LYS A 116 8.19 2.30 11.11
N HIS A 117 7.14 1.49 11.12
CA HIS A 117 6.25 1.44 12.28
C HIS A 117 5.74 0.00 12.46
N ALA A 118 6.63 -0.94 12.19
CA ALA A 118 6.29 -2.35 12.32
C ALA A 118 6.14 -2.70 13.80
N GLU A 119 6.72 -1.85 14.64
CA GLU A 119 6.67 -2.07 16.07
C GLU A 119 5.23 -1.92 16.58
N LYS A 120 4.46 -1.11 15.85
CA LYS A 120 3.08 -0.88 16.22
C LYS A 120 2.17 -1.67 15.28
N ASN A 121 2.80 -2.41 14.38
CA ASN A 121 2.06 -3.21 13.42
C ASN A 121 1.16 -2.31 12.58
N TRP A 122 1.65 -1.10 12.34
CA TRP A 122 0.89 -0.13 11.56
C TRP A 122 0.81 -0.66 10.11
N PHE A 123 -0.02 -1.68 9.94
CA PHE A 123 -0.21 -2.27 8.63
C PHE A 123 -0.50 -1.20 7.57
N VAL A 124 -0.73 -1.66 6.36
CA VAL A 124 -1.03 -0.76 5.26
C VAL A 124 -2.34 -1.18 4.59
N GLY A 125 -3.41 -0.52 4.99
CA GLY A 125 -4.72 -0.82 4.43
C GLY A 125 -5.70 0.32 4.70
N LEU A 126 -6.33 0.78 3.63
CA LEU A 126 -7.28 1.87 3.73
C LEU A 126 -8.59 1.34 4.32
N LYS A 127 -8.97 1.92 5.45
CA LYS A 127 -10.19 1.52 6.12
C LYS A 127 -11.14 0.89 5.11
N LYS A 128 -11.54 -0.34 5.40
CA LYS A 128 -12.45 -1.07 4.52
C LYS A 128 -13.80 -0.36 4.50
N ASN A 129 -13.78 0.89 4.07
CA ASN A 129 -15.00 1.69 3.99
C ASN A 129 -14.80 2.80 2.95
N GLY A 130 -13.64 3.42 3.01
CA GLY A 130 -13.33 4.51 2.09
C GLY A 130 -12.61 5.65 2.80
N SER A 131 -11.36 5.38 3.17
CA SER A 131 -10.56 6.38 3.86
C SER A 131 -9.28 5.73 4.41
N CYS A 132 -8.18 6.46 4.28
CA CYS A 132 -6.90 5.97 4.75
C CYS A 132 -6.76 6.34 6.23
N LYS A 133 -5.92 5.58 6.92
CA LYS A 133 -5.69 5.81 8.34
C LYS A 133 -4.27 6.37 8.52
N ARG A 134 -4.08 7.04 9.66
CA ARG A 134 -2.80 7.62 9.97
C ARG A 134 -2.46 7.40 11.45
N GLY A 135 -1.38 6.67 11.68
CA GLY A 135 -0.95 6.38 13.04
C GLY A 135 -1.52 5.04 13.52
N PRO A 136 -1.89 5.01 14.83
CA PRO A 136 -2.44 3.81 15.42
C PRO A 136 -3.88 3.59 14.97
N ARG A 137 -4.04 3.26 13.70
CA ARG A 137 -5.35 3.02 13.14
C ARG A 137 -5.24 2.16 11.88
N THR A 138 -4.17 1.38 11.81
CA THR A 138 -3.94 0.51 10.68
C THR A 138 -3.35 -0.82 11.14
N HIS A 139 -4.22 -1.66 11.68
CA HIS A 139 -3.79 -2.97 12.16
C HIS A 139 -4.64 -4.06 11.48
N TYR A 140 -4.35 -5.29 11.86
CA TYR A 140 -5.06 -6.43 11.31
C TYR A 140 -6.57 -6.27 11.48
N GLY A 141 -7.28 -7.37 11.30
CA GLY A 141 -8.73 -7.35 11.44
C GLY A 141 -9.37 -6.42 10.41
N GLN A 142 -8.55 -5.95 9.48
CA GLN A 142 -9.01 -5.06 8.45
C GLN A 142 -8.49 -5.50 7.07
N LYS A 143 -9.38 -6.13 6.31
CA LYS A 143 -9.02 -6.61 5.00
C LYS A 143 -8.34 -5.49 4.21
N ALA A 144 -8.48 -4.28 4.73
CA ALA A 144 -7.89 -3.12 4.10
C ALA A 144 -6.41 -3.40 3.81
N ILE A 145 -5.81 -4.21 4.68
CA ILE A 145 -4.41 -4.56 4.53
C ILE A 145 -4.27 -5.61 3.44
N LEU A 146 -5.32 -6.42 3.29
CA LEU A 146 -5.32 -7.46 2.29
C LEU A 146 -5.34 -6.84 0.89
N PHE A 147 -4.18 -6.80 0.26
CA PHE A 147 -4.05 -6.24 -1.06
C PHE A 147 -3.74 -7.31 -2.10
N LEU A 148 -4.64 -7.44 -3.06
CA LEU A 148 -4.48 -8.43 -4.11
C LEU A 148 -4.08 -7.72 -5.41
N PRO A 149 -2.76 -7.81 -5.74
CA PRO A 149 -2.25 -7.18 -6.94
C PRO A 149 -2.64 -7.99 -8.19
N LEU A 150 -3.14 -7.27 -9.18
CA LEU A 150 -3.55 -7.91 -10.42
C LEU A 150 -2.84 -7.23 -11.59
N PRO A 151 -1.52 -7.54 -11.72
CA PRO A 151 -0.72 -6.97 -12.80
C PRO A 151 -1.04 -7.63 -14.13
N VAL A 152 -0.52 -7.04 -15.19
CA VAL A 152 -0.75 -7.56 -16.52
C VAL A 152 0.04 -6.72 -17.53
N SER A 153 1.27 -6.38 -17.15
CA SER A 153 2.13 -5.59 -18.00
C SER A 153 2.41 -6.33 -19.31
N SER A 154 1.45 -6.23 -20.22
CA SER A 154 1.58 -6.89 -21.52
C SER A 154 1.54 -5.85 -22.64
N ASP A 155 2.61 -5.07 -22.71
CA ASP A 155 2.70 -4.03 -23.73
C ASP A 155 4.12 -3.47 -23.73
N LYS A 25 -2.09 0.18 -18.22
CA LYS A 25 -2.57 -0.73 -17.20
C LYS A 25 -1.45 -1.73 -16.86
N PRO A 26 -0.42 -1.23 -16.15
CA PRO A 26 0.70 -2.06 -15.75
C PRO A 26 0.32 -2.98 -14.60
N LYS A 27 -0.15 -2.38 -13.52
CA LYS A 27 -0.55 -3.13 -12.35
C LYS A 27 -1.39 -2.23 -11.43
N LEU A 28 -2.35 -2.85 -10.77
CA LEU A 28 -3.22 -2.13 -9.86
C LEU A 28 -3.65 -3.05 -8.72
N LEU A 29 -3.35 -2.62 -7.51
CA LEU A 29 -3.69 -3.40 -6.33
C LEU A 29 -5.21 -3.37 -6.13
N TYR A 30 -5.71 -4.40 -5.48
CA TYR A 30 -7.14 -4.50 -5.21
C TYR A 30 -7.40 -5.11 -3.83
N CYS A 31 -8.16 -4.37 -3.03
CA CYS A 31 -8.49 -4.83 -1.69
C CYS A 31 -9.46 -6.00 -1.81
N SER A 32 -9.29 -6.97 -0.92
CA SER A 32 -10.14 -8.15 -0.91
C SER A 32 -11.60 -7.73 -0.74
N ASN A 33 -12.04 -7.73 0.52
CA ASN A 33 -13.41 -7.36 0.82
C ASN A 33 -13.60 -5.86 0.59
N GLY A 34 -12.71 -5.09 1.19
CA GLY A 34 -12.77 -3.64 1.05
C GLY A 34 -13.21 -3.24 -0.36
N GLY A 35 -12.70 -3.98 -1.35
CA GLY A 35 -13.05 -3.71 -2.73
C GLY A 35 -12.49 -2.35 -3.18
N HIS A 36 -11.65 -1.78 -2.33
CA HIS A 36 -11.05 -0.50 -2.64
C HIS A 36 -9.73 -0.70 -3.38
N PHE A 37 -9.28 0.35 -4.04
CA PHE A 37 -8.04 0.29 -4.79
C PHE A 37 -7.09 1.43 -4.37
N LEU A 38 -6.07 1.05 -3.62
CA LEU A 38 -5.08 2.01 -3.16
C LEU A 38 -4.76 3.00 -4.28
N ARG A 39 -4.59 4.25 -3.91
CA ARG A 39 -4.28 5.28 -4.87
C ARG A 39 -3.24 6.25 -4.30
N ILE A 40 -2.41 6.77 -5.18
CA ILE A 40 -1.37 7.70 -4.78
C ILE A 40 -1.38 8.92 -5.72
N LEU A 41 -0.99 10.05 -5.17
CA LEU A 41 -0.95 11.29 -5.93
C LEU A 41 0.50 11.69 -6.18
N PRO A 42 0.73 12.30 -7.37
CA PRO A 42 2.07 12.73 -7.75
C PRO A 42 2.46 14.00 -7.00
N ASP A 43 1.56 14.43 -6.12
CA ASP A 43 1.81 15.62 -5.32
C ASP A 43 2.52 15.23 -4.03
N GLY A 44 1.98 14.21 -3.37
CA GLY A 44 2.56 13.73 -2.13
C GLY A 44 1.46 13.34 -1.14
N THR A 45 0.49 12.59 -1.64
CA THR A 45 -0.62 12.14 -0.81
C THR A 45 -1.03 10.72 -1.19
N VAL A 46 -1.86 10.13 -0.36
CA VAL A 46 -2.34 8.78 -0.59
C VAL A 46 -3.78 8.64 -0.08
N ASP A 47 -4.42 7.57 -0.48
CA ASP A 47 -5.79 7.31 -0.08
C ASP A 47 -6.28 6.01 -0.72
N GLY A 48 -7.57 5.77 -0.58
CA GLY A 48 -8.17 4.58 -1.15
C GLY A 48 -9.42 4.92 -1.97
N THR A 49 -9.80 3.99 -2.83
CA THR A 49 -10.96 4.19 -3.67
C THR A 49 -11.75 2.88 -3.82
N ARG A 50 -13.02 2.94 -3.43
CA ARG A 50 -13.88 1.78 -3.51
C ARG A 50 -13.81 1.16 -4.90
N ASP A 51 -13.39 1.97 -5.85
CA ASP A 51 -13.27 1.52 -7.23
C ASP A 51 -12.17 2.30 -7.94
N ARG A 52 -11.25 1.56 -8.55
CA ARG A 52 -10.14 2.17 -9.25
C ARG A 52 -10.66 3.15 -10.31
N SER A 53 -10.41 4.43 -10.06
CA SER A 53 -10.85 5.47 -10.99
C SER A 53 -10.43 6.84 -10.45
N ASP A 54 -9.13 7.08 -10.48
CA ASP A 54 -8.58 8.34 -10.01
C ASP A 54 -7.49 8.81 -10.98
N GLN A 55 -6.82 9.89 -10.57
CA GLN A 55 -5.76 10.45 -11.39
C GLN A 55 -4.74 9.37 -11.76
N HIS A 56 -4.39 8.58 -10.76
CA HIS A 56 -3.42 7.50 -10.96
C HIS A 56 -3.27 6.71 -9.66
N ILE A 57 -4.01 5.60 -9.60
CA ILE A 57 -3.96 4.74 -8.44
C ILE A 57 -3.03 3.55 -8.71
N GLN A 58 -2.30 3.66 -9.81
CA GLN A 58 -1.38 2.61 -10.20
C GLN A 58 -0.37 2.35 -9.08
N LEU A 59 -0.15 1.07 -8.81
CA LEU A 59 0.79 0.68 -7.77
C LEU A 59 1.71 -0.41 -8.31
N GLN A 60 2.67 -0.80 -7.49
CA GLN A 60 3.63 -1.82 -7.87
C GLN A 60 4.60 -2.09 -6.72
N LEU A 61 4.77 -3.38 -6.42
CA LEU A 61 5.66 -3.77 -5.35
C LEU A 61 7.06 -4.02 -5.92
N SER A 62 8.04 -4.01 -5.04
CA SER A 62 9.42 -4.22 -5.44
C SER A 62 10.18 -4.98 -4.35
N ALA A 63 9.63 -6.14 -3.99
CA ALA A 63 10.23 -6.97 -2.96
C ALA A 63 11.75 -6.94 -3.13
N GLU A 64 12.43 -6.59 -2.05
CA GLU A 64 13.88 -6.53 -2.06
C GLU A 64 14.45 -7.54 -1.07
N SER A 65 13.56 -8.26 -0.40
CA SER A 65 13.97 -9.26 0.57
C SER A 65 12.81 -9.57 1.53
N VAL A 66 12.57 -10.86 1.70
CA VAL A 66 11.51 -11.30 2.58
C VAL A 66 11.50 -10.45 3.85
N GLY A 67 10.30 -10.07 4.27
CA GLY A 67 10.16 -9.25 5.46
C GLY A 67 10.43 -7.78 5.15
N GLU A 68 10.89 -7.54 3.94
CA GLU A 68 11.19 -6.18 3.51
C GLU A 68 10.99 -6.04 1.99
N VAL A 69 9.89 -5.41 1.63
CA VAL A 69 9.57 -5.21 0.23
C VAL A 69 9.36 -3.72 -0.04
N TYR A 70 9.38 -3.36 -1.32
CA TYR A 70 9.20 -1.99 -1.72
C TYR A 70 7.91 -1.82 -2.55
N ILE A 71 7.54 -0.56 -2.73
CA ILE A 71 6.34 -0.25 -3.50
C ILE A 71 6.57 1.03 -4.30
N LYS A 72 6.33 0.93 -5.60
CA LYS A 72 6.52 2.07 -6.48
C LYS A 72 5.26 2.24 -7.35
N SER A 73 4.68 3.43 -7.27
CA SER A 73 3.48 3.74 -8.03
C SER A 73 3.83 3.86 -9.51
N THR A 74 4.26 2.75 -10.08
CA THR A 74 4.62 2.72 -11.49
C THR A 74 3.72 3.66 -12.29
N GLU A 75 4.27 4.82 -12.61
CA GLU A 75 3.53 5.81 -13.37
C GLU A 75 4.33 7.11 -13.47
N THR A 76 4.64 7.66 -12.31
CA THR A 76 5.41 8.90 -12.26
C THR A 76 6.74 8.68 -11.52
N GLY A 77 6.63 8.04 -10.37
CA GLY A 77 7.82 7.76 -9.57
C GLY A 77 7.55 8.04 -8.09
N GLN A 78 6.57 7.34 -7.55
CA GLN A 78 6.21 7.50 -6.15
C GLN A 78 6.39 6.19 -5.39
N TYR A 79 7.22 6.25 -4.36
CA TYR A 79 7.50 5.07 -3.55
C TYR A 79 6.67 5.10 -2.25
N LEU A 80 5.74 4.16 -2.17
CA LEU A 80 4.89 4.06 -0.99
C LEU A 80 5.75 4.16 0.27
N ALA A 81 5.11 4.54 1.36
CA ALA A 81 5.80 4.67 2.63
C ALA A 81 4.80 5.09 3.71
N MET A 82 5.26 5.05 4.95
CA MET A 82 4.42 5.43 6.07
C MET A 82 5.20 6.28 7.08
N ASP A 83 4.67 7.46 7.35
CA ASP A 83 5.30 8.36 8.30
C ASP A 83 4.99 7.92 9.73
N THR A 84 5.57 8.62 10.68
CA THR A 84 5.36 8.31 12.08
C THR A 84 3.88 8.39 12.43
N ASP A 85 3.13 9.02 11.54
CA ASP A 85 1.70 9.17 11.73
C ASP A 85 0.97 7.98 11.10
N GLY A 86 1.75 6.99 10.73
CA GLY A 86 1.20 5.79 10.11
C GLY A 86 0.27 6.14 8.96
N LEU A 87 0.57 7.26 8.32
CA LEU A 87 -0.23 7.73 7.20
C LEU A 87 0.53 7.46 5.89
N LEU A 88 -0.01 6.55 5.11
CA LEU A 88 0.60 6.19 3.84
C LEU A 88 1.06 7.47 3.13
N TYR A 89 2.33 7.45 2.73
CA TYR A 89 2.91 8.59 2.04
C TYR A 89 4.03 8.15 1.10
N GLY A 90 4.20 8.92 0.03
CA GLY A 90 5.23 8.62 -0.96
C GLY A 90 6.36 9.65 -0.89
N SER A 91 7.57 9.16 -1.12
CA SER A 91 8.74 10.03 -1.09
C SER A 91 9.74 9.58 -2.16
N GLN A 92 10.63 10.50 -2.51
CA GLN A 92 11.64 10.21 -3.51
C GLN A 92 12.89 9.62 -2.85
N THR A 93 12.65 8.77 -1.87
CA THR A 93 13.73 8.12 -1.15
C THR A 93 13.34 6.71 -0.73
N PRO A 94 13.69 5.73 -1.61
CA PRO A 94 13.37 4.34 -1.35
C PRO A 94 14.31 3.76 -0.29
N ASN A 95 13.89 3.90 0.97
CA ASN A 95 14.67 3.40 2.08
C ASN A 95 13.78 2.52 2.97
N GLU A 96 14.36 2.08 4.07
CA GLU A 96 13.64 1.24 5.01
C GLU A 96 12.21 1.74 5.18
N GLU A 97 12.06 3.05 5.12
CA GLU A 97 10.75 3.67 5.24
C GLU A 97 9.85 3.28 4.07
N CYS A 98 10.29 3.68 2.88
CA CYS A 98 9.54 3.38 1.68
C CYS A 98 9.20 1.88 1.68
N LEU A 99 10.12 1.10 2.22
CA LEU A 99 9.92 -0.34 2.29
C LEU A 99 8.61 -0.64 3.03
N PHE A 100 8.24 -1.90 3.01
CA PHE A 100 7.02 -2.33 3.66
C PHE A 100 7.13 -3.77 4.16
N LEU A 101 7.38 -3.91 5.45
CA LEU A 101 7.51 -5.22 6.06
C LEU A 101 6.34 -6.10 5.65
N GLU A 102 6.57 -6.91 4.62
CA GLU A 102 5.54 -7.81 4.12
C GLU A 102 5.73 -9.20 4.70
N ARG A 103 4.59 -9.86 4.94
CA ARG A 103 4.62 -11.21 5.49
C ARG A 103 3.62 -12.10 4.75
N LEU A 104 2.46 -12.30 5.38
CA LEU A 104 1.43 -13.12 4.78
C LEU A 104 0.24 -13.20 5.75
N GLU A 105 -0.92 -12.78 5.25
CA GLU A 105 -2.12 -12.80 6.04
C GLU A 105 -2.98 -14.01 5.68
N GLU A 106 -3.14 -14.22 4.38
CA GLU A 106 -3.93 -15.33 3.88
C GLU A 106 -3.08 -16.24 2.99
N ASN A 107 -3.48 -16.32 1.73
CA ASN A 107 -2.77 -17.14 0.78
C ASN A 107 -2.98 -16.57 -0.63
N HIS A 108 -2.72 -15.28 -0.76
CA HIS A 108 -2.88 -14.61 -2.05
C HIS A 108 -2.30 -13.20 -1.96
N TYR A 109 -2.77 -12.45 -0.98
CA TYR A 109 -2.30 -11.09 -0.78
C TYR A 109 -0.86 -11.07 -0.26
N ASN A 110 -0.50 -9.96 0.36
CA ASN A 110 0.84 -9.81 0.90
C ASN A 110 0.86 -8.64 1.89
N THR A 111 0.00 -8.75 2.90
CA THR A 111 -0.10 -7.70 3.90
C THR A 111 1.29 -7.17 4.26
N TYR A 112 1.32 -5.92 4.70
CA TYR A 112 2.58 -5.29 5.07
C TYR A 112 2.44 -4.53 6.39
N ILE A 113 3.54 -3.93 6.81
CA ILE A 113 3.55 -3.16 8.05
C ILE A 113 4.66 -2.11 7.99
N SER A 114 4.30 -0.90 8.37
CA SER A 114 5.26 0.20 8.36
C SER A 114 6.62 -0.28 8.85
N LYS A 115 7.51 -0.52 7.90
CA LYS A 115 8.84 -0.99 8.23
C LYS A 115 9.58 0.11 9.01
N LYS A 116 9.14 1.33 8.80
CA LYS A 116 9.75 2.47 9.48
C LYS A 116 9.45 2.38 10.97
N HIS A 117 8.34 1.74 11.28
CA HIS A 117 7.92 1.59 12.67
C HIS A 117 6.92 0.43 12.78
N ALA A 118 7.43 -0.77 12.51
CA ALA A 118 6.59 -1.96 12.58
C ALA A 118 6.37 -2.33 14.05
N GLU A 119 6.97 -1.55 14.92
CA GLU A 119 6.84 -1.79 16.36
C GLU A 119 5.43 -1.43 16.82
N LYS A 120 4.65 -0.91 15.89
CA LYS A 120 3.28 -0.53 16.20
C LYS A 120 2.32 -1.33 15.33
N ASN A 121 2.89 -2.21 14.53
CA ASN A 121 2.11 -3.04 13.64
C ASN A 121 1.26 -2.16 12.72
N TRP A 122 1.87 -1.04 12.32
CA TRP A 122 1.19 -0.09 11.45
C TRP A 122 1.06 -0.74 10.07
N PHE A 123 0.10 -1.64 9.96
CA PHE A 123 -0.14 -2.33 8.70
C PHE A 123 -0.51 -1.35 7.59
N VAL A 124 -0.72 -1.89 6.41
CA VAL A 124 -1.08 -1.08 5.26
C VAL A 124 -2.45 -1.52 4.73
N GLY A 125 -3.46 -0.76 5.10
CA GLY A 125 -4.82 -1.07 4.68
C GLY A 125 -5.73 0.15 4.82
N LEU A 126 -6.57 0.35 3.81
CA LEU A 126 -7.50 1.47 3.81
C LEU A 126 -8.85 1.02 4.35
N LYS A 127 -9.21 1.58 5.50
CA LYS A 127 -10.47 1.24 6.13
C LYS A 127 -11.45 0.73 5.07
N LYS A 128 -11.98 -0.46 5.32
CA LYS A 128 -12.92 -1.07 4.40
C LYS A 128 -14.19 -0.22 4.34
N ASN A 129 -14.02 1.02 3.93
CA ASN A 129 -15.14 1.94 3.82
C ASN A 129 -14.82 3.02 2.80
N GLY A 130 -13.59 3.50 2.85
CA GLY A 130 -13.13 4.53 1.94
C GLY A 130 -12.43 5.67 2.68
N SER A 131 -11.22 5.39 3.12
CA SER A 131 -10.44 6.37 3.85
C SER A 131 -9.20 5.70 4.46
N CYS A 132 -8.06 6.35 4.25
CA CYS A 132 -6.80 5.84 4.78
C CYS A 132 -6.94 5.68 6.30
N LYS A 133 -5.97 5.00 6.87
CA LYS A 133 -5.96 4.78 8.31
C LYS A 133 -4.80 5.55 8.94
N ARG A 134 -4.75 5.50 10.27
CA ARG A 134 -3.70 6.19 11.00
C ARG A 134 -2.89 5.19 11.81
N GLY A 135 -1.63 5.56 12.06
CA GLY A 135 -0.74 4.71 12.83
C GLY A 135 -1.50 3.95 13.91
N PRO A 136 -2.05 4.73 14.88
CA PRO A 136 -2.81 4.15 15.98
C PRO A 136 -4.19 3.68 15.51
N ARG A 137 -4.18 2.89 14.44
CA ARG A 137 -5.42 2.38 13.89
C ARG A 137 -5.16 1.74 12.52
N THR A 138 -4.05 1.03 12.43
CA THR A 138 -3.69 0.37 11.19
C THR A 138 -3.19 -1.05 11.46
N HIS A 139 -4.11 -1.89 11.91
CA HIS A 139 -3.79 -3.27 12.22
C HIS A 139 -4.73 -4.21 11.47
N TYR A 140 -4.24 -5.40 11.18
CA TYR A 140 -5.03 -6.39 10.47
C TYR A 140 -6.31 -6.73 11.23
N GLY A 141 -7.30 -5.85 11.09
CA GLY A 141 -8.57 -6.05 11.76
C GLY A 141 -9.72 -6.16 10.74
N GLN A 142 -9.57 -5.43 9.65
CA GLN A 142 -10.58 -5.44 8.61
C GLN A 142 -9.95 -5.86 7.28
N LYS A 143 -10.82 -6.05 6.29
CA LYS A 143 -10.37 -6.45 4.97
C LYS A 143 -9.92 -5.21 4.18
N ALA A 144 -9.14 -4.38 4.85
CA ALA A 144 -8.65 -3.16 4.23
C ALA A 144 -7.16 -3.33 3.92
N ILE A 145 -6.55 -4.32 4.55
CA ILE A 145 -5.15 -4.59 4.35
C ILE A 145 -4.98 -5.67 3.28
N LEU A 146 -6.01 -6.50 3.17
CA LEU A 146 -6.00 -7.58 2.19
C LEU A 146 -5.82 -6.99 0.80
N PHE A 147 -4.57 -6.90 0.37
CA PHE A 147 -4.25 -6.36 -0.94
C PHE A 147 -3.82 -7.46 -1.90
N LEU A 148 -4.58 -7.63 -2.97
CA LEU A 148 -4.28 -8.64 -3.97
C LEU A 148 -3.84 -7.95 -5.27
N PRO A 149 -2.61 -8.35 -5.73
CA PRO A 149 -2.07 -7.78 -6.95
C PRO A 149 -2.76 -8.37 -8.18
N LEU A 150 -3.16 -7.46 -9.08
CA LEU A 150 -3.84 -7.88 -10.30
C LEU A 150 -3.17 -7.20 -11.49
N PRO A 151 -1.88 -7.56 -11.71
CA PRO A 151 -1.11 -7.00 -12.81
C PRO A 151 -1.55 -7.61 -14.15
N VAL A 152 -1.15 -6.95 -15.22
CA VAL A 152 -1.49 -7.42 -16.55
C VAL A 152 -0.53 -6.79 -17.57
N SER A 153 0.75 -6.81 -17.21
CA SER A 153 1.78 -6.25 -18.08
C SER A 153 1.47 -6.59 -19.54
N SER A 154 0.96 -5.59 -20.25
CA SER A 154 0.63 -5.78 -21.66
C SER A 154 0.06 -4.48 -22.23
N ASP A 155 0.96 -3.51 -22.41
CA ASP A 155 0.56 -2.22 -22.95
C ASP A 155 1.78 -1.53 -23.56
N LYS A 25 -5.15 -0.81 -18.04
CA LYS A 25 -4.96 -1.28 -16.67
C LYS A 25 -3.82 -2.30 -16.65
N PRO A 26 -2.60 -1.81 -16.98
CA PRO A 26 -1.42 -2.66 -16.99
C PRO A 26 -0.95 -2.96 -15.57
N LYS A 27 -1.66 -2.41 -14.61
CA LYS A 27 -1.33 -2.60 -13.21
C LYS A 27 -2.34 -1.85 -12.34
N LEU A 28 -2.71 -2.49 -11.23
CA LEU A 28 -3.66 -1.89 -10.31
C LEU A 28 -3.81 -2.78 -9.08
N LEU A 29 -3.88 -2.14 -7.93
CA LEU A 29 -4.03 -2.88 -6.68
C LEU A 29 -5.50 -2.93 -6.29
N TYR A 30 -5.82 -3.88 -5.43
CA TYR A 30 -7.19 -4.05 -4.97
C TYR A 30 -7.23 -4.70 -3.59
N CYS A 31 -8.29 -4.39 -2.85
CA CYS A 31 -8.46 -4.93 -1.51
C CYS A 31 -9.51 -6.04 -1.57
N SER A 32 -9.35 -7.01 -0.69
CA SER A 32 -10.29 -8.13 -0.64
C SER A 32 -11.68 -7.62 -0.23
N ASN A 33 -11.98 -7.77 1.05
CA ASN A 33 -13.26 -7.34 1.58
C ASN A 33 -13.48 -5.87 1.21
N GLY A 34 -12.60 -5.03 1.71
CA GLY A 34 -12.69 -3.60 1.44
C GLY A 34 -13.10 -3.33 0.00
N GLY A 35 -12.60 -4.18 -0.89
CA GLY A 35 -12.91 -4.05 -2.31
C GLY A 35 -12.38 -2.72 -2.85
N HIS A 36 -11.58 -2.05 -2.04
CA HIS A 36 -11.01 -0.77 -2.43
C HIS A 36 -9.79 -1.01 -3.32
N PHE A 37 -9.40 0.04 -4.02
CA PHE A 37 -8.25 -0.03 -4.91
C PHE A 37 -7.25 1.08 -4.61
N LEU A 38 -6.31 0.76 -3.74
CA LEU A 38 -5.28 1.73 -3.36
C LEU A 38 -4.96 2.61 -4.56
N ARG A 39 -4.63 3.87 -4.26
CA ARG A 39 -4.29 4.82 -5.30
C ARG A 39 -3.10 5.68 -4.87
N ILE A 40 -2.37 6.16 -5.86
CA ILE A 40 -1.21 7.00 -5.60
C ILE A 40 -1.29 8.26 -6.46
N LEU A 41 -1.42 9.39 -5.77
CA LEU A 41 -1.52 10.67 -6.46
C LEU A 41 -0.11 11.26 -6.60
N PRO A 42 0.14 11.84 -7.81
CA PRO A 42 1.43 12.44 -8.09
C PRO A 42 1.58 13.78 -7.37
N ASP A 43 0.63 14.05 -6.49
CA ASP A 43 0.65 15.29 -5.73
C ASP A 43 1.40 15.06 -4.41
N GLY A 44 1.33 13.83 -3.93
CA GLY A 44 2.00 13.47 -2.69
C GLY A 44 0.98 12.98 -1.65
N THR A 45 -0.21 12.65 -2.13
CA THR A 45 -1.27 12.17 -1.27
C THR A 45 -1.67 10.76 -1.67
N VAL A 46 -1.74 9.88 -0.66
CA VAL A 46 -2.11 8.50 -0.90
C VAL A 46 -3.46 8.22 -0.23
N ASP A 47 -4.05 7.11 -0.61
CA ASP A 47 -5.34 6.72 -0.06
C ASP A 47 -5.89 5.53 -0.85
N GLY A 48 -7.14 5.19 -0.56
CA GLY A 48 -7.79 4.09 -1.24
C GLY A 48 -9.12 4.53 -1.87
N THR A 49 -9.67 3.64 -2.68
CA THR A 49 -10.93 3.92 -3.34
C THR A 49 -11.75 2.65 -3.49
N ARG A 50 -12.98 2.71 -2.98
CA ARG A 50 -13.87 1.56 -3.05
C ARG A 50 -13.75 0.87 -4.40
N ASP A 51 -13.46 1.67 -5.43
CA ASP A 51 -13.31 1.15 -6.77
C ASP A 51 -12.51 2.14 -7.62
N ARG A 52 -11.37 1.69 -8.09
CA ARG A 52 -10.51 2.53 -8.92
C ARG A 52 -11.36 3.53 -9.71
N SER A 53 -11.52 4.70 -9.14
CA SER A 53 -12.30 5.76 -9.79
C SER A 53 -11.44 7.00 -9.98
N ASP A 54 -10.15 6.77 -10.23
CA ASP A 54 -9.23 7.86 -10.43
C ASP A 54 -8.32 7.54 -11.63
N GLN A 55 -7.49 8.51 -11.98
CA GLN A 55 -6.59 8.35 -13.10
C GLN A 55 -5.24 7.80 -12.62
N HIS A 56 -4.91 8.15 -11.39
CA HIS A 56 -3.65 7.70 -10.79
C HIS A 56 -3.95 6.87 -9.55
N ILE A 57 -4.25 5.59 -9.79
CA ILE A 57 -4.56 4.69 -8.69
C ILE A 57 -3.74 3.40 -8.86
N GLN A 58 -2.68 3.51 -9.66
CA GLN A 58 -1.81 2.39 -9.91
C GLN A 58 -0.85 2.19 -8.74
N LEU A 59 -0.25 1.00 -8.69
CA LEU A 59 0.68 0.67 -7.63
C LEU A 59 1.74 -0.28 -8.17
N GLN A 60 2.70 -0.61 -7.31
CA GLN A 60 3.76 -1.52 -7.69
C GLN A 60 4.59 -1.91 -6.46
N LEU A 61 5.09 -3.13 -6.50
CA LEU A 61 5.90 -3.65 -5.40
C LEU A 61 7.30 -3.99 -5.90
N SER A 62 8.23 -4.03 -4.97
CA SER A 62 9.62 -4.35 -5.31
C SER A 62 10.25 -5.19 -4.20
N ALA A 63 9.59 -6.28 -3.87
CA ALA A 63 10.07 -7.16 -2.83
C ALA A 63 11.60 -7.30 -2.94
N GLU A 64 12.26 -7.02 -1.82
CA GLU A 64 13.71 -7.10 -1.79
C GLU A 64 14.16 -8.15 -0.77
N SER A 65 13.18 -8.78 -0.15
CA SER A 65 13.45 -9.80 0.85
C SER A 65 12.24 -9.99 1.76
N VAL A 66 11.81 -11.23 1.86
CA VAL A 66 10.66 -11.56 2.69
C VAL A 66 10.72 -10.74 3.98
N GLY A 67 9.54 -10.32 4.44
CA GLY A 67 9.45 -9.53 5.65
C GLY A 67 9.86 -8.08 5.39
N GLU A 68 10.14 -7.79 4.13
CA GLU A 68 10.55 -6.46 3.74
C GLU A 68 10.52 -6.31 2.21
N VAL A 69 9.52 -5.60 1.73
CA VAL A 69 9.37 -5.38 0.30
C VAL A 69 9.25 -3.88 0.03
N TYR A 70 9.44 -3.53 -1.24
CA TYR A 70 9.35 -2.14 -1.64
C TYR A 70 8.10 -1.88 -2.49
N ILE A 71 7.83 -0.61 -2.70
CA ILE A 71 6.66 -0.22 -3.49
C ILE A 71 6.98 1.07 -4.25
N LYS A 72 6.78 1.02 -5.56
CA LYS A 72 7.03 2.16 -6.41
C LYS A 72 5.71 2.69 -6.97
N SER A 73 5.55 4.00 -6.90
CA SER A 73 4.34 4.64 -7.39
C SER A 73 4.31 4.60 -8.92
N THR A 74 4.12 3.41 -9.45
CA THR A 74 4.07 3.22 -10.89
C THR A 74 3.20 4.31 -11.53
N GLU A 75 3.87 5.33 -12.04
CA GLU A 75 3.18 6.43 -12.70
C GLU A 75 4.09 7.67 -12.73
N THR A 76 4.83 7.86 -11.66
CA THR A 76 5.73 8.99 -11.56
C THR A 76 7.18 8.51 -11.40
N GLY A 77 7.80 8.99 -10.34
CA GLY A 77 9.19 8.62 -10.05
C GLY A 77 9.44 8.52 -8.55
N GLN A 78 8.34 8.45 -7.80
CA GLN A 78 8.42 8.35 -6.36
C GLN A 78 8.19 6.91 -5.91
N TYR A 79 7.87 6.76 -4.64
CA TYR A 79 7.63 5.44 -4.07
C TYR A 79 6.64 5.52 -2.90
N LEU A 80 6.27 4.36 -2.40
CA LEU A 80 5.33 4.28 -1.28
C LEU A 80 6.12 4.24 0.02
N ALA A 81 5.41 4.54 1.11
CA ALA A 81 6.03 4.55 2.42
C ALA A 81 4.97 4.87 3.48
N MET A 82 5.43 5.00 4.72
CA MET A 82 4.53 5.31 5.82
C MET A 82 5.24 6.15 6.89
N ASP A 83 5.08 7.45 6.77
CA ASP A 83 5.70 8.37 7.71
C ASP A 83 5.32 7.95 9.14
N THR A 84 6.01 8.56 10.09
CA THR A 84 5.76 8.26 11.50
C THR A 84 4.31 8.56 11.85
N ASP A 85 3.67 9.33 10.99
CA ASP A 85 2.27 9.70 11.20
C ASP A 85 1.37 8.55 10.75
N GLY A 86 2.01 7.47 10.33
CA GLY A 86 1.28 6.30 9.88
C GLY A 86 0.39 6.64 8.68
N LEU A 87 0.68 7.77 8.07
CA LEU A 87 -0.07 8.23 6.91
C LEU A 87 0.67 7.85 5.63
N LEU A 88 0.12 6.88 4.93
CA LEU A 88 0.72 6.41 3.69
C LEU A 88 1.28 7.61 2.92
N TYR A 89 2.59 7.57 2.70
CA TYR A 89 3.27 8.64 1.99
C TYR A 89 4.39 8.08 1.11
N GLY A 90 4.86 8.93 0.21
CA GLY A 90 5.93 8.54 -0.70
C GLY A 90 7.14 9.45 -0.54
N SER A 91 8.30 8.93 -0.92
CA SER A 91 9.53 9.68 -0.82
C SER A 91 10.52 9.20 -1.88
N GLN A 92 11.46 10.08 -2.22
CA GLN A 92 12.46 9.77 -3.22
C GLN A 92 13.69 9.15 -2.55
N THR A 93 13.45 8.48 -1.44
CA THR A 93 14.52 7.84 -0.70
C THR A 93 14.12 6.41 -0.31
N PRO A 94 14.41 5.45 -1.24
CA PRO A 94 14.10 4.06 -0.99
C PRO A 94 15.07 3.43 0.02
N ASN A 95 14.60 3.35 1.26
CA ASN A 95 15.42 2.78 2.31
C ASN A 95 14.50 2.27 3.43
N GLU A 96 15.05 2.26 4.64
CA GLU A 96 14.29 1.80 5.79
C GLU A 96 13.13 2.75 6.08
N GLU A 97 12.15 2.72 5.19
CA GLU A 97 10.98 3.56 5.33
C GLU A 97 9.99 3.30 4.19
N CYS A 98 10.54 3.19 2.99
CA CYS A 98 9.72 2.94 1.82
C CYS A 98 9.33 1.46 1.81
N LEU A 99 10.17 0.66 2.43
CA LEU A 99 9.93 -0.77 2.50
C LEU A 99 8.60 -1.03 3.21
N PHE A 100 8.19 -2.29 3.21
CA PHE A 100 6.94 -2.67 3.85
C PHE A 100 6.99 -4.12 4.33
N LEU A 101 7.14 -4.27 5.64
CA LEU A 101 7.20 -5.59 6.24
C LEU A 101 6.09 -6.47 5.65
N GLU A 102 6.48 -7.28 4.67
CA GLU A 102 5.53 -8.17 4.03
C GLU A 102 5.28 -9.40 4.90
N ARG A 103 4.19 -10.08 4.60
CA ARG A 103 3.83 -11.29 5.35
C ARG A 103 2.52 -11.86 4.82
N LEU A 104 2.63 -12.55 3.69
CA LEU A 104 1.46 -13.16 3.07
C LEU A 104 0.47 -13.57 4.16
N GLU A 105 -0.49 -12.69 4.41
CA GLU A 105 -1.50 -12.95 5.42
C GLU A 105 -2.15 -14.31 5.18
N GLU A 106 -2.38 -14.61 3.91
CA GLU A 106 -3.00 -15.87 3.54
C GLU A 106 -2.19 -16.55 2.43
N ASN A 107 -2.75 -16.53 1.23
CA ASN A 107 -2.10 -17.12 0.08
C ASN A 107 -2.29 -16.22 -1.15
N HIS A 108 -2.19 -14.93 -0.90
CA HIS A 108 -2.35 -13.96 -1.98
C HIS A 108 -2.13 -12.55 -1.43
N TYR A 109 -3.10 -12.10 -0.63
CA TYR A 109 -3.02 -10.77 -0.03
C TYR A 109 -1.70 -10.59 0.72
N ASN A 110 -1.03 -9.48 0.42
CA ASN A 110 0.23 -9.18 1.06
C ASN A 110 0.02 -8.06 2.07
N THR A 111 -0.39 -8.46 3.27
CA THR A 111 -0.62 -7.50 4.34
C THR A 111 0.71 -7.00 4.91
N TYR A 112 1.15 -5.86 4.39
CA TYR A 112 2.39 -5.27 4.85
C TYR A 112 2.20 -4.54 6.17
N ILE A 113 3.25 -3.84 6.58
CA ILE A 113 3.22 -3.09 7.83
C ILE A 113 4.40 -2.12 7.87
N SER A 114 4.07 -0.85 8.04
CA SER A 114 5.08 0.18 8.09
C SER A 114 6.34 -0.36 8.78
N LYS A 115 7.31 -0.74 7.97
CA LYS A 115 8.56 -1.28 8.47
C LYS A 115 9.29 -0.18 9.27
N LYS A 116 8.94 1.06 8.95
CA LYS A 116 9.55 2.19 9.63
C LYS A 116 9.03 2.26 11.07
N HIS A 117 8.07 1.40 11.36
CA HIS A 117 7.49 1.35 12.69
C HIS A 117 6.40 0.28 12.75
N ALA A 118 6.85 -0.96 12.62
CA ALA A 118 5.93 -2.09 12.65
C ALA A 118 5.66 -2.48 14.11
N GLU A 119 6.33 -1.79 15.01
CA GLU A 119 6.17 -2.06 16.43
C GLU A 119 4.76 -1.66 16.90
N LYS A 120 4.12 -0.84 16.07
CA LYS A 120 2.77 -0.39 16.39
C LYS A 120 1.76 -1.18 15.57
N ASN A 121 2.29 -2.07 14.73
CA ASN A 121 1.45 -2.90 13.90
C ASN A 121 0.79 -2.03 12.83
N TRP A 122 1.39 -0.87 12.59
CA TRP A 122 0.87 0.06 11.60
C TRP A 122 0.87 -0.65 10.25
N PHE A 123 -0.33 -1.00 9.80
CA PHE A 123 -0.48 -1.68 8.52
C PHE A 123 -0.64 -0.67 7.38
N VAL A 124 -0.86 -1.20 6.19
CA VAL A 124 -1.02 -0.37 5.02
C VAL A 124 -2.42 -0.58 4.44
N GLY A 125 -3.26 -1.24 5.23
CA GLY A 125 -4.63 -1.51 4.81
C GLY A 125 -5.53 -0.30 5.08
N LEU A 126 -5.91 0.36 3.99
CA LEU A 126 -6.76 1.53 4.07
C LEU A 126 -8.11 1.11 4.67
N LYS A 127 -8.43 1.72 5.81
CA LYS A 127 -9.68 1.43 6.49
C LYS A 127 -10.70 0.91 5.47
N LYS A 128 -11.14 -0.32 5.69
CA LYS A 128 -12.10 -0.95 4.81
C LYS A 128 -13.41 -0.15 4.86
N ASN A 129 -13.32 1.10 4.46
CA ASN A 129 -14.48 1.98 4.44
C ASN A 129 -14.41 2.89 3.22
N GLY A 130 -13.23 3.45 3.01
CA GLY A 130 -13.01 4.35 1.89
C GLY A 130 -12.45 5.69 2.35
N SER A 131 -11.21 5.64 2.83
CA SER A 131 -10.54 6.83 3.31
C SER A 131 -9.25 6.45 4.04
N CYS A 132 -8.16 7.09 3.64
CA CYS A 132 -6.87 6.83 4.26
C CYS A 132 -7.08 6.70 5.76
N LYS A 133 -6.11 6.05 6.40
CA LYS A 133 -6.17 5.85 7.84
C LYS A 133 -4.85 6.29 8.46
N ARG A 134 -4.89 6.54 9.76
CA ARG A 134 -3.71 6.97 10.48
C ARG A 134 -3.03 5.77 11.15
N GLY A 135 -1.74 5.92 11.40
CA GLY A 135 -0.97 4.86 12.04
C GLY A 135 -1.79 4.18 13.14
N PRO A 136 -2.27 5.01 14.10
CA PRO A 136 -3.06 4.49 15.21
C PRO A 136 -4.47 4.13 14.75
N ARG A 137 -4.54 3.17 13.85
CA ARG A 137 -5.82 2.73 13.32
C ARG A 137 -5.62 1.80 12.12
N THR A 138 -4.61 0.94 12.24
CA THR A 138 -4.30 0.00 11.18
C THR A 138 -3.80 -1.32 11.77
N HIS A 139 -4.73 -2.23 11.97
CA HIS A 139 -4.40 -3.54 12.53
C HIS A 139 -5.20 -4.62 11.81
N TYR A 140 -4.86 -5.86 12.12
CA TYR A 140 -5.53 -6.99 11.51
C TYR A 140 -7.05 -6.88 11.66
N GLY A 141 -7.74 -7.96 11.31
CA GLY A 141 -9.18 -7.98 11.40
C GLY A 141 -9.81 -7.06 10.35
N GLN A 142 -8.94 -6.44 9.56
CA GLN A 142 -9.40 -5.54 8.51
C GLN A 142 -8.79 -5.94 7.17
N LYS A 143 -9.62 -6.53 6.33
CA LYS A 143 -9.19 -6.96 5.01
C LYS A 143 -8.49 -5.80 4.31
N ALA A 144 -8.67 -4.61 4.86
CA ALA A 144 -8.07 -3.41 4.30
C ALA A 144 -6.59 -3.68 4.02
N ILE A 145 -5.97 -4.41 4.93
CA ILE A 145 -4.56 -4.74 4.80
C ILE A 145 -4.39 -5.78 3.68
N LEU A 146 -5.42 -6.59 3.50
CA LEU A 146 -5.40 -7.62 2.48
C LEU A 146 -5.46 -6.95 1.09
N PHE A 147 -4.30 -6.95 0.44
CA PHE A 147 -4.20 -6.35 -0.89
C PHE A 147 -3.85 -7.41 -1.93
N LEU A 148 -4.69 -7.49 -2.95
CA LEU A 148 -4.49 -8.44 -4.03
C LEU A 148 -4.01 -7.71 -5.28
N PRO A 149 -2.67 -7.80 -5.53
CA PRO A 149 -2.08 -7.15 -6.68
C PRO A 149 -2.41 -7.91 -7.97
N LEU A 150 -2.87 -7.16 -8.97
CA LEU A 150 -3.22 -7.75 -10.25
C LEU A 150 -2.53 -6.96 -11.37
N PRO A 151 -1.19 -7.09 -11.42
CA PRO A 151 -0.41 -6.40 -12.44
C PRO A 151 -0.56 -7.08 -13.81
N VAL A 152 -0.15 -6.36 -14.83
CA VAL A 152 -0.24 -6.87 -16.19
C VAL A 152 0.51 -5.94 -17.13
N SER A 153 1.62 -5.40 -16.64
CA SER A 153 2.44 -4.50 -17.42
C SER A 153 2.51 -4.98 -18.87
N SER A 154 1.68 -4.37 -19.71
CA SER A 154 1.64 -4.73 -21.12
C SER A 154 0.75 -3.75 -21.88
N ASP A 155 1.26 -2.54 -22.05
CA ASP A 155 0.53 -1.51 -22.76
C ASP A 155 1.47 -0.33 -23.05
N LYS A 25 -2.85 2.38 -17.30
CA LYS A 25 -3.12 1.72 -16.04
C LYS A 25 -2.86 0.22 -16.20
N PRO A 26 -1.56 -0.13 -16.37
CA PRO A 26 -1.17 -1.52 -16.53
C PRO A 26 -1.22 -2.26 -15.19
N LYS A 27 -0.90 -1.53 -14.14
CA LYS A 27 -0.91 -2.11 -12.80
C LYS A 27 -1.97 -1.41 -11.96
N LEU A 28 -2.59 -2.19 -11.08
CA LEU A 28 -3.63 -1.66 -10.21
C LEU A 28 -3.79 -2.58 -9.00
N LEU A 29 -3.64 -1.98 -7.82
CA LEU A 29 -3.76 -2.73 -6.59
C LEU A 29 -5.20 -2.63 -6.08
N TYR A 30 -5.54 -3.53 -5.15
CA TYR A 30 -6.87 -3.55 -4.58
C TYR A 30 -6.86 -4.18 -3.19
N CYS A 31 -7.82 -3.77 -2.37
CA CYS A 31 -7.92 -4.30 -1.02
C CYS A 31 -8.80 -5.55 -1.06
N SER A 32 -8.55 -6.43 -0.10
CA SER A 32 -9.30 -7.67 -0.01
C SER A 32 -10.79 -7.39 0.08
N ASN A 33 -11.53 -8.38 0.55
CA ASN A 33 -12.97 -8.24 0.69
C ASN A 33 -13.30 -6.81 1.13
N GLY A 34 -14.46 -6.34 0.69
CA GLY A 34 -14.90 -4.99 1.02
C GLY A 34 -13.71 -4.06 1.25
N GLY A 35 -12.84 -4.02 0.24
CA GLY A 35 -11.66 -3.18 0.31
C GLY A 35 -11.64 -2.16 -0.83
N HIS A 36 -10.85 -1.12 -0.65
CA HIS A 36 -10.73 -0.07 -1.65
C HIS A 36 -9.53 -0.37 -2.56
N PHE A 37 -9.31 0.54 -3.50
CA PHE A 37 -8.21 0.38 -4.43
C PHE A 37 -7.18 1.51 -4.25
N LEU A 38 -6.13 1.18 -3.52
CA LEU A 38 -5.07 2.14 -3.25
C LEU A 38 -4.81 2.96 -4.51
N ARG A 39 -4.34 4.18 -4.30
CA ARG A 39 -4.05 5.08 -5.42
C ARG A 39 -2.78 5.88 -5.14
N ILE A 40 -2.08 6.19 -6.22
CA ILE A 40 -0.84 6.95 -6.10
C ILE A 40 -0.95 8.22 -6.95
N LEU A 41 -0.96 9.35 -6.26
CA LEU A 41 -1.05 10.64 -6.94
C LEU A 41 0.35 11.16 -7.22
N PRO A 42 0.49 11.79 -8.43
CA PRO A 42 1.77 12.34 -8.83
C PRO A 42 2.08 13.64 -8.07
N ASP A 43 1.23 13.93 -7.10
CA ASP A 43 1.39 15.13 -6.31
C ASP A 43 2.21 14.81 -5.06
N GLY A 44 2.06 13.57 -4.61
CA GLY A 44 2.77 13.11 -3.41
C GLY A 44 1.80 12.77 -2.29
N THR A 45 0.60 12.36 -2.69
CA THR A 45 -0.42 12.00 -1.73
C THR A 45 -0.93 10.57 -2.01
N VAL A 46 -1.51 9.98 -0.98
CA VAL A 46 -2.03 8.63 -1.09
C VAL A 46 -3.47 8.60 -0.58
N ASP A 47 -4.13 7.48 -0.82
CA ASP A 47 -5.51 7.31 -0.38
C ASP A 47 -6.06 5.99 -0.94
N GLY A 48 -7.36 5.82 -0.78
CA GLY A 48 -8.02 4.61 -1.25
C GLY A 48 -9.39 4.93 -1.84
N THR A 49 -9.84 4.06 -2.73
CA THR A 49 -11.13 4.23 -3.37
C THR A 49 -11.90 2.91 -3.39
N ARG A 50 -13.11 2.96 -2.86
CA ARG A 50 -13.96 1.79 -2.81
C ARG A 50 -13.73 0.91 -4.06
N ASP A 51 -13.72 1.58 -5.20
CA ASP A 51 -13.51 0.88 -6.46
C ASP A 51 -12.66 1.75 -7.39
N ARG A 52 -11.53 1.19 -7.79
CA ARG A 52 -10.62 1.89 -8.67
C ARG A 52 -11.39 2.80 -9.63
N SER A 53 -11.49 4.07 -9.26
CA SER A 53 -12.20 5.04 -10.06
C SER A 53 -11.49 6.40 -10.00
N ASP A 54 -10.19 6.35 -10.24
CA ASP A 54 -9.39 7.56 -10.21
C ASP A 54 -8.66 7.72 -11.55
N GLN A 55 -7.75 8.68 -11.59
CA GLN A 55 -6.99 8.95 -12.80
C GLN A 55 -5.81 7.97 -12.91
N HIS A 56 -5.20 7.71 -11.77
CA HIS A 56 -4.07 6.80 -11.71
C HIS A 56 -3.94 6.21 -10.31
N ILE A 57 -4.45 4.99 -10.17
CA ILE A 57 -4.41 4.30 -8.89
C ILE A 57 -3.50 3.07 -9.01
N GLN A 58 -2.64 3.12 -10.02
CA GLN A 58 -1.71 2.01 -10.24
C GLN A 58 -0.63 1.99 -9.17
N LEU A 59 -0.45 0.82 -8.57
CA LEU A 59 0.55 0.66 -7.53
C LEU A 59 1.40 -0.57 -7.83
N GLN A 60 2.70 -0.38 -7.73
CA GLN A 60 3.65 -1.46 -7.98
C GLN A 60 4.49 -1.75 -6.74
N LEU A 61 4.97 -2.98 -6.66
CA LEU A 61 5.79 -3.39 -5.54
C LEU A 61 7.17 -3.80 -6.04
N SER A 62 8.10 -3.91 -5.09
CA SER A 62 9.46 -4.29 -5.43
C SER A 62 10.06 -5.14 -4.31
N ALA A 63 9.32 -6.17 -3.94
CA ALA A 63 9.76 -7.06 -2.87
C ALA A 63 11.26 -7.29 -3.01
N GLU A 64 11.97 -7.02 -1.92
CA GLU A 64 13.42 -7.20 -1.90
C GLU A 64 13.80 -8.30 -0.92
N SER A 65 12.79 -8.84 -0.24
CA SER A 65 13.01 -9.90 0.72
C SER A 65 11.87 -9.93 1.74
N VAL A 66 11.47 -11.14 2.08
CA VAL A 66 10.39 -11.33 3.04
C VAL A 66 10.60 -10.39 4.24
N GLY A 67 9.52 -9.79 4.69
CA GLY A 67 9.58 -8.87 5.82
C GLY A 67 10.13 -7.51 5.39
N GLU A 68 10.40 -7.39 4.10
CA GLU A 68 10.92 -6.16 3.55
C GLU A 68 10.64 -6.08 2.05
N VAL A 69 9.65 -5.26 1.71
CA VAL A 69 9.27 -5.07 0.32
C VAL A 69 9.28 -3.58 -0.01
N TYR A 70 9.31 -3.31 -1.31
CA TYR A 70 9.31 -1.93 -1.78
C TYR A 70 8.09 -1.64 -2.65
N ILE A 71 7.83 -0.35 -2.83
CA ILE A 71 6.69 0.07 -3.63
C ILE A 71 7.05 1.36 -4.39
N LYS A 72 6.90 1.30 -5.69
CA LYS A 72 7.20 2.45 -6.54
C LYS A 72 6.01 2.74 -7.46
N SER A 73 5.59 3.99 -7.45
CA SER A 73 4.47 4.40 -8.28
C SER A 73 4.80 4.20 -9.75
N THR A 74 4.41 3.03 -10.26
CA THR A 74 4.67 2.71 -11.66
C THR A 74 4.14 3.81 -12.57
N GLU A 75 5.00 4.78 -12.82
CA GLU A 75 4.63 5.90 -13.68
C GLU A 75 5.58 7.08 -13.45
N THR A 76 5.58 7.56 -12.21
CA THR A 76 6.42 8.68 -11.84
C THR A 76 7.68 8.19 -11.13
N GLY A 77 8.02 8.87 -10.04
CA GLY A 77 9.19 8.52 -9.26
C GLY A 77 8.94 8.71 -7.77
N GLN A 78 7.97 7.97 -7.26
CA GLN A 78 7.62 8.05 -5.85
C GLN A 78 7.56 6.65 -5.24
N TYR A 79 8.21 6.52 -4.08
CA TYR A 79 8.23 5.25 -3.39
C TYR A 79 7.34 5.28 -2.14
N LEU A 80 6.27 4.51 -2.21
CA LEU A 80 5.34 4.44 -1.09
C LEU A 80 6.11 4.39 0.22
N ALA A 81 5.41 4.73 1.29
CA ALA A 81 6.03 4.73 2.62
C ALA A 81 4.98 5.12 3.66
N MET A 82 5.41 5.13 4.91
CA MET A 82 4.53 5.48 6.01
C MET A 82 5.25 6.33 7.05
N ASP A 83 4.97 7.62 7.02
CA ASP A 83 5.59 8.55 7.95
C ASP A 83 5.21 8.15 9.38
N THR A 84 5.85 8.81 10.33
CA THR A 84 5.59 8.53 11.74
C THR A 84 4.16 8.92 12.09
N ASP A 85 3.54 9.67 11.21
CA ASP A 85 2.17 10.10 11.42
C ASP A 85 1.22 8.93 11.20
N GLY A 86 1.80 7.82 10.76
CA GLY A 86 1.02 6.61 10.50
C GLY A 86 0.17 6.77 9.23
N LEU A 87 0.55 7.75 8.43
CA LEU A 87 -0.17 8.02 7.19
C LEU A 87 0.72 7.65 6.00
N LEU A 88 0.17 6.82 5.11
CA LEU A 88 0.90 6.39 3.94
C LEU A 88 1.39 7.62 3.16
N TYR A 89 2.63 7.53 2.72
CA TYR A 89 3.22 8.63 1.96
C TYR A 89 4.43 8.15 1.15
N GLY A 90 4.65 8.81 0.04
CA GLY A 90 5.77 8.46 -0.84
C GLY A 90 6.94 9.43 -0.65
N SER A 91 8.13 8.93 -0.95
CA SER A 91 9.34 9.74 -0.81
C SER A 91 10.34 9.37 -1.92
N GLN A 92 11.18 10.33 -2.25
CA GLN A 92 12.19 10.12 -3.27
C GLN A 92 13.37 9.33 -2.71
N THR A 93 13.23 8.94 -1.44
CA THR A 93 14.27 8.18 -0.78
C THR A 93 13.76 6.79 -0.40
N PRO A 94 14.02 5.81 -1.32
CA PRO A 94 13.60 4.45 -1.10
C PRO A 94 14.48 3.76 -0.05
N ASN A 95 14.08 3.90 1.20
CA ASN A 95 14.81 3.30 2.30
C ASN A 95 13.86 2.48 3.17
N GLU A 96 14.39 1.96 4.26
CA GLU A 96 13.60 1.16 5.17
C GLU A 96 12.19 1.73 5.30
N GLU A 97 12.12 3.05 5.34
CA GLU A 97 10.85 3.73 5.45
C GLU A 97 9.96 3.42 4.26
N CYS A 98 10.53 3.59 3.08
CA CYS A 98 9.81 3.33 1.85
C CYS A 98 9.49 1.83 1.78
N LEU A 99 10.30 1.06 2.49
CA LEU A 99 10.13 -0.38 2.53
C LEU A 99 8.83 -0.72 3.26
N PHE A 100 8.49 -1.99 3.23
CA PHE A 100 7.27 -2.46 3.88
C PHE A 100 7.41 -3.91 4.35
N LEU A 101 7.18 -4.10 5.64
CA LEU A 101 7.28 -5.42 6.23
C LEU A 101 6.18 -6.33 5.65
N GLU A 102 6.59 -7.21 4.74
CA GLU A 102 5.66 -8.12 4.11
C GLU A 102 5.91 -9.55 4.59
N ARG A 103 4.82 -10.31 4.68
CA ARG A 103 4.92 -11.70 5.11
C ARG A 103 3.87 -12.54 4.41
N LEU A 104 2.73 -12.71 5.07
CA LEU A 104 1.65 -13.49 4.52
C LEU A 104 0.48 -13.54 5.51
N GLU A 105 -0.65 -12.98 5.08
CA GLU A 105 -1.82 -12.95 5.93
C GLU A 105 -2.76 -14.11 5.58
N GLU A 106 -2.79 -14.43 4.30
CA GLU A 106 -3.64 -15.51 3.83
C GLU A 106 -2.83 -16.47 2.94
N ASN A 107 -3.00 -16.30 1.64
CA ASN A 107 -2.30 -17.14 0.67
C ASN A 107 -2.50 -16.56 -0.73
N HIS A 108 -2.45 -15.24 -0.81
CA HIS A 108 -2.63 -14.56 -2.08
C HIS A 108 -2.19 -13.10 -1.94
N TYR A 109 -2.88 -12.39 -1.07
CA TYR A 109 -2.58 -10.99 -0.84
C TYR A 109 -1.17 -10.82 -0.23
N ASN A 110 -0.94 -9.63 0.31
CA ASN A 110 0.34 -9.34 0.93
C ASN A 110 0.17 -8.17 1.92
N THR A 111 -0.30 -8.52 3.11
CA THR A 111 -0.51 -7.52 4.15
C THR A 111 0.84 -7.03 4.68
N TYR A 112 1.25 -5.88 4.18
CA TYR A 112 2.51 -5.29 4.61
C TYR A 112 2.34 -4.54 5.93
N ILE A 113 3.42 -3.89 6.35
CA ILE A 113 3.41 -3.14 7.59
C ILE A 113 4.50 -2.06 7.54
N SER A 114 4.09 -0.85 7.91
CA SER A 114 5.02 0.27 7.91
C SER A 114 6.30 -0.11 8.66
N LYS A 115 7.26 -0.61 7.90
CA LYS A 115 8.54 -1.01 8.48
C LYS A 115 9.08 0.13 9.34
N LYS A 116 8.95 1.34 8.83
CA LYS A 116 9.42 2.51 9.54
C LYS A 116 8.98 2.43 11.00
N HIS A 117 7.88 1.71 11.21
CA HIS A 117 7.35 1.54 12.55
C HIS A 117 6.32 0.42 12.56
N ALA A 118 6.82 -0.80 12.51
CA ALA A 118 5.96 -1.97 12.51
C ALA A 118 5.73 -2.43 13.95
N GLU A 119 6.34 -1.72 14.88
CA GLU A 119 6.21 -2.04 16.29
C GLU A 119 4.77 -1.86 16.74
N LYS A 120 4.03 -1.07 15.96
CA LYS A 120 2.64 -0.80 16.28
C LYS A 120 1.74 -1.60 15.33
N ASN A 121 2.39 -2.41 14.49
CA ASN A 121 1.67 -3.22 13.53
C ASN A 121 0.96 -2.30 12.53
N TRP A 122 1.43 -1.07 12.47
CA TRP A 122 0.84 -0.09 11.56
C TRP A 122 0.86 -0.69 10.15
N PHE A 123 -0.25 -1.34 9.81
CA PHE A 123 -0.37 -1.96 8.51
C PHE A 123 -0.49 -0.90 7.40
N VAL A 124 -0.81 -1.37 6.20
CA VAL A 124 -0.95 -0.48 5.07
C VAL A 124 -2.34 -0.65 4.46
N GLY A 125 -3.34 -0.71 5.34
CA GLY A 125 -4.71 -0.87 4.90
C GLY A 125 -5.41 0.48 4.78
N LEU A 126 -6.72 0.42 4.52
CA LEU A 126 -7.51 1.62 4.38
C LEU A 126 -8.96 1.33 4.78
N LYS A 127 -9.42 2.07 5.77
CA LYS A 127 -10.78 1.90 6.26
C LYS A 127 -11.71 1.59 5.08
N LYS A 128 -12.42 0.46 5.21
CA LYS A 128 -13.34 0.04 4.16
C LYS A 128 -14.48 1.05 4.07
N ASN A 129 -14.13 2.29 3.78
CA ASN A 129 -15.10 3.35 3.65
C ASN A 129 -14.67 4.32 2.56
N GLY A 130 -13.38 4.64 2.57
CA GLY A 130 -12.82 5.55 1.59
C GLY A 130 -11.84 6.53 2.24
N SER A 131 -10.79 5.97 2.81
CA SER A 131 -9.77 6.78 3.48
C SER A 131 -8.67 5.88 4.03
N CYS A 132 -7.44 6.37 3.91
CA CYS A 132 -6.29 5.62 4.38
C CYS A 132 -6.47 5.38 5.88
N LYS A 133 -5.61 4.51 6.40
CA LYS A 133 -5.67 4.17 7.82
C LYS A 133 -4.54 4.91 8.55
N ARG A 134 -4.92 5.55 9.65
CA ARG A 134 -3.96 6.29 10.46
C ARG A 134 -3.17 5.34 11.35
N GLY A 135 -1.96 5.76 11.70
CA GLY A 135 -1.10 4.96 12.55
C GLY A 135 -1.91 4.23 13.62
N PRO A 136 -2.57 5.04 14.50
CA PRO A 136 -3.38 4.48 15.56
C PRO A 136 -4.70 3.93 15.02
N ARG A 137 -4.58 3.06 14.03
CA ARG A 137 -5.76 2.47 13.42
C ARG A 137 -5.36 1.70 12.14
N THR A 138 -4.23 1.01 12.23
CA THR A 138 -3.74 0.26 11.10
C THR A 138 -3.41 -1.18 11.52
N HIS A 139 -4.41 -1.84 12.09
CA HIS A 139 -4.25 -3.20 12.54
C HIS A 139 -5.29 -4.10 11.87
N TYR A 140 -4.85 -5.31 11.52
CA TYR A 140 -5.72 -6.27 10.86
C TYR A 140 -6.81 -6.75 11.82
N GLY A 141 -7.48 -7.82 11.40
CA GLY A 141 -8.54 -8.40 12.21
C GLY A 141 -9.53 -9.18 11.34
N GLN A 142 -9.92 -8.55 10.24
CA GLN A 142 -10.85 -9.18 9.32
C GLN A 142 -10.16 -9.50 8.00
N LYS A 143 -9.92 -8.46 7.21
CA LYS A 143 -9.27 -8.63 5.93
C LYS A 143 -9.37 -7.32 5.14
N ALA A 144 -8.84 -6.26 5.74
CA ALA A 144 -8.85 -4.95 5.11
C ALA A 144 -7.42 -4.52 4.79
N ILE A 145 -6.54 -5.50 4.77
CA ILE A 145 -5.14 -5.24 4.49
C ILE A 145 -4.67 -6.15 3.35
N LEU A 146 -5.35 -7.28 3.22
CA LEU A 146 -5.02 -8.24 2.18
C LEU A 146 -5.10 -7.57 0.81
N PHE A 147 -3.93 -7.20 0.31
CA PHE A 147 -3.86 -6.53 -0.98
C PHE A 147 -3.72 -7.56 -2.12
N LEU A 148 -4.68 -7.51 -3.03
CA LEU A 148 -4.69 -8.43 -4.16
C LEU A 148 -4.20 -7.70 -5.40
N PRO A 149 -2.93 -8.01 -5.79
CA PRO A 149 -2.33 -7.39 -6.97
C PRO A 149 -2.92 -7.97 -8.25
N LEU A 150 -3.33 -7.08 -9.14
CA LEU A 150 -3.90 -7.49 -10.41
C LEU A 150 -3.29 -6.66 -11.53
N PRO A 151 -1.94 -6.82 -11.70
CA PRO A 151 -1.23 -6.09 -12.74
C PRO A 151 -1.50 -6.67 -14.12
N VAL A 152 -1.15 -5.91 -15.14
CA VAL A 152 -1.36 -6.35 -16.51
C VAL A 152 -0.43 -5.55 -17.44
N SER A 153 0.86 -5.66 -17.16
CA SER A 153 1.85 -4.95 -17.96
C SER A 153 1.80 -5.44 -19.41
N SER A 154 0.83 -4.92 -20.14
CA SER A 154 0.66 -5.29 -21.54
C SER A 154 0.58 -4.04 -22.41
N ASP A 155 1.63 -3.23 -22.33
CA ASP A 155 1.69 -2.00 -23.11
C ASP A 155 3.16 -1.64 -23.36
N LYS A 25 -0.34 1.69 -17.98
CA LYS A 25 0.13 0.99 -16.80
C LYS A 25 -0.85 -0.15 -16.47
N PRO A 26 -0.56 -1.34 -17.05
CA PRO A 26 -1.40 -2.50 -16.82
C PRO A 26 -1.17 -3.08 -15.43
N LYS A 27 -1.31 -2.22 -14.43
CA LYS A 27 -1.12 -2.63 -13.05
C LYS A 27 -2.03 -1.82 -12.14
N LEU A 28 -2.63 -2.49 -11.17
CA LEU A 28 -3.52 -1.84 -10.23
C LEU A 28 -3.80 -2.78 -9.06
N LEU A 29 -3.51 -2.30 -7.87
CA LEU A 29 -3.73 -3.08 -6.66
C LEU A 29 -5.22 -3.08 -6.32
N TYR A 30 -5.66 -4.19 -5.74
CA TYR A 30 -7.06 -4.32 -5.35
C TYR A 30 -7.19 -4.94 -3.96
N CYS A 31 -8.16 -4.43 -3.21
CA CYS A 31 -8.40 -4.92 -1.87
C CYS A 31 -9.10 -6.28 -1.96
N SER A 32 -8.76 -7.15 -1.03
CA SER A 32 -9.36 -8.47 -1.00
C SER A 32 -10.83 -8.39 -0.63
N ASN A 33 -11.07 -8.11 0.65
CA ASN A 33 -12.43 -7.99 1.15
C ASN A 33 -12.80 -6.51 1.27
N GLY A 34 -11.76 -5.67 1.29
CA GLY A 34 -11.96 -4.25 1.40
C GLY A 34 -12.75 -3.70 0.21
N GLY A 35 -12.43 -4.23 -0.96
CA GLY A 35 -13.10 -3.82 -2.18
C GLY A 35 -12.57 -2.47 -2.66
N HIS A 36 -11.73 -1.87 -1.84
CA HIS A 36 -11.15 -0.58 -2.18
C HIS A 36 -9.92 -0.78 -3.07
N PHE A 37 -9.46 0.31 -3.64
CA PHE A 37 -8.30 0.27 -4.52
C PHE A 37 -7.33 1.40 -4.18
N LEU A 38 -6.33 1.06 -3.38
CA LEU A 38 -5.32 2.04 -2.98
C LEU A 38 -5.07 3.00 -4.14
N ARG A 39 -4.74 4.23 -3.77
CA ARG A 39 -4.47 5.26 -4.76
C ARG A 39 -3.40 6.22 -4.26
N ILE A 40 -2.58 6.69 -5.20
CA ILE A 40 -1.51 7.61 -4.86
C ILE A 40 -1.62 8.87 -5.73
N LEU A 41 -1.80 9.99 -5.06
CA LEU A 41 -1.92 11.27 -5.76
C LEU A 41 -0.52 11.85 -6.02
N PRO A 42 -0.38 12.47 -7.21
CA PRO A 42 0.89 13.07 -7.59
C PRO A 42 1.14 14.37 -6.83
N ASP A 43 0.26 14.63 -5.86
CA ASP A 43 0.36 15.83 -5.06
C ASP A 43 1.19 15.54 -3.81
N GLY A 44 1.17 14.28 -3.41
CA GLY A 44 1.91 13.86 -2.23
C GLY A 44 0.98 13.26 -1.18
N THR A 45 -0.25 13.02 -1.59
CA THR A 45 -1.25 12.46 -0.69
C THR A 45 -1.73 11.10 -1.21
N VAL A 46 -1.77 10.14 -0.30
CA VAL A 46 -2.21 8.80 -0.65
C VAL A 46 -3.58 8.53 -0.03
N ASP A 47 -4.24 7.50 -0.53
CA ASP A 47 -5.55 7.14 -0.03
C ASP A 47 -6.07 5.92 -0.81
N GLY A 48 -7.29 5.53 -0.49
CA GLY A 48 -7.91 4.40 -1.15
C GLY A 48 -9.21 4.82 -1.85
N THR A 49 -9.84 3.84 -2.49
CA THR A 49 -11.09 4.09 -3.19
C THR A 49 -11.88 2.80 -3.33
N ARG A 50 -13.12 2.85 -2.84
CA ARG A 50 -14.00 1.70 -2.90
C ARG A 50 -13.94 1.06 -4.29
N ASP A 51 -13.59 1.88 -5.27
CA ASP A 51 -13.50 1.41 -6.64
C ASP A 51 -12.44 2.23 -7.39
N ARG A 52 -11.52 1.52 -8.01
CA ARG A 52 -10.46 2.17 -8.76
C ARG A 52 -11.05 3.12 -9.81
N SER A 53 -10.80 4.41 -9.61
CA SER A 53 -11.30 5.42 -10.52
C SER A 53 -10.87 6.81 -10.05
N ASP A 54 -9.56 7.06 -10.14
CA ASP A 54 -9.02 8.33 -9.74
C ASP A 54 -7.99 8.80 -10.77
N GLN A 55 -7.30 9.88 -10.43
CA GLN A 55 -6.28 10.43 -11.31
C GLN A 55 -5.26 9.35 -11.67
N HIS A 56 -4.84 8.61 -10.66
CA HIS A 56 -3.86 7.55 -10.86
C HIS A 56 -3.68 6.76 -9.56
N ILE A 57 -4.37 5.64 -9.48
CA ILE A 57 -4.29 4.78 -8.30
C ILE A 57 -3.34 3.62 -8.57
N GLN A 58 -2.63 3.73 -9.69
CA GLN A 58 -1.69 2.69 -10.08
C GLN A 58 -0.69 2.43 -8.95
N LEU A 59 -0.54 1.15 -8.63
CA LEU A 59 0.37 0.74 -7.57
C LEU A 59 1.32 -0.33 -8.11
N GLN A 60 2.22 -0.76 -7.23
CA GLN A 60 3.19 -1.78 -7.60
C GLN A 60 4.10 -2.11 -6.42
N LEU A 61 4.53 -3.36 -6.37
CA LEU A 61 5.39 -3.81 -5.30
C LEU A 61 6.75 -4.22 -5.88
N SER A 62 7.76 -4.23 -5.01
CA SER A 62 9.09 -4.60 -5.42
C SER A 62 9.79 -5.40 -4.32
N ALA A 63 9.13 -6.47 -3.90
CA ALA A 63 9.66 -7.32 -2.85
C ALA A 63 11.18 -7.43 -3.02
N GLU A 64 11.89 -7.21 -1.92
CA GLU A 64 13.33 -7.29 -1.92
C GLU A 64 13.82 -8.22 -0.81
N SER A 65 12.86 -8.78 -0.09
CA SER A 65 13.18 -9.70 1.00
C SER A 65 12.02 -9.76 1.98
N VAL A 66 11.49 -10.97 2.16
CA VAL A 66 10.38 -11.19 3.06
C VAL A 66 10.53 -10.26 4.27
N GLY A 67 9.40 -9.89 4.84
CA GLY A 67 9.39 -9.02 6.00
C GLY A 67 9.89 -7.63 5.64
N GLU A 68 10.03 -7.40 4.35
CA GLU A 68 10.50 -6.11 3.86
C GLU A 68 10.46 -6.07 2.32
N VAL A 69 9.45 -5.37 1.81
CA VAL A 69 9.29 -5.25 0.37
C VAL A 69 9.17 -3.78 0.00
N TYR A 70 9.21 -3.52 -1.30
CA TYR A 70 9.10 -2.16 -1.81
C TYR A 70 7.76 -1.94 -2.50
N ILE A 71 7.50 -0.68 -2.82
CA ILE A 71 6.26 -0.32 -3.49
C ILE A 71 6.47 0.97 -4.29
N LYS A 72 6.11 0.90 -5.56
CA LYS A 72 6.26 2.04 -6.45
C LYS A 72 4.94 2.29 -7.19
N SER A 73 4.33 3.43 -6.88
CA SER A 73 3.07 3.78 -7.49
C SER A 73 3.26 4.02 -8.99
N THR A 74 3.28 2.92 -9.73
CA THR A 74 3.46 3.00 -11.17
C THR A 74 2.79 4.24 -11.73
N GLU A 75 3.58 5.30 -11.88
CA GLU A 75 3.07 6.55 -12.40
C GLU A 75 4.16 7.62 -12.36
N THR A 76 4.27 8.28 -11.20
CA THR A 76 5.26 9.32 -11.03
C THR A 76 6.30 8.89 -10.00
N GLY A 77 6.97 7.79 -10.30
CA GLY A 77 8.00 7.27 -9.41
C GLY A 77 7.62 7.52 -7.94
N GLN A 78 6.33 7.46 -7.67
CA GLN A 78 5.84 7.67 -6.32
C GLN A 78 5.86 6.37 -5.53
N TYR A 79 6.82 6.26 -4.63
CA TYR A 79 6.96 5.08 -3.81
C TYR A 79 6.06 5.16 -2.57
N LEU A 80 5.60 4.00 -2.14
CA LEU A 80 4.73 3.92 -0.97
C LEU A 80 5.59 3.89 0.30
N ALA A 81 5.11 4.57 1.32
CA ALA A 81 5.81 4.61 2.59
C ALA A 81 4.85 5.09 3.69
N MET A 82 5.38 5.15 4.90
CA MET A 82 4.59 5.58 6.04
C MET A 82 5.45 6.35 7.04
N ASP A 83 5.22 7.66 7.09
CA ASP A 83 5.97 8.51 8.00
C ASP A 83 5.62 8.14 9.44
N THR A 84 6.33 8.76 10.36
CA THR A 84 6.11 8.51 11.78
C THR A 84 4.68 8.87 12.17
N ASP A 85 4.03 9.63 11.29
CA ASP A 85 2.66 10.05 11.53
C ASP A 85 1.70 8.94 11.06
N GLY A 86 2.30 7.82 10.70
CA GLY A 86 1.52 6.68 10.23
C GLY A 86 0.62 7.07 9.06
N LEU A 87 0.97 8.19 8.44
CA LEU A 87 0.21 8.68 7.31
C LEU A 87 0.90 8.26 6.01
N LEU A 88 0.30 7.28 5.35
CA LEU A 88 0.85 6.77 4.10
C LEU A 88 1.41 7.94 3.28
N TYR A 89 2.60 7.72 2.73
CA TYR A 89 3.25 8.74 1.93
C TYR A 89 4.41 8.15 1.13
N GLY A 90 4.86 8.91 0.15
CA GLY A 90 5.96 8.48 -0.69
C GLY A 90 7.14 9.45 -0.61
N SER A 91 8.31 8.96 -1.00
CA SER A 91 9.51 9.78 -0.96
C SER A 91 10.57 9.18 -1.90
N GLN A 92 11.56 10.00 -2.21
CA GLN A 92 12.64 9.57 -3.08
C GLN A 92 13.76 8.92 -2.27
N THR A 93 13.35 8.16 -1.27
CA THR A 93 14.30 7.48 -0.41
C THR A 93 13.84 6.05 -0.14
N PRO A 94 14.27 5.12 -1.03
CA PRO A 94 13.92 3.72 -0.90
C PRO A 94 14.72 3.06 0.23
N ASN A 95 14.05 2.89 1.37
CA ASN A 95 14.69 2.28 2.52
C ASN A 95 13.61 1.73 3.46
N GLU A 96 14.02 1.45 4.69
CA GLU A 96 13.10 0.93 5.69
C GLU A 96 11.77 1.66 5.61
N GLU A 97 11.85 2.97 5.41
CA GLU A 97 10.66 3.79 5.32
C GLU A 97 9.78 3.32 4.17
N CYS A 98 10.29 3.52 2.95
CA CYS A 98 9.55 3.12 1.76
C CYS A 98 9.19 1.64 1.89
N LEU A 99 10.15 0.87 2.39
CA LEU A 99 9.94 -0.55 2.57
C LEU A 99 8.62 -0.79 3.28
N PHE A 100 8.18 -2.04 3.26
CA PHE A 100 6.92 -2.41 3.90
C PHE A 100 6.96 -3.85 4.40
N LEU A 101 7.21 -3.99 5.68
CA LEU A 101 7.28 -5.31 6.29
C LEU A 101 6.19 -6.20 5.71
N GLU A 102 6.59 -7.02 4.75
CA GLU A 102 5.64 -7.92 4.10
C GLU A 102 5.69 -9.30 4.76
N ARG A 103 4.64 -10.07 4.51
CA ARG A 103 4.53 -11.41 5.08
C ARG A 103 3.24 -12.07 4.63
N LEU A 104 3.33 -12.79 3.52
CA LEU A 104 2.19 -13.49 2.97
C LEU A 104 1.13 -13.66 4.07
N GLU A 105 0.11 -12.83 4.02
CA GLU A 105 -0.95 -12.88 4.99
C GLU A 105 -1.76 -14.18 4.84
N GLU A 106 -1.97 -14.55 3.59
CA GLU A 106 -2.71 -15.77 3.29
C GLU A 106 -1.94 -16.62 2.29
N ASN A 107 -2.31 -16.49 1.03
CA ASN A 107 -1.67 -17.25 -0.03
C ASN A 107 -2.03 -16.63 -1.38
N HIS A 108 -1.85 -15.32 -1.46
CA HIS A 108 -2.16 -14.60 -2.68
C HIS A 108 -1.79 -13.12 -2.52
N TYR A 109 -2.28 -12.54 -1.44
CA TYR A 109 -2.01 -11.15 -1.15
C TYR A 109 -0.54 -10.93 -0.78
N ASN A 110 -0.27 -9.81 -0.13
CA ASN A 110 1.08 -9.49 0.28
C ASN A 110 1.03 -8.33 1.28
N THR A 111 0.06 -8.37 2.16
CA THR A 111 -0.10 -7.34 3.16
C THR A 111 1.25 -6.95 3.76
N TYR A 112 1.33 -5.72 4.24
CA TYR A 112 2.56 -5.22 4.83
C TYR A 112 2.27 -4.47 6.13
N ILE A 113 3.33 -3.96 6.73
CA ILE A 113 3.21 -3.21 7.96
C ILE A 113 4.33 -2.18 8.05
N SER A 114 3.93 -0.92 8.24
CA SER A 114 4.88 0.17 8.34
C SER A 114 6.19 -0.34 8.95
N LYS A 115 7.16 -0.57 8.08
CA LYS A 115 8.47 -1.06 8.52
C LYS A 115 9.17 0.05 9.30
N LYS A 116 8.84 1.28 8.96
CA LYS A 116 9.44 2.42 9.62
C LYS A 116 9.01 2.44 11.09
N HIS A 117 8.03 1.60 11.40
CA HIS A 117 7.52 1.50 12.75
C HIS A 117 6.45 0.41 12.82
N ALA A 118 6.89 -0.81 12.56
CA ALA A 118 5.99 -1.96 12.59
C ALA A 118 5.74 -2.36 14.04
N GLU A 119 6.48 -1.72 14.94
CA GLU A 119 6.34 -2.00 16.37
C GLU A 119 4.91 -1.73 16.83
N LYS A 120 4.18 -1.01 15.98
CA LYS A 120 2.80 -0.67 16.29
C LYS A 120 1.87 -1.43 15.35
N ASN A 121 2.46 -2.31 14.55
CA ASN A 121 1.70 -3.11 13.62
C ASN A 121 0.89 -2.18 12.71
N TRP A 122 1.49 -1.04 12.40
CA TRP A 122 0.84 -0.05 11.54
C TRP A 122 0.72 -0.67 10.14
N PHE A 123 -0.26 -1.55 10.01
CA PHE A 123 -0.50 -2.21 8.74
C PHE A 123 -0.73 -1.18 7.62
N VAL A 124 -0.67 -1.67 6.39
CA VAL A 124 -0.87 -0.81 5.24
C VAL A 124 -2.23 -1.12 4.60
N GLY A 125 -3.27 -0.53 5.17
CA GLY A 125 -4.62 -0.74 4.67
C GLY A 125 -5.51 0.45 4.99
N LEU A 126 -6.16 0.97 3.95
CA LEU A 126 -7.05 2.11 4.11
C LEU A 126 -8.37 1.63 4.71
N LYS A 127 -8.74 2.27 5.82
CA LYS A 127 -9.98 1.94 6.50
C LYS A 127 -10.92 1.24 5.51
N LYS A 128 -11.35 0.04 5.90
CA LYS A 128 -12.25 -0.73 5.07
C LYS A 128 -13.60 -0.01 4.98
N ASN A 129 -13.55 1.21 4.47
CA ASN A 129 -14.75 2.01 4.33
C ASN A 129 -14.57 2.97 3.15
N GLY A 130 -13.42 3.63 3.13
CA GLY A 130 -13.12 4.58 2.08
C GLY A 130 -12.41 5.82 2.64
N SER A 131 -11.22 5.58 3.18
CA SER A 131 -10.43 6.66 3.75
C SER A 131 -9.25 6.08 4.54
N CYS A 132 -8.07 6.59 4.23
CA CYS A 132 -6.85 6.13 4.89
C CYS A 132 -7.07 6.24 6.40
N LYS A 133 -6.03 5.89 7.14
CA LYS A 133 -6.10 5.94 8.59
C LYS A 133 -4.69 6.21 9.15
N ARG A 134 -4.67 6.90 10.28
CA ARG A 134 -3.41 7.24 10.92
C ARG A 134 -2.75 5.98 11.49
N GLY A 135 -1.44 6.06 11.67
CA GLY A 135 -0.69 4.94 12.20
C GLY A 135 -1.50 4.18 13.26
N PRO A 136 -1.92 4.93 14.31
CA PRO A 136 -2.71 4.35 15.38
C PRO A 136 -4.15 4.09 14.94
N ARG A 137 -4.28 3.28 13.90
CA ARG A 137 -5.58 2.95 13.36
C ARG A 137 -5.45 2.15 12.07
N THR A 138 -4.48 1.25 12.07
CA THR A 138 -4.22 0.41 10.91
C THR A 138 -3.54 -0.89 11.32
N HIS A 139 -4.35 -1.93 11.44
CA HIS A 139 -3.84 -3.24 11.83
C HIS A 139 -4.54 -4.33 11.01
N TYR A 140 -4.70 -5.48 11.64
CA TYR A 140 -5.35 -6.61 10.99
C TYR A 140 -6.84 -6.31 10.74
N GLY A 141 -7.59 -7.39 10.54
CA GLY A 141 -9.02 -7.26 10.30
C GLY A 141 -9.32 -6.04 9.43
N GLN A 142 -8.33 -5.67 8.63
CA GLN A 142 -8.48 -4.52 7.74
C GLN A 142 -8.33 -4.95 6.29
N LYS A 143 -9.41 -5.49 5.74
CA LYS A 143 -9.41 -5.94 4.37
C LYS A 143 -8.54 -5.02 3.53
N ALA A 144 -8.42 -3.79 4.00
CA ALA A 144 -7.62 -2.79 3.30
C ALA A 144 -6.18 -3.30 3.15
N ILE A 145 -5.74 -4.03 4.16
CA ILE A 145 -4.41 -4.59 4.16
C ILE A 145 -4.34 -5.74 3.15
N LEU A 146 -5.46 -6.44 3.02
CA LEU A 146 -5.55 -7.56 2.10
C LEU A 146 -5.47 -7.05 0.67
N PHE A 147 -4.26 -6.74 0.24
CA PHE A 147 -4.04 -6.22 -1.10
C PHE A 147 -3.67 -7.37 -2.06
N LEU A 148 -4.38 -7.41 -3.18
CA LEU A 148 -4.14 -8.44 -4.18
C LEU A 148 -3.75 -7.77 -5.50
N PRO A 149 -2.61 -8.24 -6.07
CA PRO A 149 -2.12 -7.70 -7.33
C PRO A 149 -2.96 -8.21 -8.50
N LEU A 150 -3.43 -7.27 -9.31
CA LEU A 150 -4.24 -7.61 -10.47
C LEU A 150 -3.69 -6.90 -11.70
N PRO A 151 -2.37 -7.14 -11.96
CA PRO A 151 -1.70 -6.52 -13.10
C PRO A 151 -2.11 -7.21 -14.40
N VAL A 152 -1.39 -6.89 -15.46
CA VAL A 152 -1.66 -7.47 -16.77
C VAL A 152 -0.57 -7.03 -17.74
N SER A 153 0.66 -7.02 -17.25
CA SER A 153 1.79 -6.63 -18.07
C SER A 153 1.92 -7.58 -19.27
N SER A 154 1.13 -7.29 -20.29
CA SER A 154 1.15 -8.11 -21.50
C SER A 154 1.38 -7.23 -22.74
N ASP A 155 2.61 -6.78 -22.88
CA ASP A 155 2.97 -5.93 -24.00
C ASP A 155 4.47 -6.08 -24.29
N LYS A 25 -0.95 0.76 -18.76
CA LYS A 25 -0.50 0.55 -17.40
C LYS A 25 -1.28 -0.61 -16.78
N PRO A 26 -0.97 -1.83 -17.27
CA PRO A 26 -1.63 -3.03 -16.77
C PRO A 26 -1.10 -3.42 -15.40
N LYS A 27 -1.55 -2.68 -14.40
CA LYS A 27 -1.12 -2.93 -13.02
C LYS A 27 -2.03 -2.15 -12.07
N LEU A 28 -2.61 -2.87 -11.13
CA LEU A 28 -3.49 -2.25 -10.15
C LEU A 28 -3.65 -3.20 -8.96
N LEU A 29 -3.75 -2.60 -7.78
CA LEU A 29 -3.92 -3.38 -6.55
C LEU A 29 -5.39 -3.37 -6.16
N TYR A 30 -5.78 -4.44 -5.46
CA TYR A 30 -7.15 -4.57 -5.02
C TYR A 30 -7.22 -5.03 -3.55
N CYS A 31 -8.28 -4.61 -2.89
CA CYS A 31 -8.46 -4.96 -1.48
C CYS A 31 -9.64 -5.94 -1.39
N SER A 32 -9.52 -6.87 -0.44
CA SER A 32 -10.56 -7.86 -0.24
C SER A 32 -11.88 -7.18 0.10
N ASN A 33 -12.06 -6.89 1.38
CA ASN A 33 -13.27 -6.24 1.84
C ASN A 33 -13.25 -4.77 1.44
N GLY A 34 -14.37 -4.31 0.91
CA GLY A 34 -14.49 -2.93 0.48
C GLY A 34 -14.09 -2.78 -0.99
N GLY A 35 -13.26 -3.70 -1.44
CA GLY A 35 -12.80 -3.68 -2.82
C GLY A 35 -12.06 -2.39 -3.13
N HIS A 36 -11.58 -1.74 -2.07
CA HIS A 36 -10.86 -0.49 -2.23
C HIS A 36 -9.66 -0.70 -3.14
N PHE A 37 -9.24 0.39 -3.78
CA PHE A 37 -8.10 0.34 -4.68
C PHE A 37 -7.13 1.48 -4.39
N LEU A 38 -6.11 1.17 -3.63
CA LEU A 38 -5.10 2.15 -3.27
C LEU A 38 -4.84 3.06 -4.48
N ARG A 39 -4.39 4.27 -4.17
CA ARG A 39 -4.10 5.24 -5.23
C ARG A 39 -2.89 6.10 -4.83
N ILE A 40 -2.32 6.75 -5.83
CA ILE A 40 -1.16 7.59 -5.61
C ILE A 40 -1.39 8.95 -6.28
N LEU A 41 -1.60 9.96 -5.45
CA LEU A 41 -1.84 11.31 -5.95
C LEU A 41 -0.49 12.01 -6.18
N PRO A 42 -0.44 12.80 -7.28
CA PRO A 42 0.78 13.51 -7.63
C PRO A 42 0.97 14.72 -6.71
N ASP A 43 0.15 14.77 -5.66
CA ASP A 43 0.23 15.86 -4.71
C ASP A 43 1.09 15.44 -3.53
N GLY A 44 1.07 14.14 -3.25
CA GLY A 44 1.84 13.60 -2.15
C GLY A 44 0.93 12.99 -1.09
N THR A 45 -0.29 12.69 -1.50
CA THR A 45 -1.26 12.10 -0.60
C THR A 45 -1.74 10.75 -1.13
N VAL A 46 -1.73 9.77 -0.23
CA VAL A 46 -2.16 8.43 -0.60
C VAL A 46 -3.50 8.13 0.05
N ASP A 47 -4.14 7.07 -0.42
CA ASP A 47 -5.42 6.66 0.11
C ASP A 47 -5.96 5.47 -0.70
N GLY A 48 -7.21 5.14 -0.44
CA GLY A 48 -7.86 4.04 -1.14
C GLY A 48 -9.21 4.46 -1.70
N THR A 49 -9.61 3.78 -2.76
CA THR A 49 -10.89 4.08 -3.41
C THR A 49 -11.70 2.79 -3.58
N ARG A 50 -12.93 2.83 -3.09
CA ARG A 50 -13.82 1.69 -3.19
C ARG A 50 -13.63 0.99 -4.53
N ASP A 51 -13.62 1.78 -5.59
CA ASP A 51 -13.44 1.25 -6.92
C ASP A 51 -12.52 2.18 -7.73
N ARG A 52 -11.34 1.66 -8.04
CA ARG A 52 -10.37 2.43 -8.80
C ARG A 52 -11.08 3.39 -9.76
N SER A 53 -10.88 4.68 -9.51
CA SER A 53 -11.49 5.70 -10.34
C SER A 53 -10.96 7.08 -9.93
N ASP A 54 -9.67 7.26 -10.15
CA ASP A 54 -9.03 8.53 -9.82
C ASP A 54 -8.12 8.95 -10.97
N GLN A 55 -7.40 10.04 -10.74
CA GLN A 55 -6.49 10.56 -11.76
C GLN A 55 -5.35 9.58 -12.00
N HIS A 56 -5.16 8.68 -11.04
CA HIS A 56 -4.11 7.69 -11.12
C HIS A 56 -4.04 6.89 -9.82
N ILE A 57 -4.41 5.62 -9.92
CA ILE A 57 -4.40 4.75 -8.75
C ILE A 57 -3.41 3.60 -9.00
N GLN A 58 -2.58 3.79 -10.02
CA GLN A 58 -1.59 2.78 -10.36
C GLN A 58 -0.64 2.55 -9.18
N LEU A 59 -0.16 1.31 -9.09
CA LEU A 59 0.75 0.94 -8.01
C LEU A 59 1.72 -0.12 -8.53
N GLN A 60 2.66 -0.48 -7.66
CA GLN A 60 3.66 -1.49 -8.02
C GLN A 60 4.53 -1.82 -6.80
N LEU A 61 4.87 -3.10 -6.70
CA LEU A 61 5.70 -3.56 -5.59
C LEU A 61 7.07 -3.96 -6.12
N SER A 62 8.03 -4.00 -5.21
CA SER A 62 9.39 -4.37 -5.56
C SER A 62 10.03 -5.20 -4.45
N ALA A 63 9.30 -6.23 -4.04
CA ALA A 63 9.78 -7.11 -2.99
C ALA A 63 11.28 -7.33 -3.16
N GLU A 64 12.02 -7.03 -2.10
CA GLU A 64 13.46 -7.20 -2.12
C GLU A 64 13.89 -8.27 -1.11
N SER A 65 12.90 -8.82 -0.42
CA SER A 65 13.15 -9.84 0.57
C SER A 65 11.92 -10.03 1.45
N VAL A 66 12.01 -11.02 2.33
CA VAL A 66 10.91 -11.32 3.23
C VAL A 66 10.81 -10.23 4.30
N GLY A 67 9.59 -10.04 4.79
CA GLY A 67 9.35 -9.03 5.81
C GLY A 67 9.95 -7.68 5.40
N GLU A 68 10.10 -7.51 4.09
CA GLU A 68 10.65 -6.28 3.56
C GLU A 68 10.47 -6.23 2.04
N VAL A 69 9.55 -5.37 1.62
CA VAL A 69 9.26 -5.22 0.20
C VAL A 69 9.21 -3.73 -0.14
N TYR A 70 9.34 -3.45 -1.42
CA TYR A 70 9.31 -2.07 -1.90
C TYR A 70 8.04 -1.81 -2.72
N ILE A 71 7.77 -0.52 -2.91
CA ILE A 71 6.60 -0.12 -3.68
C ILE A 71 6.91 1.17 -4.43
N LYS A 72 6.58 1.15 -5.72
CA LYS A 72 6.82 2.31 -6.57
C LYS A 72 5.61 2.53 -7.49
N SER A 73 4.82 3.53 -7.14
CA SER A 73 3.64 3.86 -7.92
C SER A 73 4.04 4.24 -9.34
N THR A 74 4.31 3.23 -10.14
CA THR A 74 4.71 3.45 -11.53
C THR A 74 3.73 4.41 -12.22
N GLU A 75 4.07 5.69 -12.17
CA GLU A 75 3.23 6.71 -12.78
C GLU A 75 3.62 8.09 -12.26
N THR A 76 3.77 8.18 -10.95
CA THR A 76 4.14 9.44 -10.31
C THR A 76 5.60 9.40 -9.87
N GLY A 77 6.08 8.19 -9.60
CA GLY A 77 7.45 8.00 -9.16
C GLY A 77 7.57 8.20 -7.66
N GLN A 78 6.53 7.79 -6.95
CA GLN A 78 6.51 7.91 -5.49
C GLN A 78 6.57 6.53 -4.85
N TYR A 79 7.63 6.32 -4.06
CA TYR A 79 7.81 5.05 -3.38
C TYR A 79 6.96 4.99 -2.11
N LEU A 80 5.87 4.23 -2.21
CA LEU A 80 4.97 4.08 -1.08
C LEU A 80 5.78 3.98 0.21
N ALA A 81 5.22 4.53 1.27
CA ALA A 81 5.87 4.51 2.57
C ALA A 81 4.87 4.91 3.65
N MET A 82 5.37 4.98 4.87
CA MET A 82 4.53 5.35 6.01
C MET A 82 5.31 6.20 7.01
N ASP A 83 5.21 7.51 6.83
CA ASP A 83 5.89 8.44 7.71
C ASP A 83 5.72 7.99 9.16
N THR A 84 6.52 8.58 10.03
CA THR A 84 6.47 8.24 11.45
C THR A 84 5.08 8.56 12.02
N ASP A 85 4.32 9.33 11.25
CA ASP A 85 2.99 9.72 11.67
C ASP A 85 2.00 8.62 11.26
N GLY A 86 2.55 7.50 10.80
CA GLY A 86 1.73 6.38 10.39
C GLY A 86 0.76 6.79 9.28
N LEU A 87 1.17 7.79 8.51
CA LEU A 87 0.36 8.28 7.42
C LEU A 87 1.01 7.90 6.09
N LEU A 88 0.38 6.96 5.41
CA LEU A 88 0.88 6.49 4.13
C LEU A 88 1.41 7.68 3.33
N TYR A 89 2.59 7.49 2.75
CA TYR A 89 3.20 8.54 1.96
C TYR A 89 4.38 8.00 1.15
N GLY A 90 4.64 8.66 0.03
CA GLY A 90 5.73 8.25 -0.84
C GLY A 90 6.78 9.36 -0.97
N SER A 91 8.03 8.97 -0.82
CA SER A 91 9.14 9.91 -0.91
C SER A 91 10.11 9.47 -2.02
N GLN A 92 10.95 10.42 -2.41
CA GLN A 92 11.93 10.14 -3.45
C GLN A 92 13.13 9.38 -2.87
N THR A 93 13.01 9.06 -1.59
CA THR A 93 14.07 8.33 -0.90
C THR A 93 13.57 6.96 -0.45
N PRO A 94 13.71 5.96 -1.36
CA PRO A 94 13.29 4.61 -1.07
C PRO A 94 14.26 3.92 -0.10
N ASN A 95 13.83 3.81 1.14
CA ASN A 95 14.65 3.18 2.17
C ASN A 95 13.75 2.33 3.07
N GLU A 96 14.37 1.79 4.12
CA GLU A 96 13.64 0.97 5.08
C GLU A 96 12.23 1.51 5.27
N GLU A 97 12.13 2.83 5.33
CA GLU A 97 10.84 3.48 5.52
C GLU A 97 9.92 3.15 4.35
N CYS A 98 10.41 3.42 3.15
CA CYS A 98 9.63 3.16 1.95
C CYS A 98 9.29 1.67 1.90
N LEU A 99 10.25 0.86 2.32
CA LEU A 99 10.06 -0.58 2.33
C LEU A 99 8.75 -0.91 3.06
N PHE A 100 8.42 -2.19 3.04
CA PHE A 100 7.20 -2.65 3.69
C PHE A 100 7.34 -4.09 4.16
N LEU A 101 7.18 -4.28 5.46
CA LEU A 101 7.28 -5.60 6.05
C LEU A 101 6.21 -6.51 5.45
N GLU A 102 6.64 -7.30 4.48
CA GLU A 102 5.73 -8.22 3.80
C GLU A 102 5.98 -9.65 4.29
N ARG A 103 4.89 -10.40 4.40
CA ARG A 103 4.97 -11.78 4.85
C ARG A 103 3.93 -12.64 4.13
N LEU A 104 2.80 -12.84 4.79
CA LEU A 104 1.73 -13.63 4.22
C LEU A 104 0.58 -13.71 5.23
N GLU A 105 -0.56 -13.16 4.82
CA GLU A 105 -1.74 -13.16 5.66
C GLU A 105 -2.59 -14.40 5.39
N GLU A 106 -2.76 -14.68 4.10
CA GLU A 106 -3.55 -15.83 3.69
C GLU A 106 -2.77 -16.67 2.68
N ASN A 107 -2.98 -16.37 1.41
CA ASN A 107 -2.31 -17.09 0.34
C ASN A 107 -2.73 -16.50 -1.01
N HIS A 108 -2.47 -15.22 -1.17
CA HIS A 108 -2.82 -14.54 -2.40
C HIS A 108 -2.41 -13.07 -2.31
N TYR A 109 -2.68 -12.48 -1.15
CA TYR A 109 -2.35 -11.08 -0.92
C TYR A 109 -0.94 -10.95 -0.34
N ASN A 110 -0.73 -9.85 0.37
CA ASN A 110 0.56 -9.60 0.99
C ASN A 110 0.44 -8.44 1.98
N THR A 111 -0.32 -8.69 3.04
CA THR A 111 -0.53 -7.69 4.07
C THR A 111 0.81 -7.19 4.62
N TYR A 112 1.22 -6.03 4.11
CA TYR A 112 2.48 -5.44 4.53
C TYR A 112 2.31 -4.69 5.87
N ILE A 113 3.37 -4.00 6.25
CA ILE A 113 3.35 -3.24 7.50
C ILE A 113 4.50 -2.23 7.48
N SER A 114 4.13 -0.96 7.58
CA SER A 114 5.12 0.11 7.59
C SER A 114 6.39 -0.36 8.31
N LYS A 115 7.39 -0.71 7.52
CA LYS A 115 8.65 -1.17 8.07
C LYS A 115 9.23 -0.09 8.98
N LYS A 116 8.70 1.12 8.83
CA LYS A 116 9.15 2.23 9.64
C LYS A 116 8.26 2.35 10.88
N HIS A 117 7.26 1.48 10.94
CA HIS A 117 6.34 1.48 12.06
C HIS A 117 5.77 0.07 12.24
N ALA A 118 6.64 -0.91 12.07
CA ALA A 118 6.22 -2.30 12.21
C ALA A 118 6.11 -2.64 13.70
N GLU A 119 6.43 -1.66 14.53
CA GLU A 119 6.37 -1.84 15.97
C GLU A 119 4.94 -1.66 16.47
N LYS A 120 4.19 -0.84 15.75
CA LYS A 120 2.82 -0.57 16.11
C LYS A 120 1.89 -1.36 15.19
N ASN A 121 2.50 -2.11 14.28
CA ASN A 121 1.75 -2.92 13.35
C ASN A 121 0.94 -2.01 12.42
N TRP A 122 1.48 -0.82 12.21
CA TRP A 122 0.83 0.16 11.35
C TRP A 122 0.81 -0.41 9.93
N PHE A 123 -0.13 -1.31 9.69
CA PHE A 123 -0.27 -1.94 8.40
C PHE A 123 -0.40 -0.88 7.29
N VAL A 124 -0.72 -1.36 6.10
CA VAL A 124 -0.88 -0.47 4.95
C VAL A 124 -2.27 -0.66 4.36
N GLY A 125 -3.15 -1.26 5.16
CA GLY A 125 -4.51 -1.51 4.73
C GLY A 125 -5.41 -0.32 5.06
N LEU A 126 -5.79 0.41 4.01
CA LEU A 126 -6.64 1.58 4.19
C LEU A 126 -7.98 1.14 4.78
N LYS A 127 -8.27 1.66 5.96
CA LYS A 127 -9.51 1.34 6.64
C LYS A 127 -10.54 0.85 5.63
N LYS A 128 -10.94 -0.40 5.79
CA LYS A 128 -11.91 -1.01 4.89
C LYS A 128 -13.24 -0.25 5.00
N ASN A 129 -13.18 1.03 4.65
CA ASN A 129 -14.37 1.87 4.71
C ASN A 129 -14.38 2.81 3.51
N GLY A 130 -13.20 3.38 3.23
CA GLY A 130 -13.07 4.29 2.11
C GLY A 130 -12.40 5.60 2.55
N SER A 131 -11.20 5.46 3.08
CA SER A 131 -10.45 6.62 3.54
C SER A 131 -9.24 6.16 4.34
N CYS A 132 -8.06 6.46 3.79
CA CYS A 132 -6.81 6.09 4.44
C CYS A 132 -6.96 6.36 5.94
N LYS A 133 -6.14 5.66 6.71
CA LYS A 133 -6.16 5.82 8.16
C LYS A 133 -4.77 6.25 8.64
N ARG A 134 -4.73 6.67 9.90
CA ARG A 134 -3.47 7.12 10.49
C ARG A 134 -2.82 5.98 11.28
N GLY A 135 -1.55 6.18 11.59
CA GLY A 135 -0.80 5.18 12.33
C GLY A 135 -1.70 4.45 13.34
N PRO A 136 -2.33 5.26 14.24
CA PRO A 136 -3.20 4.72 15.25
C PRO A 136 -4.54 4.29 14.65
N ARG A 137 -4.46 3.42 13.65
CA ARG A 137 -5.65 2.94 12.97
C ARG A 137 -5.26 2.01 11.82
N THR A 138 -4.21 1.25 12.04
CA THR A 138 -3.73 0.32 11.02
C THR A 138 -3.30 -1.00 11.67
N HIS A 139 -4.25 -1.93 11.73
CA HIS A 139 -3.98 -3.23 12.31
C HIS A 139 -4.84 -4.29 11.61
N TYR A 140 -4.56 -5.54 11.95
CA TYR A 140 -5.31 -6.65 11.36
C TYR A 140 -6.81 -6.48 11.57
N GLY A 141 -7.54 -7.57 11.37
CA GLY A 141 -8.97 -7.55 11.53
C GLY A 141 -9.63 -6.64 10.48
N GLN A 142 -8.81 -6.13 9.59
CA GLN A 142 -9.29 -5.25 8.53
C GLN A 142 -8.75 -5.70 7.17
N LYS A 143 -9.65 -6.27 6.38
CA LYS A 143 -9.28 -6.74 5.05
C LYS A 143 -8.56 -5.63 4.30
N ALA A 144 -8.65 -4.42 4.85
CA ALA A 144 -8.01 -3.27 4.24
C ALA A 144 -6.56 -3.61 3.90
N ILE A 145 -5.98 -4.46 4.74
CA ILE A 145 -4.60 -4.88 4.54
C ILE A 145 -4.54 -5.97 3.46
N LEU A 146 -5.63 -6.71 3.37
CA LEU A 146 -5.72 -7.79 2.39
C LEU A 146 -5.70 -7.18 0.98
N PHE A 147 -4.49 -7.07 0.45
CA PHE A 147 -4.31 -6.51 -0.88
C PHE A 147 -3.99 -7.61 -1.90
N LEU A 148 -4.89 -7.76 -2.86
CA LEU A 148 -4.72 -8.77 -3.89
C LEU A 148 -4.26 -8.09 -5.18
N PRO A 149 -2.98 -8.34 -5.54
CA PRO A 149 -2.41 -7.77 -6.75
C PRO A 149 -2.93 -8.49 -8.00
N LEU A 150 -3.40 -7.69 -8.94
CA LEU A 150 -3.93 -8.23 -10.18
C LEU A 150 -3.35 -7.45 -11.37
N PRO A 151 -2.00 -7.55 -11.51
CA PRO A 151 -1.32 -6.86 -12.59
C PRO A 151 -1.55 -7.57 -13.93
N VAL A 152 -0.78 -7.15 -14.93
CA VAL A 152 -0.90 -7.73 -16.25
C VAL A 152 0.13 -7.08 -17.18
N SER A 153 1.32 -6.88 -16.64
CA SER A 153 2.40 -6.26 -17.41
C SER A 153 2.49 -6.91 -18.80
N SER A 154 2.09 -6.14 -19.79
CA SER A 154 2.13 -6.63 -21.16
C SER A 154 2.52 -5.49 -22.11
N ASP A 155 3.82 -5.22 -22.13
CA ASP A 155 4.34 -4.16 -22.99
C ASP A 155 5.67 -4.62 -23.60
N LYS A 25 1.63 0.88 -18.32
CA LYS A 25 1.67 0.46 -16.92
C LYS A 25 0.34 -0.21 -16.56
N PRO A 26 0.12 -1.41 -17.19
CA PRO A 26 -1.10 -2.17 -16.94
C PRO A 26 -1.06 -2.84 -15.57
N LYS A 27 -1.73 -2.23 -14.62
CA LYS A 27 -1.77 -2.76 -13.27
C LYS A 27 -2.67 -1.88 -12.40
N LEU A 28 -3.35 -2.52 -11.46
CA LEU A 28 -4.25 -1.82 -10.56
C LEU A 28 -4.41 -2.62 -9.27
N LEU A 29 -3.80 -2.10 -8.21
CA LEU A 29 -3.87 -2.75 -6.92
C LEU A 29 -5.31 -2.73 -6.41
N TYR A 30 -5.61 -3.65 -5.51
CA TYR A 30 -6.94 -3.74 -4.94
C TYR A 30 -6.91 -4.47 -3.59
N CYS A 31 -7.92 -4.19 -2.79
CA CYS A 31 -8.02 -4.80 -1.47
C CYS A 31 -8.61 -6.21 -1.65
N SER A 32 -8.51 -6.99 -0.59
CA SER A 32 -9.01 -8.35 -0.61
C SER A 32 -10.54 -8.35 -0.61
N ASN A 33 -11.11 -8.91 0.45
CA ASN A 33 -12.55 -8.97 0.58
C ASN A 33 -13.14 -7.59 0.35
N GLY A 34 -14.17 -7.53 -0.47
CA GLY A 34 -14.84 -6.27 -0.78
C GLY A 34 -14.10 -5.11 -0.13
N GLY A 35 -12.85 -4.93 -0.53
CA GLY A 35 -12.04 -3.85 0.00
C GLY A 35 -11.91 -2.70 -1.01
N HIS A 36 -11.07 -1.74 -0.67
CA HIS A 36 -10.85 -0.59 -1.53
C HIS A 36 -9.66 -0.87 -2.45
N PHE A 37 -9.32 0.14 -3.24
CA PHE A 37 -8.21 0.02 -4.17
C PHE A 37 -7.17 1.12 -3.93
N LEU A 38 -6.12 0.74 -3.21
CA LEU A 38 -5.05 1.67 -2.90
C LEU A 38 -4.95 2.71 -4.02
N ARG A 39 -4.70 3.94 -3.62
CA ARG A 39 -4.56 5.03 -4.59
C ARG A 39 -3.53 6.04 -4.10
N ILE A 40 -2.98 6.78 -5.06
CA ILE A 40 -1.98 7.79 -4.74
C ILE A 40 -2.20 9.02 -5.63
N LEU A 41 -1.79 10.16 -5.11
CA LEU A 41 -1.94 11.41 -5.84
C LEU A 41 -0.56 11.89 -6.30
N PRO A 42 -0.54 12.52 -7.51
CA PRO A 42 0.70 13.03 -8.07
C PRO A 42 1.14 14.31 -7.35
N ASP A 43 0.36 14.68 -6.34
CA ASP A 43 0.66 15.87 -5.57
C ASP A 43 1.60 15.52 -4.41
N GLY A 44 1.17 14.53 -3.64
CA GLY A 44 1.96 14.08 -2.50
C GLY A 44 1.06 13.53 -1.39
N THR A 45 0.10 12.72 -1.80
CA THR A 45 -0.84 12.12 -0.86
C THR A 45 -1.17 10.69 -1.28
N VAL A 46 -1.83 9.98 -0.36
CA VAL A 46 -2.22 8.61 -0.62
C VAL A 46 -3.57 8.33 0.03
N ASP A 47 -4.18 7.23 -0.39
CA ASP A 47 -5.48 6.85 0.14
C ASP A 47 -5.99 5.63 -0.62
N GLY A 48 -7.24 5.29 -0.36
CA GLY A 48 -7.86 4.14 -1.01
C GLY A 48 -9.28 4.48 -1.48
N THR A 49 -9.80 3.62 -2.34
CA THR A 49 -11.13 3.82 -2.88
C THR A 49 -11.88 2.48 -2.97
N ARG A 50 -13.07 2.47 -2.39
CA ARG A 50 -13.89 1.27 -2.39
C ARG A 50 -13.88 0.63 -3.78
N ASP A 51 -13.81 1.48 -4.79
CA ASP A 51 -13.79 1.00 -6.16
C ASP A 51 -12.88 1.91 -7.00
N ARG A 52 -11.80 1.32 -7.49
CA ARG A 52 -10.85 2.06 -8.30
C ARG A 52 -11.58 3.08 -9.18
N SER A 53 -11.19 4.34 -9.01
CA SER A 53 -11.80 5.41 -9.77
C SER A 53 -11.18 6.76 -9.38
N ASP A 54 -9.92 6.93 -9.76
CA ASP A 54 -9.20 8.15 -9.45
C ASP A 54 -8.25 8.49 -10.59
N GLN A 55 -7.51 9.57 -10.42
CA GLN A 55 -6.56 10.01 -11.43
C GLN A 55 -5.54 8.90 -11.71
N HIS A 56 -5.13 8.22 -10.66
CA HIS A 56 -4.17 7.15 -10.78
C HIS A 56 -4.00 6.44 -9.43
N ILE A 57 -4.57 5.26 -9.35
CA ILE A 57 -4.50 4.47 -8.12
C ILE A 57 -3.62 3.24 -8.36
N GLN A 58 -2.65 3.41 -9.25
CA GLN A 58 -1.74 2.33 -9.57
C GLN A 58 -0.65 2.20 -8.50
N LEU A 59 -0.57 1.01 -7.93
CA LEU A 59 0.41 0.75 -6.89
C LEU A 59 1.17 -0.54 -7.22
N GLN A 60 2.46 -0.39 -7.45
CA GLN A 60 3.30 -1.53 -7.78
C GLN A 60 4.24 -1.85 -6.61
N LEU A 61 4.36 -3.14 -6.32
CA LEU A 61 5.22 -3.58 -5.24
C LEU A 61 6.58 -3.99 -5.82
N SER A 62 7.56 -4.07 -4.93
CA SER A 62 8.90 -4.45 -5.33
C SER A 62 9.54 -5.32 -4.24
N ALA A 63 8.81 -6.34 -3.83
CA ALA A 63 9.29 -7.24 -2.80
C ALA A 63 10.78 -7.53 -3.04
N GLU A 64 11.56 -7.36 -1.98
CA GLU A 64 12.99 -7.58 -2.06
C GLU A 64 13.40 -8.68 -1.08
N SER A 65 12.42 -9.17 -0.34
CA SER A 65 12.67 -10.22 0.64
C SER A 65 11.56 -10.22 1.69
N VAL A 66 11.09 -11.43 2.00
CA VAL A 66 10.04 -11.59 2.98
C VAL A 66 10.33 -10.70 4.20
N GLY A 67 9.28 -10.07 4.70
CA GLY A 67 9.42 -9.20 5.85
C GLY A 67 9.97 -7.83 5.43
N GLU A 68 10.29 -7.72 4.15
CA GLU A 68 10.83 -6.48 3.63
C GLU A 68 10.56 -6.38 2.12
N VAL A 69 9.56 -5.58 1.79
CA VAL A 69 9.20 -5.39 0.40
C VAL A 69 9.18 -3.90 0.07
N TYR A 70 9.17 -3.60 -1.22
CA TYR A 70 9.14 -2.21 -1.66
C TYR A 70 7.87 -1.92 -2.46
N ILE A 71 7.66 -0.64 -2.72
CA ILE A 71 6.49 -0.21 -3.47
C ILE A 71 6.84 1.02 -4.31
N LYS A 72 6.43 0.97 -5.57
CA LYS A 72 6.70 2.07 -6.48
C LYS A 72 5.47 2.31 -7.36
N SER A 73 4.64 3.24 -6.92
CA SER A 73 3.43 3.58 -7.64
C SER A 73 3.78 4.00 -9.07
N THR A 74 3.91 3.01 -9.94
CA THR A 74 4.25 3.26 -11.33
C THR A 74 3.07 3.94 -12.04
N GLU A 75 3.21 5.24 -12.23
CA GLU A 75 2.18 6.01 -12.90
C GLU A 75 2.39 7.51 -12.65
N THR A 76 2.82 7.82 -11.44
CA THR A 76 3.07 9.21 -11.07
C THR A 76 4.46 9.35 -10.45
N GLY A 77 5.19 8.24 -10.44
CA GLY A 77 6.52 8.23 -9.88
C GLY A 77 6.50 8.50 -8.38
N GLN A 78 6.10 7.47 -7.63
CA GLN A 78 6.03 7.58 -6.19
C GLN A 78 6.33 6.23 -5.54
N TYR A 79 7.00 6.29 -4.39
CA TYR A 79 7.35 5.08 -3.66
C TYR A 79 6.57 4.99 -2.34
N LEU A 80 5.55 4.16 -2.34
CA LEU A 80 4.72 3.97 -1.16
C LEU A 80 5.62 3.88 0.06
N ALA A 81 5.17 4.53 1.13
CA ALA A 81 5.92 4.54 2.38
C ALA A 81 4.99 4.93 3.53
N MET A 82 5.59 5.06 4.70
CA MET A 82 4.82 5.42 5.89
C MET A 82 5.72 6.11 6.92
N ASP A 83 5.44 7.39 7.14
CA ASP A 83 6.20 8.18 8.09
C ASP A 83 5.77 7.82 9.51
N THR A 84 6.44 8.43 10.48
CA THR A 84 6.12 8.18 11.88
C THR A 84 4.68 8.54 12.17
N ASP A 85 4.09 9.29 11.25
CA ASP A 85 2.70 9.72 11.39
C ASP A 85 1.77 8.62 10.87
N GLY A 86 2.37 7.47 10.58
CA GLY A 86 1.62 6.33 10.07
C GLY A 86 0.68 6.76 8.93
N LEU A 87 1.08 7.82 8.25
CA LEU A 87 0.29 8.34 7.14
C LEU A 87 0.97 7.95 5.82
N LEU A 88 0.36 7.01 5.13
CA LEU A 88 0.89 6.54 3.86
C LEU A 88 1.38 7.75 3.05
N TYR A 89 2.62 7.63 2.59
CA TYR A 89 3.23 8.70 1.80
C TYR A 89 4.31 8.14 0.87
N GLY A 90 4.82 9.02 0.02
CA GLY A 90 5.86 8.63 -0.92
C GLY A 90 7.23 9.07 -0.42
N SER A 91 8.25 8.39 -0.92
CA SER A 91 9.62 8.70 -0.53
C SER A 91 10.56 8.45 -1.71
N GLN A 92 11.19 9.53 -2.15
CA GLN A 92 12.12 9.45 -3.28
C GLN A 92 13.38 8.68 -2.86
N THR A 93 13.43 8.35 -1.58
CA THR A 93 14.57 7.62 -1.04
C THR A 93 14.14 6.24 -0.56
N PRO A 94 14.39 5.22 -1.42
CA PRO A 94 14.03 3.85 -1.10
C PRO A 94 15.00 3.26 -0.07
N ASN A 95 14.54 3.22 1.17
CA ASN A 95 15.35 2.69 2.25
C ASN A 95 14.44 2.25 3.40
N GLU A 96 14.98 2.33 4.61
CA GLU A 96 14.22 1.94 5.79
C GLU A 96 13.05 2.89 6.00
N GLU A 97 12.08 2.81 5.10
CA GLU A 97 10.90 3.65 5.19
C GLU A 97 9.93 3.31 4.05
N CYS A 98 10.45 3.36 2.83
CA CYS A 98 9.64 3.07 1.66
C CYS A 98 9.29 1.59 1.68
N LEU A 99 10.21 0.80 2.23
CA LEU A 99 10.01 -0.64 2.31
C LEU A 99 8.70 -0.93 3.03
N PHE A 100 8.41 -2.21 3.19
CA PHE A 100 7.18 -2.63 3.86
C PHE A 100 7.29 -4.07 4.34
N LEU A 101 7.10 -4.25 5.64
CA LEU A 101 7.17 -5.58 6.23
C LEU A 101 6.07 -6.46 5.64
N GLU A 102 6.49 -7.35 4.76
CA GLU A 102 5.56 -8.26 4.10
C GLU A 102 5.30 -9.48 4.99
N ARG A 103 4.19 -10.15 4.72
CA ARG A 103 3.81 -11.33 5.48
C ARG A 103 2.59 -12.00 4.85
N LEU A 104 2.85 -12.75 3.79
CA LEU A 104 1.78 -13.45 3.09
C LEU A 104 0.65 -13.77 4.08
N GLU A 105 -0.34 -12.91 4.09
CA GLU A 105 -1.48 -13.08 4.97
C GLU A 105 -2.20 -14.38 4.66
N GLU A 106 -2.38 -14.63 3.37
CA GLU A 106 -3.05 -15.84 2.92
C GLU A 106 -2.22 -16.54 1.84
N ASN A 107 -2.68 -16.41 0.60
CA ASN A 107 -2.00 -17.02 -0.53
C ASN A 107 -2.09 -16.10 -1.74
N HIS A 108 -2.02 -14.79 -1.46
CA HIS A 108 -2.08 -13.80 -2.51
C HIS A 108 -1.88 -12.41 -1.92
N TYR A 109 -2.84 -12.00 -1.10
CA TYR A 109 -2.77 -10.69 -0.46
C TYR A 109 -1.44 -10.52 0.29
N ASN A 110 -0.84 -9.36 0.07
CA ASN A 110 0.43 -9.05 0.70
C ASN A 110 0.21 -7.98 1.78
N THR A 111 -0.30 -8.43 2.92
CA THR A 111 -0.56 -7.53 4.03
C THR A 111 0.76 -7.01 4.62
N TYR A 112 1.17 -5.85 4.12
CA TYR A 112 2.41 -5.24 4.59
C TYR A 112 2.18 -4.49 5.90
N ILE A 113 3.24 -3.84 6.36
CA ILE A 113 3.18 -3.08 7.60
C ILE A 113 4.37 -2.12 7.67
N SER A 114 4.06 -0.87 7.98
CA SER A 114 5.08 0.15 8.08
C SER A 114 6.36 -0.45 8.68
N LYS A 115 7.30 -0.75 7.80
CA LYS A 115 8.57 -1.33 8.23
C LYS A 115 9.34 -0.30 9.04
N LYS A 116 9.07 0.97 8.76
CA LYS A 116 9.73 2.05 9.46
C LYS A 116 9.32 2.02 10.94
N HIS A 117 8.25 1.28 11.21
CA HIS A 117 7.77 1.16 12.57
C HIS A 117 6.61 0.16 12.61
N ALA A 118 6.97 -1.11 12.41
CA ALA A 118 5.96 -2.17 12.43
C ALA A 118 5.62 -2.53 13.87
N GLU A 119 6.39 -1.95 14.79
CA GLU A 119 6.18 -2.20 16.20
C GLU A 119 4.77 -1.74 16.62
N LYS A 120 4.23 -0.83 15.83
CA LYS A 120 2.90 -0.30 16.10
C LYS A 120 1.88 -1.01 15.21
N ASN A 121 2.39 -1.94 14.41
CA ASN A 121 1.53 -2.69 13.49
C ASN A 121 0.85 -1.72 12.53
N TRP A 122 1.53 -0.60 12.28
CA TRP A 122 0.99 0.40 11.38
C TRP A 122 0.89 -0.21 9.99
N PHE A 123 -0.18 -0.97 9.78
CA PHE A 123 -0.42 -1.62 8.51
C PHE A 123 -0.58 -0.59 7.39
N VAL A 124 -0.73 -1.10 6.18
CA VAL A 124 -0.89 -0.25 5.02
C VAL A 124 -2.30 -0.42 4.45
N GLY A 125 -3.19 -0.92 5.30
CA GLY A 125 -4.57 -1.13 4.89
C GLY A 125 -5.43 0.08 5.22
N LEU A 126 -5.77 0.83 4.18
CA LEU A 126 -6.59 2.01 4.34
C LEU A 126 -7.94 1.62 4.95
N LYS A 127 -8.17 2.13 6.15
CA LYS A 127 -9.41 1.85 6.85
C LYS A 127 -10.48 1.42 5.85
N LYS A 128 -10.90 0.16 5.98
CA LYS A 128 -11.91 -0.37 5.09
C LYS A 128 -13.21 0.42 5.26
N ASN A 129 -13.12 1.71 4.97
CA ASN A 129 -14.29 2.58 5.09
C ASN A 129 -14.37 3.48 3.86
N GLY A 130 -13.22 3.98 3.44
CA GLY A 130 -13.16 4.84 2.27
C GLY A 130 -12.38 6.12 2.58
N SER A 131 -11.16 5.93 3.10
CA SER A 131 -10.31 7.04 3.44
C SER A 131 -9.10 6.55 4.24
N CYS A 132 -7.94 7.06 3.88
CA CYS A 132 -6.71 6.69 4.55
C CYS A 132 -6.94 6.78 6.06
N LYS A 133 -5.96 6.29 6.80
CA LYS A 133 -6.04 6.31 8.26
C LYS A 133 -4.64 6.42 8.85
N ARG A 134 -4.56 7.07 9.99
CA ARG A 134 -3.29 7.24 10.67
C ARG A 134 -2.79 5.91 11.24
N GLY A 135 -1.48 5.81 11.37
CA GLY A 135 -0.87 4.60 11.89
C GLY A 135 -1.74 3.99 13.00
N PRO A 136 -2.02 4.81 14.05
CA PRO A 136 -2.83 4.37 15.17
C PRO A 136 -4.31 4.31 14.78
N ARG A 137 -4.58 3.58 13.71
CA ARG A 137 -5.94 3.43 13.22
C ARG A 137 -5.96 2.62 11.93
N THR A 138 -5.10 1.61 11.87
CA THR A 138 -5.01 0.77 10.70
C THR A 138 -4.30 -0.54 11.04
N HIS A 139 -5.09 -1.54 11.37
CA HIS A 139 -4.55 -2.85 11.72
C HIS A 139 -5.30 -3.93 10.94
N TYR A 140 -5.13 -5.17 11.40
CA TYR A 140 -5.77 -6.30 10.76
C TYR A 140 -7.30 -6.10 10.70
N GLY A 141 -8.00 -7.22 10.60
CA GLY A 141 -9.45 -7.20 10.54
C GLY A 141 -9.93 -6.15 9.52
N GLN A 142 -9.05 -5.82 8.60
CA GLN A 142 -9.36 -4.83 7.58
C GLN A 142 -8.73 -5.23 6.25
N LYS A 143 -9.57 -5.75 5.36
CA LYS A 143 -9.10 -6.17 4.05
C LYS A 143 -8.13 -5.12 3.50
N ALA A 144 -8.27 -3.91 4.02
CA ALA A 144 -7.42 -2.81 3.59
C ALA A 144 -5.96 -3.30 3.51
N ILE A 145 -5.55 -4.00 4.56
CA ILE A 145 -4.20 -4.52 4.62
C ILE A 145 -4.02 -5.58 3.53
N LEU A 146 -5.09 -6.32 3.28
CA LEU A 146 -5.05 -7.36 2.28
C LEU A 146 -5.16 -6.72 0.89
N PHE A 147 -4.03 -6.69 0.20
CA PHE A 147 -3.98 -6.11 -1.13
C PHE A 147 -3.70 -7.19 -2.18
N LEU A 148 -4.58 -7.25 -3.17
CA LEU A 148 -4.44 -8.23 -4.24
C LEU A 148 -4.07 -7.50 -5.54
N PRO A 149 -2.74 -7.52 -5.85
CA PRO A 149 -2.24 -6.86 -7.05
C PRO A 149 -2.58 -7.69 -8.29
N LEU A 150 -3.09 -7.00 -9.30
CA LEU A 150 -3.45 -7.66 -10.55
C LEU A 150 -2.70 -6.99 -11.71
N PRO A 151 -1.38 -7.28 -11.78
CA PRO A 151 -0.54 -6.71 -12.83
C PRO A 151 -0.81 -7.41 -14.18
N VAL A 152 -0.18 -6.88 -15.21
CA VAL A 152 -0.33 -7.44 -16.54
C VAL A 152 0.61 -6.72 -17.50
N SER A 153 1.86 -6.58 -17.07
CA SER A 153 2.87 -5.92 -17.87
C SER A 153 3.03 -6.64 -19.21
N SER A 154 2.17 -6.29 -20.14
CA SER A 154 2.21 -6.90 -21.47
C SER A 154 2.63 -5.87 -22.51
N ASP A 155 3.92 -5.55 -22.49
CA ASP A 155 4.46 -4.58 -23.43
C ASP A 155 5.98 -4.58 -23.33
N LYS A 25 0.49 -0.32 -18.82
CA LYS A 25 0.70 -0.67 -17.42
C LYS A 25 -0.64 -0.83 -16.73
N PRO A 26 -1.41 -1.87 -17.19
CA PRO A 26 -2.71 -2.14 -16.63
C PRO A 26 -2.59 -2.80 -15.26
N LYS A 27 -1.84 -2.15 -14.39
CA LYS A 27 -1.63 -2.67 -13.03
C LYS A 27 -2.36 -1.76 -12.04
N LEU A 28 -2.98 -2.41 -11.05
CA LEU A 28 -3.71 -1.68 -10.03
C LEU A 28 -4.07 -2.64 -8.89
N LEU A 29 -3.64 -2.27 -7.70
CA LEU A 29 -3.91 -3.09 -6.52
C LEU A 29 -5.40 -3.02 -6.19
N TYR A 30 -5.81 -3.89 -5.28
CA TYR A 30 -7.20 -3.94 -4.86
C TYR A 30 -7.34 -4.63 -3.49
N CYS A 31 -8.33 -4.16 -2.74
CA CYS A 31 -8.58 -4.72 -1.42
C CYS A 31 -9.60 -5.85 -1.56
N SER A 32 -9.45 -6.85 -0.71
CA SER A 32 -10.35 -7.99 -0.73
C SER A 32 -11.76 -7.56 -0.30
N ASN A 33 -11.96 -7.50 1.00
CA ASN A 33 -13.25 -7.10 1.54
C ASN A 33 -13.45 -5.61 1.32
N GLY A 34 -12.43 -4.85 1.67
CA GLY A 34 -12.48 -3.40 1.52
C GLY A 34 -12.79 -3.02 0.08
N GLY A 35 -12.34 -3.85 -0.84
CA GLY A 35 -12.56 -3.60 -2.26
C GLY A 35 -11.98 -2.25 -2.68
N HIS A 36 -11.18 -1.68 -1.79
CA HIS A 36 -10.57 -0.39 -2.06
C HIS A 36 -9.35 -0.59 -2.97
N PHE A 37 -9.19 0.34 -3.90
CA PHE A 37 -8.08 0.28 -4.84
C PHE A 37 -7.06 1.39 -4.54
N LEU A 38 -6.11 1.07 -3.69
CA LEU A 38 -5.08 2.02 -3.32
C LEU A 38 -4.71 2.86 -4.55
N ARG A 39 -4.24 4.07 -4.27
CA ARG A 39 -3.85 4.98 -5.34
C ARG A 39 -2.63 5.80 -4.92
N ILE A 40 -2.21 6.69 -5.80
CA ILE A 40 -1.07 7.55 -5.54
C ILE A 40 -1.17 8.81 -6.38
N LEU A 41 -1.22 9.95 -5.69
CA LEU A 41 -1.32 11.23 -6.37
C LEU A 41 0.03 11.93 -6.32
N PRO A 42 0.37 12.62 -7.44
CA PRO A 42 1.63 13.34 -7.53
C PRO A 42 1.59 14.63 -6.71
N ASP A 43 0.47 14.81 -6.00
CA ASP A 43 0.30 15.98 -5.17
C ASP A 43 0.97 15.76 -3.81
N GLY A 44 0.92 14.51 -3.36
CA GLY A 44 1.52 14.16 -2.08
C GLY A 44 0.45 13.65 -1.11
N THR A 45 -0.55 12.99 -1.66
CA THR A 45 -1.63 12.44 -0.85
C THR A 45 -2.03 11.06 -1.36
N VAL A 46 -1.91 10.09 -0.48
CA VAL A 46 -2.27 8.71 -0.83
C VAL A 46 -3.56 8.33 -0.11
N ASP A 47 -4.13 7.22 -0.55
CA ASP A 47 -5.37 6.74 0.04
C ASP A 47 -5.87 5.52 -0.75
N GLY A 48 -7.08 5.11 -0.44
CA GLY A 48 -7.69 3.97 -1.11
C GLY A 48 -9.12 4.28 -1.53
N THR A 49 -9.36 4.16 -2.83
CA THR A 49 -10.68 4.42 -3.38
C THR A 49 -11.53 3.14 -3.38
N ARG A 50 -12.78 3.30 -2.98
CA ARG A 50 -13.69 2.17 -2.93
C ARG A 50 -13.61 1.36 -4.23
N ASP A 51 -13.57 2.09 -5.33
CA ASP A 51 -13.48 1.45 -6.64
C ASP A 51 -12.67 2.33 -7.59
N ARG A 52 -11.51 1.82 -7.96
CA ARG A 52 -10.62 2.54 -8.85
C ARG A 52 -11.43 3.52 -9.72
N SER A 53 -11.52 4.75 -9.23
CA SER A 53 -12.26 5.78 -9.94
C SER A 53 -11.38 7.03 -10.11
N ASP A 54 -10.08 6.78 -10.22
CA ASP A 54 -9.14 7.87 -10.38
C ASP A 54 -8.27 7.60 -11.61
N GLN A 55 -7.33 8.51 -11.85
CA GLN A 55 -6.44 8.39 -12.99
C GLN A 55 -5.17 7.65 -12.58
N HIS A 56 -4.72 7.92 -11.36
CA HIS A 56 -3.52 7.27 -10.84
C HIS A 56 -3.86 6.49 -9.58
N ILE A 57 -4.28 5.24 -9.79
CA ILE A 57 -4.63 4.37 -8.68
C ILE A 57 -3.89 3.05 -8.82
N GLN A 58 -2.85 3.07 -9.63
CA GLN A 58 -2.04 1.88 -9.86
C GLN A 58 -0.98 1.73 -8.77
N LEU A 59 -0.45 0.53 -8.67
CA LEU A 59 0.57 0.25 -7.66
C LEU A 59 1.53 -0.81 -8.22
N GLN A 60 2.67 -0.93 -7.54
CA GLN A 60 3.68 -1.89 -7.95
C GLN A 60 4.65 -2.16 -6.80
N LEU A 61 4.90 -3.43 -6.56
CA LEU A 61 5.81 -3.83 -5.50
C LEU A 61 7.21 -4.02 -6.07
N SER A 62 8.19 -3.98 -5.18
CA SER A 62 9.58 -4.14 -5.59
C SER A 62 10.37 -4.84 -4.48
N ALA A 63 9.81 -5.95 -4.01
CA ALA A 63 10.45 -6.73 -2.96
C ALA A 63 11.96 -6.75 -3.19
N GLU A 64 12.69 -6.32 -2.18
CA GLU A 64 14.14 -6.28 -2.26
C GLU A 64 14.75 -7.21 -1.21
N SER A 65 13.87 -7.88 -0.47
CA SER A 65 14.32 -8.79 0.57
C SER A 65 13.11 -9.39 1.29
N VAL A 66 13.38 -10.34 2.17
CA VAL A 66 12.33 -10.98 2.93
C VAL A 66 11.96 -10.10 4.13
N GLY A 67 10.70 -10.18 4.50
CA GLY A 67 10.20 -9.40 5.64
C GLY A 67 10.34 -7.90 5.36
N GLU A 68 10.61 -7.58 4.10
CA GLU A 68 10.76 -6.20 3.69
C GLU A 68 10.73 -6.08 2.17
N VAL A 69 9.75 -5.34 1.68
CA VAL A 69 9.61 -5.14 0.25
C VAL A 69 9.33 -3.66 -0.04
N TYR A 70 9.49 -3.30 -1.30
CA TYR A 70 9.26 -1.92 -1.71
C TYR A 70 8.03 -1.81 -2.60
N ILE A 71 7.60 -0.58 -2.82
CA ILE A 71 6.43 -0.32 -3.64
C ILE A 71 6.65 0.95 -4.45
N LYS A 72 6.50 0.83 -5.76
CA LYS A 72 6.69 1.96 -6.65
C LYS A 72 5.47 2.07 -7.58
N SER A 73 4.51 2.87 -7.15
CA SER A 73 3.31 3.08 -7.93
C SER A 73 3.66 3.53 -9.35
N THR A 74 3.72 2.55 -10.25
CA THR A 74 4.05 2.84 -11.64
C THR A 74 3.12 3.90 -12.20
N GLU A 75 3.57 5.14 -12.11
CA GLU A 75 2.78 6.26 -12.61
C GLU A 75 3.46 7.58 -12.25
N THR A 76 3.64 7.78 -10.95
CA THR A 76 4.27 9.00 -10.46
C THR A 76 5.80 8.91 -10.60
N GLY A 77 6.47 9.01 -9.47
CA GLY A 77 7.92 8.93 -9.45
C GLY A 77 8.44 8.72 -8.03
N GLN A 78 7.64 8.04 -7.23
CA GLN A 78 8.00 7.77 -5.85
C GLN A 78 7.68 6.31 -5.50
N TYR A 79 7.77 6.02 -4.21
CA TYR A 79 7.49 4.68 -3.73
C TYR A 79 6.67 4.72 -2.42
N LEU A 80 5.61 3.92 -2.40
CA LEU A 80 4.76 3.86 -1.23
C LEU A 80 5.62 3.86 0.03
N ALA A 81 5.07 4.47 1.07
CA ALA A 81 5.79 4.56 2.34
C ALA A 81 4.80 4.97 3.44
N MET A 82 5.32 5.02 4.66
CA MET A 82 4.51 5.40 5.81
C MET A 82 5.35 6.15 6.85
N ASP A 83 5.41 7.46 6.68
CA ASP A 83 6.17 8.30 7.60
C ASP A 83 5.84 7.89 9.04
N THR A 84 6.62 8.41 9.96
CA THR A 84 6.44 8.11 11.38
C THR A 84 5.08 8.63 11.85
N ASP A 85 4.46 9.43 11.00
CA ASP A 85 3.16 10.00 11.32
C ASP A 85 2.07 8.94 11.08
N GLY A 86 2.50 7.84 10.48
CA GLY A 86 1.57 6.75 10.19
C GLY A 86 0.61 7.13 9.06
N LEU A 87 1.04 8.09 8.26
CA LEU A 87 0.23 8.55 7.14
C LEU A 87 0.89 8.14 5.82
N LEU A 88 0.23 7.22 5.13
CA LEU A 88 0.75 6.73 3.86
C LEU A 88 1.34 7.90 3.08
N TYR A 89 2.52 7.67 2.52
CA TYR A 89 3.21 8.68 1.75
C TYR A 89 4.28 8.06 0.85
N GLY A 90 4.71 8.84 -0.13
CA GLY A 90 5.73 8.38 -1.06
C GLY A 90 7.09 9.00 -0.74
N SER A 91 8.13 8.29 -1.10
CA SER A 91 9.48 8.75 -0.86
C SER A 91 10.42 8.26 -1.97
N GLN A 92 11.14 9.21 -2.54
CA GLN A 92 12.07 8.89 -3.62
C GLN A 92 13.32 8.22 -3.05
N THR A 93 13.33 8.07 -1.73
CA THR A 93 14.46 7.44 -1.06
C THR A 93 14.02 6.13 -0.40
N PRO A 94 14.28 5.01 -1.13
CA PRO A 94 13.91 3.70 -0.63
C PRO A 94 14.87 3.24 0.46
N ASN A 95 14.38 3.27 1.70
CA ASN A 95 15.20 2.87 2.84
C ASN A 95 14.28 2.29 3.92
N GLU A 96 14.79 2.31 5.15
CA GLU A 96 14.04 1.79 6.28
C GLU A 96 12.82 2.67 6.55
N GLU A 97 11.87 2.62 5.62
CA GLU A 97 10.66 3.40 5.74
C GLU A 97 9.72 3.12 4.56
N CYS A 98 10.23 3.39 3.36
CA CYS A 98 9.46 3.18 2.16
C CYS A 98 9.13 1.69 2.05
N LEU A 99 10.04 0.87 2.54
CA LEU A 99 9.86 -0.57 2.52
C LEU A 99 8.54 -0.92 3.21
N PHE A 100 8.19 -2.19 3.13
CA PHE A 100 6.97 -2.68 3.74
C PHE A 100 7.11 -4.13 4.19
N LEU A 101 7.07 -4.32 5.51
CA LEU A 101 7.19 -5.65 6.07
C LEU A 101 6.10 -6.55 5.49
N GLU A 102 6.49 -7.32 4.49
CA GLU A 102 5.56 -8.23 3.84
C GLU A 102 5.02 -9.26 4.85
N ARG A 103 3.97 -9.96 4.44
CA ARG A 103 3.37 -10.96 5.29
C ARG A 103 2.18 -11.61 4.58
N LEU A 104 2.46 -12.73 3.91
CA LEU A 104 1.43 -13.45 3.19
C LEU A 104 0.32 -13.84 4.16
N GLU A 105 -0.59 -12.92 4.40
CA GLU A 105 -1.70 -13.16 5.30
C GLU A 105 -2.34 -14.52 5.00
N GLU A 106 -2.56 -14.77 3.72
CA GLU A 106 -3.15 -16.02 3.28
C GLU A 106 -2.32 -16.65 2.17
N ASN A 107 -2.82 -16.51 0.95
CA ASN A 107 -2.12 -17.06 -0.20
C ASN A 107 -2.25 -16.09 -1.38
N HIS A 108 -2.21 -14.81 -1.05
CA HIS A 108 -2.31 -13.77 -2.06
C HIS A 108 -2.13 -12.40 -1.40
N TYR A 109 -3.02 -12.10 -0.46
CA TYR A 109 -2.97 -10.84 0.24
C TYR A 109 -1.68 -10.70 1.04
N ASN A 110 -0.76 -9.91 0.51
CA ASN A 110 0.52 -9.69 1.16
C ASN A 110 0.38 -8.55 2.17
N THR A 111 -0.44 -8.80 3.18
CA THR A 111 -0.67 -7.81 4.22
C THR A 111 0.67 -7.30 4.77
N TYR A 112 1.06 -6.14 4.27
CA TYR A 112 2.32 -5.53 4.70
C TYR A 112 2.15 -4.83 6.06
N ILE A 113 3.15 -4.04 6.40
CA ILE A 113 3.13 -3.31 7.65
C ILE A 113 4.28 -2.30 7.67
N SER A 114 3.90 -1.03 7.79
CA SER A 114 4.88 0.03 7.82
C SER A 114 6.16 -0.44 8.53
N LYS A 115 7.15 -0.78 7.72
CA LYS A 115 8.42 -1.26 8.26
C LYS A 115 9.01 -0.20 9.18
N LYS A 116 8.49 1.01 9.04
CA LYS A 116 8.95 2.13 9.85
C LYS A 116 8.13 2.19 11.14
N HIS A 117 7.04 1.43 11.15
CA HIS A 117 6.16 1.40 12.30
C HIS A 117 5.63 -0.03 12.49
N ALA A 118 6.50 -1.00 12.27
CA ALA A 118 6.14 -2.39 12.42
C ALA A 118 5.92 -2.71 13.90
N GLU A 119 6.46 -1.83 14.74
CA GLU A 119 6.32 -2.01 16.18
C GLU A 119 4.94 -1.58 16.64
N LYS A 120 4.29 -0.78 15.81
CA LYS A 120 2.95 -0.30 16.13
C LYS A 120 1.92 -1.09 15.33
N ASN A 121 2.43 -1.97 14.47
CA ASN A 121 1.57 -2.79 13.64
C ASN A 121 0.86 -1.91 12.61
N TRP A 122 1.39 -0.70 12.45
CA TRP A 122 0.82 0.24 11.51
C TRP A 122 0.82 -0.42 10.13
N PHE A 123 -0.32 -1.01 9.79
CA PHE A 123 -0.47 -1.68 8.51
C PHE A 123 -0.61 -0.66 7.37
N VAL A 124 -0.90 -1.19 6.19
CA VAL A 124 -1.06 -0.34 5.02
C VAL A 124 -2.46 -0.54 4.44
N GLY A 125 -3.31 -1.18 5.23
CA GLY A 125 -4.68 -1.45 4.81
C GLY A 125 -5.58 -0.25 5.10
N LEU A 126 -5.93 0.46 4.04
CA LEU A 126 -6.78 1.64 4.17
C LEU A 126 -8.12 1.21 4.78
N LYS A 127 -8.44 1.81 5.92
CA LYS A 127 -9.69 1.50 6.61
C LYS A 127 -10.70 0.98 5.59
N LYS A 128 -11.15 -0.26 5.83
CA LYS A 128 -12.12 -0.89 4.94
C LYS A 128 -13.43 -0.11 5.01
N ASN A 129 -13.36 1.16 4.63
CA ASN A 129 -14.53 2.02 4.64
C ASN A 129 -14.50 2.92 3.41
N GLY A 130 -13.33 3.48 3.15
CA GLY A 130 -13.16 4.36 2.00
C GLY A 130 -12.51 5.67 2.42
N SER A 131 -11.29 5.58 2.92
CA SER A 131 -10.55 6.74 3.36
C SER A 131 -9.31 6.32 4.14
N CYS A 132 -8.17 6.80 3.66
CA CYS A 132 -6.90 6.47 4.31
C CYS A 132 -7.09 6.54 5.82
N LYS A 133 -6.22 5.84 6.53
CA LYS A 133 -6.29 5.82 7.98
C LYS A 133 -4.92 6.21 8.55
N ARG A 134 -4.95 6.62 9.81
CA ARG A 134 -3.73 7.04 10.49
C ARG A 134 -3.02 5.81 11.08
N GLY A 135 -1.73 5.98 11.33
CA GLY A 135 -0.93 4.92 11.90
C GLY A 135 -1.70 4.18 13.00
N PRO A 136 -2.14 4.96 14.02
CA PRO A 136 -2.89 4.39 15.13
C PRO A 136 -4.32 4.07 14.71
N ARG A 137 -4.44 3.12 13.80
CA ARG A 137 -5.75 2.71 13.30
C ARG A 137 -5.59 1.77 12.11
N THR A 138 -4.59 0.90 12.21
CA THR A 138 -4.33 -0.06 11.14
C THR A 138 -3.80 -1.37 11.73
N HIS A 139 -4.70 -2.31 11.89
CA HIS A 139 -4.33 -3.61 12.43
C HIS A 139 -5.13 -4.71 11.72
N TYR A 140 -4.81 -5.95 12.07
CA TYR A 140 -5.49 -7.09 11.48
C TYR A 140 -7.00 -6.96 11.58
N GLY A 141 -7.68 -8.06 11.32
CA GLY A 141 -9.14 -8.08 11.39
C GLY A 141 -9.75 -7.08 10.40
N GLN A 142 -8.88 -6.47 9.62
CA GLN A 142 -9.31 -5.50 8.63
C GLN A 142 -8.80 -5.89 7.24
N LYS A 143 -9.71 -6.43 6.44
CA LYS A 143 -9.36 -6.84 5.09
C LYS A 143 -8.69 -5.68 4.36
N ALA A 144 -8.76 -4.51 4.98
CA ALA A 144 -8.17 -3.32 4.40
C ALA A 144 -6.70 -3.60 4.08
N ILE A 145 -6.08 -4.40 4.92
CA ILE A 145 -4.68 -4.75 4.74
C ILE A 145 -4.55 -5.75 3.60
N LEU A 146 -5.60 -6.54 3.42
CA LEU A 146 -5.62 -7.54 2.37
C LEU A 146 -5.64 -6.84 1.01
N PHE A 147 -4.51 -6.93 0.32
CA PHE A 147 -4.38 -6.31 -0.99
C PHE A 147 -4.05 -7.36 -2.05
N LEU A 148 -4.90 -7.44 -3.05
CA LEU A 148 -4.72 -8.39 -4.14
C LEU A 148 -4.40 -7.62 -5.42
N PRO A 149 -3.08 -7.63 -5.79
CA PRO A 149 -2.64 -6.94 -6.98
C PRO A 149 -3.02 -7.73 -8.24
N LEU A 150 -3.40 -6.99 -9.28
CA LEU A 150 -3.78 -7.61 -10.53
C LEU A 150 -3.02 -6.94 -11.68
N PRO A 151 -1.69 -7.20 -11.70
CA PRO A 151 -0.83 -6.64 -12.73
C PRO A 151 -1.03 -7.37 -14.06
N VAL A 152 -0.42 -6.82 -15.10
CA VAL A 152 -0.52 -7.40 -16.43
C VAL A 152 0.44 -6.68 -17.37
N SER A 153 1.59 -6.32 -16.83
CA SER A 153 2.60 -5.61 -17.61
C SER A 153 2.66 -6.20 -19.03
N SER A 154 1.99 -5.52 -19.94
CA SER A 154 1.95 -5.96 -21.33
C SER A 154 1.26 -4.91 -22.19
N ASP A 155 1.95 -3.80 -22.39
CA ASP A 155 1.41 -2.71 -23.20
C ASP A 155 2.51 -1.69 -23.48
N LYS A 25 -3.86 1.23 -17.60
CA LYS A 25 -3.98 0.82 -16.20
C LYS A 25 -3.89 -0.70 -16.10
N PRO A 26 -2.68 -1.24 -16.42
CA PRO A 26 -2.46 -2.67 -16.38
C PRO A 26 -2.34 -3.16 -14.94
N LYS A 27 -1.58 -2.42 -14.15
CA LYS A 27 -1.38 -2.76 -12.75
C LYS A 27 -2.31 -1.91 -11.87
N LEU A 28 -2.84 -2.54 -10.85
CA LEU A 28 -3.74 -1.86 -9.93
C LEU A 28 -4.08 -2.79 -8.77
N LEU A 29 -3.62 -2.41 -7.59
CA LEU A 29 -3.87 -3.20 -6.39
C LEU A 29 -5.38 -3.28 -6.15
N TYR A 30 -5.75 -4.20 -5.27
CA TYR A 30 -7.16 -4.38 -4.94
C TYR A 30 -7.32 -5.07 -3.58
N CYS A 31 -8.14 -4.47 -2.73
CA CYS A 31 -8.38 -5.01 -1.41
C CYS A 31 -9.26 -6.26 -1.55
N SER A 32 -9.10 -7.17 -0.60
CA SER A 32 -9.87 -8.40 -0.61
C SER A 32 -11.37 -8.08 -0.53
N ASN A 33 -11.85 -7.97 0.70
CA ASN A 33 -13.26 -7.67 0.92
C ASN A 33 -13.51 -6.17 0.69
N GLY A 34 -12.69 -5.36 1.33
CA GLY A 34 -12.80 -3.92 1.20
C GLY A 34 -13.26 -3.53 -0.21
N GLY A 35 -12.68 -4.22 -1.19
CA GLY A 35 -13.03 -3.97 -2.58
C GLY A 35 -12.47 -2.61 -3.04
N HIS A 36 -11.75 -1.98 -2.14
CA HIS A 36 -11.15 -0.68 -2.44
C HIS A 36 -9.92 -0.88 -3.31
N PHE A 37 -9.53 0.20 -3.99
CA PHE A 37 -8.37 0.16 -4.86
C PHE A 37 -7.43 1.33 -4.58
N LEU A 38 -6.41 1.05 -3.78
CA LEU A 38 -5.43 2.06 -3.43
C LEU A 38 -5.14 2.92 -4.65
N ARG A 39 -4.63 4.12 -4.38
CA ARG A 39 -4.30 5.05 -5.45
C ARG A 39 -3.02 5.83 -5.10
N ILE A 40 -2.40 6.37 -6.13
CA ILE A 40 -1.18 7.15 -5.93
C ILE A 40 -1.29 8.46 -6.72
N LEU A 41 -1.40 9.55 -5.97
CA LEU A 41 -1.50 10.86 -6.58
C LEU A 41 -0.10 11.42 -6.82
N PRO A 42 0.06 12.09 -7.99
CA PRO A 42 1.34 12.68 -8.35
C PRO A 42 1.59 13.96 -7.56
N ASP A 43 0.75 14.17 -6.55
CA ASP A 43 0.87 15.35 -5.72
C ASP A 43 1.68 15.00 -4.46
N GLY A 44 1.56 13.76 -4.06
CA GLY A 44 2.27 13.28 -2.87
C GLY A 44 1.28 12.83 -1.79
N THR A 45 0.07 12.51 -2.22
CA THR A 45 -0.96 12.07 -1.31
C THR A 45 -1.50 10.70 -1.74
N VAL A 46 -1.60 9.81 -0.77
CA VAL A 46 -2.10 8.47 -1.04
C VAL A 46 -3.48 8.30 -0.41
N ASP A 47 -4.15 7.23 -0.79
CA ASP A 47 -5.48 6.96 -0.27
C ASP A 47 -6.04 5.71 -0.95
N GLY A 48 -7.33 5.48 -0.74
CA GLY A 48 -7.99 4.33 -1.33
C GLY A 48 -9.34 4.73 -1.94
N THR A 49 -9.77 3.95 -2.92
CA THR A 49 -11.03 4.20 -3.58
C THR A 49 -11.84 2.92 -3.70
N ARG A 50 -13.11 3.02 -3.33
CA ARG A 50 -14.00 1.88 -3.38
C ARG A 50 -13.82 1.12 -4.70
N ASP A 51 -13.76 1.88 -5.78
CA ASP A 51 -13.59 1.30 -7.10
C ASP A 51 -12.63 2.18 -7.91
N ARG A 52 -11.46 1.62 -8.19
CA ARG A 52 -10.45 2.33 -8.96
C ARG A 52 -11.12 3.31 -9.93
N SER A 53 -10.77 4.58 -9.77
CA SER A 53 -11.32 5.61 -10.63
C SER A 53 -10.77 6.98 -10.24
N ASP A 54 -9.48 7.15 -10.51
CA ASP A 54 -8.81 8.40 -10.18
C ASP A 54 -7.82 8.76 -11.30
N GLN A 55 -7.07 9.81 -11.07
CA GLN A 55 -6.09 10.26 -12.03
C GLN A 55 -5.08 9.14 -12.34
N HIS A 56 -4.79 8.37 -11.30
CA HIS A 56 -3.86 7.26 -11.44
C HIS A 56 -3.75 6.51 -10.11
N ILE A 57 -4.31 5.31 -10.11
CA ILE A 57 -4.28 4.48 -8.91
C ILE A 57 -3.35 3.28 -9.14
N GLN A 58 -2.55 3.40 -10.18
CA GLN A 58 -1.61 2.34 -10.52
C GLN A 58 -0.57 2.17 -9.41
N LEU A 59 -0.67 1.04 -8.73
CA LEU A 59 0.26 0.74 -7.64
C LEU A 59 1.17 -0.41 -8.06
N GLN A 60 2.46 -0.23 -7.79
CA GLN A 60 3.44 -1.24 -8.14
C GLN A 60 4.36 -1.51 -6.94
N LEU A 61 4.60 -2.79 -6.69
CA LEU A 61 5.46 -3.19 -5.59
C LEU A 61 6.82 -3.61 -6.14
N SER A 62 7.79 -3.67 -5.24
CA SER A 62 9.14 -4.05 -5.62
C SER A 62 9.75 -4.96 -4.55
N ALA A 63 9.02 -6.03 -4.25
CA ALA A 63 9.47 -6.98 -3.25
C ALA A 63 10.97 -7.22 -3.41
N GLU A 64 11.69 -7.02 -2.32
CA GLU A 64 13.13 -7.21 -2.32
C GLU A 64 13.52 -8.38 -1.42
N SER A 65 12.51 -8.94 -0.77
CA SER A 65 12.74 -10.05 0.13
C SER A 65 11.60 -10.14 1.16
N VAL A 66 11.16 -11.37 1.40
CA VAL A 66 10.09 -11.60 2.35
C VAL A 66 10.30 -10.71 3.58
N GLY A 67 9.21 -10.13 4.05
CA GLY A 67 9.27 -9.26 5.22
C GLY A 67 9.88 -7.91 4.87
N GLU A 68 10.17 -7.74 3.59
CA GLU A 68 10.75 -6.51 3.11
C GLU A 68 10.47 -6.33 1.61
N VAL A 69 9.54 -5.43 1.32
CA VAL A 69 9.17 -5.15 -0.06
C VAL A 69 9.12 -3.64 -0.29
N TYR A 70 9.17 -3.26 -1.56
CA TYR A 70 9.14 -1.86 -1.92
C TYR A 70 7.89 -1.53 -2.74
N ILE A 71 7.67 -0.24 -2.94
CA ILE A 71 6.52 0.21 -3.71
C ILE A 71 6.90 1.48 -4.48
N LYS A 72 6.62 1.46 -5.77
CA LYS A 72 6.92 2.59 -6.63
C LYS A 72 5.72 2.88 -7.53
N SER A 73 5.15 4.06 -7.33
CA SER A 73 3.98 4.47 -8.12
C SER A 73 4.27 4.26 -9.60
N THR A 74 3.74 3.17 -10.13
CA THR A 74 3.94 2.85 -11.54
C THR A 74 3.46 4.00 -12.42
N GLU A 75 4.29 5.03 -12.50
CA GLU A 75 3.96 6.20 -13.30
C GLU A 75 5.00 7.30 -13.08
N THR A 76 4.93 7.92 -11.92
CA THR A 76 5.86 8.98 -11.58
C THR A 76 7.11 8.41 -10.89
N GLY A 77 7.48 9.04 -9.79
CA GLY A 77 8.64 8.61 -9.03
C GLY A 77 8.39 8.72 -7.53
N GLN A 78 7.19 8.31 -7.13
CA GLN A 78 6.81 8.36 -5.73
C GLN A 78 6.82 6.95 -5.14
N TYR A 79 7.72 6.75 -4.17
CA TYR A 79 7.84 5.46 -3.51
C TYR A 79 6.96 5.40 -2.27
N LEU A 80 5.88 4.65 -2.37
CA LEU A 80 4.95 4.50 -1.26
C LEU A 80 5.75 4.32 0.04
N ALA A 81 5.15 4.76 1.13
CA ALA A 81 5.79 4.66 2.43
C ALA A 81 4.79 5.05 3.52
N MET A 82 5.27 5.04 4.75
CA MET A 82 4.44 5.40 5.89
C MET A 82 5.23 6.21 6.92
N ASP A 83 4.80 7.45 7.11
CA ASP A 83 5.46 8.34 8.05
C ASP A 83 5.13 7.88 9.48
N THR A 84 5.80 8.50 10.43
CA THR A 84 5.59 8.18 11.83
C THR A 84 4.12 8.40 12.22
N ASP A 85 3.42 9.13 11.35
CA ASP A 85 2.02 9.42 11.59
C ASP A 85 1.17 8.25 11.09
N GLY A 86 1.85 7.20 10.66
CA GLY A 86 1.18 6.02 10.16
C GLY A 86 0.27 6.37 8.98
N LEU A 87 0.60 7.47 8.33
CA LEU A 87 -0.17 7.92 7.19
C LEU A 87 0.62 7.65 5.90
N LEU A 88 0.17 6.64 5.17
CA LEU A 88 0.83 6.27 3.93
C LEU A 88 1.26 7.54 3.18
N TYR A 89 2.46 7.49 2.64
CA TYR A 89 2.99 8.62 1.89
C TYR A 89 4.21 8.21 1.06
N GLY A 90 4.44 8.96 0.00
CA GLY A 90 5.56 8.69 -0.89
C GLY A 90 6.74 9.62 -0.59
N SER A 91 7.93 9.12 -0.86
CA SER A 91 9.13 9.90 -0.63
C SER A 91 10.20 9.53 -1.66
N GLN A 92 11.15 10.44 -1.84
CA GLN A 92 12.24 10.22 -2.78
C GLN A 92 13.42 9.54 -2.09
N THR A 93 13.09 8.73 -1.10
CA THR A 93 14.11 8.02 -0.35
C THR A 93 13.70 6.55 -0.15
N PRO A 94 14.10 5.70 -1.14
CA PRO A 94 13.78 4.29 -1.08
C PRO A 94 14.67 3.56 -0.06
N ASN A 95 14.07 3.28 1.09
CA ASN A 95 14.78 2.60 2.15
C ASN A 95 13.77 1.92 3.08
N GLU A 96 14.26 1.54 4.25
CA GLU A 96 13.41 0.89 5.24
C GLU A 96 12.02 1.52 5.25
N GLU A 97 12.00 2.84 5.15
CA GLU A 97 10.75 3.57 5.16
C GLU A 97 9.86 3.10 4.01
N CYS A 98 10.23 3.51 2.80
CA CYS A 98 9.48 3.14 1.62
C CYS A 98 9.14 1.64 1.72
N LEU A 99 10.11 0.89 2.19
CA LEU A 99 9.93 -0.55 2.34
C LEU A 99 8.60 -0.83 3.06
N PHE A 100 8.19 -2.08 3.02
CA PHE A 100 6.96 -2.49 3.66
C PHE A 100 7.03 -3.95 4.12
N LEU A 101 7.22 -4.11 5.42
CA LEU A 101 7.31 -5.44 6.00
C LEU A 101 6.09 -6.26 5.57
N GLU A 102 6.31 -7.12 4.59
CA GLU A 102 5.24 -7.97 4.08
C GLU A 102 4.81 -8.97 5.15
N ARG A 103 3.79 -9.75 4.80
CA ARG A 103 3.28 -10.76 5.73
C ARG A 103 2.12 -11.51 5.08
N LEU A 104 2.44 -12.63 4.46
CA LEU A 104 1.44 -13.46 3.81
C LEU A 104 0.35 -13.82 4.82
N GLU A 105 -0.63 -12.93 4.92
CA GLU A 105 -1.74 -13.14 5.84
C GLU A 105 -2.55 -14.37 5.42
N GLU A 106 -3.03 -14.32 4.19
CA GLU A 106 -3.83 -15.42 3.65
C GLU A 106 -2.95 -16.32 2.77
N ASN A 107 -3.37 -16.45 1.52
CA ASN A 107 -2.64 -17.27 0.58
C ASN A 107 -2.44 -16.49 -0.73
N HIS A 108 -2.16 -15.21 -0.57
CA HIS A 108 -1.94 -14.34 -1.72
C HIS A 108 -1.64 -12.92 -1.24
N TYR A 109 -2.59 -12.35 -0.54
CA TYR A 109 -2.44 -11.00 -0.01
C TYR A 109 -1.05 -10.80 0.57
N ASN A 110 -0.60 -9.55 0.56
CA ASN A 110 0.70 -9.21 1.09
C ASN A 110 0.55 -8.11 2.13
N THR A 111 -0.15 -8.44 3.20
CA THR A 111 -0.38 -7.48 4.28
C THR A 111 0.95 -6.93 4.79
N TYR A 112 1.30 -5.75 4.28
CA TYR A 112 2.55 -5.11 4.68
C TYR A 112 2.39 -4.41 6.02
N ILE A 113 3.47 -3.75 6.43
CA ILE A 113 3.47 -3.04 7.70
C ILE A 113 4.57 -1.98 7.69
N SER A 114 4.20 -0.78 8.08
CA SER A 114 5.15 0.32 8.12
C SER A 114 6.49 -0.15 8.68
N LYS A 115 7.39 -0.49 7.76
CA LYS A 115 8.71 -0.96 8.17
C LYS A 115 9.44 0.16 8.90
N LYS A 116 9.03 1.39 8.62
CA LYS A 116 9.65 2.54 9.25
C LYS A 116 9.33 2.53 10.75
N HIS A 117 8.41 1.65 11.11
CA HIS A 117 8.00 1.53 12.51
C HIS A 117 6.94 0.44 12.64
N ALA A 118 7.33 -0.78 12.27
CA ALA A 118 6.43 -1.91 12.35
C ALA A 118 6.21 -2.29 13.81
N GLU A 119 7.09 -1.76 14.66
CA GLU A 119 7.01 -2.04 16.09
C GLU A 119 5.64 -1.62 16.63
N LYS A 120 4.96 -0.78 15.87
CA LYS A 120 3.66 -0.29 16.27
C LYS A 120 2.58 -1.08 15.53
N ASN A 121 3.03 -1.98 14.68
CA ASN A 121 2.11 -2.82 13.91
C ASN A 121 1.27 -1.93 13.01
N TRP A 122 1.90 -0.89 12.47
CA TRP A 122 1.22 0.04 11.60
C TRP A 122 1.13 -0.61 10.21
N PHE A 123 -0.02 -1.23 9.96
CA PHE A 123 -0.25 -1.88 8.68
C PHE A 123 -0.56 -0.87 7.59
N VAL A 124 -0.78 -1.38 6.39
CA VAL A 124 -1.10 -0.53 5.26
C VAL A 124 -2.53 -0.79 4.80
N GLY A 125 -3.40 -1.03 5.78
CA GLY A 125 -4.80 -1.29 5.50
C GLY A 125 -5.62 -0.01 5.57
N LEU A 126 -6.24 0.33 4.45
CA LEU A 126 -7.06 1.52 4.38
C LEU A 126 -8.52 1.16 4.64
N LYS A 127 -9.11 1.84 5.62
CA LYS A 127 -10.49 1.60 5.98
C LYS A 127 -11.30 1.30 4.72
N LYS A 128 -12.07 0.23 4.80
CA LYS A 128 -12.89 -0.19 3.67
C LYS A 128 -14.02 0.82 3.48
N ASN A 129 -13.62 2.06 3.25
CA ASN A 129 -14.59 3.13 3.04
C ASN A 129 -14.04 4.11 1.99
N GLY A 130 -12.78 4.45 2.15
CA GLY A 130 -12.12 5.36 1.23
C GLY A 130 -11.38 6.47 1.98
N SER A 131 -10.28 6.07 2.61
CA SER A 131 -9.47 7.01 3.36
C SER A 131 -8.42 6.26 4.17
N CYS A 132 -7.16 6.58 3.90
CA CYS A 132 -6.06 5.94 4.60
C CYS A 132 -6.34 6.00 6.10
N LYS A 133 -5.72 5.08 6.83
CA LYS A 133 -5.89 5.01 8.27
C LYS A 133 -4.71 5.70 8.95
N ARG A 134 -4.87 5.92 10.25
CA ARG A 134 -3.83 6.57 11.03
C ARG A 134 -3.00 5.52 11.78
N GLY A 135 -1.75 5.86 12.03
CA GLY A 135 -0.85 4.96 12.73
C GLY A 135 -1.59 4.23 13.86
N PRO A 136 -2.22 5.05 14.76
CA PRO A 136 -2.96 4.50 15.88
C PRO A 136 -4.29 3.89 15.41
N ARG A 137 -4.20 3.03 14.42
CA ARG A 137 -5.38 2.38 13.87
C ARG A 137 -5.04 1.66 12.57
N THR A 138 -3.87 1.05 12.56
CA THR A 138 -3.41 0.32 11.39
C THR A 138 -3.02 -1.11 11.77
N HIS A 139 -4.00 -1.84 12.29
CA HIS A 139 -3.76 -3.22 12.71
C HIS A 139 -4.88 -4.11 12.15
N TYR A 140 -4.46 -5.24 11.59
CA TYR A 140 -5.40 -6.17 11.02
C TYR A 140 -6.46 -6.59 12.05
N GLY A 141 -7.25 -7.58 11.68
CA GLY A 141 -8.31 -8.08 12.56
C GLY A 141 -9.54 -8.49 11.76
N GLN A 142 -9.58 -8.02 10.52
CA GLN A 142 -10.70 -8.34 9.63
C GLN A 142 -10.20 -8.72 8.25
N LYS A 143 -9.85 -7.69 7.48
CA LYS A 143 -9.36 -7.91 6.13
C LYS A 143 -9.25 -6.56 5.41
N ALA A 144 -8.73 -5.58 6.12
CA ALA A 144 -8.58 -4.24 5.57
C ALA A 144 -7.12 -4.05 5.12
N ILE A 145 -6.39 -5.15 5.09
CA ILE A 145 -4.99 -5.11 4.69
C ILE A 145 -4.78 -6.09 3.52
N LEU A 146 -5.66 -7.08 3.46
CA LEU A 146 -5.58 -8.07 2.40
C LEU A 146 -5.56 -7.37 1.04
N PHE A 147 -4.36 -7.26 0.49
CA PHE A 147 -4.18 -6.62 -0.80
C PHE A 147 -3.86 -7.64 -1.89
N LEU A 148 -4.72 -7.68 -2.90
CA LEU A 148 -4.54 -8.61 -4.00
C LEU A 148 -4.16 -7.83 -5.26
N PRO A 149 -2.83 -7.81 -5.56
CA PRO A 149 -2.33 -7.11 -6.73
C PRO A 149 -2.64 -7.88 -8.00
N LEU A 150 -2.97 -7.14 -9.05
CA LEU A 150 -3.29 -7.74 -10.33
C LEU A 150 -2.54 -7.00 -11.43
N PRO A 151 -1.18 -7.10 -11.39
CA PRO A 151 -0.34 -6.45 -12.37
C PRO A 151 -0.38 -7.19 -13.71
N VAL A 152 0.09 -6.51 -14.74
CA VAL A 152 0.12 -7.10 -16.07
C VAL A 152 1.00 -6.24 -16.99
N SER A 153 2.25 -6.07 -16.58
CA SER A 153 3.18 -5.27 -17.35
C SER A 153 3.35 -5.87 -18.74
N SER A 154 2.43 -5.52 -19.63
CA SER A 154 2.46 -6.01 -20.99
C SER A 154 2.25 -4.86 -21.97
N ASP A 155 3.10 -3.86 -21.85
CA ASP A 155 3.02 -2.69 -22.71
C ASP A 155 4.41 -2.07 -22.85
N LYS A 25 -2.74 -0.29 -18.43
CA LYS A 25 -3.08 -1.23 -17.37
C LYS A 25 -1.81 -1.94 -16.90
N PRO A 26 -0.94 -1.14 -16.22
CA PRO A 26 0.31 -1.69 -15.71
C PRO A 26 0.07 -2.54 -14.47
N LYS A 27 -0.65 -1.96 -13.52
CA LYS A 27 -0.95 -2.65 -12.27
C LYS A 27 -2.20 -2.01 -11.65
N LEU A 28 -2.94 -2.84 -10.92
CA LEU A 28 -4.14 -2.38 -10.26
C LEU A 28 -4.40 -3.24 -9.02
N LEU A 29 -4.04 -2.68 -7.86
CA LEU A 29 -4.22 -3.39 -6.61
C LEU A 29 -5.73 -3.53 -6.33
N TYR A 30 -6.03 -4.37 -5.35
CA TYR A 30 -7.41 -4.61 -4.97
C TYR A 30 -7.50 -5.20 -3.56
N CYS A 31 -8.27 -4.51 -2.72
CA CYS A 31 -8.45 -4.95 -1.35
C CYS A 31 -9.48 -6.08 -1.34
N SER A 32 -9.24 -7.05 -0.46
CA SER A 32 -10.13 -8.18 -0.34
C SER A 32 -11.54 -7.70 -0.01
N ASN A 33 -11.83 -7.63 1.29
CA ASN A 33 -13.14 -7.20 1.75
C ASN A 33 -13.36 -5.75 1.31
N GLY A 34 -12.57 -4.86 1.90
CA GLY A 34 -12.68 -3.44 1.58
C GLY A 34 -13.02 -3.24 0.10
N GLY A 35 -12.44 -4.08 -0.73
CA GLY A 35 -12.68 -4.00 -2.17
C GLY A 35 -12.24 -2.64 -2.72
N HIS A 36 -11.42 -1.96 -1.94
CA HIS A 36 -10.93 -0.66 -2.34
C HIS A 36 -9.68 -0.82 -3.21
N PHE A 37 -9.39 0.21 -3.98
CA PHE A 37 -8.24 0.19 -4.86
C PHE A 37 -7.26 1.32 -4.52
N LEU A 38 -6.24 0.97 -3.74
CA LEU A 38 -5.25 1.95 -3.34
C LEU A 38 -4.93 2.86 -4.52
N ARG A 39 -4.66 4.12 -4.20
CA ARG A 39 -4.33 5.10 -5.22
C ARG A 39 -3.19 6.01 -4.74
N ILE A 40 -2.31 6.33 -5.68
CA ILE A 40 -1.18 7.19 -5.36
C ILE A 40 -1.24 8.44 -6.24
N LEU A 41 -1.31 9.59 -5.58
CA LEU A 41 -1.37 10.85 -6.28
C LEU A 41 0.05 11.43 -6.42
N PRO A 42 0.32 11.97 -7.64
CA PRO A 42 1.63 12.54 -7.92
C PRO A 42 1.79 13.90 -7.23
N ASP A 43 0.84 14.20 -6.36
CA ASP A 43 0.86 15.46 -5.63
C ASP A 43 1.56 15.26 -4.28
N GLY A 44 1.48 14.03 -3.79
CA GLY A 44 2.09 13.69 -2.52
C GLY A 44 1.04 13.22 -1.51
N THR A 45 -0.09 12.77 -2.04
CA THR A 45 -1.17 12.28 -1.20
C THR A 45 -1.56 10.86 -1.60
N VAL A 46 -1.88 10.06 -0.60
CA VAL A 46 -2.28 8.69 -0.84
C VAL A 46 -3.65 8.44 -0.19
N ASP A 47 -4.25 7.32 -0.59
CA ASP A 47 -5.55 6.95 -0.07
C ASP A 47 -6.08 5.73 -0.82
N GLY A 48 -7.33 5.41 -0.57
CA GLY A 48 -7.96 4.27 -1.21
C GLY A 48 -9.28 4.66 -1.87
N THR A 49 -9.78 3.77 -2.72
CA THR A 49 -11.03 4.01 -3.41
C THR A 49 -11.84 2.72 -3.52
N ARG A 50 -13.07 2.78 -3.02
CA ARG A 50 -13.94 1.62 -3.05
C ARG A 50 -13.90 0.97 -4.44
N ASP A 51 -13.56 1.78 -5.43
CA ASP A 51 -13.48 1.29 -6.80
C ASP A 51 -12.52 2.18 -7.60
N ARG A 52 -11.58 1.54 -8.27
CA ARG A 52 -10.60 2.26 -9.06
C ARG A 52 -11.30 3.27 -9.98
N SER A 53 -11.44 4.48 -9.47
CA SER A 53 -12.09 5.53 -10.22
C SER A 53 -11.30 6.83 -10.08
N ASP A 54 -9.99 6.72 -10.24
CA ASP A 54 -9.11 7.87 -10.13
C ASP A 54 -8.37 8.06 -11.46
N GLN A 55 -7.41 8.98 -11.43
CA GLN A 55 -6.61 9.26 -12.61
C GLN A 55 -5.44 8.28 -12.73
N HIS A 56 -4.86 7.97 -11.58
CA HIS A 56 -3.73 7.05 -11.53
C HIS A 56 -3.64 6.42 -10.14
N ILE A 57 -4.15 5.21 -10.03
CA ILE A 57 -4.13 4.49 -8.77
C ILE A 57 -3.22 3.27 -8.90
N GLN A 58 -2.38 3.30 -9.91
CA GLN A 58 -1.45 2.21 -10.15
C GLN A 58 -0.43 2.13 -9.03
N LEU A 59 0.29 1.01 -8.99
CA LEU A 59 1.31 0.80 -7.97
C LEU A 59 2.34 -0.21 -8.49
N GLN A 60 3.28 -0.55 -7.62
CA GLN A 60 4.31 -1.49 -7.98
C GLN A 60 5.16 -1.84 -6.75
N LEU A 61 5.39 -3.13 -6.56
CA LEU A 61 6.17 -3.60 -5.43
C LEU A 61 7.59 -3.91 -5.90
N SER A 62 8.49 -3.98 -4.93
CA SER A 62 9.89 -4.25 -5.23
C SER A 62 10.51 -5.07 -4.10
N ALA A 63 9.86 -6.17 -3.78
CA ALA A 63 10.34 -7.05 -2.72
C ALA A 63 11.87 -7.15 -2.80
N GLU A 64 12.51 -6.88 -1.67
CA GLU A 64 13.96 -6.94 -1.60
C GLU A 64 14.40 -7.95 -0.54
N SER A 65 13.40 -8.58 0.08
CA SER A 65 13.67 -9.57 1.10
C SER A 65 12.43 -9.78 1.97
N VAL A 66 12.00 -11.03 2.03
CA VAL A 66 10.82 -11.39 2.81
C VAL A 66 10.80 -10.54 4.09
N GLY A 67 9.58 -10.25 4.53
CA GLY A 67 9.41 -9.46 5.74
C GLY A 67 9.84 -8.01 5.51
N GLU A 68 10.10 -7.69 4.25
CA GLU A 68 10.51 -6.35 3.88
C GLU A 68 10.57 -6.20 2.36
N VAL A 69 9.58 -5.50 1.82
CA VAL A 69 9.51 -5.28 0.39
C VAL A 69 9.38 -3.78 0.11
N TYR A 70 9.59 -3.42 -1.15
CA TYR A 70 9.49 -2.03 -1.55
C TYR A 70 8.27 -1.80 -2.44
N ILE A 71 7.92 -0.53 -2.60
CA ILE A 71 6.79 -0.16 -3.41
C ILE A 71 7.09 1.14 -4.16
N LYS A 72 6.90 1.09 -5.47
CA LYS A 72 7.15 2.27 -6.29
C LYS A 72 5.91 2.57 -7.14
N SER A 73 5.44 3.80 -7.02
CA SER A 73 4.27 4.23 -7.76
C SER A 73 4.57 4.26 -9.25
N THR A 74 4.70 3.08 -9.83
CA THR A 74 4.99 2.96 -11.25
C THR A 74 3.98 3.76 -12.08
N GLU A 75 4.32 5.02 -12.30
CA GLU A 75 3.45 5.90 -13.06
C GLU A 75 3.96 7.34 -13.00
N THR A 76 4.33 7.75 -11.78
CA THR A 76 4.83 9.09 -11.57
C THR A 76 6.36 9.07 -11.43
N GLY A 77 6.80 9.17 -10.18
CA GLY A 77 8.23 9.17 -9.90
C GLY A 77 8.49 9.23 -8.39
N GLN A 78 7.59 8.60 -7.64
CA GLN A 78 7.71 8.57 -6.20
C GLN A 78 7.68 7.12 -5.69
N TYR A 79 7.55 7.00 -4.38
CA TYR A 79 7.52 5.69 -3.76
C TYR A 79 6.43 5.62 -2.67
N LEU A 80 6.12 4.40 -2.26
CA LEU A 80 5.11 4.19 -1.24
C LEU A 80 5.80 3.93 0.10
N ALA A 81 5.28 4.59 1.13
CA ALA A 81 5.84 4.44 2.46
C ALA A 81 4.75 4.74 3.50
N MET A 82 5.18 4.93 4.73
CA MET A 82 4.27 5.22 5.82
C MET A 82 4.96 6.02 6.93
N ASP A 83 4.93 7.34 6.78
CA ASP A 83 5.55 8.22 7.76
C ASP A 83 5.09 7.81 9.16
N THR A 84 5.67 8.49 10.15
CA THR A 84 5.32 8.21 11.54
C THR A 84 3.84 8.50 11.79
N ASP A 85 3.23 9.18 10.83
CA ASP A 85 1.83 9.53 10.95
C ASP A 85 0.98 8.42 10.32
N GLY A 86 1.58 7.24 10.24
CA GLY A 86 0.90 6.09 9.67
C GLY A 86 0.04 6.50 8.47
N LEU A 87 0.49 7.55 7.79
CA LEU A 87 -0.23 8.04 6.64
C LEU A 87 0.55 7.70 5.37
N LEU A 88 0.03 6.72 4.64
CA LEU A 88 0.66 6.28 3.41
C LEU A 88 1.20 7.50 2.66
N TYR A 89 2.52 7.55 2.55
CA TYR A 89 3.17 8.65 1.84
C TYR A 89 4.37 8.15 1.05
N GLY A 90 4.89 9.03 0.20
CA GLY A 90 6.03 8.71 -0.62
C GLY A 90 7.21 9.64 -0.33
N SER A 91 8.40 9.15 -0.60
CA SER A 91 9.61 9.93 -0.38
C SER A 91 10.71 9.50 -1.36
N GLN A 92 11.66 10.40 -1.56
CA GLN A 92 12.76 10.13 -2.46
C GLN A 92 13.91 9.45 -1.72
N THR A 93 13.54 8.56 -0.79
CA THR A 93 14.52 7.85 -0.01
C THR A 93 14.05 6.41 0.25
N PRO A 94 14.50 5.49 -0.64
CA PRO A 94 14.14 4.09 -0.52
C PRO A 94 14.91 3.42 0.62
N ASN A 95 14.21 3.18 1.71
CA ASN A 95 14.83 2.54 2.87
C ASN A 95 13.75 1.86 3.69
N GLU A 96 14.13 1.46 4.89
CA GLU A 96 13.19 0.78 5.79
C GLU A 96 11.81 1.40 5.69
N GLU A 97 11.79 2.73 5.68
CA GLU A 97 10.54 3.46 5.58
C GLU A 97 9.77 3.04 4.33
N CYS A 98 10.27 3.49 3.19
CA CYS A 98 9.65 3.16 1.92
C CYS A 98 9.26 1.69 1.93
N LEU A 99 10.19 0.88 2.43
CA LEU A 99 9.96 -0.56 2.52
C LEU A 99 8.62 -0.83 3.19
N PHE A 100 8.23 -2.09 3.18
CA PHE A 100 6.97 -2.49 3.80
C PHE A 100 7.03 -3.95 4.27
N LEU A 101 7.27 -4.10 5.56
CA LEU A 101 7.36 -5.42 6.15
C LEU A 101 6.28 -6.33 5.53
N GLU A 102 6.70 -7.09 4.54
CA GLU A 102 5.78 -7.99 3.85
C GLU A 102 5.53 -9.24 4.70
N ARG A 103 4.43 -9.92 4.40
CA ARG A 103 4.08 -11.12 5.13
C ARG A 103 2.76 -11.69 4.59
N LEU A 104 2.84 -12.34 3.45
CA LEU A 104 1.67 -12.92 2.82
C LEU A 104 0.73 -13.46 3.91
N GLU A 105 -0.26 -12.64 4.24
CA GLU A 105 -1.24 -13.02 5.26
C GLU A 105 -1.68 -14.48 5.05
N GLU A 106 -2.26 -14.72 3.90
CA GLU A 106 -2.72 -16.07 3.57
C GLU A 106 -1.94 -16.63 2.40
N ASN A 107 -2.54 -16.57 1.22
CA ASN A 107 -1.90 -17.07 0.01
C ASN A 107 -2.33 -16.22 -1.18
N HIS A 108 -2.18 -14.92 -1.00
CA HIS A 108 -2.54 -13.98 -2.05
C HIS A 108 -2.26 -12.55 -1.59
N TYR A 109 -2.82 -12.22 -0.43
CA TYR A 109 -2.64 -10.90 0.15
C TYR A 109 -1.26 -10.77 0.80
N ASN A 110 -0.60 -9.66 0.47
CA ASN A 110 0.73 -9.40 1.02
C ASN A 110 0.61 -8.36 2.13
N THR A 111 -0.30 -8.62 3.05
CA THR A 111 -0.51 -7.72 4.17
C THR A 111 0.83 -7.34 4.81
N TYR A 112 1.30 -6.17 4.41
CA TYR A 112 2.57 -5.66 4.93
C TYR A 112 2.36 -4.91 6.24
N ILE A 113 3.43 -4.27 6.69
CA ILE A 113 3.38 -3.51 7.93
C ILE A 113 4.45 -2.41 7.89
N SER A 114 3.98 -1.18 8.03
CA SER A 114 4.88 -0.04 8.01
C SER A 114 6.16 -0.36 8.78
N LYS A 115 7.16 -0.79 8.03
CA LYS A 115 8.45 -1.14 8.61
C LYS A 115 8.97 0.03 9.44
N LYS A 116 8.41 1.21 9.15
CA LYS A 116 8.81 2.42 9.86
C LYS A 116 8.27 2.37 11.29
N HIS A 117 7.27 1.52 11.49
CA HIS A 117 6.66 1.37 12.80
C HIS A 117 5.84 0.08 12.83
N ALA A 118 6.55 -1.05 12.73
CA ALA A 118 5.90 -2.34 12.75
C ALA A 118 5.75 -2.80 14.20
N GLU A 119 6.60 -2.24 15.05
CA GLU A 119 6.56 -2.59 16.46
C GLU A 119 5.19 -2.26 17.07
N LYS A 120 4.44 -1.46 16.33
CA LYS A 120 3.11 -1.06 16.77
C LYS A 120 2.06 -1.87 16.01
N ASN A 121 2.54 -2.73 15.13
CA ASN A 121 1.66 -3.57 14.33
C ASN A 121 0.80 -2.68 13.43
N TRP A 122 1.46 -1.73 12.79
CA TRP A 122 0.77 -0.82 11.89
C TRP A 122 0.81 -1.41 10.48
N PHE A 123 -0.32 -1.99 10.09
CA PHE A 123 -0.42 -2.60 8.77
C PHE A 123 -0.60 -1.53 7.68
N VAL A 124 -0.77 -1.99 6.46
CA VAL A 124 -0.95 -1.10 5.33
C VAL A 124 -2.26 -1.44 4.62
N GLY A 125 -3.32 -0.76 5.04
CA GLY A 125 -4.63 -0.99 4.46
C GLY A 125 -5.57 0.20 4.73
N LEU A 126 -6.27 0.61 3.68
CA LEU A 126 -7.19 1.72 3.79
C LEU A 126 -8.50 1.23 4.41
N LYS A 127 -8.90 1.88 5.49
CA LYS A 127 -10.13 1.52 6.17
C LYS A 127 -11.07 0.84 5.18
N LYS A 128 -11.47 -0.38 5.53
CA LYS A 128 -12.37 -1.15 4.68
C LYS A 128 -13.73 -0.44 4.62
N ASN A 129 -13.70 0.78 4.12
CA ASN A 129 -14.92 1.56 4.00
C ASN A 129 -14.70 2.69 2.99
N GLY A 130 -13.52 3.30 3.07
CA GLY A 130 -13.18 4.38 2.17
C GLY A 130 -12.51 5.53 2.93
N SER A 131 -11.20 5.45 3.03
CA SER A 131 -10.43 6.46 3.72
C SER A 131 -8.98 5.99 3.91
N CYS A 132 -8.10 6.96 4.11
CA CYS A 132 -6.69 6.66 4.30
C CYS A 132 -6.38 6.76 5.80
N LYS A 133 -5.49 5.89 6.24
CA LYS A 133 -5.10 5.87 7.64
C LYS A 133 -4.29 7.13 7.96
N ARG A 134 -3.88 7.23 9.21
CA ARG A 134 -3.10 8.37 9.66
C ARG A 134 -2.46 8.09 11.02
N GLY A 135 -1.67 7.02 11.05
CA GLY A 135 -1.00 6.63 12.28
C GLY A 135 -1.46 5.25 12.75
N PRO A 136 -1.70 5.14 14.09
CA PRO A 136 -2.15 3.88 14.67
C PRO A 136 -3.62 3.64 14.35
N ARG A 137 -3.91 3.55 13.07
CA ARG A 137 -5.28 3.31 12.63
C ARG A 137 -5.32 2.18 11.60
N THR A 138 -4.15 1.60 11.37
CA THR A 138 -4.04 0.50 10.43
C THR A 138 -3.46 -0.74 11.11
N HIS A 139 -4.25 -1.81 11.10
CA HIS A 139 -3.82 -3.05 11.71
C HIS A 139 -4.72 -4.20 11.22
N TYR A 140 -4.43 -5.39 11.73
CA TYR A 140 -5.20 -6.56 11.37
C TYR A 140 -6.70 -6.33 11.57
N GLY A 141 -7.45 -7.42 11.49
CA GLY A 141 -8.89 -7.34 11.68
C GLY A 141 -9.53 -6.40 10.64
N GLN A 142 -8.72 -6.02 9.67
CA GLN A 142 -9.19 -5.13 8.62
C GLN A 142 -8.68 -5.61 7.26
N LYS A 143 -9.59 -6.17 6.48
CA LYS A 143 -9.25 -6.67 5.16
C LYS A 143 -8.53 -5.57 4.38
N ALA A 144 -8.62 -4.36 4.90
CA ALA A 144 -7.98 -3.23 4.26
C ALA A 144 -6.51 -3.55 3.99
N ILE A 145 -5.97 -4.42 4.83
CA ILE A 145 -4.58 -4.82 4.71
C ILE A 145 -4.46 -5.86 3.58
N LEU A 146 -5.53 -6.64 3.43
CA LEU A 146 -5.56 -7.67 2.41
C LEU A 146 -5.53 -7.02 1.02
N PHE A 147 -4.36 -7.12 0.39
CA PHE A 147 -4.20 -6.55 -0.94
C PHE A 147 -3.87 -7.63 -1.96
N LEU A 148 -4.76 -7.74 -2.96
CA LEU A 148 -4.58 -8.72 -4.01
C LEU A 148 -4.19 -8.01 -5.31
N PRO A 149 -2.89 -8.16 -5.67
CA PRO A 149 -2.39 -7.54 -6.89
C PRO A 149 -2.85 -8.30 -8.13
N LEU A 150 -3.44 -7.56 -9.05
CA LEU A 150 -3.94 -8.16 -10.29
C LEU A 150 -3.51 -7.29 -11.47
N PRO A 151 -2.16 -7.20 -11.67
CA PRO A 151 -1.64 -6.41 -12.77
C PRO A 151 -1.83 -7.12 -14.11
N VAL A 152 -1.51 -6.39 -15.17
CA VAL A 152 -1.64 -6.93 -16.52
C VAL A 152 -0.83 -6.07 -17.49
N SER A 153 0.30 -5.60 -17.02
CA SER A 153 1.17 -4.76 -17.83
C SER A 153 1.25 -5.33 -19.25
N SER A 154 0.46 -4.73 -20.14
CA SER A 154 0.43 -5.16 -21.52
C SER A 154 -0.39 -4.17 -22.36
N ASP A 155 0.21 -3.01 -22.58
CA ASP A 155 -0.44 -1.97 -23.36
C ASP A 155 0.61 -1.20 -24.16
N LYS A 25 -1.51 -0.26 -18.90
CA LYS A 25 -1.97 -1.34 -18.04
C LYS A 25 -0.78 -1.95 -17.30
N PRO A 26 -0.18 -1.11 -16.40
CA PRO A 26 0.96 -1.56 -15.62
C PRO A 26 0.53 -2.51 -14.51
N LYS A 27 -0.25 -1.98 -13.58
CA LYS A 27 -0.74 -2.76 -12.47
C LYS A 27 -1.68 -1.91 -11.61
N LEU A 28 -2.68 -2.57 -11.05
CA LEU A 28 -3.65 -1.88 -10.22
C LEU A 28 -3.94 -2.74 -8.98
N LEU A 29 -3.35 -2.32 -7.86
CA LEU A 29 -3.54 -3.04 -6.61
C LEU A 29 -4.98 -2.87 -6.14
N TYR A 30 -5.36 -3.68 -5.16
CA TYR A 30 -6.70 -3.62 -4.61
C TYR A 30 -6.76 -4.30 -3.25
N CYS A 31 -7.70 -3.84 -2.43
CA CYS A 31 -7.88 -4.41 -1.11
C CYS A 31 -8.73 -5.67 -1.22
N SER A 32 -8.60 -6.53 -0.23
CA SER A 32 -9.34 -7.77 -0.21
C SER A 32 -10.83 -7.49 -0.01
N ASN A 33 -11.47 -8.36 0.76
CA ASN A 33 -12.89 -8.21 1.03
C ASN A 33 -13.23 -6.74 1.16
N GLY A 34 -14.43 -6.39 0.72
CA GLY A 34 -14.89 -5.01 0.78
C GLY A 34 -13.71 -4.04 0.93
N GLY A 35 -12.75 -4.20 0.02
CA GLY A 35 -11.57 -3.35 0.03
C GLY A 35 -11.64 -2.29 -1.07
N HIS A 36 -10.78 -1.29 -0.95
CA HIS A 36 -10.74 -0.22 -1.92
C HIS A 36 -9.56 -0.44 -2.87
N PHE A 37 -9.15 0.64 -3.52
CA PHE A 37 -8.04 0.58 -4.45
C PHE A 37 -7.07 1.75 -4.23
N LEU A 38 -5.97 1.45 -3.55
CA LEU A 38 -4.96 2.46 -3.28
C LEU A 38 -4.76 3.33 -4.50
N ARG A 39 -4.14 4.48 -4.29
CA ARG A 39 -3.88 5.42 -5.36
C ARG A 39 -2.67 6.29 -5.03
N ILE A 40 -2.09 6.85 -6.08
CA ILE A 40 -0.92 7.71 -5.92
C ILE A 40 -1.17 9.04 -6.63
N LEU A 41 -1.36 10.08 -5.83
CA LEU A 41 -1.61 11.41 -6.37
C LEU A 41 -0.27 12.11 -6.61
N PRO A 42 -0.20 12.87 -7.73
CA PRO A 42 1.00 13.59 -8.07
C PRO A 42 1.17 14.83 -7.20
N ASP A 43 0.31 14.93 -6.20
CA ASP A 43 0.35 16.06 -5.29
C ASP A 43 1.20 15.68 -4.06
N GLY A 44 1.12 14.41 -3.70
CA GLY A 44 1.87 13.91 -2.55
C GLY A 44 0.94 13.39 -1.47
N THR A 45 -0.18 12.84 -1.92
CA THR A 45 -1.17 12.29 -1.00
C THR A 45 -1.51 10.84 -1.39
N VAL A 46 -2.08 10.13 -0.43
CA VAL A 46 -2.46 8.75 -0.65
C VAL A 46 -3.89 8.53 -0.17
N ASP A 47 -4.47 7.42 -0.63
CA ASP A 47 -5.84 7.10 -0.26
C ASP A 47 -6.26 5.81 -0.96
N GLY A 48 -7.53 5.46 -0.80
CA GLY A 48 -8.07 4.26 -1.42
C GLY A 48 -9.41 4.54 -2.08
N THR A 49 -9.60 3.96 -3.25
CA THR A 49 -10.83 4.13 -3.99
C THR A 49 -11.66 2.84 -3.96
N ARG A 50 -12.87 2.97 -3.46
CA ARG A 50 -13.77 1.82 -3.36
C ARG A 50 -13.79 1.06 -4.69
N ASP A 51 -13.90 1.81 -5.77
CA ASP A 51 -13.93 1.23 -7.10
C ASP A 51 -12.90 1.92 -7.98
N ARG A 52 -11.70 1.36 -7.97
CA ARG A 52 -10.61 1.91 -8.77
C ARG A 52 -11.17 2.66 -9.97
N SER A 53 -10.91 3.96 -9.99
CA SER A 53 -11.37 4.81 -11.07
C SER A 53 -10.94 6.25 -10.84
N ASP A 54 -9.64 6.48 -10.96
CA ASP A 54 -9.09 7.81 -10.76
C ASP A 54 -8.06 8.10 -11.85
N GLN A 55 -7.41 9.24 -11.72
CA GLN A 55 -6.40 9.66 -12.69
C GLN A 55 -5.32 8.57 -12.82
N HIS A 56 -4.90 8.07 -11.67
CA HIS A 56 -3.87 7.04 -11.64
C HIS A 56 -3.80 6.42 -10.24
N ILE A 57 -4.39 5.24 -10.13
CA ILE A 57 -4.41 4.53 -8.85
C ILE A 57 -3.50 3.30 -8.95
N GLN A 58 -2.93 3.12 -10.13
CA GLN A 58 -2.04 1.99 -10.36
C GLN A 58 -0.90 1.99 -9.34
N LEU A 59 -0.50 0.79 -8.94
CA LEU A 59 0.57 0.64 -7.98
C LEU A 59 1.45 -0.56 -8.37
N GLN A 60 2.48 -0.78 -7.59
CA GLN A 60 3.40 -1.88 -7.83
C GLN A 60 4.32 -2.10 -6.64
N LEU A 61 4.72 -3.34 -6.46
CA LEU A 61 5.60 -3.70 -5.36
C LEU A 61 7.00 -3.95 -5.89
N SER A 62 7.95 -4.02 -4.97
CA SER A 62 9.34 -4.25 -5.33
C SER A 62 10.04 -5.04 -4.23
N ALA A 63 9.44 -6.18 -3.89
CA ALA A 63 9.99 -7.04 -2.85
C ALA A 63 11.51 -7.10 -3.01
N GLU A 64 12.19 -6.78 -1.92
CA GLU A 64 13.64 -6.79 -1.91
C GLU A 64 14.17 -7.85 -0.94
N SER A 65 13.23 -8.52 -0.27
CA SER A 65 13.58 -9.56 0.67
C SER A 65 12.44 -9.77 1.66
N VAL A 66 12.07 -11.04 1.82
CA VAL A 66 10.99 -11.39 2.72
C VAL A 66 11.08 -10.54 3.99
N GLY A 67 9.92 -10.10 4.45
CA GLY A 67 9.85 -9.28 5.65
C GLY A 67 10.25 -7.83 5.34
N GLU A 68 10.48 -7.58 4.07
CA GLU A 68 10.86 -6.25 3.62
C GLU A 68 10.71 -6.12 2.10
N VAL A 69 9.68 -5.41 1.71
CA VAL A 69 9.40 -5.21 0.29
C VAL A 69 9.25 -3.71 0.01
N TYR A 70 9.24 -3.38 -1.27
CA TYR A 70 9.11 -2.00 -1.68
C TYR A 70 7.85 -1.80 -2.54
N ILE A 71 7.53 -0.53 -2.78
CA ILE A 71 6.36 -0.20 -3.57
C ILE A 71 6.64 1.07 -4.38
N LYS A 72 6.37 0.97 -5.67
CA LYS A 72 6.60 2.09 -6.58
C LYS A 72 5.40 2.24 -7.51
N SER A 73 4.61 3.27 -7.25
CA SER A 73 3.43 3.52 -8.07
C SER A 73 3.84 3.91 -9.49
N THR A 74 4.20 2.90 -10.26
CA THR A 74 4.61 3.14 -11.64
C THR A 74 3.60 4.00 -12.37
N GLU A 75 3.81 5.30 -12.31
CA GLU A 75 2.92 6.25 -12.96
C GLU A 75 3.51 7.66 -12.92
N THR A 76 4.11 7.98 -11.78
CA THR A 76 4.73 9.29 -11.61
C THR A 76 5.78 9.23 -10.50
N GLY A 77 6.75 8.37 -10.69
CA GLY A 77 7.83 8.20 -9.73
C GLY A 77 7.32 8.47 -8.31
N GLN A 78 6.89 7.38 -7.66
CA GLN A 78 6.38 7.48 -6.30
C GLN A 78 6.59 6.15 -5.56
N TYR A 79 7.32 6.24 -4.45
CA TYR A 79 7.59 5.06 -3.65
C TYR A 79 6.78 5.08 -2.36
N LEU A 80 5.76 4.21 -2.33
CA LEU A 80 4.90 4.10 -1.17
C LEU A 80 5.76 4.06 0.10
N ALA A 81 5.14 4.42 1.21
CA ALA A 81 5.83 4.43 2.48
C ALA A 81 4.81 4.68 3.60
N MET A 82 5.34 4.91 4.79
CA MET A 82 4.51 5.16 5.95
C MET A 82 5.27 5.96 7.02
N ASP A 83 5.19 7.28 6.88
CA ASP A 83 5.85 8.17 7.82
C ASP A 83 5.56 7.71 9.25
N THR A 84 6.35 8.24 10.18
CA THR A 84 6.20 7.89 11.57
C THR A 84 4.77 8.17 12.04
N ASP A 85 4.07 8.97 11.25
CA ASP A 85 2.70 9.33 11.57
C ASP A 85 1.77 8.20 11.14
N GLY A 86 2.37 7.13 10.65
CA GLY A 86 1.62 5.98 10.20
C GLY A 86 0.60 6.37 9.12
N LEU A 87 0.96 7.40 8.37
CA LEU A 87 0.10 7.88 7.31
C LEU A 87 0.72 7.53 5.95
N LEU A 88 0.10 6.58 5.28
CA LEU A 88 0.57 6.15 3.97
C LEU A 88 1.04 7.37 3.17
N TYR A 89 2.31 7.34 2.80
CA TYR A 89 2.89 8.43 2.04
C TYR A 89 4.04 7.93 1.15
N GLY A 90 4.36 8.74 0.15
CA GLY A 90 5.43 8.39 -0.76
C GLY A 90 6.58 9.39 -0.68
N SER A 91 7.79 8.87 -0.81
CA SER A 91 8.98 9.71 -0.73
C SER A 91 10.07 9.15 -1.66
N GLN A 92 10.95 10.03 -2.08
CA GLN A 92 12.04 9.65 -2.95
C GLN A 92 13.25 9.20 -2.14
N THR A 93 12.97 8.50 -1.05
CA THR A 93 14.02 8.00 -0.18
C THR A 93 13.77 6.54 0.19
N PRO A 94 14.31 5.62 -0.67
CA PRO A 94 14.14 4.20 -0.44
C PRO A 94 15.05 3.71 0.70
N ASN A 95 14.43 3.54 1.86
CA ASN A 95 15.16 3.08 3.03
C ASN A 95 14.19 2.44 4.02
N GLU A 96 14.57 2.47 5.28
CA GLU A 96 13.75 1.89 6.33
C GLU A 96 12.49 2.74 6.54
N GLU A 97 11.72 2.85 5.47
CA GLU A 97 10.49 3.62 5.53
C GLU A 97 9.63 3.34 4.29
N CYS A 98 10.27 3.39 3.13
CA CYS A 98 9.58 3.13 1.88
C CYS A 98 9.29 1.63 1.79
N LEU A 99 10.10 0.87 2.51
CA LEU A 99 9.93 -0.58 2.51
C LEU A 99 8.66 -0.95 3.28
N PHE A 100 8.35 -2.24 3.27
CA PHE A 100 7.17 -2.72 3.95
C PHE A 100 7.35 -4.19 4.36
N LEU A 101 7.22 -4.42 5.67
CA LEU A 101 7.36 -5.76 6.21
C LEU A 101 6.27 -6.66 5.63
N GLU A 102 6.65 -7.43 4.61
CA GLU A 102 5.71 -8.33 3.97
C GLU A 102 5.55 -9.61 4.79
N ARG A 103 4.30 -10.05 4.89
CA ARG A 103 3.99 -11.25 5.65
C ARG A 103 2.70 -11.88 5.13
N LEU A 104 2.84 -12.64 4.06
CA LEU A 104 1.69 -13.32 3.46
C LEU A 104 0.66 -13.62 4.55
N GLU A 105 -0.35 -12.77 4.62
CA GLU A 105 -1.41 -12.94 5.61
C GLU A 105 -2.09 -14.29 5.43
N GLU A 106 -2.55 -14.54 4.20
CA GLU A 106 -3.22 -15.78 3.89
C GLU A 106 -2.34 -16.63 2.95
N ASN A 107 -2.76 -16.68 1.70
CA ASN A 107 -2.03 -17.45 0.70
C ASN A 107 -2.17 -16.78 -0.66
N HIS A 108 -2.11 -15.45 -0.64
CA HIS A 108 -2.23 -14.67 -1.86
C HIS A 108 -1.76 -13.24 -1.60
N TYR A 109 -2.62 -12.47 -0.95
CA TYR A 109 -2.31 -11.09 -0.63
C TYR A 109 -0.90 -10.96 -0.08
N ASN A 110 -0.46 -9.72 0.07
CA ASN A 110 0.87 -9.44 0.59
C ASN A 110 0.77 -8.45 1.75
N THR A 111 -0.12 -8.77 2.68
CA THR A 111 -0.33 -7.92 3.85
C THR A 111 1.02 -7.54 4.48
N TYR A 112 1.37 -6.27 4.32
CA TYR A 112 2.61 -5.76 4.86
C TYR A 112 2.38 -5.03 6.19
N ILE A 113 3.43 -4.38 6.65
CA ILE A 113 3.35 -3.63 7.90
C ILE A 113 4.45 -2.56 7.92
N SER A 114 4.02 -1.31 7.84
CA SER A 114 4.95 -0.20 7.86
C SER A 114 6.16 -0.54 8.72
N LYS A 115 7.23 -0.97 8.05
CA LYS A 115 8.45 -1.32 8.74
C LYS A 115 8.96 -0.13 9.54
N LYS A 116 8.45 1.05 9.17
CA LYS A 116 8.84 2.27 9.83
C LYS A 116 8.28 2.27 11.26
N HIS A 117 7.43 1.29 11.52
CA HIS A 117 6.82 1.17 12.84
C HIS A 117 5.93 -0.07 12.88
N ALA A 118 6.58 -1.23 12.84
CA ALA A 118 5.87 -2.49 12.87
C ALA A 118 5.77 -2.99 14.32
N GLU A 119 6.05 -2.08 15.24
CA GLU A 119 6.00 -2.41 16.65
C GLU A 119 4.56 -2.35 17.17
N LYS A 120 3.73 -1.62 16.42
CA LYS A 120 2.34 -1.48 16.78
C LYS A 120 1.48 -2.26 15.79
N ASN A 121 2.15 -2.97 14.91
CA ASN A 121 1.46 -3.77 13.90
C ASN A 121 0.72 -2.84 12.95
N TRP A 122 1.21 -1.61 12.87
CA TRP A 122 0.60 -0.62 11.99
C TRP A 122 0.68 -1.14 10.56
N PHE A 123 -0.29 -1.96 10.20
CA PHE A 123 -0.34 -2.54 8.87
C PHE A 123 -0.43 -1.44 7.81
N VAL A 124 -0.64 -1.88 6.57
CA VAL A 124 -0.76 -0.95 5.46
C VAL A 124 -2.06 -1.22 4.70
N GLY A 125 -3.05 -0.40 4.97
CA GLY A 125 -4.35 -0.54 4.32
C GLY A 125 -5.28 0.61 4.70
N LEU A 126 -5.96 1.13 3.69
CA LEU A 126 -6.89 2.22 3.89
C LEU A 126 -8.19 1.68 4.50
N LYS A 127 -8.50 2.17 5.69
CA LYS A 127 -9.71 1.74 6.38
C LYS A 127 -10.73 1.25 5.36
N LYS A 128 -11.08 -0.02 5.49
CA LYS A 128 -12.05 -0.62 4.58
C LYS A 128 -13.40 0.09 4.73
N ASN A 129 -13.38 1.38 4.43
CA ASN A 129 -14.58 2.19 4.52
C ASN A 129 -14.60 3.20 3.38
N GLY A 130 -13.45 3.85 3.18
CA GLY A 130 -13.32 4.84 2.13
C GLY A 130 -12.49 6.03 2.60
N SER A 131 -11.28 5.73 3.02
CA SER A 131 -10.37 6.77 3.51
C SER A 131 -9.17 6.14 4.19
N CYS A 132 -8.05 6.85 4.14
CA CYS A 132 -6.82 6.37 4.75
C CYS A 132 -6.74 6.94 6.16
N LYS A 133 -5.90 6.31 6.97
CA LYS A 133 -5.72 6.75 8.35
C LYS A 133 -4.24 7.05 8.59
N ARG A 134 -3.95 7.50 9.81
CA ARG A 134 -2.59 7.82 10.18
C ARG A 134 -2.33 7.44 11.64
N GLY A 135 -1.25 6.69 11.84
CA GLY A 135 -0.89 6.25 13.17
C GLY A 135 -1.59 4.94 13.53
N PRO A 136 -2.09 4.88 14.79
CA PRO A 136 -2.78 3.70 15.27
C PRO A 136 -4.18 3.59 14.67
N ARG A 137 -4.22 3.26 13.38
CA ARG A 137 -5.48 3.13 12.68
C ARG A 137 -5.32 2.19 11.48
N THR A 138 -4.32 1.33 11.57
CA THR A 138 -4.06 0.38 10.51
C THR A 138 -3.54 -0.93 11.09
N HIS A 139 -4.47 -1.85 11.30
CA HIS A 139 -4.13 -3.16 11.85
C HIS A 139 -4.87 -4.25 11.09
N TYR A 140 -4.72 -5.47 11.58
CA TYR A 140 -5.39 -6.61 10.96
C TYR A 140 -6.90 -6.39 10.87
N GLY A 141 -7.61 -7.50 10.80
CA GLY A 141 -9.06 -7.45 10.70
C GLY A 141 -9.52 -6.29 9.81
N GLN A 142 -8.65 -5.94 8.87
CA GLN A 142 -8.94 -4.86 7.94
C GLN A 142 -8.46 -5.22 6.54
N LYS A 143 -9.39 -5.73 5.74
CA LYS A 143 -9.07 -6.12 4.38
C LYS A 143 -8.12 -5.09 3.77
N ALA A 144 -8.18 -3.89 4.30
CA ALA A 144 -7.34 -2.80 3.82
C ALA A 144 -5.89 -3.30 3.75
N ILE A 145 -5.50 -4.04 4.77
CA ILE A 145 -4.15 -4.58 4.82
C ILE A 145 -3.97 -5.63 3.73
N LEU A 146 -5.04 -6.35 3.47
CA LEU A 146 -5.02 -7.39 2.44
C LEU A 146 -5.09 -6.73 1.06
N PHE A 147 -3.98 -6.85 0.34
CA PHE A 147 -3.89 -6.28 -0.99
C PHE A 147 -3.71 -7.38 -2.04
N LEU A 148 -4.67 -7.45 -2.96
CA LEU A 148 -4.62 -8.44 -4.02
C LEU A 148 -4.18 -7.77 -5.32
N PRO A 149 -2.92 -8.06 -5.72
CA PRO A 149 -2.36 -7.50 -6.94
C PRO A 149 -2.94 -8.18 -8.18
N LEU A 150 -3.39 -7.36 -9.12
CA LEU A 150 -3.98 -7.87 -10.34
C LEU A 150 -3.35 -7.15 -11.54
N PRO A 151 -2.02 -7.41 -11.74
CA PRO A 151 -1.30 -6.78 -12.83
C PRO A 151 -1.66 -7.44 -14.17
N VAL A 152 -1.25 -6.79 -15.24
CA VAL A 152 -1.52 -7.28 -16.58
C VAL A 152 -0.75 -6.45 -17.60
N SER A 153 0.55 -6.37 -17.39
CA SER A 153 1.40 -5.61 -18.29
C SER A 153 1.20 -6.07 -19.73
N SER A 154 0.25 -5.42 -20.39
CA SER A 154 -0.06 -5.75 -21.77
C SER A 154 -0.28 -4.47 -22.59
N ASP A 155 0.76 -3.64 -22.62
CA ASP A 155 0.71 -2.39 -23.35
C ASP A 155 2.12 -1.83 -23.52
N LYS A 25 1.51 0.29 -19.16
CA LYS A 25 1.80 0.01 -17.76
C LYS A 25 0.54 -0.55 -17.09
N PRO A 26 0.13 -1.76 -17.55
CA PRO A 26 -1.05 -2.41 -17.00
C PRO A 26 -0.76 -2.99 -15.62
N LYS A 27 -1.49 -2.50 -14.64
CA LYS A 27 -1.33 -2.97 -13.27
C LYS A 27 -2.06 -2.03 -12.32
N LEU A 28 -2.72 -2.63 -11.35
CA LEU A 28 -3.47 -1.86 -10.36
C LEU A 28 -3.86 -2.78 -9.20
N LEU A 29 -3.33 -2.46 -8.03
CA LEU A 29 -3.61 -3.24 -6.84
C LEU A 29 -5.08 -3.05 -6.45
N TYR A 30 -5.43 -3.61 -5.31
CA TYR A 30 -6.80 -3.50 -4.81
C TYR A 30 -6.96 -4.24 -3.48
N CYS A 31 -7.92 -3.78 -2.69
CA CYS A 31 -8.17 -4.38 -1.40
C CYS A 31 -8.95 -5.67 -1.62
N SER A 32 -8.87 -6.56 -0.64
CA SER A 32 -9.56 -7.84 -0.71
C SER A 32 -11.06 -7.63 -0.55
N ASN A 33 -11.56 -8.01 0.62
CA ASN A 33 -12.98 -7.87 0.92
C ASN A 33 -13.49 -6.56 0.32
N GLY A 34 -14.05 -6.66 -0.87
CA GLY A 34 -14.58 -5.49 -1.55
C GLY A 34 -14.04 -4.20 -0.92
N GLY A 35 -12.74 -4.20 -0.67
CA GLY A 35 -12.10 -3.04 -0.07
C GLY A 35 -11.95 -1.91 -1.10
N HIS A 36 -10.92 -1.11 -0.89
CA HIS A 36 -10.65 0.01 -1.78
C HIS A 36 -9.42 -0.30 -2.62
N PHE A 37 -9.11 0.63 -3.52
CA PHE A 37 -7.97 0.48 -4.40
C PHE A 37 -6.92 1.57 -4.15
N LEU A 38 -5.85 1.17 -3.48
CA LEU A 38 -4.78 2.11 -3.17
C LEU A 38 -4.62 3.11 -4.32
N ARG A 39 -4.21 4.31 -3.96
CA ARG A 39 -4.02 5.36 -4.94
C ARG A 39 -2.89 6.30 -4.51
N ILE A 40 -2.00 6.57 -5.45
CA ILE A 40 -0.87 7.45 -5.18
C ILE A 40 -1.05 8.76 -5.96
N LEU A 41 -1.27 9.82 -5.21
CA LEU A 41 -1.47 11.13 -5.81
C LEU A 41 -0.10 11.79 -6.03
N PRO A 42 0.00 12.52 -7.17
CA PRO A 42 1.25 13.20 -7.51
C PRO A 42 1.44 14.45 -6.66
N ASP A 43 0.56 14.59 -5.67
CA ASP A 43 0.62 15.74 -4.78
C ASP A 43 1.45 15.37 -3.54
N GLY A 44 1.42 14.08 -3.21
CA GLY A 44 2.16 13.60 -2.06
C GLY A 44 1.20 13.04 -0.99
N THR A 45 -0.01 12.75 -1.42
CA THR A 45 -1.01 12.22 -0.53
C THR A 45 -1.52 10.87 -1.04
N VAL A 46 -1.61 9.91 -0.12
CA VAL A 46 -2.08 8.58 -0.46
C VAL A 46 -3.48 8.36 0.12
N ASP A 47 -4.11 7.31 -0.34
CA ASP A 47 -5.45 6.98 0.13
C ASP A 47 -5.93 5.69 -0.54
N GLY A 48 -7.23 5.47 -0.47
CA GLY A 48 -7.81 4.28 -1.07
C GLY A 48 -9.24 4.56 -1.58
N THR A 49 -9.46 4.21 -2.84
CA THR A 49 -10.75 4.42 -3.45
C THR A 49 -11.57 3.13 -3.43
N ARG A 50 -12.76 3.22 -2.85
CA ARG A 50 -13.65 2.08 -2.75
C ARG A 50 -13.56 1.24 -4.03
N ASP A 51 -13.77 1.91 -5.16
CA ASP A 51 -13.73 1.24 -6.45
C ASP A 51 -12.83 2.05 -7.40
N ARG A 52 -11.66 1.50 -7.66
CA ARG A 52 -10.71 2.15 -8.55
C ARG A 52 -11.44 3.08 -9.52
N SER A 53 -11.22 4.38 -9.32
CA SER A 53 -11.85 5.38 -10.17
C SER A 53 -11.11 6.71 -10.04
N ASP A 54 -9.84 6.67 -10.40
CA ASP A 54 -9.01 7.87 -10.34
C ASP A 54 -8.18 7.98 -11.62
N GLN A 55 -7.22 8.89 -11.59
CA GLN A 55 -6.36 9.11 -12.74
C GLN A 55 -5.20 8.12 -12.73
N HIS A 56 -4.70 7.85 -11.53
CA HIS A 56 -3.60 6.91 -11.38
C HIS A 56 -3.62 6.33 -9.96
N ILE A 57 -4.13 5.12 -9.87
CA ILE A 57 -4.21 4.44 -8.58
C ILE A 57 -3.43 3.12 -8.66
N GLN A 58 -2.77 2.92 -9.79
CA GLN A 58 -2.00 1.72 -10.00
C GLN A 58 -0.89 1.61 -8.95
N LEU A 59 -0.26 0.44 -8.92
CA LEU A 59 0.82 0.19 -7.97
C LEU A 59 1.77 -0.86 -8.54
N GLN A 60 2.83 -1.12 -7.80
CA GLN A 60 3.81 -2.10 -8.21
C GLN A 60 4.75 -2.44 -7.05
N LEU A 61 4.71 -3.71 -6.65
CA LEU A 61 5.55 -4.18 -5.56
C LEU A 61 6.97 -4.42 -6.08
N SER A 62 7.91 -4.33 -5.16
CA SER A 62 9.32 -4.54 -5.50
C SER A 62 10.04 -5.23 -4.35
N ALA A 63 9.41 -6.28 -3.83
CA ALA A 63 9.98 -7.02 -2.72
C ALA A 63 11.50 -7.12 -2.91
N GLU A 64 12.23 -6.66 -1.91
CA GLU A 64 13.67 -6.69 -1.95
C GLU A 64 14.21 -7.80 -1.03
N SER A 65 13.31 -8.36 -0.25
CA SER A 65 13.68 -9.43 0.67
C SER A 65 12.44 -9.87 1.48
N VAL A 66 12.72 -10.56 2.56
CA VAL A 66 11.66 -11.04 3.43
C VAL A 66 11.36 -10.00 4.51
N GLY A 67 10.14 -10.03 5.01
CA GLY A 67 9.72 -9.09 6.04
C GLY A 67 10.07 -7.65 5.64
N GLU A 68 10.11 -7.44 4.34
CA GLU A 68 10.42 -6.11 3.82
C GLU A 68 10.37 -6.12 2.29
N VAL A 69 9.60 -5.18 1.76
CA VAL A 69 9.46 -5.06 0.31
C VAL A 69 9.43 -3.59 -0.08
N TYR A 70 9.58 -3.35 -1.37
CA TYR A 70 9.57 -1.99 -1.89
C TYR A 70 8.44 -1.79 -2.90
N ILE A 71 7.41 -1.09 -2.46
CA ILE A 71 6.27 -0.82 -3.32
C ILE A 71 6.49 0.49 -4.07
N LYS A 72 6.18 0.45 -5.36
CA LYS A 72 6.34 1.63 -6.20
C LYS A 72 5.09 1.79 -7.08
N SER A 73 4.64 3.04 -7.18
CA SER A 73 3.47 3.35 -7.97
C SER A 73 3.88 3.67 -9.40
N THR A 74 4.15 2.60 -10.16
CA THR A 74 4.56 2.75 -11.54
C THR A 74 3.43 3.38 -12.37
N GLU A 75 3.38 4.71 -12.33
CA GLU A 75 2.37 5.43 -13.07
C GLU A 75 2.53 6.94 -12.85
N THR A 76 2.75 7.30 -11.59
CA THR A 76 2.92 8.70 -11.24
C THR A 76 4.34 8.95 -10.73
N GLY A 77 4.92 7.91 -10.15
CA GLY A 77 6.27 8.00 -9.62
C GLY A 77 6.26 8.27 -8.12
N GLN A 78 6.05 7.20 -7.36
CA GLN A 78 6.00 7.31 -5.91
C GLN A 78 6.25 5.95 -5.26
N TYR A 79 6.80 5.97 -4.06
CA TYR A 79 7.08 4.76 -3.33
C TYR A 79 6.33 4.72 -2.00
N LEU A 80 5.37 3.82 -1.92
CA LEU A 80 4.57 3.67 -0.70
C LEU A 80 5.50 3.71 0.51
N ALA A 81 5.12 4.53 1.48
CA ALA A 81 5.90 4.66 2.70
C ALA A 81 4.99 5.15 3.83
N MET A 82 5.52 5.09 5.04
CA MET A 82 4.78 5.52 6.21
C MET A 82 5.69 6.24 7.21
N ASP A 83 5.40 7.51 7.44
CA ASP A 83 6.18 8.30 8.36
C ASP A 83 5.82 7.92 9.79
N THR A 84 6.55 8.49 10.73
CA THR A 84 6.33 8.21 12.14
C THR A 84 4.89 8.55 12.52
N ASP A 85 4.24 9.32 11.65
CA ASP A 85 2.86 9.72 11.88
C ASP A 85 1.93 8.63 11.36
N GLY A 86 2.53 7.51 10.99
CA GLY A 86 1.76 6.38 10.47
C GLY A 86 0.83 6.84 9.34
N LEU A 87 1.18 7.98 8.75
CA LEU A 87 0.39 8.53 7.67
C LEU A 87 1.02 8.12 6.33
N LEU A 88 0.39 7.14 5.68
CA LEU A 88 0.88 6.65 4.41
C LEU A 88 1.39 7.83 3.58
N TYR A 89 2.58 7.65 3.02
CA TYR A 89 3.18 8.69 2.20
C TYR A 89 4.30 8.12 1.33
N GLY A 90 4.61 8.86 0.27
CA GLY A 90 5.66 8.43 -0.65
C GLY A 90 6.78 9.47 -0.73
N SER A 91 7.95 9.00 -1.10
CA SER A 91 9.11 9.88 -1.21
C SER A 91 10.06 9.36 -2.30
N GLN A 92 10.89 10.27 -2.79
CA GLN A 92 11.85 9.91 -3.83
C GLN A 92 13.06 9.20 -3.22
N THR A 93 12.96 8.96 -1.92
CA THR A 93 14.04 8.30 -1.20
C THR A 93 13.57 6.94 -0.67
N PRO A 94 13.74 5.89 -1.51
CA PRO A 94 13.34 4.55 -1.14
C PRO A 94 14.31 3.95 -0.13
N ASN A 95 13.83 3.78 1.09
CA ASN A 95 14.65 3.22 2.15
C ASN A 95 13.76 2.43 3.10
N GLU A 96 14.37 1.97 4.18
CA GLU A 96 13.64 1.20 5.18
C GLU A 96 12.27 1.83 5.45
N GLU A 97 12.21 3.13 5.23
CA GLU A 97 10.96 3.87 5.45
C GLU A 97 9.97 3.56 4.32
N CYS A 98 10.47 3.60 3.10
CA CYS A 98 9.64 3.33 1.94
C CYS A 98 9.24 1.85 1.97
N LEU A 99 10.15 1.04 2.49
CA LEU A 99 9.90 -0.40 2.58
C LEU A 99 8.57 -0.64 3.26
N PHE A 100 8.12 -1.89 3.21
CA PHE A 100 6.86 -2.27 3.82
C PHE A 100 6.90 -3.72 4.31
N LEU A 101 7.16 -3.86 5.60
CA LEU A 101 7.23 -5.17 6.21
C LEU A 101 6.07 -6.03 5.69
N GLU A 102 6.42 -6.95 4.81
CA GLU A 102 5.43 -7.83 4.22
C GLU A 102 5.74 -9.30 4.58
N ARG A 103 4.69 -10.08 4.73
CA ARG A 103 4.83 -11.48 5.07
C ARG A 103 3.83 -12.33 4.28
N LEU A 104 2.67 -12.52 4.89
CA LEU A 104 1.62 -13.30 4.25
C LEU A 104 0.41 -13.39 5.19
N GLU A 105 -0.71 -12.89 4.70
CA GLU A 105 -1.93 -12.90 5.48
C GLU A 105 -2.75 -14.17 5.18
N GLU A 106 -2.79 -14.51 3.90
CA GLU A 106 -3.53 -15.68 3.45
C GLU A 106 -2.64 -16.55 2.55
N ASN A 107 -2.84 -16.38 1.25
CA ASN A 107 -2.08 -17.14 0.28
C ASN A 107 -2.18 -16.46 -1.09
N HIS A 108 -2.21 -15.13 -1.05
CA HIS A 108 -2.30 -14.35 -2.27
C HIS A 108 -1.94 -12.89 -1.97
N TYR A 109 -2.82 -12.24 -1.23
CA TYR A 109 -2.61 -10.84 -0.87
C TYR A 109 -1.22 -10.64 -0.27
N ASN A 110 -0.98 -9.42 0.19
CA ASN A 110 0.30 -9.08 0.78
C ASN A 110 0.10 -7.96 1.81
N THR A 111 -0.43 -8.35 2.96
CA THR A 111 -0.67 -7.39 4.03
C THR A 111 0.65 -6.86 4.60
N TYR A 112 1.03 -5.69 4.12
CA TYR A 112 2.27 -5.07 4.56
C TYR A 112 2.09 -4.40 5.92
N ILE A 113 3.14 -3.74 6.37
CA ILE A 113 3.11 -3.05 7.65
C ILE A 113 4.31 -2.11 7.75
N SER A 114 4.03 -0.85 8.08
CA SER A 114 5.07 0.14 8.21
C SER A 114 6.34 -0.49 8.77
N LYS A 115 7.34 -0.60 7.92
CA LYS A 115 8.61 -1.19 8.31
C LYS A 115 9.37 -0.19 9.17
N LYS A 116 9.12 1.09 8.93
CA LYS A 116 9.77 2.14 9.67
C LYS A 116 9.30 2.10 11.13
N HIS A 117 8.29 1.29 11.37
CA HIS A 117 7.74 1.15 12.71
C HIS A 117 6.58 0.15 12.68
N ALA A 118 6.92 -1.11 12.46
CA ALA A 118 5.93 -2.16 12.41
C ALA A 118 5.60 -2.62 13.84
N GLU A 119 6.32 -2.04 14.80
CA GLU A 119 6.12 -2.38 16.19
C GLU A 119 4.69 -2.03 16.62
N LYS A 120 4.06 -1.20 15.81
CA LYS A 120 2.69 -0.79 16.10
C LYS A 120 1.73 -1.56 15.19
N ASN A 121 2.31 -2.40 14.34
CA ASN A 121 1.52 -3.19 13.42
C ASN A 121 0.90 -2.28 12.37
N TRP A 122 1.43 -1.07 12.30
CA TRP A 122 0.93 -0.09 11.34
C TRP A 122 0.86 -0.77 9.97
N PHE A 123 -0.37 -0.99 9.52
CA PHE A 123 -0.59 -1.62 8.23
C PHE A 123 -0.75 -0.58 7.12
N VAL A 124 -0.93 -1.07 5.91
CA VAL A 124 -1.10 -0.19 4.76
C VAL A 124 -2.51 -0.35 4.20
N GLY A 125 -3.35 -1.01 4.99
CA GLY A 125 -4.73 -1.24 4.58
C GLY A 125 -5.61 -0.04 4.94
N LEU A 126 -5.89 0.77 3.93
CA LEU A 126 -6.72 1.95 4.12
C LEU A 126 -8.08 1.53 4.67
N LYS A 127 -8.40 2.04 5.85
CA LYS A 127 -9.67 1.73 6.49
C LYS A 127 -10.69 1.32 5.42
N LYS A 128 -11.13 0.08 5.52
CA LYS A 128 -12.10 -0.44 4.57
C LYS A 128 -13.41 0.34 4.70
N ASN A 129 -13.30 1.64 4.46
CA ASN A 129 -14.47 2.52 4.54
C ASN A 129 -14.41 3.55 3.42
N GLY A 130 -13.22 4.10 3.23
CA GLY A 130 -13.01 5.09 2.18
C GLY A 130 -12.19 6.27 2.70
N SER A 131 -11.00 5.93 3.20
CA SER A 131 -10.10 6.95 3.74
C SER A 131 -8.96 6.28 4.50
N CYS A 132 -7.79 6.90 4.40
CA CYS A 132 -6.62 6.37 5.07
C CYS A 132 -6.80 6.57 6.58
N LYS A 133 -6.00 5.84 7.34
CA LYS A 133 -6.06 5.92 8.79
C LYS A 133 -4.64 6.14 9.35
N ARG A 134 -4.58 6.90 10.43
CA ARG A 134 -3.30 7.19 11.05
C ARG A 134 -2.64 5.89 11.52
N GLY A 135 -1.38 6.02 11.92
CA GLY A 135 -0.62 4.87 12.38
C GLY A 135 -1.46 4.00 13.31
N PRO A 136 -1.90 4.62 14.45
CA PRO A 136 -2.71 3.90 15.43
C PRO A 136 -4.14 3.74 14.93
N ARG A 137 -4.26 3.20 13.72
CA ARG A 137 -5.57 2.98 13.13
C ARG A 137 -5.45 2.02 11.93
N THR A 138 -4.45 1.15 12.01
CA THR A 138 -4.22 0.18 10.96
C THR A 138 -3.78 -1.16 11.54
N HIS A 139 -4.74 -2.05 11.67
CA HIS A 139 -4.46 -3.38 12.21
C HIS A 139 -5.28 -4.42 11.46
N TYR A 140 -5.04 -5.68 11.81
CA TYR A 140 -5.74 -6.78 11.18
C TYR A 140 -7.25 -6.60 11.27
N GLY A 141 -7.98 -7.68 11.03
CA GLY A 141 -9.42 -7.66 11.08
C GLY A 141 -10.00 -6.71 10.02
N GLN A 142 -9.10 -6.18 9.20
CA GLN A 142 -9.51 -5.28 8.14
C GLN A 142 -8.88 -5.70 6.80
N LYS A 143 -9.70 -6.28 5.96
CA LYS A 143 -9.25 -6.73 4.66
C LYS A 143 -8.55 -5.59 3.93
N ALA A 144 -8.73 -4.39 4.49
CA ALA A 144 -8.12 -3.21 3.91
C ALA A 144 -6.62 -3.46 3.67
N ILE A 145 -6.03 -4.21 4.59
CA ILE A 145 -4.62 -4.53 4.50
C ILE A 145 -4.41 -5.54 3.38
N LEU A 146 -5.42 -6.38 3.17
CA LEU A 146 -5.36 -7.39 2.13
C LEU A 146 -5.37 -6.71 0.76
N PHE A 147 -4.25 -6.84 0.07
CA PHE A 147 -4.11 -6.26 -1.25
C PHE A 147 -3.89 -7.33 -2.32
N LEU A 148 -4.84 -7.42 -3.23
CA LEU A 148 -4.76 -8.40 -4.31
C LEU A 148 -4.41 -7.68 -5.62
N PRO A 149 -3.11 -7.84 -6.02
CA PRO A 149 -2.64 -7.23 -7.25
C PRO A 149 -3.16 -7.98 -8.47
N LEU A 150 -3.45 -7.21 -9.52
CA LEU A 150 -3.95 -7.79 -10.76
C LEU A 150 -3.22 -7.16 -11.94
N PRO A 151 -1.87 -7.37 -11.97
CA PRO A 151 -1.06 -6.83 -13.04
C PRO A 151 -1.25 -7.62 -14.34
N VAL A 152 -0.58 -7.15 -15.38
CA VAL A 152 -0.67 -7.81 -16.68
C VAL A 152 0.25 -7.09 -17.67
N SER A 153 1.45 -6.79 -17.20
CA SER A 153 2.43 -6.12 -18.03
C SER A 153 2.42 -6.71 -19.44
N SER A 154 1.83 -5.95 -20.36
CA SER A 154 1.74 -6.39 -21.74
C SER A 154 1.18 -5.26 -22.61
N ASP A 155 1.99 -4.23 -22.80
CA ASP A 155 1.58 -3.09 -23.60
C ASP A 155 2.81 -2.23 -23.93
N LYS A 25 3.28 -0.52 -17.79
CA LYS A 25 3.26 -1.34 -16.60
C LYS A 25 2.02 -1.00 -15.77
N PRO A 26 0.84 -1.38 -16.32
CA PRO A 26 -0.42 -1.12 -15.64
C PRO A 26 -0.62 -2.09 -14.47
N LYS A 27 -1.11 -1.54 -13.37
CA LYS A 27 -1.34 -2.32 -12.17
C LYS A 27 -2.11 -1.49 -11.16
N LEU A 28 -2.97 -2.17 -10.40
CA LEU A 28 -3.77 -1.50 -9.39
C LEU A 28 -4.14 -2.50 -8.29
N LEU A 29 -3.78 -2.15 -7.07
CA LEU A 29 -4.06 -3.00 -5.93
C LEU A 29 -5.57 -3.01 -5.66
N TYR A 30 -6.03 -4.10 -5.07
CA TYR A 30 -7.43 -4.24 -4.75
C TYR A 30 -7.63 -4.88 -3.37
N CYS A 31 -8.26 -4.13 -2.49
CA CYS A 31 -8.52 -4.61 -1.14
C CYS A 31 -9.41 -5.85 -1.24
N SER A 32 -9.07 -6.84 -0.43
CA SER A 32 -9.83 -8.08 -0.42
C SER A 32 -11.33 -7.77 -0.37
N ASN A 33 -11.83 -7.62 0.85
CA ASN A 33 -13.25 -7.32 1.04
C ASN A 33 -13.52 -5.87 0.65
N GLY A 34 -12.89 -4.96 1.39
CA GLY A 34 -13.05 -3.55 1.12
C GLY A 34 -13.25 -3.29 -0.37
N GLY A 35 -12.51 -4.04 -1.17
CA GLY A 35 -12.59 -3.89 -2.62
C GLY A 35 -12.11 -2.52 -3.06
N HIS A 36 -11.54 -1.79 -2.11
CA HIS A 36 -11.03 -0.46 -2.39
C HIS A 36 -9.73 -0.57 -3.20
N PHE A 37 -9.48 0.47 -3.98
CA PHE A 37 -8.29 0.52 -4.82
C PHE A 37 -7.41 1.71 -4.46
N LEU A 38 -6.33 1.42 -3.75
CA LEU A 38 -5.40 2.46 -3.33
C LEU A 38 -5.10 3.37 -4.53
N ARG A 39 -4.53 4.53 -4.22
CA ARG A 39 -4.19 5.49 -5.26
C ARG A 39 -2.91 6.23 -4.89
N ILE A 40 -2.54 7.17 -5.75
CA ILE A 40 -1.33 7.96 -5.52
C ILE A 40 -1.45 9.29 -6.27
N LEU A 41 -1.01 10.35 -5.61
CA LEU A 41 -1.06 11.67 -6.20
C LEU A 41 0.36 12.16 -6.48
N PRO A 42 0.52 12.89 -7.61
CA PRO A 42 1.81 13.42 -7.99
C PRO A 42 2.20 14.61 -7.13
N ASP A 43 1.35 14.90 -6.15
CA ASP A 43 1.59 16.00 -5.24
C ASP A 43 2.37 15.50 -4.02
N GLY A 44 1.86 14.41 -3.45
CA GLY A 44 2.49 13.82 -2.28
C GLY A 44 1.44 13.38 -1.26
N THR A 45 0.44 12.67 -1.75
CA THR A 45 -0.63 12.19 -0.90
C THR A 45 -1.05 10.78 -1.32
N VAL A 46 -1.85 10.15 -0.47
CA VAL A 46 -2.33 8.81 -0.73
C VAL A 46 -3.74 8.66 -0.17
N ASP A 47 -4.39 7.57 -0.56
CA ASP A 47 -5.74 7.29 -0.09
C ASP A 47 -6.26 6.02 -0.77
N GLY A 48 -7.54 5.78 -0.61
CA GLY A 48 -8.17 4.62 -1.20
C GLY A 48 -9.49 4.99 -1.89
N THR A 49 -10.04 4.01 -2.59
CA THR A 49 -11.29 4.22 -3.30
C THR A 49 -12.04 2.89 -3.49
N ARG A 50 -13.26 2.86 -3.01
CA ARG A 50 -14.08 1.67 -3.11
C ARG A 50 -13.86 0.99 -4.47
N ASP A 51 -13.83 1.81 -5.50
CA ASP A 51 -13.62 1.30 -6.85
C ASP A 51 -12.76 2.29 -7.63
N ARG A 52 -11.66 1.77 -8.16
CA ARG A 52 -10.74 2.58 -8.94
C ARG A 52 -11.50 3.62 -9.76
N SER A 53 -11.15 4.88 -9.54
CA SER A 53 -11.80 5.97 -10.25
C SER A 53 -11.20 7.31 -9.82
N ASP A 54 -9.95 7.50 -10.21
CA ASP A 54 -9.25 8.74 -9.86
C ASP A 54 -8.33 9.13 -11.02
N GLN A 55 -7.56 10.19 -10.79
CA GLN A 55 -6.64 10.67 -11.81
C GLN A 55 -5.61 9.59 -12.13
N HIS A 56 -5.15 8.91 -11.09
CA HIS A 56 -4.18 7.85 -11.26
C HIS A 56 -4.02 7.09 -9.94
N ILE A 57 -4.59 5.89 -9.92
CA ILE A 57 -4.52 5.05 -8.73
C ILE A 57 -3.51 3.92 -8.97
N GLN A 58 -2.79 4.04 -10.08
CA GLN A 58 -1.79 3.06 -10.43
C GLN A 58 -0.94 2.70 -9.21
N LEU A 59 -0.41 1.49 -9.22
CA LEU A 59 0.42 1.01 -8.12
C LEU A 59 1.34 -0.09 -8.63
N GLN A 60 2.26 -0.50 -7.76
CA GLN A 60 3.21 -1.54 -8.11
C GLN A 60 4.14 -1.83 -6.92
N LEU A 61 4.29 -3.12 -6.63
CA LEU A 61 5.13 -3.55 -5.53
C LEU A 61 6.50 -3.97 -6.08
N SER A 62 7.47 -4.05 -5.18
CA SER A 62 8.81 -4.44 -5.55
C SER A 62 9.45 -5.27 -4.43
N ALA A 63 8.77 -6.35 -4.09
CA ALA A 63 9.26 -7.24 -3.04
C ALA A 63 10.76 -7.47 -3.23
N GLU A 64 11.50 -7.25 -2.15
CA GLU A 64 12.94 -7.42 -2.18
C GLU A 64 13.36 -8.52 -1.20
N SER A 65 12.37 -9.04 -0.49
CA SER A 65 12.63 -10.09 0.49
C SER A 65 11.50 -10.14 1.51
N VAL A 66 11.16 -11.35 1.92
CA VAL A 66 10.10 -11.56 2.88
C VAL A 66 10.25 -10.56 4.03
N GLY A 67 9.13 -10.01 4.46
CA GLY A 67 9.13 -9.04 5.55
C GLY A 67 9.81 -7.74 5.12
N GLU A 68 9.99 -7.61 3.81
CA GLU A 68 10.61 -6.42 3.26
C GLU A 68 10.34 -6.32 1.75
N VAL A 69 9.42 -5.43 1.41
CA VAL A 69 9.06 -5.23 0.01
C VAL A 69 9.04 -3.74 -0.30
N TYR A 70 8.91 -3.43 -1.58
CA TYR A 70 8.87 -2.05 -2.01
C TYR A 70 7.59 -1.76 -2.80
N ILE A 71 7.36 -0.47 -3.03
CA ILE A 71 6.18 -0.05 -3.77
C ILE A 71 6.51 1.18 -4.61
N LYS A 72 6.21 1.09 -5.90
CA LYS A 72 6.48 2.18 -6.81
C LYS A 72 5.27 2.40 -7.71
N SER A 73 4.52 3.44 -7.40
CA SER A 73 3.33 3.77 -8.18
C SER A 73 3.73 4.14 -9.60
N THR A 74 4.07 3.12 -10.38
CA THR A 74 4.47 3.33 -11.76
C THR A 74 3.49 4.28 -12.46
N GLU A 75 3.85 5.56 -12.46
CA GLU A 75 3.03 6.56 -13.08
C GLU A 75 3.48 7.96 -12.68
N THR A 76 3.91 8.06 -11.42
CA THR A 76 4.38 9.33 -10.89
C THR A 76 5.90 9.40 -10.95
N GLY A 77 6.52 9.20 -9.80
CA GLY A 77 7.97 9.25 -9.71
C GLY A 77 8.43 9.16 -8.25
N GLN A 78 7.73 8.34 -7.48
CA GLN A 78 8.06 8.16 -6.09
C GLN A 78 7.77 6.73 -5.65
N TYR A 79 7.98 6.48 -4.36
CA TYR A 79 7.76 5.15 -3.81
C TYR A 79 6.92 5.23 -2.53
N LEU A 80 5.87 4.43 -2.49
CA LEU A 80 4.98 4.40 -1.35
C LEU A 80 5.82 4.34 -0.07
N ALA A 81 5.19 4.69 1.04
CA ALA A 81 5.86 4.68 2.32
C ALA A 81 4.87 5.10 3.42
N MET A 82 5.34 5.04 4.65
CA MET A 82 4.51 5.41 5.79
C MET A 82 5.32 6.21 6.82
N ASP A 83 4.94 7.47 6.96
CA ASP A 83 5.62 8.35 7.90
C ASP A 83 5.23 7.95 9.33
N THR A 84 5.82 8.66 10.28
CA THR A 84 5.56 8.38 11.68
C THR A 84 4.07 8.52 11.98
N ASP A 85 3.36 9.16 11.05
CA ASP A 85 1.93 9.36 11.21
C ASP A 85 1.19 8.14 10.69
N GLY A 86 1.95 7.23 10.09
CA GLY A 86 1.37 6.02 9.54
C GLY A 86 0.48 6.32 8.33
N LEU A 87 0.62 7.55 7.83
CA LEU A 87 -0.17 7.98 6.69
C LEU A 87 0.59 7.65 5.40
N LEU A 88 0.10 6.62 4.71
CA LEU A 88 0.72 6.20 3.46
C LEU A 88 1.17 7.43 2.68
N TYR A 89 2.46 7.46 2.37
CA TYR A 89 3.03 8.57 1.62
C TYR A 89 4.19 8.10 0.74
N GLY A 90 4.31 8.75 -0.41
CA GLY A 90 5.37 8.41 -1.35
C GLY A 90 6.68 9.10 -0.97
N SER A 91 7.78 8.47 -1.38
CA SER A 91 9.09 9.01 -1.10
C SER A 91 10.07 8.66 -2.23
N GLN A 92 10.81 9.66 -2.66
CA GLN A 92 11.76 9.48 -3.73
C GLN A 92 13.03 8.82 -3.20
N THR A 93 13.00 8.50 -1.91
CA THR A 93 14.14 7.86 -1.27
C THR A 93 13.76 6.46 -0.78
N PRO A 94 14.03 5.46 -1.67
CA PRO A 94 13.72 4.07 -1.35
C PRO A 94 14.73 3.51 -0.36
N ASN A 95 14.31 3.44 0.90
CA ASN A 95 15.17 2.93 1.95
C ASN A 95 14.30 2.44 3.12
N GLU A 96 14.89 2.49 4.31
CA GLU A 96 14.18 2.06 5.50
C GLU A 96 13.02 3.01 5.80
N GLU A 97 12.02 2.95 4.93
CA GLU A 97 10.85 3.80 5.09
C GLU A 97 9.85 3.54 3.95
N CYS A 98 10.39 3.46 2.75
CA CYS A 98 9.57 3.21 1.58
C CYS A 98 9.25 1.72 1.51
N LEU A 99 10.12 0.93 2.11
CA LEU A 99 9.95 -0.51 2.14
C LEU A 99 8.63 -0.85 2.85
N PHE A 100 8.33 -2.14 2.89
CA PHE A 100 7.11 -2.60 3.54
C PHE A 100 7.27 -4.04 4.03
N LEU A 101 7.13 -4.21 5.33
CA LEU A 101 7.26 -5.52 5.94
C LEU A 101 6.09 -6.41 5.47
N GLU A 102 6.38 -7.26 4.50
CA GLU A 102 5.37 -8.15 3.96
C GLU A 102 5.25 -9.40 4.83
N ARG A 103 4.17 -10.13 4.61
CA ARG A 103 3.92 -11.35 5.38
C ARG A 103 2.59 -11.99 4.94
N LEU A 104 2.67 -12.73 3.85
CA LEU A 104 1.50 -13.40 3.31
C LEU A 104 0.55 -13.73 4.45
N GLU A 105 -0.41 -12.83 4.66
CA GLU A 105 -1.38 -13.02 5.72
C GLU A 105 -2.18 -14.29 5.48
N GLU A 106 -2.68 -14.42 4.26
CA GLU A 106 -3.47 -15.59 3.89
C GLU A 106 -2.69 -16.46 2.91
N ASN A 107 -3.11 -16.40 1.65
CA ASN A 107 -2.47 -17.18 0.61
C ASN A 107 -2.59 -16.43 -0.73
N HIS A 108 -2.38 -15.13 -0.66
CA HIS A 108 -2.45 -14.30 -1.85
C HIS A 108 -2.08 -12.85 -1.50
N TYR A 109 -2.82 -12.30 -0.55
CA TYR A 109 -2.59 -10.94 -0.12
C TYR A 109 -1.20 -10.81 0.54
N ASN A 110 -0.64 -9.62 0.42
CA ASN A 110 0.68 -9.35 1.00
C ASN A 110 0.54 -8.25 2.05
N THR A 111 -0.17 -8.57 3.12
CA THR A 111 -0.37 -7.62 4.19
C THR A 111 0.97 -7.09 4.70
N TYR A 112 1.34 -5.93 4.18
CA TYR A 112 2.59 -5.30 4.57
C TYR A 112 2.45 -4.57 5.91
N ILE A 113 3.49 -3.82 6.24
CA ILE A 113 3.49 -3.07 7.49
C ILE A 113 4.54 -1.96 7.40
N SER A 114 4.22 -0.83 8.03
CA SER A 114 5.12 0.30 8.03
C SER A 114 6.48 -0.11 8.58
N LYS A 115 7.33 -0.58 7.67
CA LYS A 115 8.67 -1.02 8.04
C LYS A 115 9.39 0.13 8.74
N LYS A 116 8.95 1.34 8.45
CA LYS A 116 9.54 2.52 9.05
C LYS A 116 9.29 2.51 10.55
N HIS A 117 8.37 1.65 10.96
CA HIS A 117 8.03 1.53 12.36
C HIS A 117 6.93 0.47 12.53
N ALA A 118 7.34 -0.78 12.37
CA ALA A 118 6.41 -1.89 12.50
C ALA A 118 6.25 -2.24 13.97
N GLU A 119 6.99 -1.51 14.81
CA GLU A 119 6.93 -1.74 16.24
C GLU A 119 5.50 -1.54 16.76
N LYS A 120 4.71 -0.85 15.95
CA LYS A 120 3.33 -0.59 16.32
C LYS A 120 2.40 -1.40 15.42
N ASN A 121 3.01 -2.27 14.63
CA ASN A 121 2.24 -3.12 13.72
C ASN A 121 1.48 -2.23 12.73
N TRP A 122 2.00 -1.02 12.55
CA TRP A 122 1.37 -0.08 11.63
C TRP A 122 1.25 -0.74 10.27
N PHE A 123 0.13 -1.41 10.06
CA PHE A 123 -0.11 -2.11 8.80
C PHE A 123 -0.45 -1.10 7.70
N VAL A 124 -0.87 -1.65 6.57
CA VAL A 124 -1.23 -0.83 5.42
C VAL A 124 -2.59 -1.28 4.87
N GLY A 125 -3.61 -0.54 5.25
CA GLY A 125 -4.96 -0.85 4.81
C GLY A 125 -5.83 0.41 4.79
N LEU A 126 -6.91 0.33 4.01
CA LEU A 126 -7.82 1.45 3.88
C LEU A 126 -9.19 1.06 4.45
N LYS A 127 -9.62 1.81 5.45
CA LYS A 127 -10.90 1.55 6.09
C LYS A 127 -11.89 1.06 5.03
N LYS A 128 -12.58 -0.03 5.37
CA LYS A 128 -13.55 -0.60 4.47
C LYS A 128 -14.74 0.34 4.35
N ASN A 129 -14.45 1.56 3.91
CA ASN A 129 -15.50 2.56 3.75
C ASN A 129 -15.09 3.52 2.63
N GLY A 130 -13.84 3.94 2.68
CA GLY A 130 -13.32 4.86 1.68
C GLY A 130 -12.45 5.93 2.32
N SER A 131 -11.24 5.52 2.71
CA SER A 131 -10.30 6.44 3.33
C SER A 131 -9.11 5.66 3.90
N CYS A 132 -7.94 6.25 3.75
CA CYS A 132 -6.72 5.62 4.23
C CYS A 132 -6.82 5.50 5.75
N LYS A 133 -5.91 4.71 6.31
CA LYS A 133 -5.89 4.50 7.75
C LYS A 133 -4.69 5.25 8.34
N ARG A 134 -4.82 5.59 9.62
CA ARG A 134 -3.78 6.31 10.32
C ARG A 134 -2.90 5.34 11.10
N GLY A 135 -1.65 5.73 11.29
CA GLY A 135 -0.70 4.90 12.02
C GLY A 135 -1.35 4.32 13.29
N PRO A 136 -1.96 5.24 14.09
CA PRO A 136 -2.61 4.83 15.32
C PRO A 136 -3.95 4.15 15.04
N ARG A 137 -3.91 3.19 14.12
CA ARG A 137 -5.09 2.45 13.75
C ARG A 137 -4.83 1.60 12.50
N THR A 138 -3.63 1.04 12.46
CA THR A 138 -3.23 0.20 11.34
C THR A 138 -2.84 -1.20 11.82
N HIS A 139 -3.87 -1.96 12.19
CA HIS A 139 -3.65 -3.31 12.68
C HIS A 139 -4.71 -4.24 12.08
N TYR A 140 -4.26 -5.43 11.70
CA TYR A 140 -5.15 -6.42 11.11
C TYR A 140 -6.14 -6.95 12.16
N GLY A 141 -6.96 -7.89 11.72
CA GLY A 141 -7.95 -8.48 12.61
C GLY A 141 -9.07 -9.15 11.80
N GLN A 142 -9.36 -8.56 10.65
CA GLN A 142 -10.41 -9.08 9.79
C GLN A 142 -9.84 -9.38 8.40
N LYS A 143 -9.67 -8.32 7.62
CA LYS A 143 -9.14 -8.45 6.27
C LYS A 143 -9.19 -7.09 5.58
N ALA A 144 -8.87 -6.06 6.34
CA ALA A 144 -8.88 -4.71 5.80
C ALA A 144 -7.49 -4.37 5.27
N ILE A 145 -6.63 -5.38 5.26
CA ILE A 145 -5.27 -5.20 4.76
C ILE A 145 -5.03 -6.15 3.59
N LEU A 146 -5.82 -7.21 3.55
CA LEU A 146 -5.71 -8.20 2.50
C LEU A 146 -5.71 -7.49 1.14
N PHE A 147 -4.52 -7.18 0.66
CA PHE A 147 -4.38 -6.50 -0.61
C PHE A 147 -4.13 -7.50 -1.74
N LEU A 148 -5.00 -7.44 -2.75
CA LEU A 148 -4.87 -8.34 -3.89
C LEU A 148 -4.38 -7.55 -5.10
N PRO A 149 -3.07 -7.72 -5.41
CA PRO A 149 -2.45 -7.03 -6.53
C PRO A 149 -2.88 -7.67 -7.86
N LEU A 150 -3.22 -6.80 -8.80
CA LEU A 150 -3.65 -7.27 -10.11
C LEU A 150 -2.79 -6.60 -11.18
N PRO A 151 -1.56 -7.15 -11.37
CA PRO A 151 -0.63 -6.61 -12.36
C PRO A 151 -1.06 -7.01 -13.77
N VAL A 152 -0.47 -6.33 -14.74
CA VAL A 152 -0.78 -6.60 -16.14
C VAL A 152 0.30 -5.97 -17.03
N SER A 153 1.55 -6.25 -16.67
CA SER A 153 2.68 -5.72 -17.42
C SER A 153 2.82 -6.49 -18.74
N SER A 154 2.12 -6.00 -19.75
CA SER A 154 2.18 -6.62 -21.07
C SER A 154 2.85 -5.67 -22.07
N ASP A 155 4.17 -5.59 -21.96
CA ASP A 155 4.94 -4.73 -22.85
C ASP A 155 6.36 -5.26 -22.94
N LYS A 25 -0.98 1.14 -18.91
CA LYS A 25 -0.41 0.82 -17.61
C LYS A 25 -1.12 -0.42 -17.05
N PRO A 26 -0.65 -1.61 -17.51
CA PRO A 26 -1.22 -2.87 -17.06
C PRO A 26 -0.77 -3.20 -15.64
N LYS A 27 -1.48 -2.64 -14.67
CA LYS A 27 -1.16 -2.86 -13.27
C LYS A 27 -2.13 -2.05 -12.39
N LEU A 28 -2.73 -2.74 -11.45
CA LEU A 28 -3.67 -2.10 -10.54
C LEU A 28 -3.87 -2.99 -9.31
N LEU A 29 -3.61 -2.40 -8.15
CA LEU A 29 -3.76 -3.11 -6.90
C LEU A 29 -5.20 -2.97 -6.39
N TYR A 30 -5.48 -3.63 -5.28
CA TYR A 30 -6.79 -3.59 -4.69
C TYR A 30 -6.83 -4.35 -3.36
N CYS A 31 -7.83 -4.02 -2.56
CA CYS A 31 -7.99 -4.66 -1.26
C CYS A 31 -8.65 -6.02 -1.47
N SER A 32 -7.94 -7.05 -1.04
CA SER A 32 -8.45 -8.41 -1.17
C SER A 32 -9.98 -8.41 -1.11
N ASN A 33 -10.49 -8.58 0.10
CA ASN A 33 -11.92 -8.59 0.31
C ASN A 33 -12.55 -7.34 -0.31
N GLY A 34 -13.84 -7.20 -0.11
CA GLY A 34 -14.56 -6.05 -0.64
C GLY A 34 -14.02 -4.74 -0.07
N GLY A 35 -12.71 -4.57 -0.20
CA GLY A 35 -12.06 -3.38 0.30
C GLY A 35 -12.03 -2.28 -0.77
N HIS A 36 -11.00 -1.45 -0.69
CA HIS A 36 -10.84 -0.37 -1.65
C HIS A 36 -9.66 -0.65 -2.57
N PHE A 37 -9.33 0.34 -3.37
CA PHE A 37 -8.22 0.21 -4.31
C PHE A 37 -7.18 1.32 -4.08
N LEU A 38 -6.11 0.95 -3.38
CA LEU A 38 -5.06 1.90 -3.09
C LEU A 38 -4.89 2.86 -4.27
N ARG A 39 -4.50 4.08 -3.95
CA ARG A 39 -4.31 5.09 -4.96
C ARG A 39 -3.20 6.07 -4.54
N ILE A 40 -2.48 6.56 -5.53
CA ILE A 40 -1.40 7.50 -5.28
C ILE A 40 -1.64 8.78 -6.07
N LEU A 41 -1.80 9.87 -5.34
CA LEU A 41 -2.04 11.17 -5.96
C LEU A 41 -0.71 11.83 -6.27
N PRO A 42 -0.66 12.53 -7.44
CA PRO A 42 0.54 13.21 -7.85
C PRO A 42 0.75 14.50 -7.05
N ASP A 43 -0.09 14.67 -6.04
CA ASP A 43 0.00 15.84 -5.18
C ASP A 43 0.90 15.54 -3.99
N GLY A 44 0.92 14.27 -3.62
CA GLY A 44 1.74 13.83 -2.49
C GLY A 44 0.87 13.27 -1.37
N THR A 45 -0.35 12.91 -1.74
CA THR A 45 -1.29 12.35 -0.77
C THR A 45 -1.75 10.96 -1.21
N VAL A 46 -1.90 10.09 -0.24
CA VAL A 46 -2.33 8.72 -0.52
C VAL A 46 -3.73 8.51 0.07
N ASP A 47 -4.33 7.38 -0.31
CA ASP A 47 -5.66 7.06 0.17
C ASP A 47 -6.15 5.80 -0.55
N GLY A 48 -7.42 5.49 -0.33
CA GLY A 48 -8.04 4.33 -0.95
C GLY A 48 -9.45 4.65 -1.46
N THR A 49 -9.79 4.02 -2.58
CA THR A 49 -11.09 4.23 -3.18
C THR A 49 -11.84 2.91 -3.30
N ARG A 50 -13.05 2.90 -2.76
CA ARG A 50 -13.88 1.70 -2.80
C ARG A 50 -13.72 0.98 -4.14
N ASP A 51 -13.53 1.79 -5.19
CA ASP A 51 -13.36 1.25 -6.52
C ASP A 51 -12.45 2.17 -7.33
N ARG A 52 -11.32 1.61 -7.74
CA ARG A 52 -10.36 2.38 -8.52
C ARG A 52 -11.08 3.33 -9.47
N SER A 53 -10.80 4.62 -9.31
CA SER A 53 -11.42 5.63 -10.14
C SER A 53 -10.89 7.02 -9.74
N ASP A 54 -9.62 7.24 -10.02
CA ASP A 54 -8.99 8.51 -9.69
C ASP A 54 -8.05 8.91 -10.83
N GLN A 55 -7.33 10.00 -10.60
CA GLN A 55 -6.39 10.49 -11.59
C GLN A 55 -5.35 9.41 -11.92
N HIS A 56 -4.94 8.69 -10.89
CA HIS A 56 -3.96 7.63 -11.06
C HIS A 56 -3.78 6.88 -9.74
N ILE A 57 -4.33 5.67 -9.71
CA ILE A 57 -4.25 4.84 -8.52
C ILE A 57 -3.28 3.68 -8.78
N GLN A 58 -2.51 3.83 -9.85
CA GLN A 58 -1.54 2.82 -10.22
C GLN A 58 -0.67 2.44 -9.01
N LEU A 59 -0.24 1.19 -9.00
CA LEU A 59 0.60 0.70 -7.91
C LEU A 59 1.58 -0.33 -8.46
N GLN A 60 2.56 -0.67 -7.63
CA GLN A 60 3.57 -1.65 -8.02
C GLN A 60 4.49 -1.95 -6.84
N LEU A 61 4.62 -3.24 -6.56
CA LEU A 61 5.47 -3.68 -5.45
C LEU A 61 6.87 -4.01 -5.99
N SER A 62 7.82 -4.06 -5.07
CA SER A 62 9.19 -4.37 -5.44
C SER A 62 9.85 -5.20 -4.34
N ALA A 63 9.18 -6.29 -3.98
CA ALA A 63 9.68 -7.18 -2.95
C ALA A 63 11.20 -7.31 -3.10
N GLU A 64 11.90 -7.04 -2.02
CA GLU A 64 13.35 -7.14 -2.02
C GLU A 64 13.82 -8.20 -1.03
N SER A 65 12.85 -8.80 -0.36
CA SER A 65 13.14 -9.84 0.62
C SER A 65 11.99 -9.96 1.62
N VAL A 66 11.51 -11.19 1.77
CA VAL A 66 10.40 -11.45 2.68
C VAL A 66 10.60 -10.60 3.95
N GLY A 67 9.47 -10.16 4.50
CA GLY A 67 9.50 -9.35 5.71
C GLY A 67 9.95 -7.92 5.39
N GLU A 68 10.12 -7.65 4.10
CA GLU A 68 10.54 -6.34 3.67
C GLU A 68 10.42 -6.23 2.14
N VAL A 69 9.40 -5.51 1.71
CA VAL A 69 9.18 -5.32 0.29
C VAL A 69 9.10 -3.82 -0.01
N TYR A 70 9.12 -3.50 -1.30
CA TYR A 70 9.04 -2.12 -1.74
C TYR A 70 7.77 -1.87 -2.57
N ILE A 71 7.50 -0.59 -2.79
CA ILE A 71 6.33 -0.21 -3.56
C ILE A 71 6.64 1.06 -4.34
N LYS A 72 6.35 1.00 -5.64
CA LYS A 72 6.60 2.14 -6.52
C LYS A 72 5.37 2.38 -7.38
N SER A 73 4.62 3.42 -7.00
CA SER A 73 3.41 3.77 -7.73
C SER A 73 3.77 4.17 -9.17
N THR A 74 4.00 3.16 -9.99
CA THR A 74 4.35 3.40 -11.38
C THR A 74 3.33 4.33 -12.03
N GLU A 75 3.79 5.54 -12.34
CA GLU A 75 2.93 6.54 -12.96
C GLU A 75 3.58 7.92 -12.87
N THR A 76 4.14 8.21 -11.71
CA THR A 76 4.78 9.49 -11.48
C THR A 76 5.88 9.36 -10.43
N GLY A 77 6.74 8.37 -10.63
CA GLY A 77 7.83 8.12 -9.70
C GLY A 77 7.39 8.39 -8.26
N GLN A 78 6.81 7.36 -7.66
CA GLN A 78 6.33 7.48 -6.28
C GLN A 78 6.57 6.16 -5.54
N TYR A 79 7.23 6.28 -4.39
CA TYR A 79 7.51 5.10 -3.58
C TYR A 79 6.69 5.11 -2.29
N LEU A 80 5.70 4.24 -2.25
CA LEU A 80 4.82 4.14 -1.09
C LEU A 80 5.68 4.00 0.16
N ALA A 81 5.18 4.57 1.25
CA ALA A 81 5.89 4.53 2.52
C ALA A 81 4.92 4.88 3.65
N MET A 82 5.47 4.98 4.85
CA MET A 82 4.67 5.32 6.01
C MET A 82 5.52 6.04 7.07
N ASP A 83 5.14 7.28 7.33
CA ASP A 83 5.84 8.09 8.32
C ASP A 83 5.43 7.65 9.72
N THR A 84 6.04 8.29 10.71
CA THR A 84 5.74 7.98 12.10
C THR A 84 4.25 8.18 12.38
N ASP A 85 3.59 8.89 11.47
CA ASP A 85 2.17 9.16 11.61
C ASP A 85 1.38 8.04 10.92
N GLY A 86 2.09 6.98 10.57
CA GLY A 86 1.47 5.85 9.91
C GLY A 86 0.57 6.31 8.76
N LEU A 87 0.86 7.50 8.26
CA LEU A 87 0.09 8.05 7.16
C LEU A 87 0.79 7.73 5.84
N LEU A 88 0.22 6.78 5.12
CA LEU A 88 0.77 6.37 3.85
C LEU A 88 1.25 7.60 3.08
N TYR A 89 2.51 7.57 2.69
CA TYR A 89 3.10 8.68 1.96
C TYR A 89 4.18 8.19 0.99
N GLY A 90 4.61 9.09 0.12
CA GLY A 90 5.63 8.76 -0.86
C GLY A 90 6.89 9.58 -0.63
N SER A 91 8.02 8.97 -0.92
CA SER A 91 9.31 9.63 -0.76
C SER A 91 10.26 9.23 -1.89
N GLN A 92 11.09 10.18 -2.29
CA GLN A 92 12.05 9.94 -3.35
C GLN A 92 13.25 9.16 -2.82
N THR A 93 13.18 8.81 -1.54
CA THR A 93 14.24 8.07 -0.91
C THR A 93 13.75 6.69 -0.46
N PRO A 94 13.97 5.69 -1.34
CA PRO A 94 13.54 4.32 -1.05
C PRO A 94 14.47 3.67 -0.03
N ASN A 95 14.02 3.65 1.21
CA ASN A 95 14.79 3.07 2.29
C ASN A 95 13.87 2.23 3.18
N GLU A 96 14.44 1.73 4.27
CA GLU A 96 13.69 0.93 5.21
C GLU A 96 12.25 1.44 5.33
N GLU A 97 12.13 2.75 5.20
CA GLU A 97 10.81 3.39 5.29
C GLU A 97 9.93 2.95 4.12
N CYS A 98 10.35 3.34 2.93
CA CYS A 98 9.60 2.98 1.73
C CYS A 98 9.27 1.49 1.79
N LEU A 99 10.21 0.73 2.32
CA LEU A 99 10.03 -0.71 2.44
C LEU A 99 8.69 -0.99 3.15
N PHE A 100 8.35 -2.26 3.19
CA PHE A 100 7.11 -2.69 3.82
C PHE A 100 7.20 -4.14 4.28
N LEU A 101 7.20 -4.30 5.60
CA LEU A 101 7.27 -5.63 6.18
C LEU A 101 6.23 -6.54 5.52
N GLU A 102 6.72 -7.39 4.64
CA GLU A 102 5.86 -8.32 3.92
C GLU A 102 5.67 -9.61 4.73
N ARG A 103 4.45 -10.12 4.70
CA ARG A 103 4.14 -11.34 5.42
C ARG A 103 2.84 -11.96 4.88
N LEU A 104 2.92 -12.43 3.64
CA LEU A 104 1.77 -13.04 3.00
C LEU A 104 0.78 -13.50 4.07
N GLU A 105 -0.19 -12.64 4.34
CA GLU A 105 -1.20 -12.94 5.33
C GLU A 105 -1.81 -14.32 5.07
N GLU A 106 -2.30 -14.50 3.85
CA GLU A 106 -2.89 -15.77 3.47
C GLU A 106 -2.04 -16.46 2.40
N ASN A 107 -2.51 -16.36 1.17
CA ASN A 107 -1.80 -16.98 0.05
C ASN A 107 -1.93 -16.08 -1.18
N HIS A 108 -1.82 -14.78 -0.94
CA HIS A 108 -1.92 -13.81 -2.02
C HIS A 108 -1.77 -12.39 -1.45
N TYR A 109 -2.50 -12.15 -0.37
CA TYR A 109 -2.46 -10.85 0.28
C TYR A 109 -1.13 -10.64 0.99
N ASN A 110 -0.36 -9.68 0.49
CA ASN A 110 0.93 -9.37 1.07
C ASN A 110 0.76 -8.29 2.14
N THR A 111 -0.20 -8.53 3.02
CA THR A 111 -0.47 -7.60 4.10
C THR A 111 0.83 -7.05 4.68
N TYR A 112 1.17 -5.84 4.24
CA TYR A 112 2.38 -5.19 4.70
C TYR A 112 2.13 -4.38 5.97
N ILE A 113 3.21 -3.85 6.53
CA ILE A 113 3.10 -3.05 7.74
C ILE A 113 4.30 -2.10 7.82
N SER A 114 4.01 -0.84 8.10
CA SER A 114 5.05 0.16 8.21
C SER A 114 6.30 -0.45 8.84
N LYS A 115 7.26 -0.76 7.97
CA LYS A 115 8.51 -1.35 8.43
C LYS A 115 9.28 -0.32 9.24
N LYS A 116 9.01 0.95 8.95
CA LYS A 116 9.68 2.04 9.65
C LYS A 116 9.26 2.03 11.12
N HIS A 117 8.24 1.24 11.41
CA HIS A 117 7.73 1.12 12.76
C HIS A 117 6.56 0.15 12.79
N ALA A 118 6.89 -1.12 12.62
CA ALA A 118 5.87 -2.16 12.62
C ALA A 118 5.54 -2.54 14.07
N GLU A 119 6.26 -1.92 15.00
CA GLU A 119 6.05 -2.16 16.41
C GLU A 119 4.62 -1.79 16.81
N LYS A 120 4.00 -0.97 15.97
CA LYS A 120 2.65 -0.52 16.23
C LYS A 120 1.68 -1.32 15.35
N ASN A 121 2.25 -2.20 14.54
CA ASN A 121 1.46 -3.02 13.64
C ASN A 121 0.85 -2.14 12.56
N TRP A 122 1.39 -0.94 12.44
CA TRP A 122 0.92 0.00 11.44
C TRP A 122 0.90 -0.71 10.09
N PHE A 123 -0.32 -0.97 9.61
CA PHE A 123 -0.49 -1.65 8.34
C PHE A 123 -0.57 -0.64 7.19
N VAL A 124 -0.80 -1.17 6.00
CA VAL A 124 -0.90 -0.34 4.82
C VAL A 124 -2.30 -0.47 4.23
N GLY A 125 -3.24 -0.87 5.07
CA GLY A 125 -4.61 -1.05 4.64
C GLY A 125 -5.46 0.17 5.00
N LEU A 126 -5.88 0.89 3.97
CA LEU A 126 -6.70 2.07 4.15
C LEU A 126 -8.03 1.67 4.80
N LYS A 127 -8.22 2.15 6.03
CA LYS A 127 -9.44 1.85 6.75
C LYS A 127 -10.55 1.49 5.77
N LYS A 128 -10.96 0.23 5.82
CA LYS A 128 -12.00 -0.25 4.93
C LYS A 128 -13.29 0.54 5.20
N ASN A 129 -13.21 1.83 4.96
CA ASN A 129 -14.35 2.70 5.18
C ASN A 129 -14.47 3.69 4.01
N GLY A 130 -13.32 4.20 3.59
CA GLY A 130 -13.27 5.15 2.50
C GLY A 130 -12.42 6.37 2.85
N SER A 131 -11.23 6.08 3.34
CA SER A 131 -10.30 7.14 3.73
C SER A 131 -9.12 6.56 4.50
N CYS A 132 -7.93 6.96 4.09
CA CYS A 132 -6.71 6.49 4.72
C CYS A 132 -6.88 6.62 6.24
N LYS A 133 -5.91 6.08 6.96
CA LYS A 133 -5.93 6.13 8.41
C LYS A 133 -4.52 6.37 8.94
N ARG A 134 -4.45 6.87 10.17
CA ARG A 134 -3.17 7.15 10.79
C ARG A 134 -2.62 5.88 11.45
N GLY A 135 -1.33 5.93 11.77
CA GLY A 135 -0.67 4.80 12.40
C GLY A 135 -1.61 4.10 13.39
N PRO A 136 -2.11 4.89 14.38
CA PRO A 136 -3.01 4.36 15.38
C PRO A 136 -4.41 4.16 14.80
N ARG A 137 -4.48 3.33 13.77
CA ARG A 137 -5.74 3.05 13.13
C ARG A 137 -5.52 2.12 11.91
N THR A 138 -4.61 1.19 12.08
CA THR A 138 -4.29 0.25 11.03
C THR A 138 -3.85 -1.09 11.61
N HIS A 139 -4.79 -2.04 11.62
CA HIS A 139 -4.50 -3.36 12.15
C HIS A 139 -5.22 -4.42 11.31
N TYR A 140 -5.06 -5.67 11.72
CA TYR A 140 -5.70 -6.77 11.02
C TYR A 140 -7.21 -6.55 10.93
N GLY A 141 -7.92 -7.66 10.70
CA GLY A 141 -9.36 -7.60 10.58
C GLY A 141 -9.80 -6.42 9.70
N GLN A 142 -8.85 -5.94 8.91
CA GLN A 142 -9.12 -4.83 8.02
C GLN A 142 -8.69 -5.16 6.59
N LYS A 143 -9.58 -5.84 5.88
CA LYS A 143 -9.31 -6.22 4.50
C LYS A 143 -8.42 -5.16 3.84
N ALA A 144 -8.58 -3.93 4.32
CA ALA A 144 -7.81 -2.81 3.79
C ALA A 144 -6.35 -3.23 3.65
N ILE A 145 -5.86 -3.94 4.66
CA ILE A 145 -4.49 -4.41 4.65
C ILE A 145 -4.32 -5.48 3.58
N LEU A 146 -5.38 -6.27 3.41
CA LEU A 146 -5.36 -7.33 2.42
C LEU A 146 -5.37 -6.73 1.01
N PHE A 147 -4.25 -6.89 0.32
CA PHE A 147 -4.13 -6.37 -1.03
C PHE A 147 -3.93 -7.50 -2.05
N LEU A 148 -4.65 -7.39 -3.14
CA LEU A 148 -4.57 -8.40 -4.20
C LEU A 148 -4.31 -7.70 -5.53
N PRO A 149 -3.03 -7.78 -5.99
CA PRO A 149 -2.65 -7.17 -7.25
C PRO A 149 -3.14 -8.00 -8.43
N LEU A 150 -3.70 -7.29 -9.40
CA LEU A 150 -4.22 -7.95 -10.60
C LEU A 150 -3.73 -7.20 -11.83
N PRO A 151 -2.38 -7.22 -12.03
CA PRO A 151 -1.78 -6.55 -13.17
C PRO A 151 -2.01 -7.35 -14.46
N VAL A 152 -1.31 -6.93 -15.50
CA VAL A 152 -1.43 -7.59 -16.79
C VAL A 152 -0.22 -7.24 -17.66
N SER A 153 0.88 -6.97 -16.98
CA SER A 153 2.11 -6.62 -17.68
C SER A 153 2.29 -7.51 -18.91
N SER A 154 1.98 -6.94 -20.07
CA SER A 154 2.10 -7.66 -21.32
C SER A 154 2.56 -6.71 -22.43
N ASP A 155 3.85 -6.42 -22.42
CA ASP A 155 4.42 -5.53 -23.42
C ASP A 155 5.79 -6.07 -23.84
N LYS A 25 -3.00 0.46 -18.04
CA LYS A 25 -3.40 -0.49 -17.02
C LYS A 25 -2.30 -1.54 -16.84
N PRO A 26 -1.13 -1.05 -16.33
CA PRO A 26 0.01 -1.92 -16.11
C PRO A 26 -0.21 -2.80 -14.86
N LYS A 27 -0.79 -2.19 -13.84
CA LYS A 27 -1.06 -2.90 -12.60
C LYS A 27 -1.78 -1.96 -11.63
N LEU A 28 -2.67 -2.54 -10.86
CA LEU A 28 -3.43 -1.77 -9.89
C LEU A 28 -3.77 -2.66 -8.69
N LEU A 29 -3.14 -2.35 -7.57
CA LEU A 29 -3.36 -3.11 -6.35
C LEU A 29 -4.81 -2.95 -5.90
N TYR A 30 -5.19 -3.74 -4.91
CA TYR A 30 -6.54 -3.69 -4.38
C TYR A 30 -6.63 -4.40 -3.03
N CYS A 31 -7.46 -3.84 -2.16
CA CYS A 31 -7.64 -4.41 -0.84
C CYS A 31 -8.57 -5.62 -0.97
N SER A 32 -8.36 -6.58 -0.07
CA SER A 32 -9.17 -7.79 -0.08
C SER A 32 -10.65 -7.43 0.02
N ASN A 33 -11.46 -8.42 0.37
CA ASN A 33 -12.88 -8.23 0.51
C ASN A 33 -13.15 -6.83 1.06
N GLY A 34 -14.26 -6.25 0.62
CA GLY A 34 -14.64 -4.92 1.06
C GLY A 34 -13.40 -4.04 1.27
N GLY A 35 -12.59 -3.96 0.23
CA GLY A 35 -11.38 -3.16 0.29
C GLY A 35 -11.35 -2.12 -0.83
N HIS A 36 -10.46 -1.15 -0.68
CA HIS A 36 -10.32 -0.09 -1.67
C HIS A 36 -9.06 -0.34 -2.51
N PHE A 37 -8.87 0.53 -3.49
CA PHE A 37 -7.72 0.42 -4.36
C PHE A 37 -6.73 1.57 -4.11
N LEU A 38 -5.71 1.25 -3.32
CA LEU A 38 -4.70 2.25 -3.00
C LEU A 38 -4.40 3.10 -4.24
N ARG A 39 -4.39 4.41 -4.03
CA ARG A 39 -4.13 5.34 -5.11
C ARG A 39 -2.97 6.26 -4.75
N ILE A 40 -2.56 7.06 -5.72
CA ILE A 40 -1.46 8.00 -5.52
C ILE A 40 -1.70 9.24 -6.37
N LEU A 41 -1.31 10.38 -5.81
CA LEU A 41 -1.48 11.64 -6.50
C LEU A 41 -0.10 12.20 -6.88
N PRO A 42 -0.05 12.88 -8.05
CA PRO A 42 1.21 13.46 -8.52
C PRO A 42 1.54 14.73 -7.74
N ASP A 43 0.70 15.02 -6.76
CA ASP A 43 0.90 16.21 -5.93
C ASP A 43 1.78 15.84 -4.74
N GLY A 44 1.33 14.84 -4.00
CA GLY A 44 2.06 14.39 -2.83
C GLY A 44 1.10 13.86 -1.75
N THR A 45 0.15 13.06 -2.20
CA THR A 45 -0.84 12.49 -1.29
C THR A 45 -1.08 11.02 -1.64
N VAL A 46 -1.78 10.35 -0.73
CA VAL A 46 -2.10 8.94 -0.93
C VAL A 46 -3.45 8.64 -0.28
N ASP A 47 -4.05 7.54 -0.72
CA ASP A 47 -5.33 7.12 -0.19
C ASP A 47 -5.82 5.89 -0.96
N GLY A 48 -7.05 5.50 -0.66
CA GLY A 48 -7.64 4.35 -1.32
C GLY A 48 -9.07 4.64 -1.76
N THR A 49 -9.44 4.08 -2.90
CA THR A 49 -10.77 4.27 -3.44
C THR A 49 -11.53 2.94 -3.50
N ARG A 50 -12.71 2.94 -2.92
CA ARG A 50 -13.54 1.75 -2.89
C ARG A 50 -13.42 0.99 -4.22
N ASP A 51 -13.30 1.76 -5.29
CA ASP A 51 -13.18 1.18 -6.62
C ASP A 51 -12.28 2.08 -7.48
N ARG A 52 -11.18 1.48 -7.94
CA ARG A 52 -10.24 2.22 -8.77
C ARG A 52 -10.99 3.17 -9.71
N SER A 53 -10.75 4.47 -9.48
CA SER A 53 -11.39 5.49 -10.29
C SER A 53 -10.82 6.87 -9.94
N ASP A 54 -9.54 7.02 -10.26
CA ASP A 54 -8.87 8.28 -9.99
C ASP A 54 -7.99 8.66 -11.18
N GLN A 55 -7.25 9.73 -11.02
CA GLN A 55 -6.36 10.21 -12.08
C GLN A 55 -5.17 9.27 -12.23
N HIS A 56 -4.94 8.47 -11.20
CA HIS A 56 -3.84 7.52 -11.20
C HIS A 56 -3.75 6.83 -9.84
N ILE A 57 -4.08 5.55 -9.84
CA ILE A 57 -4.04 4.76 -8.63
C ILE A 57 -3.15 3.54 -8.84
N GLN A 58 -2.30 3.65 -9.85
CA GLN A 58 -1.39 2.56 -10.18
C GLN A 58 -0.34 2.41 -9.07
N LEU A 59 0.16 1.19 -8.94
CA LEU A 59 1.17 0.90 -7.93
C LEU A 59 2.11 -0.19 -8.45
N GLN A 60 2.98 -0.64 -7.57
CA GLN A 60 3.94 -1.67 -7.92
C GLN A 60 4.82 -2.03 -6.72
N LEU A 61 5.02 -3.32 -6.53
CA LEU A 61 5.83 -3.80 -5.43
C LEU A 61 7.22 -4.20 -5.95
N SER A 62 8.16 -4.28 -5.02
CA SER A 62 9.52 -4.64 -5.37
C SER A 62 10.14 -5.48 -4.25
N ALA A 63 9.44 -6.55 -3.90
CA ALA A 63 9.91 -7.44 -2.85
C ALA A 63 11.43 -7.61 -2.97
N GLU A 64 12.11 -7.35 -1.86
CA GLU A 64 13.56 -7.47 -1.83
C GLU A 64 13.99 -8.48 -0.77
N SER A 65 12.99 -9.07 -0.13
CA SER A 65 13.25 -10.04 0.91
C SER A 65 11.95 -10.43 1.62
N VAL A 66 12.04 -11.43 2.48
CA VAL A 66 10.88 -11.89 3.22
C VAL A 66 10.52 -10.86 4.29
N GLY A 67 9.24 -10.80 4.60
CA GLY A 67 8.76 -9.87 5.61
C GLY A 67 9.29 -8.46 5.36
N GLU A 68 9.70 -8.23 4.11
CA GLU A 68 10.23 -6.93 3.74
C GLU A 68 10.24 -6.78 2.22
N VAL A 69 9.36 -5.93 1.73
CA VAL A 69 9.25 -5.68 0.30
C VAL A 69 9.18 -4.19 0.04
N TYR A 70 9.39 -3.82 -1.21
CA TYR A 70 9.35 -2.42 -1.60
C TYR A 70 8.08 -2.10 -2.40
N ILE A 71 7.95 -0.84 -2.76
CA ILE A 71 6.79 -0.39 -3.52
C ILE A 71 7.15 0.88 -4.29
N LYS A 72 6.87 0.85 -5.58
CA LYS A 72 7.15 1.99 -6.44
C LYS A 72 5.94 2.27 -7.32
N SER A 73 5.26 3.37 -7.00
CA SER A 73 4.08 3.76 -7.76
C SER A 73 4.44 3.94 -9.23
N THR A 74 4.46 2.82 -9.95
CA THR A 74 4.78 2.85 -11.37
C THR A 74 3.80 3.75 -12.13
N GLU A 75 4.08 5.04 -12.09
CA GLU A 75 3.22 6.01 -12.77
C GLU A 75 3.96 7.34 -12.91
N THR A 76 4.44 7.83 -11.77
CA THR A 76 5.16 9.10 -11.76
C THR A 76 6.24 9.10 -10.67
N GLY A 77 7.19 8.19 -10.84
CA GLY A 77 8.28 8.07 -9.87
C GLY A 77 7.78 8.34 -8.44
N GLN A 78 7.39 7.27 -7.78
CA GLN A 78 6.89 7.37 -6.41
C GLN A 78 7.12 6.06 -5.67
N TYR A 79 7.49 6.19 -4.40
CA TYR A 79 7.74 5.02 -3.56
C TYR A 79 6.84 5.04 -2.32
N LEU A 80 5.89 4.12 -2.32
CA LEU A 80 4.97 4.02 -1.19
C LEU A 80 5.76 3.94 0.11
N ALA A 81 5.26 4.64 1.12
CA ALA A 81 5.91 4.65 2.42
C ALA A 81 4.91 5.15 3.47
N MET A 82 5.39 5.17 4.72
CA MET A 82 4.55 5.62 5.81
C MET A 82 5.37 6.47 6.81
N ASP A 83 4.98 7.72 6.92
CA ASP A 83 5.66 8.63 7.83
C ASP A 83 5.29 8.28 9.27
N THR A 84 6.00 8.92 10.19
CA THR A 84 5.76 8.68 11.61
C THR A 84 4.30 8.97 11.95
N ASP A 85 3.63 9.68 11.05
CA ASP A 85 2.24 10.03 11.25
C ASP A 85 1.36 8.84 10.84
N GLY A 86 2.03 7.77 10.45
CA GLY A 86 1.33 6.56 10.03
C GLY A 86 0.43 6.84 8.82
N LEU A 87 0.73 7.94 8.15
CA LEU A 87 -0.05 8.34 6.98
C LEU A 87 0.73 7.99 5.72
N LEU A 88 0.23 6.99 5.00
CA LEU A 88 0.88 6.55 3.78
C LEU A 88 1.39 7.76 3.01
N TYR A 89 2.65 7.70 2.62
CA TYR A 89 3.27 8.79 1.88
C TYR A 89 4.36 8.25 0.94
N GLY A 90 4.84 9.15 0.09
CA GLY A 90 5.88 8.79 -0.86
C GLY A 90 7.18 9.52 -0.54
N SER A 91 8.27 8.96 -1.04
CA SER A 91 9.59 9.54 -0.82
C SER A 91 10.53 9.16 -1.96
N GLN A 92 11.35 10.13 -2.36
CA GLN A 92 12.30 9.91 -3.44
C GLN A 92 13.47 9.06 -2.95
N THR A 93 13.42 8.71 -1.66
CA THR A 93 14.47 7.91 -1.07
C THR A 93 13.90 6.57 -0.59
N PRO A 94 13.96 5.57 -1.51
CA PRO A 94 13.46 4.24 -1.19
C PRO A 94 14.42 3.49 -0.27
N ASN A 95 14.12 3.55 1.02
CA ASN A 95 14.93 2.88 2.01
C ASN A 95 14.05 2.04 2.93
N GLU A 96 14.55 1.77 4.12
CA GLU A 96 13.81 0.99 5.09
C GLU A 96 12.37 1.49 5.21
N GLU A 97 12.23 2.80 5.07
CA GLU A 97 10.92 3.43 5.16
C GLU A 97 10.02 2.94 4.01
N CYS A 98 10.38 3.35 2.81
CA CYS A 98 9.62 2.97 1.63
C CYS A 98 9.24 1.49 1.77
N LEU A 99 10.23 0.70 2.15
CA LEU A 99 10.01 -0.73 2.31
C LEU A 99 8.69 -0.96 3.07
N PHE A 100 8.25 -2.21 3.06
CA PHE A 100 7.02 -2.57 3.73
C PHE A 100 7.10 -3.98 4.30
N LEU A 101 7.11 -4.05 5.63
CA LEU A 101 7.18 -5.33 6.31
C LEU A 101 6.00 -6.21 5.89
N GLU A 102 6.28 -7.11 4.96
CA GLU A 102 5.26 -8.01 4.46
C GLU A 102 5.10 -9.21 5.40
N ARG A 103 4.10 -10.03 5.09
CA ARG A 103 3.84 -11.21 5.90
C ARG A 103 2.60 -11.94 5.37
N LEU A 104 2.83 -12.76 4.35
CA LEU A 104 1.74 -13.51 3.75
C LEU A 104 0.66 -13.77 4.80
N GLU A 105 -0.36 -12.92 4.78
CA GLU A 105 -1.46 -13.05 5.72
C GLU A 105 -2.28 -14.31 5.41
N GLU A 106 -2.41 -14.60 4.13
CA GLU A 106 -3.15 -15.76 3.69
C GLU A 106 -2.29 -16.65 2.79
N ASN A 107 -2.60 -16.62 1.50
CA ASN A 107 -1.86 -17.42 0.54
C ASN A 107 -1.92 -16.72 -0.83
N HIS A 108 -1.87 -15.41 -0.80
CA HIS A 108 -1.93 -14.62 -2.02
C HIS A 108 -1.58 -13.17 -1.71
N TYR A 109 -2.51 -12.50 -1.05
CA TYR A 109 -2.32 -11.11 -0.69
C TYR A 109 -0.97 -10.89 -0.02
N ASN A 110 -0.72 -9.64 0.37
CA ASN A 110 0.53 -9.30 1.02
C ASN A 110 0.28 -8.16 2.01
N THR A 111 -0.26 -8.52 3.16
CA THR A 111 -0.55 -7.54 4.19
C THR A 111 0.75 -6.98 4.79
N TYR A 112 1.17 -5.84 4.25
CA TYR A 112 2.38 -5.20 4.72
C TYR A 112 2.14 -4.43 6.02
N ILE A 113 3.21 -3.85 6.54
CA ILE A 113 3.13 -3.08 7.77
C ILE A 113 4.27 -2.05 7.80
N SER A 114 3.90 -0.82 8.08
CA SER A 114 4.87 0.25 8.15
C SER A 114 6.18 -0.26 8.75
N LYS A 115 7.15 -0.48 7.87
CA LYS A 115 8.44 -0.97 8.31
C LYS A 115 9.17 0.11 9.10
N LYS A 116 9.01 1.35 8.63
CA LYS A 116 9.63 2.48 9.29
C LYS A 116 9.24 2.48 10.77
N HIS A 117 8.15 1.79 11.06
CA HIS A 117 7.67 1.72 12.42
C HIS A 117 6.50 0.72 12.50
N ALA A 118 6.84 -0.56 12.40
CA ALA A 118 5.85 -1.61 12.45
C ALA A 118 5.57 -1.97 13.91
N GLU A 119 6.34 -1.36 14.80
CA GLU A 119 6.18 -1.60 16.22
C GLU A 119 4.78 -1.19 16.69
N LYS A 120 4.10 -0.45 15.83
CA LYS A 120 2.76 0.00 16.14
C LYS A 120 1.75 -0.77 15.27
N ASN A 121 2.28 -1.67 14.48
CA ASN A 121 1.44 -2.49 13.60
C ASN A 121 0.78 -1.59 12.56
N TRP A 122 1.41 -0.45 12.32
CA TRP A 122 0.90 0.51 11.35
C TRP A 122 0.83 -0.19 9.99
N PHE A 123 -0.32 -0.82 9.75
CA PHE A 123 -0.52 -1.52 8.50
C PHE A 123 -0.58 -0.55 7.32
N VAL A 124 -0.91 -1.10 6.16
CA VAL A 124 -1.00 -0.29 4.95
C VAL A 124 -2.39 -0.43 4.34
N GLY A 125 -3.33 -0.84 5.19
CA GLY A 125 -4.70 -1.03 4.75
C GLY A 125 -5.46 0.31 4.72
N LEU A 126 -6.74 0.22 4.41
CA LEU A 126 -7.57 1.41 4.35
C LEU A 126 -9.00 1.04 4.78
N LYS A 127 -9.43 1.65 5.88
CA LYS A 127 -10.76 1.40 6.40
C LYS A 127 -11.74 1.24 5.22
N LYS A 128 -12.48 0.15 5.27
CA LYS A 128 -13.46 -0.13 4.23
C LYS A 128 -14.58 0.90 4.29
N ASN A 129 -14.19 2.17 4.14
CA ASN A 129 -15.14 3.25 4.17
C ASN A 129 -14.89 4.18 2.99
N GLY A 130 -13.62 4.46 2.75
CA GLY A 130 -13.23 5.34 1.66
C GLY A 130 -12.25 6.41 2.13
N SER A 131 -11.11 5.93 2.63
CA SER A 131 -10.07 6.83 3.12
C SER A 131 -9.01 6.04 3.88
N CYS A 132 -7.76 6.36 3.57
CA CYS A 132 -6.63 5.70 4.21
C CYS A 132 -6.89 5.67 5.72
N LYS A 133 -6.02 4.95 6.42
CA LYS A 133 -6.14 4.82 7.86
C LYS A 133 -4.91 5.45 8.52
N ARG A 134 -5.14 6.06 9.68
CA ARG A 134 -4.07 6.70 10.41
C ARG A 134 -3.24 5.65 11.16
N GLY A 135 -1.97 5.98 11.36
CA GLY A 135 -1.07 5.08 12.06
C GLY A 135 -1.81 4.32 13.17
N PRO A 136 -2.23 5.09 14.21
CA PRO A 136 -2.94 4.49 15.33
C PRO A 136 -4.39 4.15 14.95
N ARG A 137 -4.52 3.38 13.88
CA ARG A 137 -5.83 2.98 13.40
C ARG A 137 -5.68 2.01 12.22
N THR A 138 -4.63 1.22 12.27
CA THR A 138 -4.36 0.25 11.21
C THR A 138 -3.95 -1.09 11.82
N HIS A 139 -4.89 -2.03 11.80
CA HIS A 139 -4.63 -3.36 12.34
C HIS A 139 -5.60 -4.36 11.72
N TYR A 140 -5.06 -5.51 11.36
CA TYR A 140 -5.87 -6.56 10.75
C TYR A 140 -6.90 -7.09 11.73
N GLY A 141 -7.61 -8.12 11.30
CA GLY A 141 -8.64 -8.73 12.13
C GLY A 141 -9.71 -9.42 11.27
N GLN A 142 -9.79 -8.98 10.03
CA GLN A 142 -10.76 -9.54 9.10
C GLN A 142 -10.08 -9.84 7.76
N LYS A 143 -9.86 -8.77 6.99
CA LYS A 143 -9.23 -8.91 5.69
C LYS A 143 -9.33 -7.58 4.94
N ALA A 144 -8.90 -6.52 5.62
CA ALA A 144 -8.93 -5.20 5.03
C ALA A 144 -7.50 -4.73 4.76
N ILE A 145 -6.60 -5.70 4.68
CA ILE A 145 -5.20 -5.40 4.42
C ILE A 145 -4.69 -6.29 3.29
N LEU A 146 -5.32 -7.45 3.17
CA LEU A 146 -4.95 -8.40 2.13
C LEU A 146 -5.01 -7.72 0.77
N PHE A 147 -3.85 -7.31 0.30
CA PHE A 147 -3.76 -6.64 -0.99
C PHE A 147 -3.55 -7.65 -2.12
N LEU A 148 -4.49 -7.66 -3.05
CA LEU A 148 -4.42 -8.56 -4.18
C LEU A 148 -3.98 -7.80 -5.43
N PRO A 149 -2.69 -7.99 -5.80
CA PRO A 149 -2.13 -7.33 -6.96
C PRO A 149 -2.64 -7.96 -8.26
N LEU A 150 -3.01 -7.11 -9.20
CA LEU A 150 -3.51 -7.57 -10.48
C LEU A 150 -2.81 -6.82 -11.61
N PRO A 151 -1.52 -7.20 -11.83
CA PRO A 151 -0.73 -6.56 -12.87
C PRO A 151 -1.15 -7.04 -14.26
N VAL A 152 -0.71 -6.31 -15.27
CA VAL A 152 -1.04 -6.65 -16.64
C VAL A 152 -0.28 -5.72 -17.59
N SER A 153 1.04 -5.81 -17.52
CA SER A 153 1.88 -4.99 -18.37
C SER A 153 1.63 -5.31 -19.85
N SER A 154 0.55 -4.74 -20.37
CA SER A 154 0.19 -4.95 -21.76
C SER A 154 -0.02 -3.62 -22.46
N ASP A 155 1.04 -2.83 -22.50
CA ASP A 155 0.99 -1.53 -23.14
C ASP A 155 2.40 -1.10 -23.57
N LYS A 25 -3.55 2.89 -17.07
CA LYS A 25 -3.64 2.28 -15.75
C LYS A 25 -3.93 0.78 -15.91
N PRO A 26 -2.95 0.06 -16.51
CA PRO A 26 -3.10 -1.36 -16.72
C PRO A 26 -2.92 -2.14 -15.41
N LYS A 27 -2.17 -1.53 -14.51
CA LYS A 27 -1.90 -2.16 -13.22
C LYS A 27 -2.65 -1.38 -12.14
N LEU A 28 -3.03 -2.12 -11.09
CA LEU A 28 -3.75 -1.52 -9.99
C LEU A 28 -3.97 -2.57 -8.90
N LEU A 29 -3.95 -2.11 -7.66
CA LEU A 29 -4.14 -3.00 -6.52
C LEU A 29 -5.64 -3.17 -6.25
N TYR A 30 -5.95 -4.11 -5.38
CA TYR A 30 -7.33 -4.38 -5.03
C TYR A 30 -7.44 -4.99 -3.64
N CYS A 31 -8.27 -4.39 -2.81
CA CYS A 31 -8.47 -4.86 -1.45
C CYS A 31 -9.35 -6.10 -1.51
N SER A 32 -8.80 -7.20 -1.00
CA SER A 32 -9.53 -8.45 -0.98
C SER A 32 -11.00 -8.21 -0.68
N ASN A 33 -11.27 -7.83 0.56
CA ASN A 33 -12.63 -7.56 0.99
C ASN A 33 -12.87 -6.05 0.98
N GLY A 34 -11.84 -5.32 1.37
CA GLY A 34 -11.92 -3.87 1.42
C GLY A 34 -12.77 -3.33 0.27
N GLY A 35 -12.59 -3.94 -0.89
CA GLY A 35 -13.32 -3.54 -2.08
C GLY A 35 -12.79 -2.21 -2.63
N HIS A 36 -11.78 -1.69 -1.96
CA HIS A 36 -11.17 -0.43 -2.36
C HIS A 36 -9.93 -0.72 -3.22
N PHE A 37 -9.54 0.29 -4.00
CA PHE A 37 -8.39 0.15 -4.86
C PHE A 37 -7.29 1.14 -4.47
N LEU A 38 -6.27 0.62 -3.80
CA LEU A 38 -5.16 1.44 -3.36
C LEU A 38 -4.86 2.50 -4.42
N ARG A 39 -4.73 3.73 -3.97
CA ARG A 39 -4.43 4.84 -4.88
C ARG A 39 -3.35 5.73 -4.28
N ILE A 40 -2.72 6.51 -5.15
CA ILE A 40 -1.67 7.42 -4.71
C ILE A 40 -1.53 8.55 -5.74
N LEU A 41 -1.08 9.69 -5.25
CA LEU A 41 -0.90 10.86 -6.11
C LEU A 41 0.58 11.19 -6.21
N PRO A 42 1.01 11.56 -7.45
CA PRO A 42 2.41 11.90 -7.69
C PRO A 42 2.73 13.29 -7.12
N ASP A 43 1.75 13.86 -6.44
CA ASP A 43 1.93 15.17 -5.84
C ASP A 43 2.50 15.02 -4.44
N GLY A 44 1.95 14.06 -3.71
CA GLY A 44 2.39 13.79 -2.35
C GLY A 44 1.20 13.43 -1.45
N THR A 45 0.34 12.58 -1.97
CA THR A 45 -0.83 12.15 -1.23
C THR A 45 -1.12 10.67 -1.52
N VAL A 46 -1.92 10.08 -0.64
CA VAL A 46 -2.28 8.68 -0.78
C VAL A 46 -3.67 8.45 -0.16
N ASP A 47 -4.27 7.34 -0.55
CA ASP A 47 -5.59 7.00 -0.03
C ASP A 47 -6.13 5.79 -0.81
N GLY A 48 -7.40 5.48 -0.55
CA GLY A 48 -8.04 4.36 -1.22
C GLY A 48 -9.33 4.80 -1.92
N THR A 49 -9.82 3.91 -2.78
CA THR A 49 -11.04 4.20 -3.52
C THR A 49 -11.87 2.92 -3.68
N ARG A 50 -13.11 3.01 -3.24
CA ARG A 50 -14.02 1.87 -3.33
C ARG A 50 -13.96 1.26 -4.73
N ASP A 51 -13.58 2.09 -5.69
CA ASP A 51 -13.47 1.64 -7.07
C ASP A 51 -12.42 2.49 -7.79
N ARG A 52 -11.50 1.79 -8.44
CA ARG A 52 -10.43 2.44 -9.17
C ARG A 52 -11.01 3.47 -10.15
N SER A 53 -10.70 4.73 -9.89
CA SER A 53 -11.18 5.81 -10.74
C SER A 53 -10.62 7.14 -10.24
N ASP A 54 -9.32 7.30 -10.40
CA ASP A 54 -8.66 8.52 -9.98
C ASP A 54 -7.57 8.88 -11.00
N GLN A 55 -6.83 9.93 -10.68
CA GLN A 55 -5.76 10.39 -11.55
C GLN A 55 -4.76 9.27 -11.81
N HIS A 56 -4.54 8.47 -10.78
CA HIS A 56 -3.61 7.35 -10.88
C HIS A 56 -3.57 6.60 -9.55
N ILE A 57 -4.14 5.40 -9.57
CA ILE A 57 -4.18 4.57 -8.38
C ILE A 57 -3.28 3.35 -8.58
N GLN A 58 -2.28 3.53 -9.43
CA GLN A 58 -1.35 2.47 -9.73
C GLN A 58 -0.31 2.34 -8.60
N LEU A 59 -0.23 1.13 -8.07
CA LEU A 59 0.71 0.85 -6.98
C LEU A 59 1.37 -0.51 -7.22
N GLN A 60 2.67 -0.47 -7.45
CA GLN A 60 3.43 -1.68 -7.68
C GLN A 60 4.27 -2.03 -6.44
N LEU A 61 4.63 -3.30 -6.36
CA LEU A 61 5.43 -3.78 -5.24
C LEU A 61 6.86 -4.07 -5.72
N SER A 62 7.76 -4.17 -4.76
CA SER A 62 9.15 -4.43 -5.07
C SER A 62 9.80 -5.22 -3.92
N ALA A 63 9.16 -6.32 -3.57
CA ALA A 63 9.66 -7.16 -2.49
C ALA A 63 11.16 -7.35 -2.66
N GLU A 64 11.89 -7.09 -1.58
CA GLU A 64 13.34 -7.23 -1.60
C GLU A 64 13.79 -8.23 -0.53
N SER A 65 12.80 -8.78 0.18
CA SER A 65 13.08 -9.74 1.23
C SER A 65 11.88 -9.86 2.17
N VAL A 66 11.74 -11.04 2.77
CA VAL A 66 10.65 -11.30 3.67
C VAL A 66 10.68 -10.28 4.81
N GLY A 67 9.51 -9.78 5.15
CA GLY A 67 9.40 -8.79 6.22
C GLY A 67 9.95 -7.44 5.78
N GLU A 68 10.31 -7.37 4.51
CA GLU A 68 10.86 -6.14 3.96
C GLU A 68 10.65 -6.10 2.44
N VAL A 69 9.66 -5.33 2.04
CA VAL A 69 9.34 -5.21 0.61
C VAL A 69 9.19 -3.73 0.27
N TYR A 70 9.18 -3.45 -1.03
CA TYR A 70 9.04 -2.08 -1.50
C TYR A 70 7.77 -1.92 -2.33
N ILE A 71 7.42 -0.67 -2.60
CA ILE A 71 6.23 -0.36 -3.38
C ILE A 71 6.50 0.86 -4.25
N LYS A 72 6.33 0.67 -5.55
CA LYS A 72 6.55 1.74 -6.50
C LYS A 72 5.22 2.15 -7.13
N SER A 73 4.96 3.44 -7.12
CA SER A 73 3.73 3.97 -7.68
C SER A 73 3.81 3.97 -9.21
N THR A 74 3.79 2.76 -9.77
CA THR A 74 3.86 2.61 -11.22
C THR A 74 3.25 3.83 -11.91
N GLU A 75 4.11 4.76 -12.27
CA GLU A 75 3.67 5.98 -12.94
C GLU A 75 4.85 6.92 -13.17
N THR A 76 5.33 7.48 -12.06
CA THR A 76 6.45 8.40 -12.12
C THR A 76 7.55 7.97 -11.15
N GLY A 77 8.05 6.76 -11.37
CA GLY A 77 9.09 6.22 -10.53
C GLY A 77 8.99 6.76 -9.10
N GLN A 78 7.87 6.43 -8.46
CA GLN A 78 7.64 6.89 -7.10
C GLN A 78 7.96 5.76 -6.11
N TYR A 79 7.50 5.95 -4.88
CA TYR A 79 7.74 4.97 -3.84
C TYR A 79 6.75 5.15 -2.68
N LEU A 80 6.01 4.09 -2.40
CA LEU A 80 5.04 4.12 -1.32
C LEU A 80 5.76 4.01 0.02
N ALA A 81 5.29 4.80 0.97
CA ALA A 81 5.89 4.80 2.31
C ALA A 81 4.84 5.23 3.33
N MET A 82 5.22 5.16 4.59
CA MET A 82 4.33 5.54 5.66
C MET A 82 5.06 6.37 6.73
N ASP A 83 4.58 7.59 6.92
CA ASP A 83 5.18 8.48 7.89
C ASP A 83 4.84 8.00 9.29
N THR A 84 5.41 8.69 10.28
CA THR A 84 5.17 8.35 11.67
C THR A 84 3.67 8.36 11.98
N ASP A 85 2.93 9.03 11.11
CA ASP A 85 1.49 9.13 11.26
C ASP A 85 0.81 7.96 10.55
N GLY A 86 1.62 6.98 10.20
CA GLY A 86 1.12 5.80 9.51
C GLY A 86 0.26 6.18 8.31
N LEU A 87 0.46 7.41 7.85
CA LEU A 87 -0.28 7.92 6.71
C LEU A 87 0.52 7.68 5.43
N LEU A 88 0.09 6.67 4.69
CA LEU A 88 0.77 6.33 3.44
C LEU A 88 1.19 7.61 2.72
N TYR A 89 2.47 7.67 2.39
CA TYR A 89 3.02 8.83 1.71
C TYR A 89 4.16 8.42 0.77
N GLY A 90 4.41 9.29 -0.20
CA GLY A 90 5.48 9.04 -1.16
C GLY A 90 6.78 9.71 -0.72
N SER A 91 7.89 9.04 -1.02
CA SER A 91 9.20 9.56 -0.67
C SER A 91 10.23 9.10 -1.71
N GLN A 92 11.06 10.06 -2.12
CA GLN A 92 12.10 9.77 -3.10
C GLN A 92 13.37 9.28 -2.40
N THR A 93 13.16 8.43 -1.41
CA THR A 93 14.28 7.87 -0.66
C THR A 93 14.00 6.41 -0.28
N PRO A 94 14.42 5.50 -1.19
CA PRO A 94 14.22 4.07 -0.96
C PRO A 94 15.20 3.54 0.10
N ASN A 95 14.72 3.49 1.33
CA ASN A 95 15.53 3.01 2.43
C ASN A 95 14.63 2.61 3.60
N GLU A 96 15.18 2.69 4.79
CA GLU A 96 14.44 2.33 5.99
C GLU A 96 13.28 3.31 6.21
N GLU A 97 12.27 3.19 5.35
CA GLU A 97 11.11 4.04 5.43
C GLU A 97 10.10 3.67 4.34
N CYS A 98 10.57 3.76 3.10
CA CYS A 98 9.73 3.45 1.96
C CYS A 98 9.33 1.97 2.04
N LEU A 99 10.28 1.17 2.52
CA LEU A 99 10.05 -0.26 2.65
C LEU A 99 8.68 -0.49 3.29
N PHE A 100 8.26 -1.75 3.28
CA PHE A 100 6.99 -2.12 3.86
C PHE A 100 7.03 -3.54 4.42
N LEU A 101 7.19 -3.63 5.73
CA LEU A 101 7.25 -4.91 6.40
C LEU A 101 6.08 -5.78 5.94
N GLU A 102 6.39 -6.68 5.01
CA GLU A 102 5.38 -7.58 4.47
C GLU A 102 5.76 -9.03 4.76
N ARG A 103 4.74 -9.89 4.71
CA ARG A 103 4.94 -11.30 4.98
C ARG A 103 3.91 -12.13 4.22
N LEU A 104 2.82 -12.44 4.92
CA LEU A 104 1.75 -13.22 4.32
C LEU A 104 0.60 -13.34 5.32
N GLU A 105 -0.55 -12.81 4.91
CA GLU A 105 -1.73 -12.85 5.75
C GLU A 105 -2.60 -14.06 5.39
N GLU A 106 -2.62 -14.37 4.11
CA GLU A 106 -3.41 -15.50 3.62
C GLU A 106 -2.55 -16.40 2.73
N ASN A 107 -2.92 -16.45 1.46
CA ASN A 107 -2.20 -17.26 0.50
C ASN A 107 -2.04 -16.48 -0.81
N HIS A 108 -1.97 -15.16 -0.67
CA HIS A 108 -1.81 -14.30 -1.83
C HIS A 108 -1.52 -12.87 -1.35
N TYR A 109 -2.51 -12.27 -0.71
CA TYR A 109 -2.37 -10.91 -0.21
C TYR A 109 -0.96 -10.68 0.36
N ASN A 110 -0.59 -9.42 0.43
CA ASN A 110 0.72 -9.05 0.95
C ASN A 110 0.55 -7.92 1.97
N THR A 111 -0.05 -8.26 3.09
CA THR A 111 -0.27 -7.29 4.15
C THR A 111 1.06 -6.74 4.66
N TYR A 112 1.39 -5.55 4.16
CA TYR A 112 2.62 -4.89 4.53
C TYR A 112 2.49 -4.21 5.90
N ILE A 113 3.56 -3.56 6.31
CA ILE A 113 3.57 -2.87 7.59
C ILE A 113 4.64 -1.77 7.56
N SER A 114 4.26 -0.60 8.05
CA SER A 114 5.16 0.54 8.08
C SER A 114 6.51 0.12 8.67
N LYS A 115 7.42 -0.26 7.79
CA LYS A 115 8.74 -0.69 8.21
C LYS A 115 9.37 0.40 9.05
N LYS A 116 9.16 1.64 8.63
CA LYS A 116 9.71 2.79 9.34
C LYS A 116 9.30 2.71 10.81
N HIS A 117 8.24 1.96 11.06
CA HIS A 117 7.73 1.79 12.41
C HIS A 117 6.71 0.66 12.44
N ALA A 118 7.22 -0.56 12.30
CA ALA A 118 6.36 -1.73 12.31
C ALA A 118 6.18 -2.21 13.75
N GLU A 119 6.93 -1.59 14.65
CA GLU A 119 6.86 -1.94 16.05
C GLU A 119 5.44 -1.74 16.57
N LYS A 120 4.66 -1.00 15.80
CA LYS A 120 3.28 -0.72 16.17
C LYS A 120 2.34 -1.52 15.27
N ASN A 121 2.94 -2.33 14.41
CA ASN A 121 2.17 -3.15 13.49
C ASN A 121 1.35 -2.25 12.57
N TRP A 122 1.90 -1.07 12.31
CA TRP A 122 1.23 -0.10 11.45
C TRP A 122 1.13 -0.71 10.04
N PHE A 123 0.07 -1.48 9.83
CA PHE A 123 -0.15 -2.11 8.55
C PHE A 123 -0.53 -1.09 7.48
N VAL A 124 -0.85 -1.60 6.30
CA VAL A 124 -1.23 -0.73 5.20
C VAL A 124 -2.60 -1.18 4.66
N GLY A 125 -3.61 -0.36 4.94
CA GLY A 125 -4.96 -0.65 4.49
C GLY A 125 -5.80 0.61 4.43
N LEU A 126 -6.92 0.50 3.73
CA LEU A 126 -7.83 1.63 3.57
C LEU A 126 -9.19 1.28 4.18
N LYS A 127 -9.57 2.04 5.19
CA LYS A 127 -10.83 1.83 5.86
C LYS A 127 -11.86 1.32 4.85
N LYS A 128 -12.55 0.26 5.22
CA LYS A 128 -13.56 -0.32 4.36
C LYS A 128 -14.74 0.64 4.24
N ASN A 129 -14.45 1.83 3.75
CA ASN A 129 -15.47 2.84 3.59
C ASN A 129 -15.04 3.82 2.49
N GLY A 130 -13.78 4.21 2.54
CA GLY A 130 -13.25 5.14 1.56
C GLY A 130 -12.37 6.19 2.23
N SER A 131 -11.15 5.80 2.56
CA SER A 131 -10.21 6.70 3.20
C SER A 131 -8.98 5.93 3.68
N CYS A 132 -7.87 6.63 3.72
CA CYS A 132 -6.62 6.02 4.15
C CYS A 132 -6.71 5.74 5.66
N LYS A 133 -5.81 4.89 6.12
CA LYS A 133 -5.79 4.53 7.54
C LYS A 133 -4.68 5.31 8.24
N ARG A 134 -4.84 5.46 9.55
CA ARG A 134 -3.85 6.17 10.34
C ARG A 134 -2.99 5.19 11.13
N GLY A 135 -1.75 5.60 11.36
CA GLY A 135 -0.81 4.77 12.10
C GLY A 135 -1.49 4.15 13.32
N PRO A 136 -2.11 5.03 14.16
CA PRO A 136 -2.79 4.58 15.36
C PRO A 136 -4.12 3.90 15.01
N ARG A 137 -4.05 2.99 14.06
CA ARG A 137 -5.24 2.27 13.62
C ARG A 137 -4.95 1.47 12.35
N THR A 138 -3.76 0.90 12.31
CA THR A 138 -3.34 0.12 11.15
C THR A 138 -2.98 -1.31 11.58
N HIS A 139 -3.97 -2.00 12.12
CA HIS A 139 -3.76 -3.37 12.57
C HIS A 139 -4.82 -4.27 11.94
N TYR A 140 -4.36 -5.42 11.47
CA TYR A 140 -5.26 -6.38 10.85
C TYR A 140 -6.24 -6.96 11.86
N GLY A 141 -7.08 -7.87 11.39
CA GLY A 141 -8.07 -8.50 12.24
C GLY A 141 -9.20 -9.11 11.41
N GLN A 142 -9.43 -8.51 10.25
CA GLN A 142 -10.48 -8.97 9.36
C GLN A 142 -9.90 -9.28 7.97
N LYS A 143 -9.75 -8.22 7.19
CA LYS A 143 -9.22 -8.36 5.85
C LYS A 143 -9.29 -7.01 5.13
N ALA A 144 -8.96 -5.96 5.88
CA ALA A 144 -8.98 -4.62 5.33
C ALA A 144 -7.58 -4.24 4.85
N ILE A 145 -6.70 -5.23 4.87
CA ILE A 145 -5.32 -5.02 4.45
C ILE A 145 -5.00 -5.95 3.29
N LEU A 146 -5.77 -7.03 3.19
CA LEU A 146 -5.58 -8.00 2.13
C LEU A 146 -5.57 -7.28 0.78
N PHE A 147 -4.37 -7.12 0.24
CA PHE A 147 -4.21 -6.46 -1.04
C PHE A 147 -3.84 -7.46 -2.13
N LEU A 148 -4.71 -7.55 -3.13
CA LEU A 148 -4.48 -8.47 -4.24
C LEU A 148 -4.19 -7.66 -5.50
N PRO A 149 -2.87 -7.63 -5.88
CA PRO A 149 -2.44 -6.89 -7.06
C PRO A 149 -2.82 -7.65 -8.33
N LEU A 150 -3.28 -6.90 -9.31
CA LEU A 150 -3.68 -7.48 -10.59
C LEU A 150 -2.92 -6.79 -11.72
N PRO A 151 -1.60 -7.13 -11.81
CA PRO A 151 -0.75 -6.55 -12.84
C PRO A 151 -1.04 -7.18 -14.20
N VAL A 152 -0.56 -6.50 -15.24
CA VAL A 152 -0.77 -6.98 -16.61
C VAL A 152 0.02 -6.09 -17.57
N SER A 153 1.31 -5.96 -17.29
CA SER A 153 2.18 -5.16 -18.13
C SER A 153 2.21 -5.72 -19.55
N SER A 154 1.18 -5.39 -20.31
CA SER A 154 1.09 -5.86 -21.69
C SER A 154 0.70 -4.69 -22.60
N ASP A 155 1.54 -3.66 -22.59
CA ASP A 155 1.29 -2.50 -23.41
C ASP A 155 2.62 -1.78 -23.67
N LYS A 25 -1.60 1.55 -17.08
CA LYS A 25 -2.32 0.68 -16.16
C LYS A 25 -1.74 -0.74 -16.24
N PRO A 26 -0.45 -0.85 -15.83
CA PRO A 26 0.22 -2.14 -15.84
C PRO A 26 -0.26 -3.03 -14.70
N LYS A 27 -0.02 -2.56 -13.49
CA LYS A 27 -0.42 -3.30 -12.30
C LYS A 27 -1.58 -2.57 -11.62
N LEU A 28 -2.46 -3.36 -11.02
CA LEU A 28 -3.61 -2.80 -10.34
C LEU A 28 -3.82 -3.55 -9.02
N LEU A 29 -3.69 -2.81 -7.93
CA LEU A 29 -3.86 -3.40 -6.61
C LEU A 29 -5.32 -3.24 -6.18
N TYR A 30 -5.74 -4.15 -5.31
CA TYR A 30 -7.11 -4.14 -4.81
C TYR A 30 -7.17 -4.56 -3.34
N CYS A 31 -7.90 -3.79 -2.56
CA CYS A 31 -8.04 -4.07 -1.14
C CYS A 31 -9.34 -4.85 -0.94
N SER A 32 -9.18 -6.14 -0.71
CA SER A 32 -10.34 -7.02 -0.49
C SER A 32 -11.43 -6.26 0.25
N ASN A 33 -11.17 -6.01 1.53
CA ASN A 33 -12.12 -5.30 2.36
C ASN A 33 -12.36 -3.90 1.78
N GLY A 34 -13.61 -3.64 1.43
CA GLY A 34 -13.99 -2.36 0.86
C GLY A 34 -13.67 -2.31 -0.63
N GLY A 35 -12.95 -3.32 -1.09
CA GLY A 35 -12.57 -3.40 -2.49
C GLY A 35 -12.00 -2.08 -2.99
N HIS A 36 -11.26 -1.42 -2.12
CA HIS A 36 -10.66 -0.14 -2.46
C HIS A 36 -9.41 -0.37 -3.31
N PHE A 37 -9.08 0.64 -4.10
CA PHE A 37 -7.91 0.56 -4.97
C PHE A 37 -6.92 1.68 -4.66
N LEU A 38 -5.91 1.32 -3.87
CA LEU A 38 -4.88 2.28 -3.49
C LEU A 38 -4.65 3.26 -4.64
N ARG A 39 -4.32 4.49 -4.27
CA ARG A 39 -4.06 5.52 -5.26
C ARG A 39 -2.93 6.44 -4.79
N ILE A 40 -1.99 6.66 -5.70
CA ILE A 40 -0.85 7.52 -5.39
C ILE A 40 -0.97 8.82 -6.18
N LEU A 41 -1.21 9.90 -5.45
CA LEU A 41 -1.35 11.20 -6.07
C LEU A 41 0.04 11.85 -6.21
N PRO A 42 0.24 12.55 -7.36
CA PRO A 42 1.50 13.21 -7.63
C PRO A 42 1.65 14.47 -6.79
N ASP A 43 0.72 14.64 -5.85
CA ASP A 43 0.73 15.80 -4.98
C ASP A 43 1.48 15.45 -3.69
N GLY A 44 1.42 14.18 -3.33
CA GLY A 44 2.09 13.70 -2.13
C GLY A 44 1.08 13.14 -1.13
N THR A 45 -0.11 12.85 -1.63
CA THR A 45 -1.16 12.31 -0.81
C THR A 45 -1.60 10.94 -1.31
N VAL A 46 -1.80 10.02 -0.38
CA VAL A 46 -2.21 8.68 -0.71
C VAL A 46 -3.60 8.41 -0.13
N ASP A 47 -4.18 7.30 -0.56
CA ASP A 47 -5.50 6.92 -0.08
C ASP A 47 -6.00 5.72 -0.89
N GLY A 48 -7.26 5.39 -0.68
CA GLY A 48 -7.88 4.27 -1.39
C GLY A 48 -9.18 4.70 -2.07
N THR A 49 -9.52 3.96 -3.11
CA THR A 49 -10.74 4.25 -3.86
C THR A 49 -11.58 2.98 -4.02
N ARG A 50 -12.82 3.07 -3.56
CA ARG A 50 -13.73 1.94 -3.65
C ARG A 50 -13.58 1.25 -5.01
N ASP A 51 -13.39 2.06 -6.03
CA ASP A 51 -13.24 1.54 -7.39
C ASP A 51 -12.22 2.39 -8.14
N ARG A 52 -11.21 1.73 -8.68
CA ARG A 52 -10.18 2.41 -9.43
C ARG A 52 -10.80 3.32 -10.49
N SER A 53 -10.79 4.61 -10.20
CA SER A 53 -11.36 5.59 -11.12
C SER A 53 -10.71 6.95 -10.90
N ASP A 54 -9.39 6.98 -11.00
CA ASP A 54 -8.65 8.21 -10.80
C ASP A 54 -7.70 8.42 -11.99
N GLN A 55 -6.80 9.37 -11.82
CA GLN A 55 -5.84 9.69 -12.87
C GLN A 55 -4.71 8.66 -12.87
N HIS A 56 -4.27 8.31 -11.68
CA HIS A 56 -3.20 7.34 -11.52
C HIS A 56 -3.25 6.72 -10.12
N ILE A 57 -3.79 5.52 -10.05
CA ILE A 57 -3.90 4.82 -8.79
C ILE A 57 -3.11 3.52 -8.84
N GLN A 58 -2.34 3.38 -9.92
CA GLN A 58 -1.53 2.19 -10.12
C GLN A 58 -0.56 2.01 -8.94
N LEU A 59 -0.20 0.76 -8.71
CA LEU A 59 0.71 0.43 -7.63
C LEU A 59 1.60 -0.74 -8.05
N GLN A 60 2.50 -1.11 -7.15
CA GLN A 60 3.42 -2.21 -7.42
C GLN A 60 4.31 -2.45 -6.20
N LEU A 61 4.78 -3.69 -6.09
CA LEU A 61 5.64 -4.07 -4.99
C LEU A 61 7.03 -4.41 -5.53
N SER A 62 7.99 -4.46 -4.62
CA SER A 62 9.35 -4.77 -4.99
C SER A 62 10.04 -5.55 -3.86
N ALA A 63 9.42 -6.67 -3.51
CA ALA A 63 9.95 -7.52 -2.45
C ALA A 63 11.47 -7.58 -2.58
N GLU A 64 12.14 -7.30 -1.47
CA GLU A 64 13.60 -7.32 -1.44
C GLU A 64 14.09 -8.36 -0.43
N SER A 65 13.13 -8.99 0.23
CA SER A 65 13.46 -10.00 1.22
C SER A 65 12.28 -10.19 2.18
N VAL A 66 12.00 -11.46 2.47
CA VAL A 66 10.91 -11.79 3.38
C VAL A 66 10.93 -10.84 4.57
N GLY A 67 9.75 -10.38 4.95
CA GLY A 67 9.61 -9.46 6.07
C GLY A 67 10.14 -8.07 5.71
N GLU A 68 10.39 -7.88 4.41
CA GLU A 68 10.88 -6.61 3.93
C GLU A 68 10.71 -6.53 2.41
N VAL A 69 9.72 -5.75 2.01
CA VAL A 69 9.43 -5.56 0.59
C VAL A 69 9.30 -4.07 0.29
N TYR A 70 9.30 -3.76 -1.00
CA TYR A 70 9.20 -2.38 -1.43
C TYR A 70 7.91 -2.14 -2.23
N ILE A 71 7.63 -0.88 -2.48
CA ILE A 71 6.44 -0.52 -3.24
C ILE A 71 6.72 0.73 -4.07
N LYS A 72 6.48 0.62 -5.36
CA LYS A 72 6.70 1.73 -6.27
C LYS A 72 5.47 1.91 -7.17
N SER A 73 4.80 3.03 -6.98
CA SER A 73 3.61 3.33 -7.75
C SER A 73 4.00 3.58 -9.22
N THR A 74 4.38 2.51 -9.89
CA THR A 74 4.77 2.60 -11.28
C THR A 74 3.70 3.35 -12.10
N GLU A 75 3.86 4.66 -12.16
CA GLU A 75 2.93 5.49 -12.89
C GLU A 75 3.02 6.94 -12.42
N THR A 76 3.46 7.10 -11.18
CA THR A 76 3.60 8.43 -10.59
C THR A 76 5.08 8.78 -10.45
N GLY A 77 5.89 7.76 -10.28
CA GLY A 77 7.33 7.96 -10.12
C GLY A 77 7.70 8.15 -8.65
N GLN A 78 6.76 7.80 -7.79
CA GLN A 78 6.98 7.93 -6.35
C GLN A 78 7.06 6.54 -5.70
N TYR A 79 7.11 6.56 -4.38
CA TYR A 79 7.19 5.31 -3.62
C TYR A 79 6.18 5.31 -2.48
N LEU A 80 5.70 4.11 -2.15
CA LEU A 80 4.73 3.96 -1.08
C LEU A 80 5.47 3.82 0.26
N ALA A 81 5.27 4.81 1.11
CA ALA A 81 5.91 4.81 2.42
C ALA A 81 4.89 5.25 3.47
N MET A 82 5.29 5.09 4.73
CA MET A 82 4.43 5.47 5.84
C MET A 82 5.21 6.27 6.89
N ASP A 83 5.05 7.58 6.80
CA ASP A 83 5.73 8.47 7.73
C ASP A 83 5.39 8.05 9.16
N THR A 84 6.10 8.66 10.11
CA THR A 84 5.89 8.36 11.51
C THR A 84 4.46 8.70 11.92
N ASP A 85 3.80 9.45 11.05
CA ASP A 85 2.42 9.86 11.30
C ASP A 85 1.50 8.65 11.13
N GLY A 86 2.03 7.63 10.48
CA GLY A 86 1.27 6.41 10.24
C GLY A 86 0.33 6.58 9.06
N LEU A 87 0.59 7.63 8.28
CA LEU A 87 -0.23 7.92 7.12
C LEU A 87 0.61 7.73 5.85
N LEU A 88 0.23 6.73 5.06
CA LEU A 88 0.93 6.44 3.82
C LEU A 88 1.31 7.75 3.14
N TYR A 89 2.55 7.81 2.68
CA TYR A 89 3.04 9.00 2.00
C TYR A 89 4.13 8.63 0.99
N GLY A 90 4.51 9.62 0.19
CA GLY A 90 5.53 9.42 -0.82
C GLY A 90 6.92 9.69 -0.25
N SER A 91 7.90 8.96 -0.78
CA SER A 91 9.27 9.11 -0.33
C SER A 91 10.23 8.87 -1.50
N GLN A 92 10.91 9.94 -1.88
CA GLN A 92 11.86 9.87 -2.99
C GLN A 92 13.14 9.17 -2.53
N THR A 93 13.15 8.78 -1.26
CA THR A 93 14.31 8.11 -0.70
C THR A 93 13.94 6.69 -0.27
N PRO A 94 14.20 5.72 -1.19
CA PRO A 94 13.90 4.33 -0.92
C PRO A 94 14.92 3.73 0.05
N ASN A 95 14.52 3.64 1.31
CA ASN A 95 15.39 3.08 2.33
C ASN A 95 14.53 2.59 3.51
N GLU A 96 15.13 2.66 4.69
CA GLU A 96 14.44 2.24 5.90
C GLU A 96 13.24 3.16 6.18
N GLU A 97 12.24 3.06 5.32
CA GLU A 97 11.05 3.87 5.47
C GLU A 97 10.06 3.58 4.34
N CYS A 98 10.58 3.58 3.13
CA CYS A 98 9.75 3.30 1.96
C CYS A 98 9.37 1.82 1.98
N LEU A 99 10.33 1.01 2.41
CA LEU A 99 10.10 -0.43 2.48
C LEU A 99 8.76 -0.70 3.15
N PHE A 100 8.38 -1.97 3.15
CA PHE A 100 7.12 -2.38 3.77
C PHE A 100 7.22 -3.80 4.33
N LEU A 101 7.40 -3.86 5.64
CA LEU A 101 7.51 -5.16 6.31
C LEU A 101 6.28 -6.00 5.99
N GLU A 102 6.44 -6.85 4.98
CA GLU A 102 5.35 -7.73 4.57
C GLU A 102 5.76 -9.19 4.73
N ARG A 103 4.76 -10.05 4.63
CA ARG A 103 5.00 -11.48 4.77
C ARG A 103 3.93 -12.27 4.01
N LEU A 104 2.84 -12.56 4.72
CA LEU A 104 1.74 -13.31 4.12
C LEU A 104 0.65 -13.51 5.17
N GLU A 105 -0.56 -13.10 4.80
CA GLU A 105 -1.69 -13.23 5.70
C GLU A 105 -2.48 -14.51 5.38
N GLU A 106 -2.50 -14.85 4.10
CA GLU A 106 -3.20 -16.03 3.65
C GLU A 106 -2.29 -16.89 2.77
N ASN A 107 -2.46 -16.72 1.46
CA ASN A 107 -1.67 -17.47 0.50
C ASN A 107 -1.83 -16.86 -0.88
N HIS A 108 -1.60 -15.55 -0.96
CA HIS A 108 -1.72 -14.83 -2.21
C HIS A 108 -1.39 -13.35 -1.99
N TYR A 109 -2.20 -12.72 -1.15
CA TYR A 109 -2.01 -11.31 -0.85
C TYR A 109 -0.64 -11.07 -0.20
N ASN A 110 -0.44 -9.84 0.23
CA ASN A 110 0.81 -9.46 0.87
C ASN A 110 0.57 -8.30 1.83
N THR A 111 0.15 -8.65 3.04
CA THR A 111 -0.13 -7.64 4.06
C THR A 111 1.19 -7.04 4.57
N TYR A 112 1.48 -5.84 4.08
CA TYR A 112 2.69 -5.15 4.49
C TYR A 112 2.52 -4.50 5.86
N ILE A 113 3.57 -3.81 6.29
CA ILE A 113 3.55 -3.13 7.57
C ILE A 113 4.61 -2.04 7.59
N SER A 114 4.14 -0.80 7.68
CA SER A 114 5.04 0.34 7.69
C SER A 114 6.34 -0.03 8.41
N LYS A 115 7.35 -0.35 7.62
CA LYS A 115 8.64 -0.73 8.17
C LYS A 115 9.15 0.38 9.08
N LYS A 116 8.67 1.59 8.81
CA LYS A 116 9.06 2.74 9.60
C LYS A 116 8.21 2.81 10.87
N HIS A 117 7.26 1.88 10.95
CA HIS A 117 6.38 1.83 12.11
C HIS A 117 5.96 0.37 12.36
N ALA A 118 6.87 -0.54 12.02
CA ALA A 118 6.62 -1.95 12.20
C ALA A 118 6.53 -2.26 13.70
N GLU A 119 6.92 -1.27 14.49
CA GLU A 119 6.89 -1.43 15.94
C GLU A 119 5.46 -1.30 16.46
N LYS A 120 4.63 -0.64 15.66
CA LYS A 120 3.24 -0.43 16.03
C LYS A 120 2.35 -1.31 15.14
N ASN A 121 3.00 -2.12 14.31
CA ASN A 121 2.28 -3.00 13.41
C ASN A 121 1.33 -2.19 12.54
N TRP A 122 1.72 -0.95 12.29
CA TRP A 122 0.92 -0.06 11.48
C TRP A 122 0.86 -0.63 10.06
N PHE A 123 -0.04 -1.60 9.89
CA PHE A 123 -0.21 -2.24 8.61
C PHE A 123 -0.58 -1.22 7.52
N VAL A 124 -0.84 -1.73 6.34
CA VAL A 124 -1.21 -0.88 5.22
C VAL A 124 -2.59 -1.28 4.70
N GLY A 125 -3.56 -0.41 4.94
CA GLY A 125 -4.92 -0.66 4.51
C GLY A 125 -5.75 0.62 4.54
N LEU A 126 -6.73 0.67 3.65
CA LEU A 126 -7.60 1.83 3.55
C LEU A 126 -8.97 1.49 4.16
N LYS A 127 -9.37 2.32 5.11
CA LYS A 127 -10.65 2.13 5.78
C LYS A 127 -11.66 1.57 4.78
N LYS A 128 -12.33 0.50 5.20
CA LYS A 128 -13.33 -0.13 4.35
C LYS A 128 -14.53 0.81 4.20
N ASN A 129 -14.26 2.00 3.67
CA ASN A 129 -15.31 2.97 3.48
C ASN A 129 -14.89 3.95 2.37
N GLY A 130 -13.64 4.37 2.45
CA GLY A 130 -13.09 5.29 1.47
C GLY A 130 -12.19 6.34 2.14
N SER A 131 -11.05 5.87 2.61
CA SER A 131 -10.09 6.74 3.26
C SER A 131 -8.93 5.93 3.82
N CYS A 132 -7.75 6.53 3.76
CA CYS A 132 -6.55 5.86 4.25
C CYS A 132 -6.78 5.48 5.71
N LYS A 133 -5.78 4.83 6.29
CA LYS A 133 -5.85 4.41 7.68
C LYS A 133 -5.42 5.57 8.58
N ARG A 134 -4.95 5.21 9.77
CA ARG A 134 -4.51 6.21 10.74
C ARG A 134 -3.53 5.58 11.73
N GLY A 135 -2.25 5.83 11.48
CA GLY A 135 -1.20 5.30 12.33
C GLY A 135 -1.80 4.43 13.44
N PRO A 136 -2.30 5.11 14.51
CA PRO A 136 -2.90 4.41 15.64
C PRO A 136 -4.28 3.87 15.27
N ARG A 137 -4.31 3.03 14.25
CA ARG A 137 -5.56 2.45 13.80
C ARG A 137 -5.36 1.75 12.45
N THR A 138 -4.23 1.07 12.33
CA THR A 138 -3.90 0.35 11.11
C THR A 138 -3.36 -1.04 11.43
N HIS A 139 -4.18 -1.82 12.12
CA HIS A 139 -3.80 -3.16 12.50
C HIS A 139 -4.76 -4.17 11.87
N TYR A 140 -4.18 -5.22 11.30
CA TYR A 140 -4.97 -6.26 10.67
C TYR A 140 -6.02 -6.82 11.62
N GLY A 141 -6.60 -7.94 11.22
CA GLY A 141 -7.62 -8.59 12.04
C GLY A 141 -8.85 -8.95 11.20
N GLN A 142 -8.80 -8.55 9.93
CA GLN A 142 -9.89 -8.82 9.02
C GLN A 142 -9.36 -9.14 7.62
N LYS A 143 -9.42 -8.14 6.75
CA LYS A 143 -8.96 -8.30 5.39
C LYS A 143 -8.81 -6.92 4.74
N ALA A 144 -8.65 -5.92 5.59
CA ALA A 144 -8.50 -4.55 5.11
C ALA A 144 -7.09 -4.37 4.54
N ILE A 145 -6.27 -5.41 4.71
CA ILE A 145 -4.91 -5.37 4.22
C ILE A 145 -4.73 -6.43 3.13
N LEU A 146 -5.73 -7.30 3.03
CA LEU A 146 -5.69 -8.36 2.05
C LEU A 146 -5.57 -7.76 0.65
N PHE A 147 -4.34 -7.43 0.28
CA PHE A 147 -4.07 -6.84 -1.02
C PHE A 147 -3.81 -7.92 -2.06
N LEU A 148 -4.63 -7.91 -3.10
CA LEU A 148 -4.51 -8.87 -4.18
C LEU A 148 -4.09 -8.15 -5.46
N PRO A 149 -2.81 -8.35 -5.84
CA PRO A 149 -2.27 -7.72 -7.05
C PRO A 149 -2.78 -8.43 -8.30
N LEU A 150 -3.48 -7.66 -9.13
CA LEU A 150 -4.03 -8.19 -10.36
C LEU A 150 -3.56 -7.35 -11.54
N PRO A 151 -2.26 -7.51 -11.88
CA PRO A 151 -1.67 -6.77 -12.98
C PRO A 151 -2.13 -7.32 -14.33
N VAL A 152 -1.84 -6.56 -15.38
CA VAL A 152 -2.22 -6.97 -16.72
C VAL A 152 -1.42 -6.15 -17.75
N SER A 153 -0.16 -5.91 -17.41
CA SER A 153 0.70 -5.14 -18.28
C SER A 153 0.41 -5.49 -19.74
N SER A 154 -0.39 -4.64 -20.36
CA SER A 154 -0.75 -4.84 -21.76
C SER A 154 -0.60 -3.54 -22.53
N ASP A 155 0.31 -2.70 -22.05
CA ASP A 155 0.57 -1.42 -22.68
C ASP A 155 2.06 -1.25 -22.90
N LYS A 25 -2.40 0.82 -17.65
CA LYS A 25 -2.73 -0.14 -16.62
C LYS A 25 -1.58 -1.14 -16.48
N PRO A 26 -0.43 -0.62 -15.99
CA PRO A 26 0.75 -1.46 -15.79
C PRO A 26 0.59 -2.36 -14.57
N LYS A 27 0.03 -1.77 -13.51
CA LYS A 27 -0.18 -2.50 -12.27
C LYS A 27 -1.27 -1.80 -11.46
N LEU A 28 -2.14 -2.61 -10.87
CA LEU A 28 -3.23 -2.09 -10.07
C LEU A 28 -3.53 -3.06 -8.92
N LEU A 29 -3.35 -2.56 -7.71
CA LEU A 29 -3.60 -3.37 -6.52
C LEU A 29 -5.10 -3.40 -6.24
N TYR A 30 -5.48 -4.35 -5.39
CA TYR A 30 -6.89 -4.50 -5.02
C TYR A 30 -7.02 -4.79 -3.53
N CYS A 31 -8.01 -4.15 -2.92
CA CYS A 31 -8.27 -4.34 -1.51
C CYS A 31 -9.27 -5.49 -1.35
N SER A 32 -8.99 -6.34 -0.38
CA SER A 32 -9.85 -7.48 -0.10
C SER A 32 -11.21 -7.00 0.40
N ASN A 33 -11.21 -6.56 1.65
CA ASN A 33 -12.43 -6.06 2.27
C ASN A 33 -12.71 -4.64 1.77
N GLY A 34 -13.97 -4.40 1.47
CA GLY A 34 -14.39 -3.09 0.97
C GLY A 34 -14.23 -3.00 -0.55
N GLY A 35 -13.42 -3.91 -1.08
CA GLY A 35 -13.18 -3.93 -2.52
C GLY A 35 -12.45 -2.67 -2.97
N HIS A 36 -12.01 -1.90 -1.99
CA HIS A 36 -11.30 -0.66 -2.27
C HIS A 36 -10.09 -0.96 -3.16
N PHE A 37 -9.49 0.11 -3.67
CA PHE A 37 -8.33 -0.02 -4.54
C PHE A 37 -7.31 1.08 -4.24
N LEU A 38 -6.24 0.69 -3.57
CA LEU A 38 -5.18 1.62 -3.23
C LEU A 38 -5.03 2.65 -4.35
N ARG A 39 -4.77 3.88 -3.95
CA ARG A 39 -4.59 4.97 -4.90
C ARG A 39 -3.53 5.95 -4.42
N ILE A 40 -2.99 6.70 -5.36
CA ILE A 40 -1.96 7.69 -5.04
C ILE A 40 -2.10 8.89 -5.98
N LEU A 41 -1.67 10.04 -5.48
CA LEU A 41 -1.74 11.26 -6.27
C LEU A 41 -0.32 11.68 -6.66
N PRO A 42 -0.21 12.22 -7.90
CA PRO A 42 1.08 12.67 -8.40
C PRO A 42 1.49 13.99 -7.76
N ASP A 43 0.67 14.44 -6.82
CA ASP A 43 0.95 15.68 -6.12
C ASP A 43 1.81 15.38 -4.88
N GLY A 44 1.39 14.39 -4.12
CA GLY A 44 2.11 14.00 -2.93
C GLY A 44 1.15 13.51 -1.83
N THR A 45 0.20 12.68 -2.25
CA THR A 45 -0.79 12.13 -1.33
C THR A 45 -1.11 10.68 -1.69
N VAL A 46 -1.76 10.02 -0.76
CA VAL A 46 -2.14 8.62 -0.97
C VAL A 46 -3.51 8.37 -0.32
N ASP A 47 -4.12 7.26 -0.72
CA ASP A 47 -5.42 6.89 -0.19
C ASP A 47 -5.95 5.68 -0.96
N GLY A 48 -7.21 5.35 -0.69
CA GLY A 48 -7.85 4.23 -1.35
C GLY A 48 -9.17 4.65 -2.00
N THR A 49 -9.78 3.68 -2.67
CA THR A 49 -11.05 3.94 -3.33
C THR A 49 -11.85 2.64 -3.47
N ARG A 50 -13.06 2.66 -2.93
CA ARG A 50 -13.92 1.50 -2.98
C ARG A 50 -13.73 0.74 -4.30
N ASP A 51 -13.58 1.52 -5.37
CA ASP A 51 -13.39 0.95 -6.69
C ASP A 51 -12.41 1.82 -7.48
N ARG A 52 -11.36 1.19 -7.97
CA ARG A 52 -10.35 1.89 -8.74
C ARG A 52 -11.02 2.77 -9.80
N SER A 53 -10.77 4.07 -9.69
CA SER A 53 -11.33 5.02 -10.65
C SER A 53 -10.89 6.43 -10.29
N ASP A 54 -9.60 6.68 -10.49
CA ASP A 54 -9.04 7.99 -10.20
C ASP A 54 -8.00 8.35 -11.27
N GLN A 55 -7.35 9.48 -11.07
CA GLN A 55 -6.35 9.95 -12.01
C GLN A 55 -5.33 8.84 -12.29
N HIS A 56 -4.86 8.22 -11.21
CA HIS A 56 -3.89 7.16 -11.33
C HIS A 56 -3.73 6.46 -9.97
N ILE A 57 -4.33 5.29 -9.86
CA ILE A 57 -4.27 4.52 -8.64
C ILE A 57 -3.33 3.32 -8.84
N GLN A 58 -2.58 3.38 -9.93
CA GLN A 58 -1.65 2.31 -10.24
C GLN A 58 -0.55 2.23 -9.19
N LEU A 59 -0.05 1.02 -8.98
CA LEU A 59 0.99 0.80 -8.00
C LEU A 59 1.96 -0.27 -8.53
N GLN A 60 2.88 -0.67 -7.66
CA GLN A 60 3.86 -1.68 -8.03
C GLN A 60 4.76 -2.00 -6.83
N LEU A 61 4.96 -3.29 -6.62
CA LEU A 61 5.80 -3.75 -5.52
C LEU A 61 7.20 -4.04 -6.03
N SER A 62 8.15 -4.08 -5.10
CA SER A 62 9.53 -4.36 -5.45
C SER A 62 10.19 -5.18 -4.35
N ALA A 63 9.54 -6.27 -3.99
CA ALA A 63 10.05 -7.15 -2.95
C ALA A 63 11.56 -7.29 -3.12
N GLU A 64 12.27 -7.00 -2.03
CA GLU A 64 13.71 -7.09 -2.03
C GLU A 64 14.19 -8.18 -1.07
N SER A 65 13.22 -8.79 -0.40
CA SER A 65 13.52 -9.84 0.56
C SER A 65 12.36 -10.01 1.54
N VAL A 66 11.96 -11.25 1.74
CA VAL A 66 10.87 -11.56 2.64
C VAL A 66 11.00 -10.70 3.90
N GLY A 67 9.85 -10.18 4.34
CA GLY A 67 9.82 -9.33 5.52
C GLY A 67 10.25 -7.90 5.18
N GLU A 68 10.70 -7.72 3.94
CA GLU A 68 11.13 -6.42 3.49
C GLU A 68 10.93 -6.28 1.98
N VAL A 69 9.89 -5.54 1.62
CA VAL A 69 9.58 -5.33 0.22
C VAL A 69 9.44 -3.83 -0.05
N TYR A 70 9.43 -3.48 -1.33
CA TYR A 70 9.30 -2.09 -1.73
C TYR A 70 8.05 -1.89 -2.60
N ILE A 71 7.71 -0.62 -2.79
CA ILE A 71 6.55 -0.28 -3.60
C ILE A 71 6.84 1.00 -4.39
N LYS A 72 6.66 0.90 -5.70
CA LYS A 72 6.90 2.02 -6.58
C LYS A 72 5.64 2.31 -7.40
N SER A 73 4.96 3.38 -7.02
CA SER A 73 3.74 3.78 -7.71
C SER A 73 4.03 3.95 -9.21
N THR A 74 3.93 2.84 -9.93
CA THR A 74 4.17 2.86 -11.36
C THR A 74 3.24 3.87 -12.04
N GLU A 75 3.67 5.13 -12.03
CA GLU A 75 2.90 6.20 -12.64
C GLU A 75 3.33 7.55 -12.07
N THR A 76 3.40 7.60 -10.75
CA THR A 76 3.81 8.82 -10.08
C THR A 76 5.32 8.98 -10.09
N GLY A 77 5.99 7.90 -10.48
CA GLY A 77 7.44 7.90 -10.55
C GLY A 77 8.06 8.00 -9.15
N GLN A 78 7.19 7.95 -8.15
CA GLN A 78 7.62 8.04 -6.77
C GLN A 78 7.61 6.65 -6.12
N TYR A 79 7.70 6.64 -4.80
CA TYR A 79 7.69 5.39 -4.07
C TYR A 79 6.69 5.44 -2.90
N LEU A 80 6.31 4.26 -2.44
CA LEU A 80 5.36 4.16 -1.35
C LEU A 80 6.12 4.13 -0.02
N ALA A 81 5.44 4.57 1.03
CA ALA A 81 6.03 4.61 2.36
C ALA A 81 4.97 4.99 3.38
N MET A 82 5.37 4.94 4.64
CA MET A 82 4.45 5.28 5.72
C MET A 82 5.14 6.17 6.76
N ASP A 83 4.93 7.47 6.62
CA ASP A 83 5.52 8.43 7.53
C ASP A 83 5.25 7.98 8.97
N THR A 84 5.92 8.65 9.90
CA THR A 84 5.76 8.34 11.32
C THR A 84 4.31 8.54 11.74
N ASP A 85 3.55 9.21 10.89
CA ASP A 85 2.15 9.48 11.16
C ASP A 85 1.31 8.33 10.62
N GLY A 86 1.96 7.20 10.42
CA GLY A 86 1.28 6.02 9.91
C GLY A 86 0.37 6.39 8.72
N LEU A 87 0.73 7.48 8.07
CA LEU A 87 -0.04 7.95 6.92
C LEU A 87 0.72 7.62 5.64
N LEU A 88 0.19 6.64 4.91
CA LEU A 88 0.81 6.22 3.67
C LEU A 88 1.30 7.45 2.90
N TYR A 89 2.60 7.44 2.63
CA TYR A 89 3.21 8.54 1.91
C TYR A 89 4.42 8.06 1.09
N GLY A 90 4.81 8.89 0.13
CA GLY A 90 5.93 8.57 -0.72
C GLY A 90 7.10 9.54 -0.49
N SER A 91 8.29 9.09 -0.87
CA SER A 91 9.47 9.90 -0.72
C SER A 91 10.56 9.44 -1.69
N GLN A 92 11.52 10.32 -1.92
CA GLN A 92 12.62 10.02 -2.83
C GLN A 92 13.75 9.33 -2.07
N THR A 93 13.37 8.45 -1.16
CA THR A 93 14.34 7.72 -0.37
C THR A 93 13.84 6.31 -0.08
N PRO A 94 14.22 5.36 -0.98
CA PRO A 94 13.81 3.97 -0.83
C PRO A 94 14.61 3.29 0.29
N ASN A 95 14.11 3.44 1.50
CA ASN A 95 14.77 2.84 2.66
C ASN A 95 13.74 2.05 3.47
N GLU A 96 14.19 1.55 4.60
CA GLU A 96 13.33 0.77 5.48
C GLU A 96 11.93 1.38 5.51
N GLU A 97 11.89 2.71 5.42
CA GLU A 97 10.63 3.43 5.44
C GLU A 97 9.80 3.08 4.21
N CYS A 98 10.31 3.47 3.05
CA CYS A 98 9.64 3.20 1.80
C CYS A 98 9.27 1.72 1.76
N LEU A 99 10.07 0.92 2.45
CA LEU A 99 9.84 -0.52 2.49
C LEU A 99 8.52 -0.79 3.21
N PHE A 100 8.08 -2.03 3.12
CA PHE A 100 6.84 -2.44 3.75
C PHE A 100 6.92 -3.88 4.25
N LEU A 101 7.15 -4.01 5.55
CA LEU A 101 7.26 -5.33 6.16
C LEU A 101 6.15 -6.23 5.62
N GLU A 102 6.54 -7.09 4.68
CA GLU A 102 5.61 -8.01 4.07
C GLU A 102 5.89 -9.44 4.53
N ARG A 103 4.83 -10.21 4.67
CA ARG A 103 4.95 -11.60 5.10
C ARG A 103 3.94 -12.48 4.34
N LEU A 104 2.80 -12.68 4.97
CA LEU A 104 1.75 -13.50 4.38
C LEU A 104 0.57 -13.58 5.33
N GLU A 105 -0.59 -13.15 4.85
CA GLU A 105 -1.79 -13.16 5.64
C GLU A 105 -2.61 -14.43 5.36
N GLU A 106 -2.74 -14.72 4.06
CA GLU A 106 -3.49 -15.88 3.63
C GLU A 106 -2.67 -16.70 2.64
N ASN A 107 -3.04 -16.58 1.37
CA ASN A 107 -2.34 -17.30 0.32
C ASN A 107 -2.65 -16.64 -1.02
N HIS A 108 -2.63 -15.31 -1.02
CA HIS A 108 -2.91 -14.56 -2.23
C HIS A 108 -2.41 -13.11 -2.06
N TYR A 109 -2.83 -12.51 -0.96
CA TYR A 109 -2.44 -11.14 -0.66
C TYR A 109 -1.05 -11.09 -0.03
N ASN A 110 -0.68 -9.91 0.42
CA ASN A 110 0.62 -9.71 1.05
C ASN A 110 0.53 -8.56 2.04
N THR A 111 -0.25 -8.79 3.09
CA THR A 111 -0.43 -7.79 4.12
C THR A 111 0.93 -7.23 4.58
N TYR A 112 1.08 -5.93 4.43
CA TYR A 112 2.31 -5.27 4.81
C TYR A 112 2.14 -4.47 6.10
N ILE A 113 3.25 -3.98 6.62
CA ILE A 113 3.23 -3.21 7.85
C ILE A 113 4.38 -2.20 7.83
N SER A 114 4.03 -0.92 7.91
CA SER A 114 5.02 0.14 7.90
C SER A 114 6.25 -0.30 8.70
N LYS A 115 7.29 -0.67 7.96
CA LYS A 115 8.53 -1.11 8.58
C LYS A 115 9.08 0.02 9.45
N LYS A 116 8.75 1.24 9.06
CA LYS A 116 9.21 2.41 9.79
C LYS A 116 8.59 2.40 11.20
N HIS A 117 7.45 1.75 11.30
CA HIS A 117 6.76 1.66 12.58
C HIS A 117 5.86 0.41 12.60
N ALA A 118 6.50 -0.74 12.52
CA ALA A 118 5.78 -2.00 12.52
C ALA A 118 5.59 -2.48 13.96
N GLU A 119 6.27 -1.79 14.87
CA GLU A 119 6.18 -2.14 16.28
C GLU A 119 4.81 -1.76 16.83
N LYS A 120 4.04 -1.07 16.00
CA LYS A 120 2.70 -0.65 16.40
C LYS A 120 1.67 -1.42 15.58
N ASN A 121 2.16 -2.25 14.68
CA ASN A 121 1.30 -3.04 13.83
C ASN A 121 0.47 -2.12 12.94
N TRP A 122 1.14 -1.09 12.42
CA TRP A 122 0.48 -0.14 11.56
C TRP A 122 0.47 -0.70 10.13
N PHE A 123 -0.45 -1.63 9.91
CA PHE A 123 -0.56 -2.26 8.61
C PHE A 123 -0.76 -1.21 7.51
N VAL A 124 -0.96 -1.71 6.30
CA VAL A 124 -1.16 -0.83 5.15
C VAL A 124 -2.56 -1.04 4.58
N GLY A 125 -3.43 -1.56 5.44
CA GLY A 125 -4.81 -1.81 5.03
C GLY A 125 -5.68 -0.58 5.27
N LEU A 126 -5.99 0.11 4.18
CA LEU A 126 -6.82 1.29 4.25
C LEU A 126 -8.18 0.94 4.85
N LYS A 127 -8.54 1.64 5.91
CA LYS A 127 -9.81 1.40 6.58
C LYS A 127 -10.84 0.92 5.56
N LYS A 128 -11.40 -0.24 5.84
CA LYS A 128 -12.40 -0.83 4.96
C LYS A 128 -13.66 0.04 4.98
N ASN A 129 -13.48 1.30 4.62
CA ASN A 129 -14.59 2.24 4.60
C ASN A 129 -14.44 3.16 3.38
N GLY A 130 -13.22 3.63 3.17
CA GLY A 130 -12.95 4.51 2.06
C GLY A 130 -12.22 5.78 2.54
N SER A 131 -11.00 5.59 3.00
CA SER A 131 -10.21 6.71 3.49
C SER A 131 -8.95 6.19 4.18
N CYS A 132 -7.82 6.79 3.83
CA CYS A 132 -6.55 6.40 4.41
C CYS A 132 -6.58 6.74 5.90
N LYS A 133 -5.71 6.07 6.65
CA LYS A 133 -5.63 6.30 8.08
C LYS A 133 -4.25 6.89 8.42
N ARG A 134 -4.05 7.12 9.71
CA ARG A 134 -2.80 7.68 10.18
C ARG A 134 -2.52 7.22 11.61
N GLY A 135 -1.25 6.92 11.87
CA GLY A 135 -0.83 6.47 13.18
C GLY A 135 -1.51 5.15 13.55
N PRO A 136 -1.91 5.05 14.84
CA PRO A 136 -2.58 3.85 15.34
C PRO A 136 -4.03 3.79 14.84
N ARG A 137 -4.18 3.42 13.59
CA ARG A 137 -5.50 3.32 13.00
C ARG A 137 -5.45 2.43 11.74
N THR A 138 -4.49 1.52 11.74
CA THR A 138 -4.33 0.61 10.62
C THR A 138 -3.67 -0.69 11.08
N HIS A 139 -4.52 -1.65 11.42
CA HIS A 139 -4.04 -2.94 11.89
C HIS A 139 -4.93 -4.05 11.32
N TYR A 140 -4.72 -5.26 11.82
CA TYR A 140 -5.49 -6.41 11.37
C TYR A 140 -6.99 -6.16 11.53
N GLY A 141 -7.74 -7.24 11.53
CA GLY A 141 -9.18 -7.16 11.68
C GLY A 141 -9.81 -6.42 10.49
N GLN A 142 -8.98 -6.13 9.51
CA GLN A 142 -9.43 -5.42 8.33
C GLN A 142 -8.81 -6.03 7.07
N LYS A 143 -9.59 -6.85 6.40
CA LYS A 143 -9.13 -7.50 5.18
C LYS A 143 -8.51 -6.47 4.25
N ALA A 144 -8.77 -5.21 4.57
CA ALA A 144 -8.24 -4.11 3.78
C ALA A 144 -6.74 -4.32 3.56
N ILE A 145 -6.13 -5.01 4.51
CA ILE A 145 -4.70 -5.30 4.43
C ILE A 145 -4.45 -6.35 3.36
N LEU A 146 -5.44 -7.22 3.18
CA LEU A 146 -5.33 -8.28 2.19
C LEU A 146 -5.36 -7.67 0.79
N PHE A 147 -4.18 -7.27 0.34
CA PHE A 147 -4.06 -6.67 -0.98
C PHE A 147 -3.75 -7.72 -2.04
N LEU A 148 -4.65 -7.84 -3.00
CA LEU A 148 -4.50 -8.80 -4.08
C LEU A 148 -3.98 -8.09 -5.33
N PRO A 149 -2.69 -8.35 -5.65
CA PRO A 149 -2.08 -7.74 -6.81
C PRO A 149 -2.56 -8.41 -8.11
N LEU A 150 -3.02 -7.57 -9.03
CA LEU A 150 -3.51 -8.07 -10.30
C LEU A 150 -2.90 -7.23 -11.43
N PRO A 151 -1.56 -7.36 -11.59
CA PRO A 151 -0.84 -6.64 -12.62
C PRO A 151 -1.09 -7.25 -13.99
N VAL A 152 -0.71 -6.51 -15.02
CA VAL A 152 -0.88 -6.98 -16.39
C VAL A 152 -0.17 -6.01 -17.35
N SER A 153 1.06 -5.68 -17.00
CA SER A 153 1.85 -4.78 -17.82
C SER A 153 1.69 -5.12 -19.30
N SER A 154 0.77 -4.41 -19.94
CA SER A 154 0.51 -4.63 -21.35
C SER A 154 0.44 -3.30 -22.09
N ASP A 155 1.54 -2.55 -22.02
CA ASP A 155 1.62 -1.27 -22.67
C ASP A 155 3.09 -0.84 -22.79
N LYS A 25 -4.90 0.44 -17.70
CA LYS A 25 -4.74 0.24 -16.27
C LYS A 25 -4.65 -1.25 -15.98
N PRO A 26 -3.54 -1.87 -16.45
CA PRO A 26 -3.32 -3.29 -16.24
C PRO A 26 -2.89 -3.57 -14.81
N LYS A 27 -1.97 -2.76 -14.32
CA LYS A 27 -1.47 -2.91 -12.97
C LYS A 27 -2.32 -2.08 -12.01
N LEU A 28 -2.79 -2.73 -10.96
CA LEU A 28 -3.62 -2.07 -9.97
C LEU A 28 -3.89 -3.02 -8.81
N LEU A 29 -3.58 -2.54 -7.62
CA LEU A 29 -3.78 -3.34 -6.41
C LEU A 29 -5.23 -3.20 -5.95
N TYR A 30 -5.67 -4.22 -5.22
CA TYR A 30 -7.04 -4.23 -4.71
C TYR A 30 -7.15 -5.10 -3.46
N CYS A 31 -7.88 -4.58 -2.48
CA CYS A 31 -8.07 -5.30 -1.23
C CYS A 31 -9.10 -6.41 -1.47
N SER A 32 -9.16 -7.33 -0.52
CA SER A 32 -10.08 -8.45 -0.61
C SER A 32 -11.51 -7.96 -0.40
N ASN A 33 -11.97 -8.08 0.84
CA ASN A 33 -13.31 -7.65 1.19
C ASN A 33 -13.51 -6.19 0.75
N GLY A 34 -14.46 -6.00 -0.17
CA GLY A 34 -14.76 -4.68 -0.67
C GLY A 34 -13.49 -3.81 -0.72
N GLY A 35 -12.38 -4.47 -1.03
CA GLY A 35 -11.11 -3.78 -1.12
C GLY A 35 -11.20 -2.55 -2.03
N HIS A 36 -10.25 -1.64 -1.85
CA HIS A 36 -10.22 -0.43 -2.65
C HIS A 36 -9.10 -0.52 -3.68
N PHE A 37 -8.66 0.64 -4.13
CA PHE A 37 -7.59 0.72 -5.11
C PHE A 37 -6.65 1.87 -4.81
N LEU A 38 -5.68 1.61 -3.94
CA LEU A 38 -4.71 2.62 -3.55
C LEU A 38 -4.38 3.48 -4.77
N ARG A 39 -3.98 4.72 -4.49
CA ARG A 39 -3.63 5.65 -5.53
C ARG A 39 -2.44 6.51 -5.11
N ILE A 40 -1.77 7.08 -6.11
CA ILE A 40 -0.62 7.92 -5.85
C ILE A 40 -0.82 9.28 -6.52
N LEU A 41 -1.09 10.28 -5.70
CA LEU A 41 -1.31 11.62 -6.21
C LEU A 41 0.03 12.35 -6.32
N PRO A 42 0.15 13.16 -7.41
CA PRO A 42 1.38 13.91 -7.65
C PRO A 42 1.48 15.10 -6.70
N ASP A 43 0.56 15.14 -5.74
CA ASP A 43 0.53 16.22 -4.77
C ASP A 43 1.31 15.79 -3.52
N GLY A 44 1.27 14.50 -3.24
CA GLY A 44 1.96 13.96 -2.09
C GLY A 44 0.97 13.36 -1.09
N THR A 45 -0.21 13.03 -1.60
CA THR A 45 -1.25 12.45 -0.76
C THR A 45 -1.66 11.07 -1.29
N VAL A 46 -1.71 10.12 -0.38
CA VAL A 46 -2.08 8.76 -0.75
C VAL A 46 -3.45 8.43 -0.15
N ASP A 47 -4.03 7.35 -0.63
CA ASP A 47 -5.33 6.92 -0.15
C ASP A 47 -5.79 5.70 -0.96
N GLY A 48 -7.03 5.32 -0.73
CA GLY A 48 -7.60 4.18 -1.43
C GLY A 48 -9.00 4.51 -1.97
N THR A 49 -9.25 4.06 -3.19
CA THR A 49 -10.52 4.30 -3.84
C THR A 49 -11.26 2.98 -4.08
N ARG A 50 -12.47 2.90 -3.55
CA ARG A 50 -13.28 1.71 -3.70
C ARG A 50 -13.25 1.23 -5.15
N ASP A 51 -13.32 2.20 -6.06
CA ASP A 51 -13.31 1.90 -7.48
C ASP A 51 -12.23 2.74 -8.17
N ARG A 52 -11.21 2.05 -8.66
CA ARG A 52 -10.11 2.72 -9.34
C ARG A 52 -10.65 3.65 -10.42
N SER A 53 -10.31 4.92 -10.29
CA SER A 53 -10.75 5.92 -11.24
C SER A 53 -10.22 7.30 -10.84
N ASP A 54 -8.91 7.47 -10.99
CA ASP A 54 -8.27 8.72 -10.64
C ASP A 54 -7.19 9.04 -11.69
N GLN A 55 -6.48 10.13 -11.44
CA GLN A 55 -5.42 10.56 -12.34
C GLN A 55 -4.44 9.40 -12.58
N HIS A 56 -4.16 8.68 -11.51
CA HIS A 56 -3.24 7.55 -11.60
C HIS A 56 -3.22 6.80 -10.27
N ILE A 57 -3.85 5.64 -10.27
CA ILE A 57 -3.92 4.82 -9.08
C ILE A 57 -3.07 3.56 -9.28
N GLN A 58 -2.20 3.62 -10.28
CA GLN A 58 -1.33 2.51 -10.58
C GLN A 58 -0.32 2.31 -9.46
N LEU A 59 -0.24 1.07 -8.99
CA LEU A 59 0.68 0.72 -7.91
C LEU A 59 1.63 -0.37 -8.39
N GLN A 60 2.62 -0.65 -7.56
CA GLN A 60 3.60 -1.67 -7.88
C GLN A 60 4.47 -1.99 -6.66
N LEU A 61 4.75 -3.27 -6.49
CA LEU A 61 5.57 -3.70 -5.37
C LEU A 61 7.00 -3.98 -5.86
N SER A 62 7.92 -4.00 -4.92
CA SER A 62 9.31 -4.26 -5.24
C SER A 62 9.98 -5.04 -4.10
N ALA A 63 9.35 -6.15 -3.74
CA ALA A 63 9.87 -7.00 -2.69
C ALA A 63 11.39 -7.13 -2.84
N GLU A 64 12.08 -6.83 -1.75
CA GLU A 64 13.53 -6.90 -1.76
C GLU A 64 14.00 -7.97 -0.77
N SER A 65 13.04 -8.57 -0.08
CA SER A 65 13.35 -9.60 0.89
C SER A 65 12.18 -9.74 1.89
N VAL A 66 11.76 -10.98 2.07
CA VAL A 66 10.67 -11.27 2.99
C VAL A 66 10.80 -10.38 4.22
N GLY A 67 9.65 -9.94 4.72
CA GLY A 67 9.63 -9.09 5.90
C GLY A 67 10.09 -7.67 5.56
N GLU A 68 10.32 -7.45 4.27
CA GLU A 68 10.77 -6.14 3.81
C GLU A 68 10.62 -6.06 2.28
N VAL A 69 9.59 -5.33 1.86
CA VAL A 69 9.33 -5.16 0.44
C VAL A 69 9.16 -3.67 0.14
N TYR A 70 9.17 -3.36 -1.14
CA TYR A 70 9.03 -1.98 -1.59
C TYR A 70 7.76 -1.80 -2.42
N ILE A 71 7.39 -0.54 -2.61
CA ILE A 71 6.20 -0.22 -3.39
C ILE A 71 6.44 1.07 -4.16
N LYS A 72 6.15 1.02 -5.45
CA LYS A 72 6.33 2.18 -6.31
C LYS A 72 5.11 2.32 -7.22
N SER A 73 4.54 3.52 -7.21
CA SER A 73 3.37 3.81 -8.03
C SER A 73 3.80 4.13 -9.46
N THR A 74 4.26 3.10 -10.15
CA THR A 74 4.71 3.26 -11.52
C THR A 74 3.79 4.22 -12.27
N GLU A 75 4.23 5.47 -12.37
CA GLU A 75 3.47 6.49 -13.05
C GLU A 75 4.16 7.85 -12.92
N THR A 76 4.47 8.21 -11.68
CA THR A 76 5.13 9.47 -11.41
C THR A 76 6.23 9.28 -10.37
N GLY A 77 7.02 8.24 -10.57
CA GLY A 77 8.11 7.93 -9.65
C GLY A 77 7.72 8.23 -8.21
N GLN A 78 6.54 7.74 -7.84
CA GLN A 78 6.03 7.95 -6.49
C GLN A 78 6.07 6.63 -5.70
N TYR A 79 6.90 6.61 -4.68
CA TYR A 79 7.04 5.43 -3.84
C TYR A 79 6.09 5.49 -2.65
N LEU A 80 5.74 4.32 -2.14
CA LEU A 80 4.85 4.23 -1.01
C LEU A 80 5.66 4.06 0.27
N ALA A 81 5.16 4.65 1.35
CA ALA A 81 5.83 4.59 2.64
C ALA A 81 4.87 5.05 3.74
N MET A 82 5.38 5.05 4.96
CA MET A 82 4.58 5.47 6.10
C MET A 82 5.43 6.24 7.11
N ASP A 83 5.10 7.52 7.27
CA ASP A 83 5.82 8.38 8.19
C ASP A 83 5.45 8.00 9.63
N THR A 84 6.18 8.58 10.56
CA THR A 84 5.93 8.31 11.97
C THR A 84 4.48 8.61 12.33
N ASP A 85 3.84 9.37 11.46
CA ASP A 85 2.45 9.74 11.68
C ASP A 85 1.54 8.63 11.14
N GLY A 86 2.17 7.53 10.75
CA GLY A 86 1.45 6.40 10.21
C GLY A 86 0.57 6.81 9.03
N LEU A 87 0.91 7.97 8.47
CA LEU A 87 0.16 8.49 7.34
C LEU A 87 0.90 8.12 6.04
N LEU A 88 0.33 7.15 5.34
CA LEU A 88 0.92 6.70 4.08
C LEU A 88 1.46 7.90 3.32
N TYR A 89 2.67 7.74 2.81
CA TYR A 89 3.32 8.79 2.06
C TYR A 89 4.47 8.25 1.21
N GLY A 90 4.90 9.06 0.26
CA GLY A 90 5.99 8.68 -0.62
C GLY A 90 7.20 9.59 -0.44
N SER A 91 8.34 9.13 -0.94
CA SER A 91 9.56 9.90 -0.84
C SER A 91 10.55 9.45 -1.92
N GLN A 92 11.43 10.37 -2.30
CA GLN A 92 12.43 10.07 -3.31
C GLN A 92 13.58 9.28 -2.71
N THR A 93 13.44 8.96 -1.44
CA THR A 93 14.45 8.20 -0.73
C THR A 93 13.90 6.84 -0.29
N PRO A 94 14.07 5.83 -1.19
CA PRO A 94 13.59 4.49 -0.90
C PRO A 94 14.50 3.79 0.11
N ASN A 95 13.97 3.60 1.31
CA ASN A 95 14.71 2.95 2.37
C ASN A 95 13.74 2.19 3.28
N GLU A 96 14.29 1.68 4.37
CA GLU A 96 13.48 0.93 5.33
C GLU A 96 12.09 1.56 5.46
N GLU A 97 12.06 2.87 5.30
CA GLU A 97 10.81 3.61 5.40
C GLU A 97 9.87 3.22 4.26
N CYS A 98 10.35 3.45 3.04
CA CYS A 98 9.56 3.13 1.85
C CYS A 98 9.27 1.64 1.87
N LEU A 99 10.15 0.89 2.53
CA LEU A 99 9.99 -0.55 2.61
C LEU A 99 8.65 -0.87 3.30
N PHE A 100 8.33 -2.16 3.34
CA PHE A 100 7.10 -2.61 3.95
C PHE A 100 7.23 -4.05 4.45
N LEU A 101 7.17 -4.19 5.77
CA LEU A 101 7.27 -5.51 6.39
C LEU A 101 6.19 -6.42 5.82
N GLU A 102 6.61 -7.27 4.88
CA GLU A 102 5.69 -8.21 4.26
C GLU A 102 5.42 -9.40 5.18
N ARG A 103 4.35 -10.11 4.88
CA ARG A 103 3.98 -11.27 5.67
C ARG A 103 2.71 -11.90 5.11
N LEU A 104 2.89 -12.78 4.14
CA LEU A 104 1.77 -13.46 3.51
C LEU A 104 0.70 -13.74 4.57
N GLU A 105 -0.26 -12.83 4.65
CA GLU A 105 -1.34 -12.97 5.61
C GLU A 105 -2.00 -14.33 5.46
N GLU A 106 -2.22 -14.73 4.21
CA GLU A 106 -2.84 -16.01 3.92
C GLU A 106 -1.97 -16.81 2.96
N ASN A 107 -2.41 -16.87 1.71
CA ASN A 107 -1.69 -17.60 0.69
C ASN A 107 -1.66 -16.78 -0.60
N HIS A 108 -1.81 -15.46 -0.44
CA HIS A 108 -1.80 -14.57 -1.57
C HIS A 108 -1.62 -13.13 -1.08
N TYR A 109 -2.64 -12.65 -0.38
CA TYR A 109 -2.61 -11.30 0.15
C TYR A 109 -1.31 -11.03 0.91
N ASN A 110 -0.69 -9.90 0.57
CA ASN A 110 0.56 -9.52 1.21
C ASN A 110 0.31 -8.33 2.13
N THR A 111 -0.21 -8.63 3.32
CA THR A 111 -0.49 -7.59 4.30
C THR A 111 0.81 -7.07 4.91
N TYR A 112 1.27 -5.96 4.36
CA TYR A 112 2.48 -5.33 4.84
C TYR A 112 2.23 -4.53 6.11
N ILE A 113 3.30 -3.93 6.62
CA ILE A 113 3.20 -3.13 7.83
C ILE A 113 4.37 -2.14 7.87
N SER A 114 4.05 -0.91 8.25
CA SER A 114 5.06 0.13 8.34
C SER A 114 6.37 -0.45 8.89
N LYS A 115 7.33 -0.61 7.99
CA LYS A 115 8.63 -1.15 8.37
C LYS A 115 9.41 -0.09 9.14
N LYS A 116 8.94 1.16 9.02
CA LYS A 116 9.59 2.26 9.71
C LYS A 116 9.14 2.29 11.17
N HIS A 117 8.15 1.46 11.47
CA HIS A 117 7.62 1.38 12.81
C HIS A 117 6.49 0.35 12.86
N ALA A 118 6.85 -0.90 12.60
CA ALA A 118 5.89 -1.98 12.61
C ALA A 118 5.55 -2.36 14.05
N GLU A 119 6.33 -1.80 14.97
CA GLU A 119 6.14 -2.06 16.39
C GLU A 119 4.74 -1.63 16.81
N LYS A 120 4.11 -0.83 15.95
CA LYS A 120 2.77 -0.33 16.22
C LYS A 120 1.76 -1.16 15.42
N ASN A 121 2.28 -2.06 14.62
CA ASN A 121 1.45 -2.92 13.79
C ASN A 121 0.78 -2.07 12.70
N TRP A 122 1.37 -0.91 12.46
CA TRP A 122 0.86 0.00 11.45
C TRP A 122 0.86 -0.74 10.10
N PHE A 123 -0.34 -1.08 9.65
CA PHE A 123 -0.50 -1.78 8.39
C PHE A 123 -0.61 -0.80 7.23
N VAL A 124 -0.74 -1.35 6.03
CA VAL A 124 -0.87 -0.55 4.84
C VAL A 124 -2.27 -0.72 4.25
N GLY A 125 -3.12 -1.39 5.02
CA GLY A 125 -4.49 -1.63 4.59
C GLY A 125 -5.39 -0.44 4.94
N LEU A 126 -5.69 0.35 3.92
CA LEU A 126 -6.55 1.51 4.11
C LEU A 126 -7.91 1.06 4.63
N LYS A 127 -8.26 1.58 5.81
CA LYS A 127 -9.52 1.25 6.43
C LYS A 127 -10.51 0.78 5.35
N LYS A 128 -10.92 -0.47 5.48
CA LYS A 128 -11.85 -1.06 4.53
C LYS A 128 -13.18 -0.31 4.60
N ASN A 129 -13.11 0.99 4.31
CA ASN A 129 -14.30 1.83 4.33
C ASN A 129 -14.26 2.80 3.16
N GLY A 130 -13.08 3.39 2.96
CA GLY A 130 -12.89 4.34 1.88
C GLY A 130 -12.21 5.61 2.37
N SER A 131 -11.01 5.42 2.92
CA SER A 131 -10.24 6.55 3.43
C SER A 131 -9.05 6.03 4.24
N CYS A 132 -7.87 6.50 3.87
CA CYS A 132 -6.66 6.09 4.54
C CYS A 132 -6.89 6.16 6.05
N LYS A 133 -6.02 5.50 6.79
CA LYS A 133 -6.13 5.49 8.24
C LYS A 133 -4.75 5.73 8.85
N ARG A 134 -4.72 6.61 9.84
CA ARG A 134 -3.48 6.94 10.52
C ARG A 134 -2.87 5.68 11.14
N GLY A 135 -1.59 5.80 11.48
CA GLY A 135 -0.88 4.68 12.08
C GLY A 135 -1.75 3.95 13.09
N PRO A 136 -2.25 4.72 14.10
CA PRO A 136 -3.10 4.15 15.12
C PRO A 136 -4.51 3.88 14.58
N ARG A 137 -4.56 3.12 13.50
CA ARG A 137 -5.82 2.79 12.88
C ARG A 137 -5.62 1.79 11.74
N THR A 138 -4.63 0.93 11.92
CA THR A 138 -4.31 -0.08 10.92
C THR A 138 -3.83 -1.36 11.59
N HIS A 139 -4.77 -2.28 11.75
CA HIS A 139 -4.46 -3.56 12.37
C HIS A 139 -5.26 -4.68 11.68
N TYR A 140 -4.92 -5.90 12.05
CA TYR A 140 -5.60 -7.06 11.47
C TYR A 140 -7.11 -6.94 11.65
N GLY A 141 -7.78 -8.07 11.44
CA GLY A 141 -9.24 -8.11 11.57
C GLY A 141 -9.92 -7.36 10.42
N GLN A 142 -9.09 -6.69 9.63
CA GLN A 142 -9.60 -5.94 8.49
C GLN A 142 -8.89 -6.37 7.20
N LYS A 143 -9.67 -6.83 6.25
CA LYS A 143 -9.12 -7.28 4.98
C LYS A 143 -8.50 -6.09 4.25
N ALA A 144 -8.63 -4.92 4.87
CA ALA A 144 -8.08 -3.70 4.30
C ALA A 144 -6.58 -3.89 4.06
N ILE A 145 -6.00 -4.82 4.80
CA ILE A 145 -4.58 -5.10 4.68
C ILE A 145 -4.37 -6.17 3.60
N LEU A 146 -5.40 -6.99 3.41
CA LEU A 146 -5.33 -8.04 2.42
C LEU A 146 -5.43 -7.43 1.01
N PHE A 147 -4.26 -7.16 0.44
CA PHE A 147 -4.21 -6.59 -0.88
C PHE A 147 -3.91 -7.65 -1.94
N LEU A 148 -4.83 -7.77 -2.89
CA LEU A 148 -4.68 -8.73 -3.96
C LEU A 148 -4.32 -8.01 -5.26
N PRO A 149 -3.02 -8.12 -5.63
CA PRO A 149 -2.54 -7.48 -6.85
C PRO A 149 -2.98 -8.24 -8.09
N LEU A 150 -3.45 -7.50 -9.08
CA LEU A 150 -3.91 -8.10 -10.32
C LEU A 150 -3.27 -7.37 -11.50
N PRO A 151 -1.93 -7.51 -11.61
CA PRO A 151 -1.19 -6.87 -12.69
C PRO A 151 -1.41 -7.59 -14.02
N VAL A 152 -1.00 -6.94 -15.09
CA VAL A 152 -1.15 -7.50 -16.42
C VAL A 152 -0.42 -6.63 -17.43
N SER A 153 0.84 -6.34 -17.11
CA SER A 153 1.66 -5.51 -17.99
C SER A 153 1.75 -6.15 -19.38
N SER A 154 0.76 -5.84 -20.20
CA SER A 154 0.71 -6.37 -21.55
C SER A 154 -0.01 -5.39 -22.47
N ASP A 155 0.74 -4.39 -22.92
CA ASP A 155 0.17 -3.38 -23.82
C ASP A 155 1.28 -2.43 -24.26
#